data_9N0P
#
_entry.id   9N0P
#
_cell.length_a   1.00
_cell.length_b   1.00
_cell.length_c   1.00
_cell.angle_alpha   90.00
_cell.angle_beta   90.00
_cell.angle_gamma   90.00
#
_symmetry.space_group_name_H-M   'P 1'
#
_entity_poly.entity_id   1
_entity_poly.type   'polypeptide(L)'
_entity_poly.pdbx_seq_one_letter_code
;MNPNSVRPRRLHVSALAAVANPSYTRLDTWNLLDDACRHLAEVDLAGLDTTHDVARAKRLMDRIGAYERYWLYPGAQNLA
TFRAHLDSHSTVRLTEEVSLAVRLLSEYGDRTALFDTSASLAEQELVAQAKQQQFYTVLLADDSPATAPDSLAECLRQLR
NPADEVQFELLVVASIEDAITAVALNGEIQAAIIRHDLPLRSRDRVPLMTTLLGTDGDEAVANETHDWVECAEWIRELRP
HIDLYLLTDESIAAETQDEPDVYDRTFYRLNDVTDLHSTVLAGLRNRYATPFFDALRAYAAAPVGQFHALPVARGASIFN
SKSLHDMGEFYGRNIFMAETSTTSGGLDSLLDPHGNIKTAMDKAAVTWNANQTYFVTNGTSTANKIVVQALTRPGDIVLI
DRNCHKSHHYGLVLAGAYPMYLDAYPLPQYAIYGAVPLRTIKQALLDLEAAGQLHRVRMLLLTNCTFDGVVYNPRRVMEE
VLAIKPDICFLWDEAWYAFATAVPWARQRTAMIAAERLEQMLSTAEYAEEYRNWCASMDGVDRSEWVDHRLLPDPNRARV
RVYATHSTHKSLSALRQASMIHVRDQDFKALTRDAFGEAFLTHTSTSPNQQLLASLDLARRQVDIEGFELVRHVYNMALV
FRHRVRKDRLISKWFRILDESDLVPDAFRSSTVSSYRQVRQGALADWNEAWRSDQFVLDPTRLTLFIGATGMNGYDFREK
ILMERFGIQINKTSINSVLLIFTIGVTWSSVHYLLDVLRRVAIDLDRSQKAASGADLALHRRHVEEITQDLPHLPDFSEF
DLAFRPDDASSFGDMRSAFYAGYEEADREYVQIGLAGRRLAEGKTLVSTTFVVPYPPGFPVLVPGQLVSKEIIYFLAQLD
VKEIHGYNPDLGLSVFTQAALARMEAARNAVATVGAALPAFEVPRDASALNGTVNGDSVLQGVAEDA
;
_entity_poly.pdbx_strand_id   B,C,A,D
#
# COMPACT_ATOMS: atom_id res chain seq x y z
N ALA A 360 0.31 -37.76 5.48
CA ALA A 360 0.54 -36.42 4.88
C ALA A 360 1.91 -36.35 4.21
N MET A 361 2.94 -36.74 4.97
CA MET A 361 4.29 -36.78 4.41
C MET A 361 4.36 -37.75 3.24
N ASP A 362 3.75 -38.93 3.39
CA ASP A 362 3.76 -39.90 2.30
C ASP A 362 3.05 -39.35 1.06
N LYS A 363 1.91 -38.69 1.25
CA LYS A 363 1.19 -38.14 0.11
C LYS A 363 2.00 -37.07 -0.59
N ALA A 364 2.62 -36.18 0.18
CA ALA A 364 3.43 -35.12 -0.43
C ALA A 364 4.64 -35.70 -1.15
N ALA A 365 5.29 -36.71 -0.55
CA ALA A 365 6.43 -37.34 -1.19
C ALA A 365 6.02 -38.00 -2.50
N VAL A 366 4.88 -38.69 -2.50
CA VAL A 366 4.40 -39.32 -3.73
C VAL A 366 4.08 -38.27 -4.78
N THR A 367 3.51 -37.14 -4.35
CA THR A 367 3.24 -36.05 -5.28
C THR A 367 4.51 -35.54 -5.91
N TRP A 368 5.57 -35.39 -5.12
CA TRP A 368 6.86 -34.94 -5.62
C TRP A 368 7.84 -36.08 -5.86
N ASN A 369 7.39 -37.33 -5.75
CA ASN A 369 8.19 -38.52 -5.99
C ASN A 369 9.37 -38.64 -5.04
N ALA A 370 9.43 -37.81 -4.01
CA ALA A 370 10.53 -37.84 -3.05
C ALA A 370 10.26 -38.94 -2.03
N ASN A 371 11.08 -39.01 -0.98
CA ASN A 371 10.82 -39.87 0.16
C ASN A 371 10.17 -39.11 1.31
N GLN A 372 10.77 -38.00 1.73
CA GLN A 372 10.17 -37.10 2.70
C GLN A 372 10.37 -35.67 2.23
N THR A 373 9.30 -34.89 2.21
CA THR A 373 9.37 -33.51 1.76
C THR A 373 9.05 -32.59 2.94
N TYR A 374 9.94 -31.64 3.22
CA TYR A 374 9.80 -30.72 4.33
C TYR A 374 9.59 -29.31 3.82
N PHE A 375 8.68 -28.59 4.47
CA PHE A 375 8.31 -27.23 4.08
C PHE A 375 9.00 -26.23 4.99
N VAL A 376 9.57 -25.19 4.39
CA VAL A 376 10.28 -24.15 5.11
C VAL A 376 9.57 -22.85 4.79
N THR A 377 8.77 -22.35 5.74
CA THR A 377 7.98 -21.15 5.51
C THR A 377 8.79 -19.89 5.77
N ASN A 378 9.99 -19.80 5.18
CA ASN A 378 10.81 -18.60 5.33
C ASN A 378 11.53 -18.20 4.06
N GLY A 379 11.17 -18.75 2.90
CA GLY A 379 11.85 -18.45 1.66
C GLY A 379 12.80 -19.55 1.25
N THR A 380 13.28 -19.44 0.01
CA THR A 380 14.21 -20.43 -0.53
C THR A 380 15.57 -20.33 0.14
N SER A 381 15.99 -19.12 0.53
CA SER A 381 17.32 -18.96 1.13
C SER A 381 17.40 -19.71 2.45
N THR A 382 16.33 -19.66 3.25
CA THR A 382 16.33 -20.39 4.52
C THR A 382 16.50 -21.88 4.29
N ALA A 383 15.76 -22.45 3.32
CA ALA A 383 15.88 -23.87 3.04
C ALA A 383 17.27 -24.23 2.52
N ASN A 384 17.81 -23.40 1.63
CA ASN A 384 19.16 -23.63 1.14
C ASN A 384 20.16 -23.70 2.29
N LYS A 385 20.11 -22.71 3.19
CA LYS A 385 21.03 -22.69 4.31
C LYS A 385 20.79 -23.87 5.23
N ILE A 386 19.53 -24.26 5.41
CA ILE A 386 19.22 -25.41 6.24
C ILE A 386 19.91 -26.66 5.71
N VAL A 387 19.74 -26.93 4.40
CA VAL A 387 20.35 -28.12 3.82
C VAL A 387 21.86 -28.03 3.90
N VAL A 388 22.43 -26.87 3.58
CA VAL A 388 23.88 -26.71 3.61
C VAL A 388 24.40 -27.04 5.00
N GLN A 389 23.76 -26.50 6.04
CA GLN A 389 24.22 -26.76 7.40
C GLN A 389 24.04 -28.22 7.77
N ALA A 390 22.90 -28.82 7.39
CA ALA A 390 22.65 -30.21 7.74
C ALA A 390 23.71 -31.13 7.14
N LEU A 391 24.15 -30.83 5.92
CA LEU A 391 25.07 -31.74 5.23
C LEU A 391 26.52 -31.41 5.53
N THR A 392 26.95 -30.18 5.25
CA THR A 392 28.36 -29.83 5.36
C THR A 392 28.73 -29.53 6.79
N ARG A 393 29.91 -29.99 7.19
CA ARG A 393 30.54 -29.64 8.45
C ARG A 393 31.77 -28.79 8.18
N PRO A 394 32.40 -28.24 9.21
CA PRO A 394 33.61 -27.46 8.99
C PRO A 394 34.67 -28.32 8.31
N GLY A 395 35.41 -27.72 7.39
CA GLY A 395 36.42 -28.42 6.62
C GLY A 395 35.89 -29.12 5.38
N ASP A 396 34.77 -29.82 5.50
CA ASP A 396 34.26 -30.64 4.41
C ASP A 396 34.10 -29.84 3.13
N ILE A 397 34.92 -30.17 2.12
CA ILE A 397 34.88 -29.42 0.87
C ILE A 397 33.52 -29.59 0.19
N VAL A 398 33.13 -28.59 -0.58
CA VAL A 398 31.89 -28.62 -1.34
C VAL A 398 32.16 -28.07 -2.73
N LEU A 399 31.68 -28.76 -3.75
CA LEU A 399 31.77 -28.29 -5.13
C LEU A 399 30.49 -27.55 -5.48
N ILE A 400 30.60 -26.28 -5.83
CA ILE A 400 29.46 -25.38 -5.97
C ILE A 400 29.60 -24.62 -7.27
N ASP A 401 28.52 -24.55 -8.04
CA ASP A 401 28.48 -23.73 -9.24
C ASP A 401 28.51 -22.26 -8.86
N ARG A 402 29.44 -21.51 -9.49
CA ARG A 402 29.67 -20.14 -9.06
C ARG A 402 28.46 -19.24 -9.26
N ASN A 403 27.48 -19.67 -10.07
CA ASN A 403 26.31 -18.86 -10.34
C ASN A 403 25.18 -19.11 -9.35
N CYS A 404 25.40 -19.91 -8.33
CA CYS A 404 24.31 -20.27 -7.43
C CYS A 404 23.79 -19.03 -6.70
N HIS A 405 22.65 -19.20 -6.06
CA HIS A 405 22.10 -18.12 -5.24
C HIS A 405 23.03 -17.79 -4.09
N LYS A 406 23.13 -16.50 -3.77
CA LYS A 406 24.06 -16.07 -2.72
C LYS A 406 23.81 -16.79 -1.41
N SER A 407 22.56 -17.18 -1.15
CA SER A 407 22.26 -17.87 0.10
C SER A 407 23.10 -19.12 0.26
N HIS A 408 23.46 -19.78 -0.83
CA HIS A 408 24.34 -20.95 -0.73
C HIS A 408 25.74 -20.55 -0.30
N HIS A 409 26.27 -19.45 -0.84
CA HIS A 409 27.60 -19.00 -0.40
C HIS A 409 27.58 -18.65 1.08
N TYR A 410 26.51 -17.99 1.53
CA TYR A 410 26.42 -17.66 2.94
C TYR A 410 26.29 -18.91 3.81
N GLY A 411 25.50 -19.88 3.35
CA GLY A 411 25.41 -21.13 4.09
C GLY A 411 26.74 -21.84 4.20
N LEU A 412 27.54 -21.79 3.13
CA LEU A 412 28.89 -22.33 3.20
C LEU A 412 29.74 -21.57 4.21
N VAL A 413 29.64 -20.25 4.22
CA VAL A 413 30.44 -19.45 5.15
C VAL A 413 30.06 -19.77 6.60
N LEU A 414 28.77 -19.95 6.86
CA LEU A 414 28.33 -20.25 8.22
C LEU A 414 28.90 -21.57 8.70
N ALA A 415 28.92 -22.59 7.85
CA ALA A 415 29.38 -23.92 8.23
C ALA A 415 30.87 -24.12 7.97
N GLY A 416 31.57 -23.08 7.54
CA GLY A 416 33.01 -23.16 7.40
C GLY A 416 33.48 -24.14 6.34
N ALA A 417 32.61 -24.53 5.43
CA ALA A 417 33.00 -25.41 4.33
C ALA A 417 34.00 -24.68 3.43
N TYR A 418 34.94 -25.45 2.87
CA TYR A 418 35.87 -24.91 1.89
C TYR A 418 35.23 -25.00 0.52
N PRO A 419 34.75 -23.90 -0.06
CA PRO A 419 34.10 -24.00 -1.37
C PRO A 419 35.07 -24.31 -2.49
N MET A 420 34.66 -25.23 -3.35
CA MET A 420 35.34 -25.48 -4.62
C MET A 420 34.40 -25.00 -5.72
N TYR A 421 34.86 -24.08 -6.55
CA TYR A 421 34.00 -23.39 -7.50
C TYR A 421 34.11 -24.02 -8.87
N LEU A 422 32.96 -24.44 -9.40
CA LEU A 422 32.84 -25.00 -10.74
C LEU A 422 32.32 -23.90 -11.66
N ASP A 423 33.19 -23.35 -12.48
CA ASP A 423 32.78 -22.31 -13.41
C ASP A 423 32.08 -22.90 -14.62
N ALA A 424 31.14 -22.13 -15.16
CA ALA A 424 30.33 -22.55 -16.30
C ALA A 424 30.93 -22.04 -17.60
N TYR A 425 30.57 -22.70 -18.70
CA TYR A 425 31.13 -22.33 -19.99
C TYR A 425 30.54 -21.01 -20.44
N PRO A 426 31.36 -20.07 -20.92
CA PRO A 426 30.83 -18.75 -21.27
C PRO A 426 30.14 -18.75 -22.62
N LEU A 427 29.36 -17.69 -22.84
CA LEU A 427 28.75 -17.41 -24.14
C LEU A 427 29.04 -15.94 -24.44
N PRO A 428 30.23 -15.64 -24.96
CA PRO A 428 30.59 -14.23 -25.17
C PRO A 428 29.63 -13.49 -26.09
N GLN A 429 29.05 -14.17 -27.08
CA GLN A 429 28.16 -13.49 -28.01
C GLN A 429 26.93 -12.93 -27.30
N TYR A 430 26.39 -13.68 -26.33
CA TYR A 430 25.19 -13.28 -25.61
C TYR A 430 25.48 -12.83 -24.19
N ALA A 431 26.73 -12.86 -23.76
CA ALA A 431 27.13 -12.37 -22.43
C ALA A 431 26.32 -13.03 -21.33
N ILE A 432 26.31 -14.37 -21.34
CA ILE A 432 25.71 -15.16 -20.27
C ILE A 432 26.54 -16.42 -20.05
N TYR A 433 26.33 -17.04 -18.89
CA TYR A 433 26.99 -18.29 -18.54
C TYR A 433 25.99 -19.43 -18.68
N GLY A 434 26.36 -20.46 -19.42
CA GLY A 434 25.45 -21.56 -19.64
C GLY A 434 25.32 -22.50 -18.47
N ALA A 435 26.39 -23.22 -18.16
CA ALA A 435 26.35 -24.28 -17.15
C ALA A 435 27.76 -24.84 -17.02
N VAL A 436 27.95 -25.72 -16.04
CA VAL A 436 29.24 -26.36 -15.80
C VAL A 436 29.25 -27.69 -16.55
N PRO A 437 30.19 -27.90 -17.48
CA PRO A 437 30.21 -29.18 -18.19
C PRO A 437 30.62 -30.32 -17.26
N LEU A 438 29.95 -31.46 -17.43
CA LEU A 438 30.25 -32.61 -16.58
C LEU A 438 31.72 -32.95 -16.60
N ARG A 439 32.38 -32.76 -17.76
CA ARG A 439 33.82 -32.95 -17.84
C ARG A 439 34.54 -32.08 -16.84
N THR A 440 34.06 -30.85 -16.60
CA THR A 440 34.70 -29.98 -15.63
C THR A 440 34.55 -30.54 -14.22
N ILE A 441 33.36 -31.06 -13.89
CA ILE A 441 33.15 -31.65 -12.57
C ILE A 441 34.11 -32.82 -12.37
N LYS A 442 34.23 -33.68 -13.38
CA LYS A 442 35.16 -34.80 -13.28
C LYS A 442 36.60 -34.32 -13.14
N GLN A 443 36.96 -33.30 -13.91
CA GLN A 443 38.34 -32.80 -13.86
C GLN A 443 38.66 -32.25 -12.48
N ALA A 444 37.71 -31.58 -11.84
CA ALA A 444 37.95 -31.09 -10.49
C ALA A 444 38.04 -32.24 -9.49
N LEU A 445 37.07 -33.16 -9.56
CA LEU A 445 37.07 -34.29 -8.63
C LEU A 445 38.33 -35.12 -8.75
N LEU A 446 38.98 -35.11 -9.91
CA LEU A 446 40.23 -35.86 -10.08
C LEU A 446 41.47 -34.99 -9.84
N ASP A 447 41.36 -33.67 -9.97
CA ASP A 447 42.47 -32.81 -9.61
C ASP A 447 42.64 -32.76 -8.10
N LEU A 448 41.55 -32.91 -7.35
CA LEU A 448 41.67 -33.06 -5.91
C LEU A 448 42.44 -34.33 -5.56
N GLU A 449 42.15 -35.42 -6.27
CA GLU A 449 42.76 -36.71 -5.94
C GLU A 449 44.27 -36.62 -5.96
N ALA A 450 44.84 -35.88 -6.92
CA ALA A 450 46.29 -35.73 -6.98
C ALA A 450 46.84 -35.08 -5.72
N ALA A 451 46.17 -34.03 -5.23
CA ALA A 451 46.60 -33.40 -4.00
C ALA A 451 46.27 -34.23 -2.77
N GLY A 452 45.30 -35.15 -2.88
CA GLY A 452 44.94 -36.02 -1.78
C GLY A 452 43.75 -35.56 -0.98
N GLN A 453 43.12 -34.46 -1.35
CA GLN A 453 42.02 -33.88 -0.60
C GLN A 453 40.67 -34.45 -1.01
N LEU A 454 40.63 -35.43 -1.91
CA LEU A 454 39.36 -35.91 -2.41
C LEU A 454 38.52 -36.57 -1.32
N HIS A 455 39.15 -36.98 -0.22
CA HIS A 455 38.36 -37.57 0.86
C HIS A 455 37.54 -36.52 1.60
N ARG A 456 37.93 -35.25 1.52
CA ARG A 456 37.22 -34.19 2.23
C ARG A 456 35.96 -33.74 1.49
N VAL A 457 35.82 -34.05 0.20
CA VAL A 457 34.67 -33.59 -0.56
C VAL A 457 33.41 -34.22 0.00
N ARG A 458 32.38 -33.40 0.20
CA ARG A 458 31.15 -33.85 0.84
C ARG A 458 29.89 -33.53 0.06
N MET A 459 29.91 -32.55 -0.84
CA MET A 459 28.69 -32.15 -1.52
C MET A 459 29.02 -31.59 -2.91
N LEU A 460 28.11 -31.83 -3.84
CA LEU A 460 28.10 -31.17 -5.15
C LEU A 460 26.82 -30.37 -5.24
N LEU A 461 26.94 -29.04 -5.38
CA LEU A 461 25.82 -28.13 -5.27
C LEU A 461 25.66 -27.30 -6.54
N LEU A 462 24.86 -27.79 -7.49
CA LEU A 462 24.69 -27.15 -8.79
C LEU A 462 23.25 -26.69 -8.94
N THR A 463 23.05 -25.53 -9.58
CA THR A 463 21.70 -25.02 -9.79
C THR A 463 21.12 -25.70 -11.01
N ASN A 464 20.07 -26.50 -10.83
CA ASN A 464 19.41 -27.08 -11.98
C ASN A 464 18.66 -25.97 -12.71
N CYS A 465 18.57 -26.07 -14.03
CA CYS A 465 17.80 -25.09 -14.79
C CYS A 465 18.27 -23.67 -14.48
N THR A 466 19.49 -23.39 -14.91
CA THR A 466 20.15 -22.14 -14.53
C THR A 466 19.32 -20.96 -15.00
N PHE A 467 19.58 -19.80 -14.39
CA PHE A 467 18.71 -18.64 -14.59
C PHE A 467 18.60 -18.32 -16.07
N ASP A 468 19.68 -18.51 -16.82
CA ASP A 468 19.65 -18.33 -18.27
C ASP A 468 18.65 -19.30 -18.90
N GLY A 469 18.51 -20.49 -18.33
CA GLY A 469 17.57 -21.50 -18.77
C GLY A 469 18.17 -22.77 -19.32
N VAL A 470 19.51 -22.89 -19.36
CA VAL A 470 20.12 -24.17 -19.71
C VAL A 470 19.77 -25.17 -18.62
N VAL A 471 19.44 -26.39 -19.03
CA VAL A 471 18.99 -27.43 -18.09
C VAL A 471 20.04 -28.52 -17.99
N TYR A 472 20.30 -28.97 -16.77
CA TYR A 472 21.25 -30.04 -16.50
C TYR A 472 20.59 -31.40 -16.73
N ASN A 473 21.42 -32.44 -16.66
CA ASN A 473 20.95 -33.83 -16.70
C ASN A 473 21.33 -34.45 -15.36
N PRO A 474 20.44 -34.39 -14.36
CA PRO A 474 20.84 -34.89 -13.03
C PRO A 474 21.27 -36.34 -13.04
N ARG A 475 20.57 -37.22 -13.74
CA ARG A 475 20.92 -38.65 -13.67
C ARG A 475 22.33 -38.88 -14.18
N ARG A 476 22.69 -38.26 -15.30
CA ARG A 476 24.02 -38.46 -15.87
C ARG A 476 25.09 -37.96 -14.92
N VAL A 477 24.88 -36.76 -14.35
CA VAL A 477 25.89 -36.17 -13.47
C VAL A 477 26.06 -37.01 -12.22
N MET A 478 24.96 -37.46 -11.61
CA MET A 478 25.08 -38.30 -10.42
C MET A 478 25.75 -39.63 -10.75
N GLU A 479 25.38 -40.26 -11.86
CA GLU A 479 26.02 -41.52 -12.23
C GLU A 479 27.51 -41.34 -12.43
N GLU A 480 27.90 -40.24 -13.08
CA GLU A 480 29.30 -40.04 -13.44
C GLU A 480 30.13 -39.43 -12.32
N VAL A 481 29.50 -38.93 -11.26
CA VAL A 481 30.26 -38.41 -10.12
C VAL A 481 30.33 -39.47 -9.02
N LEU A 482 29.28 -40.29 -8.92
CA LEU A 482 29.27 -41.38 -7.94
C LEU A 482 30.32 -42.44 -8.28
N ALA A 483 30.88 -42.41 -9.47
CA ALA A 483 31.96 -43.35 -9.79
C ALA A 483 33.24 -42.95 -9.10
N ILE A 484 33.49 -41.65 -8.94
CA ILE A 484 34.70 -41.18 -8.28
C ILE A 484 34.50 -41.08 -6.77
N LYS A 485 33.32 -40.64 -6.33
CA LYS A 485 33.02 -40.44 -4.91
C LYS A 485 31.70 -41.13 -4.58
N PRO A 486 31.73 -42.41 -4.24
CA PRO A 486 30.46 -43.15 -4.07
C PRO A 486 29.69 -42.78 -2.81
N ASP A 487 30.10 -41.73 -2.09
CA ASP A 487 29.37 -41.30 -0.90
C ASP A 487 29.14 -39.79 -0.91
N ILE A 488 29.25 -39.15 -2.07
CA ILE A 488 29.07 -37.70 -2.18
C ILE A 488 27.59 -37.39 -1.96
N CYS A 489 27.28 -36.11 -1.79
CA CYS A 489 25.92 -35.64 -1.61
C CYS A 489 25.61 -34.58 -2.65
N PHE A 490 24.35 -34.50 -3.06
CA PHE A 490 23.92 -33.61 -4.12
C PHE A 490 22.80 -32.72 -3.61
N LEU A 491 22.99 -31.41 -3.72
CA LEU A 491 21.94 -30.44 -3.49
C LEU A 491 21.63 -29.76 -4.81
N TRP A 492 20.38 -29.86 -5.25
CA TRP A 492 19.93 -29.29 -6.51
C TRP A 492 19.03 -28.09 -6.22
N ASP A 493 19.49 -26.91 -6.62
CA ASP A 493 18.71 -25.68 -6.44
C ASP A 493 17.74 -25.57 -7.61
N GLU A 494 16.50 -25.97 -7.38
CA GLU A 494 15.48 -26.02 -8.42
C GLU A 494 14.48 -24.88 -8.31
N ALA A 495 14.96 -23.67 -8.01
CA ALA A 495 14.06 -22.53 -7.90
C ALA A 495 13.36 -22.25 -9.23
N TRP A 496 14.05 -22.49 -10.35
CA TRP A 496 13.52 -22.20 -11.67
C TRP A 496 12.84 -23.40 -12.32
N TYR A 497 13.17 -24.61 -11.90
CA TYR A 497 12.67 -25.84 -12.49
C TYR A 497 11.50 -26.46 -11.76
N ALA A 498 10.96 -25.80 -10.74
CA ALA A 498 9.91 -26.43 -9.93
C ALA A 498 8.69 -26.74 -10.77
N PHE A 499 8.33 -25.83 -11.67
CA PHE A 499 7.20 -26.05 -12.58
C PHE A 499 7.47 -27.23 -13.51
N ALA A 500 8.73 -27.41 -13.90
CA ALA A 500 9.08 -28.37 -14.94
C ALA A 500 8.65 -29.80 -14.58
N THR A 501 8.52 -30.11 -13.29
CA THR A 501 8.17 -31.48 -12.90
C THR A 501 6.86 -31.91 -13.53
N ALA A 502 5.88 -30.99 -13.62
CA ALA A 502 4.54 -31.36 -14.08
C ALA A 502 4.55 -31.92 -15.50
N VAL A 503 5.31 -31.31 -16.41
CA VAL A 503 5.30 -31.77 -17.80
C VAL A 503 6.01 -33.12 -17.91
N PRO A 504 5.50 -34.07 -18.70
CA PRO A 504 6.11 -35.40 -18.73
C PRO A 504 7.53 -35.45 -19.29
N TRP A 505 7.82 -34.70 -20.35
CA TRP A 505 9.12 -34.84 -21.02
C TRP A 505 10.25 -34.09 -20.31
N ALA A 506 9.92 -33.23 -19.34
CA ALA A 506 10.92 -32.54 -18.54
C ALA A 506 10.94 -33.05 -17.11
N ARG A 507 10.04 -33.98 -16.77
CA ARG A 507 10.03 -34.55 -15.43
C ARG A 507 11.31 -35.33 -15.15
N GLN A 508 11.79 -36.09 -16.15
CA GLN A 508 12.95 -36.96 -15.94
C GLN A 508 14.24 -36.20 -15.72
N ARG A 509 14.25 -34.89 -15.93
CA ARG A 509 15.43 -34.07 -15.67
C ARG A 509 15.40 -33.42 -14.29
N THR A 510 14.45 -33.78 -13.44
CA THR A 510 14.39 -33.27 -12.09
C THR A 510 15.27 -34.13 -11.17
N ALA A 511 15.65 -33.54 -10.03
CA ALA A 511 16.55 -34.24 -9.12
C ALA A 511 15.92 -35.49 -8.53
N MET A 512 14.65 -35.40 -8.13
CA MET A 512 14.02 -36.54 -7.44
C MET A 512 13.84 -37.72 -8.37
N ILE A 513 13.36 -37.49 -9.59
CA ILE A 513 13.15 -38.58 -10.52
C ILE A 513 14.48 -39.20 -10.94
N ALA A 514 15.48 -38.37 -11.21
CA ALA A 514 16.79 -38.89 -11.55
C ALA A 514 17.35 -39.72 -10.41
N ALA A 515 17.19 -39.25 -9.17
CA ALA A 515 17.67 -40.00 -8.02
C ALA A 515 16.96 -41.33 -7.88
N GLU A 516 15.64 -41.34 -8.07
CA GLU A 516 14.90 -42.61 -7.95
C GLU A 516 15.35 -43.60 -9.02
N ARG A 517 15.51 -43.13 -10.26
CA ARG A 517 15.97 -44.02 -11.31
C ARG A 517 17.38 -44.53 -11.04
N LEU A 518 18.26 -43.65 -10.56
CA LEU A 518 19.61 -44.08 -10.21
C LEU A 518 19.60 -45.09 -9.07
N GLU A 519 18.64 -44.95 -8.15
CA GLU A 519 18.52 -45.90 -7.05
C GLU A 519 18.10 -47.27 -7.56
N GLN A 520 17.03 -47.32 -8.37
CA GLN A 520 16.56 -48.62 -8.86
C GLN A 520 17.57 -49.23 -9.82
N MET A 521 18.15 -48.42 -10.70
CA MET A 521 19.09 -48.95 -11.67
C MET A 521 20.31 -49.55 -10.98
N LEU A 522 20.84 -48.87 -9.96
CA LEU A 522 22.06 -49.35 -9.31
C LEU A 522 21.88 -50.73 -8.71
N SER A 523 20.67 -51.09 -8.28
CA SER A 523 20.42 -52.33 -7.56
C SER A 523 19.87 -53.43 -8.47
N THR A 524 20.24 -53.44 -9.75
CA THR A 524 19.76 -54.44 -10.69
C THR A 524 20.92 -55.31 -11.16
N ALA A 525 20.73 -56.63 -11.09
CA ALA A 525 21.76 -57.55 -11.54
C ALA A 525 22.15 -57.29 -12.99
N GLU A 526 21.20 -56.84 -13.81
CA GLU A 526 21.54 -56.39 -15.15
C GLU A 526 22.58 -55.28 -15.10
N TYR A 527 22.37 -54.31 -14.22
CA TYR A 527 23.38 -53.28 -14.06
C TYR A 527 24.64 -53.84 -13.43
N ALA A 528 24.53 -54.90 -12.64
CA ALA A 528 25.74 -55.53 -12.10
C ALA A 528 26.62 -56.05 -13.23
N GLU A 529 26.01 -56.76 -14.18
CA GLU A 529 26.77 -57.22 -15.34
C GLU A 529 27.27 -56.05 -16.19
N GLU A 530 26.44 -55.02 -16.35
CA GLU A 530 26.89 -53.86 -17.12
C GLU A 530 28.12 -53.23 -16.50
N TYR A 531 28.13 -53.08 -15.17
CA TYR A 531 29.28 -52.51 -14.50
C TYR A 531 30.49 -53.43 -14.58
N ARG A 532 30.27 -54.74 -14.49
CA ARG A 532 31.38 -55.68 -14.64
C ARG A 532 32.02 -55.52 -16.00
N ASN A 533 31.20 -55.45 -17.06
CA ASN A 533 31.73 -55.27 -18.40
C ASN A 533 32.45 -53.94 -18.54
N TRP A 534 31.88 -52.87 -17.96
CA TRP A 534 32.54 -51.57 -18.04
C TRP A 534 33.90 -51.59 -17.36
N CYS A 535 33.96 -52.18 -16.17
CA CYS A 535 35.23 -52.30 -15.46
C CYS A 535 36.22 -53.14 -16.25
N ALA A 536 35.76 -54.24 -16.85
CA ALA A 536 36.64 -55.08 -17.64
C ALA A 536 37.22 -54.29 -18.80
N SER A 537 36.39 -53.50 -19.47
CA SER A 537 36.87 -52.63 -20.54
C SER A 537 37.71 -51.47 -20.02
N MET A 538 37.67 -51.21 -18.72
CA MET A 538 38.40 -50.10 -18.13
C MET A 538 39.83 -50.44 -17.76
N ASP A 539 40.07 -51.66 -17.27
CA ASP A 539 41.40 -52.00 -16.76
C ASP A 539 42.46 -51.60 -17.76
N GLY A 540 43.65 -51.27 -17.25
CA GLY A 540 44.73 -50.82 -18.09
C GLY A 540 44.68 -49.35 -18.47
N VAL A 541 43.69 -48.60 -17.98
CA VAL A 541 43.56 -47.17 -18.28
C VAL A 541 43.89 -46.40 -17.01
N ASP A 542 44.74 -45.38 -17.15
CA ASP A 542 45.13 -44.56 -16.02
C ASP A 542 43.89 -43.96 -15.36
N ARG A 543 43.85 -44.01 -14.02
CA ARG A 543 42.72 -43.44 -13.30
C ARG A 543 42.56 -41.96 -13.63
N SER A 544 43.67 -41.25 -13.86
CA SER A 544 43.60 -39.84 -14.21
C SER A 544 42.92 -39.62 -15.56
N GLU A 545 42.80 -40.66 -16.38
CA GLU A 545 42.18 -40.55 -17.70
C GLU A 545 40.67 -40.77 -17.63
N TRP A 546 40.11 -40.97 -16.45
CA TRP A 546 38.67 -41.17 -16.32
C TRP A 546 37.87 -39.95 -16.73
N VAL A 547 38.52 -38.79 -16.88
CA VAL A 547 37.80 -37.59 -17.31
C VAL A 547 37.32 -37.73 -18.74
N ASP A 548 38.12 -38.37 -19.59
CA ASP A 548 37.80 -38.49 -21.01
C ASP A 548 36.90 -39.67 -21.33
N HIS A 549 36.63 -40.55 -20.36
CA HIS A 549 35.83 -41.75 -20.58
C HIS A 549 34.56 -41.66 -19.76
N ARG A 550 33.46 -42.14 -20.32
CA ARG A 550 32.23 -42.24 -19.54
C ARG A 550 32.45 -43.18 -18.37
N LEU A 551 31.87 -42.82 -17.22
CA LEU A 551 32.04 -43.57 -15.99
C LEU A 551 30.70 -44.14 -15.53
N LEU A 552 30.79 -45.12 -14.65
CA LEU A 552 29.62 -45.75 -14.05
C LEU A 552 29.83 -45.86 -12.56
N PRO A 553 28.76 -45.83 -11.76
CA PRO A 553 28.90 -46.04 -10.33
C PRO A 553 29.09 -47.50 -9.98
N ASP A 554 29.65 -47.72 -8.80
CA ASP A 554 29.81 -49.08 -8.28
C ASP A 554 28.50 -49.52 -7.64
N PRO A 555 27.91 -50.64 -8.05
CA PRO A 555 26.58 -51.00 -7.52
C PRO A 555 26.56 -51.23 -6.02
N ASN A 556 27.71 -51.55 -5.41
CA ASN A 556 27.76 -51.82 -3.98
C ASN A 556 28.18 -50.61 -3.15
N ARG A 557 29.24 -49.93 -3.57
CA ARG A 557 29.78 -48.83 -2.76
C ARG A 557 28.90 -47.58 -2.85
N ALA A 558 28.40 -47.25 -4.04
CA ALA A 558 27.71 -45.99 -4.22
C ALA A 558 26.39 -45.96 -3.45
N ARG A 559 26.15 -44.84 -2.77
CA ARG A 559 24.91 -44.57 -2.05
C ARG A 559 24.38 -43.24 -2.58
N VAL A 560 23.31 -43.29 -3.37
CA VAL A 560 22.71 -42.04 -3.86
C VAL A 560 22.16 -41.21 -2.71
N ARG A 561 22.42 -39.90 -2.76
CA ARG A 561 21.96 -38.95 -1.76
C ARG A 561 21.63 -37.65 -2.47
N VAL A 562 20.38 -37.21 -2.41
CA VAL A 562 19.93 -36.04 -3.17
C VAL A 562 19.02 -35.17 -2.31
N TYR A 563 19.25 -33.86 -2.37
CA TYR A 563 18.42 -32.87 -1.70
C TYR A 563 18.03 -31.77 -2.69
N ALA A 564 16.73 -31.46 -2.76
CA ALA A 564 16.22 -30.48 -3.69
C ALA A 564 15.42 -29.41 -2.95
N THR A 565 15.50 -28.17 -3.46
CA THR A 565 14.80 -27.03 -2.87
C THR A 565 13.89 -26.41 -3.92
N HIS A 566 12.60 -26.32 -3.62
CA HIS A 566 11.60 -25.74 -4.52
C HIS A 566 11.00 -24.49 -3.88
N SER A 567 10.12 -23.82 -4.63
CA SER A 567 9.32 -22.73 -4.09
C SER A 567 7.89 -22.70 -4.61
N THR A 568 7.51 -23.62 -5.50
CA THR A 568 6.27 -23.46 -6.27
C THR A 568 5.04 -23.42 -5.36
N HIS A 569 5.00 -24.26 -4.33
CA HIS A 569 3.77 -24.42 -3.56
C HIS A 569 3.36 -23.15 -2.83
N LYS A 570 4.23 -22.14 -2.74
CA LYS A 570 3.84 -20.87 -2.16
C LYS A 570 2.69 -20.23 -2.93
N SER A 571 2.51 -20.60 -4.20
CA SER A 571 1.60 -19.87 -5.07
C SER A 571 0.16 -19.96 -4.57
N LEU A 572 -0.29 -21.16 -4.18
CA LEU A 572 -1.67 -21.39 -3.83
C LEU A 572 -1.77 -22.15 -2.52
N SER A 573 -2.67 -21.69 -1.65
CA SER A 573 -2.98 -22.36 -0.38
C SER A 573 -1.75 -22.53 0.50
N ALA A 574 -0.78 -21.64 0.35
CA ALA A 574 0.46 -21.71 1.11
C ALA A 574 0.90 -20.31 1.52
N LEU A 575 1.74 -20.24 2.54
CA LEU A 575 2.19 -18.97 3.05
C LEU A 575 3.10 -18.28 2.04
N ARG A 576 3.25 -16.96 2.20
CA ARG A 576 4.08 -16.20 1.28
C ARG A 576 5.54 -16.61 1.39
N GLN A 577 6.18 -16.77 0.23
CA GLN A 577 7.59 -17.16 0.16
C GLN A 577 7.85 -18.50 0.82
N ALA A 578 6.84 -19.37 0.90
CA ALA A 578 7.06 -20.70 1.43
C ALA A 578 7.87 -21.52 0.44
N SER A 579 8.82 -22.30 0.96
CA SER A 579 9.68 -23.14 0.16
C SER A 579 9.71 -24.55 0.74
N MET A 580 10.05 -25.53 -0.09
CA MET A 580 10.03 -26.92 0.28
C MET A 580 11.41 -27.53 0.12
N ILE A 581 11.65 -28.61 0.87
CA ILE A 581 12.88 -29.40 0.75
C ILE A 581 12.47 -30.86 0.57
N HIS A 582 12.84 -31.43 -0.57
CA HIS A 582 12.66 -32.85 -0.81
C HIS A 582 13.95 -33.58 -0.45
N VAL A 583 13.83 -34.70 0.26
CA VAL A 583 14.99 -35.48 0.68
C VAL A 583 14.79 -36.90 0.20
N ARG A 584 15.80 -37.43 -0.48
CA ARG A 584 15.81 -38.83 -0.91
C ARG A 584 17.24 -39.31 -0.64
N ASP A 585 17.46 -39.77 0.59
CA ASP A 585 18.78 -40.20 1.05
C ASP A 585 18.65 -41.55 1.71
N GLN A 586 19.47 -42.51 1.29
CA GLN A 586 19.41 -43.85 1.87
C GLN A 586 19.76 -43.82 3.34
N ASP A 587 20.76 -43.04 3.72
CA ASP A 587 21.26 -42.97 5.10
C ASP A 587 20.83 -41.69 5.78
N PHE A 588 19.58 -41.28 5.58
CA PHE A 588 19.04 -40.13 6.30
C PHE A 588 18.92 -40.41 7.79
N LYS A 589 18.33 -41.55 8.14
CA LYS A 589 18.11 -41.89 9.54
C LYS A 589 19.40 -42.15 10.31
N ALA A 590 20.55 -42.27 9.62
CA ALA A 590 21.79 -42.64 10.26
C ALA A 590 22.78 -41.49 10.41
N LEU A 591 23.02 -40.70 9.36
CA LEU A 591 24.08 -39.69 9.39
C LEU A 591 23.58 -38.25 9.45
N THR A 592 22.33 -37.98 9.10
CA THR A 592 21.85 -36.61 9.07
C THR A 592 20.45 -36.40 9.62
N ARG A 593 19.78 -37.44 10.14
CA ARG A 593 18.44 -37.22 10.65
C ARG A 593 18.45 -36.29 11.85
N ASP A 594 19.55 -36.24 12.59
CA ASP A 594 19.68 -35.35 13.74
C ASP A 594 20.32 -34.02 13.36
N ALA A 595 21.34 -34.05 12.52
CA ALA A 595 21.95 -32.81 12.06
C ALA A 595 20.95 -31.99 11.27
N PHE A 596 20.05 -32.65 10.55
CA PHE A 596 19.04 -31.94 9.77
C PHE A 596 18.10 -31.21 10.71
N GLY A 597 17.63 -31.90 11.75
CA GLY A 597 16.71 -31.27 12.69
C GLY A 597 17.37 -30.11 13.41
N GLU A 598 18.63 -30.28 13.84
CA GLU A 598 19.32 -29.18 14.50
C GLU A 598 19.49 -28.00 13.56
N ALA A 599 19.85 -28.25 12.29
CA ALA A 599 20.02 -27.14 11.36
C ALA A 599 18.69 -26.43 11.15
N PHE A 600 17.61 -27.21 11.06
CA PHE A 600 16.29 -26.64 10.84
C PHE A 600 15.91 -25.75 12.02
N LEU A 601 16.22 -26.20 13.23
CA LEU A 601 15.97 -25.38 14.41
C LEU A 601 16.83 -24.12 14.36
N THR A 602 18.07 -24.28 13.89
CA THR A 602 19.02 -23.17 13.86
C THR A 602 18.54 -22.05 12.96
N HIS A 603 17.96 -22.37 11.82
CA HIS A 603 17.50 -21.34 10.90
C HIS A 603 15.98 -21.17 10.90
N THR A 604 15.25 -21.99 11.64
CA THR A 604 13.79 -21.92 11.63
C THR A 604 13.28 -22.50 12.94
N SER A 605 12.01 -22.25 13.22
CA SER A 605 11.36 -22.91 14.34
C SER A 605 11.05 -24.37 14.00
N THR A 606 10.68 -25.12 15.04
CA THR A 606 10.28 -26.51 14.87
C THR A 606 9.00 -26.64 14.04
N SER A 607 8.07 -25.70 14.20
CA SER A 607 6.72 -25.88 13.67
C SER A 607 6.66 -26.09 12.16
N PRO A 608 7.44 -25.39 11.34
CA PRO A 608 7.35 -25.62 9.88
C PRO A 608 7.66 -27.04 9.46
N ASN A 609 8.62 -27.70 10.11
CA ASN A 609 9.04 -29.03 9.67
C ASN A 609 7.90 -30.04 9.69
N GLN A 610 7.11 -30.07 10.77
CA GLN A 610 6.06 -31.09 10.88
C GLN A 610 4.66 -30.53 11.13
N GLN A 611 4.53 -29.63 12.11
CA GLN A 611 3.21 -29.17 12.51
C GLN A 611 2.55 -28.42 11.37
N LEU A 612 3.30 -27.53 10.73
CA LEU A 612 2.79 -26.86 9.54
C LEU A 612 2.62 -27.87 8.42
N LEU A 613 3.54 -28.85 8.36
CA LEU A 613 3.62 -29.76 7.23
C LEU A 613 2.32 -30.53 7.02
N ALA A 614 1.68 -30.99 8.09
CA ALA A 614 0.43 -31.75 7.90
C ALA A 614 -0.66 -30.88 7.27
N SER A 615 -0.81 -29.65 7.76
CA SER A 615 -1.79 -28.73 7.17
C SER A 615 -1.39 -28.42 5.74
N LEU A 616 -0.09 -28.25 5.51
CA LEU A 616 0.38 -27.91 4.18
C LEU A 616 0.04 -29.03 3.21
N ASP A 617 0.13 -30.28 3.68
CA ASP A 617 -0.26 -31.42 2.83
C ASP A 617 -1.75 -31.36 2.49
N LEU A 618 -2.57 -30.94 3.47
CA LEU A 618 -4.00 -30.79 3.17
C LEU A 618 -4.19 -29.74 2.07
N ALA A 619 -3.45 -28.64 2.16
CA ALA A 619 -3.45 -27.63 1.09
C ALA A 619 -2.88 -28.24 -0.19
N ARG A 620 -1.89 -29.11 -0.02
CA ARG A 620 -1.13 -29.68 -1.13
C ARG A 620 -2.06 -30.43 -2.07
N ARG A 621 -3.05 -31.12 -1.53
CA ARG A 621 -3.86 -31.95 -2.41
C ARG A 621 -4.53 -31.08 -3.48
N GLN A 622 -5.12 -29.95 -3.07
CA GLN A 622 -5.78 -29.05 -4.03
C GLN A 622 -4.77 -28.37 -4.95
N VAL A 623 -3.67 -27.86 -4.38
CA VAL A 623 -2.70 -27.13 -5.19
C VAL A 623 -2.05 -28.05 -6.21
N ASP A 624 -1.74 -29.29 -5.84
CA ASP A 624 -0.99 -30.16 -6.73
C ASP A 624 -1.78 -30.42 -8.01
N ILE A 625 -3.07 -30.71 -7.89
CA ILE A 625 -3.89 -30.93 -9.08
C ILE A 625 -3.99 -29.65 -9.90
N GLU A 626 -4.20 -28.51 -9.22
CA GLU A 626 -4.36 -27.27 -10.01
C GLU A 626 -3.07 -26.96 -10.75
N GLY A 627 -1.93 -27.09 -10.07
CA GLY A 627 -0.66 -26.79 -10.69
C GLY A 627 -0.36 -27.75 -11.83
N PHE A 628 -0.64 -29.03 -11.64
CA PHE A 628 -0.28 -29.98 -12.67
C PHE A 628 -1.08 -29.70 -13.92
N GLU A 629 -2.39 -29.46 -13.77
CA GLU A 629 -3.19 -29.21 -14.96
C GLU A 629 -2.77 -27.91 -15.65
N LEU A 630 -2.48 -26.86 -14.86
CA LEU A 630 -2.20 -25.55 -15.45
C LEU A 630 -0.76 -25.37 -15.96
N VAL A 631 0.22 -26.09 -15.43
CA VAL A 631 1.61 -25.88 -15.86
C VAL A 631 1.82 -26.29 -17.32
N ARG A 632 1.24 -27.41 -17.74
CA ARG A 632 1.39 -27.82 -19.13
C ARG A 632 0.90 -26.74 -20.10
N HIS A 633 -0.17 -26.04 -19.73
CA HIS A 633 -0.70 -24.97 -20.55
C HIS A 633 0.38 -23.92 -20.83
N VAL A 634 1.16 -23.56 -19.82
CA VAL A 634 2.21 -22.55 -19.98
C VAL A 634 3.26 -23.04 -20.97
N TYR A 635 3.65 -24.31 -20.88
CA TYR A 635 4.63 -24.84 -21.82
C TYR A 635 4.07 -24.86 -23.24
N ASN A 636 2.76 -25.09 -23.37
CA ASN A 636 2.14 -24.99 -24.69
C ASN A 636 2.29 -23.58 -25.24
N MET A 637 2.04 -22.56 -24.41
CA MET A 637 2.23 -21.20 -24.88
C MET A 637 3.68 -20.93 -25.25
N ALA A 638 4.63 -21.42 -24.44
CA ALA A 638 6.02 -21.18 -24.75
C ALA A 638 6.39 -21.77 -26.11
N LEU A 639 5.97 -23.01 -26.35
CA LEU A 639 6.26 -23.65 -27.63
C LEU A 639 5.61 -22.89 -28.78
N VAL A 640 4.33 -22.55 -28.63
CA VAL A 640 3.61 -21.89 -29.72
C VAL A 640 4.26 -20.55 -30.04
N PHE A 641 4.58 -19.77 -29.01
CA PHE A 641 5.19 -18.48 -29.24
C PHE A 641 6.56 -18.62 -29.89
N ARG A 642 7.37 -19.58 -29.42
CA ARG A 642 8.69 -19.76 -30.00
C ARG A 642 8.59 -20.13 -31.46
N HIS A 643 7.64 -21.00 -31.81
CA HIS A 643 7.44 -21.37 -33.21
C HIS A 643 6.98 -20.17 -34.04
N ARG A 644 6.08 -19.35 -33.48
CA ARG A 644 5.57 -18.20 -34.22
C ARG A 644 6.67 -17.19 -34.49
N VAL A 645 7.57 -16.95 -33.53
CA VAL A 645 8.58 -15.91 -33.72
C VAL A 645 9.41 -16.22 -34.96
N ARG A 646 9.65 -17.49 -35.25
CA ARG A 646 10.46 -17.86 -36.40
C ARG A 646 9.63 -17.93 -37.67
N LYS A 647 8.47 -18.61 -37.62
CA LYS A 647 7.68 -18.78 -38.84
C LYS A 647 7.18 -17.44 -39.38
N ASP A 648 6.75 -16.54 -38.51
CA ASP A 648 6.29 -15.23 -38.95
C ASP A 648 7.35 -14.55 -39.82
N ARG A 649 6.96 -14.25 -41.07
CA ARG A 649 7.89 -13.65 -42.02
C ARG A 649 8.41 -12.30 -41.54
N LEU A 650 7.61 -11.55 -40.79
CA LEU A 650 7.98 -10.18 -40.44
C LEU A 650 8.78 -10.11 -39.15
N ILE A 651 8.37 -10.84 -38.12
CA ILE A 651 9.11 -10.84 -36.86
C ILE A 651 10.50 -11.41 -37.08
N SER A 652 10.59 -12.53 -37.81
CA SER A 652 11.84 -13.27 -37.91
C SER A 652 12.95 -12.46 -38.58
N LYS A 653 12.61 -11.37 -39.27
CA LYS A 653 13.64 -10.55 -39.88
C LYS A 653 14.55 -9.93 -38.81
N TRP A 654 13.97 -9.50 -37.70
CA TRP A 654 14.67 -8.75 -36.67
C TRP A 654 14.79 -9.47 -35.34
N PHE A 655 13.85 -10.34 -34.99
CA PHE A 655 13.78 -10.95 -33.68
C PHE A 655 14.01 -12.46 -33.79
N ARG A 656 14.96 -12.96 -33.00
CA ARG A 656 15.31 -14.36 -32.97
C ARG A 656 15.25 -14.85 -31.52
N ILE A 657 14.50 -15.90 -31.26
CA ILE A 657 14.49 -16.55 -29.96
C ILE A 657 15.63 -17.55 -29.94
N LEU A 658 16.59 -17.34 -29.04
CA LEU A 658 17.76 -18.22 -28.99
C LEU A 658 17.33 -19.65 -28.73
N ASP A 659 17.87 -20.58 -29.52
CA ASP A 659 17.50 -21.98 -29.46
C ASP A 659 18.61 -22.80 -28.81
N GLU A 660 18.24 -24.00 -28.35
CA GLU A 660 19.20 -24.85 -27.65
C GLU A 660 20.42 -25.12 -28.52
N SER A 661 20.27 -25.10 -29.83
CA SER A 661 21.42 -25.19 -30.72
C SER A 661 22.31 -23.95 -30.64
N ASP A 662 21.85 -22.88 -30.01
CA ASP A 662 22.59 -21.63 -29.94
C ASP A 662 23.30 -21.40 -28.61
N LEU A 663 22.62 -21.66 -27.49
CA LEU A 663 23.25 -21.50 -26.18
C LEU A 663 24.09 -22.70 -25.78
N VAL A 664 23.96 -23.82 -26.46
CA VAL A 664 24.67 -25.05 -26.08
C VAL A 664 25.69 -25.35 -27.17
N PRO A 665 26.98 -25.09 -26.92
CA PRO A 665 27.98 -25.42 -27.94
C PRO A 665 27.94 -26.90 -28.29
N ASP A 666 28.23 -27.19 -29.56
CA ASP A 666 28.13 -28.55 -30.05
C ASP A 666 29.01 -29.50 -29.26
N ALA A 667 30.09 -29.00 -28.64
CA ALA A 667 30.96 -29.87 -27.87
C ALA A 667 30.22 -30.62 -26.78
N PHE A 668 29.12 -30.05 -26.29
CA PHE A 668 28.29 -30.68 -25.27
C PHE A 668 27.01 -31.27 -25.84
N ARG A 669 26.90 -31.37 -27.16
CA ARG A 669 25.70 -31.88 -27.81
C ARG A 669 25.98 -33.24 -28.41
N SER A 670 25.01 -34.14 -28.32
CA SER A 670 25.12 -35.48 -28.89
C SER A 670 24.52 -35.57 -30.28
N SER A 671 24.06 -34.46 -30.85
CA SER A 671 23.47 -34.46 -32.19
C SER A 671 24.45 -35.02 -33.23
N GLY A 682 9.19 -37.88 -37.89
CA GLY A 682 9.17 -38.49 -36.58
C GLY A 682 10.24 -37.93 -35.66
N ALA A 683 10.12 -36.64 -35.34
CA ALA A 683 11.07 -35.97 -34.46
C ALA A 683 10.59 -35.92 -33.01
N LEU A 684 9.42 -36.51 -32.70
CA LEU A 684 8.98 -36.55 -31.32
C LEU A 684 9.80 -37.55 -30.51
N ALA A 685 10.04 -38.73 -31.06
CA ALA A 685 10.90 -39.69 -30.38
C ALA A 685 12.33 -39.15 -30.27
N ASP A 686 12.82 -38.50 -31.32
CA ASP A 686 14.13 -37.86 -31.25
C ASP A 686 14.16 -36.79 -30.16
N TRP A 687 13.09 -35.99 -30.07
CA TRP A 687 13.03 -34.94 -29.05
C TRP A 687 13.05 -35.54 -27.65
N ASN A 688 12.24 -36.56 -27.42
CA ASN A 688 12.22 -37.21 -26.11
C ASN A 688 13.58 -37.82 -25.79
N GLU A 689 14.22 -38.46 -26.76
CA GLU A 689 15.50 -39.07 -26.51
C GLU A 689 16.57 -38.03 -26.19
N ALA A 690 16.53 -36.90 -26.89
CA ALA A 690 17.48 -35.82 -26.60
C ALA A 690 17.24 -35.26 -25.21
N TRP A 691 15.98 -35.14 -24.79
CA TRP A 691 15.70 -34.63 -23.46
C TRP A 691 15.96 -35.66 -22.36
N ARG A 692 16.03 -36.94 -22.70
CA ARG A 692 16.31 -37.97 -21.70
C ARG A 692 17.79 -38.32 -21.62
N SER A 693 18.56 -38.15 -22.69
CA SER A 693 19.93 -38.61 -22.74
C SER A 693 20.94 -37.51 -23.03
N ASP A 694 20.57 -36.44 -23.72
CA ASP A 694 21.52 -35.40 -24.05
C ASP A 694 21.99 -34.69 -22.79
N GLN A 695 23.19 -34.11 -22.87
CA GLN A 695 23.75 -33.42 -21.71
C GLN A 695 22.96 -32.16 -21.39
N PHE A 696 22.95 -31.19 -22.30
CA PHE A 696 22.33 -29.90 -22.08
C PHE A 696 21.16 -29.72 -23.03
N VAL A 697 19.99 -29.39 -22.47
CA VAL A 697 18.84 -28.99 -23.27
C VAL A 697 18.42 -27.61 -22.78
N LEU A 698 17.34 -27.08 -23.34
CA LEU A 698 16.91 -25.71 -23.04
C LEU A 698 15.43 -25.74 -22.70
N ASP A 699 15.08 -25.19 -21.54
CA ASP A 699 13.68 -25.19 -21.11
C ASP A 699 12.88 -24.27 -22.01
N PRO A 700 11.72 -24.73 -22.54
CA PRO A 700 10.93 -23.83 -23.39
C PRO A 700 10.44 -22.58 -22.68
N THR A 701 10.23 -22.64 -21.37
CA THR A 701 9.50 -21.61 -20.65
C THR A 701 10.36 -20.43 -20.22
N ARG A 702 11.64 -20.41 -20.58
CA ARG A 702 12.54 -19.30 -20.28
C ARG A 702 13.15 -18.84 -21.61
N LEU A 703 12.49 -17.87 -22.24
CA LEU A 703 12.83 -17.44 -23.59
C LEU A 703 13.89 -16.35 -23.55
N THR A 704 15.00 -16.59 -24.25
CA THR A 704 16.10 -15.62 -24.31
C THR A 704 15.99 -14.88 -25.65
N LEU A 705 15.03 -13.97 -25.71
CA LEU A 705 14.78 -13.23 -26.94
C LEU A 705 16.01 -12.39 -27.31
N PHE A 706 16.29 -12.29 -28.59
CA PHE A 706 17.49 -11.64 -29.10
C PHE A 706 17.14 -10.33 -29.80
N ILE A 707 17.83 -9.25 -29.42
CA ILE A 707 17.60 -7.92 -29.98
C ILE A 707 18.69 -7.50 -30.95
N GLY A 708 19.82 -8.22 -31.01
CA GLY A 708 20.99 -7.69 -31.68
C GLY A 708 20.74 -7.15 -33.07
N ALA A 709 19.72 -7.67 -33.77
CA ALA A 709 19.45 -7.23 -35.13
C ALA A 709 19.07 -5.76 -35.18
N THR A 710 18.28 -5.30 -34.21
CA THR A 710 17.80 -3.91 -34.21
C THR A 710 18.84 -2.91 -33.74
N GLY A 711 19.96 -3.37 -33.19
CA GLY A 711 21.00 -2.46 -32.75
C GLY A 711 20.69 -1.66 -31.52
N MET A 712 19.70 -2.06 -30.72
CA MET A 712 19.35 -1.36 -29.50
C MET A 712 19.58 -2.31 -28.32
N ASN A 713 20.36 -1.87 -27.34
CA ASN A 713 20.63 -2.72 -26.18
C ASN A 713 19.34 -2.99 -25.42
N GLY A 714 19.28 -4.16 -24.78
CA GLY A 714 18.05 -4.61 -24.15
C GLY A 714 17.45 -3.62 -23.18
N TYR A 715 18.27 -2.74 -22.59
CA TYR A 715 17.73 -1.74 -21.68
C TYR A 715 16.69 -0.86 -22.36
N ASP A 716 16.98 -0.39 -23.58
CA ASP A 716 16.00 0.41 -24.29
C ASP A 716 14.76 -0.39 -24.63
N PHE A 717 14.92 -1.63 -25.09
CA PHE A 717 13.76 -2.46 -25.38
C PHE A 717 12.85 -2.56 -24.15
N ARG A 718 13.46 -2.87 -22.99
CA ARG A 718 12.69 -2.97 -21.76
C ARG A 718 12.00 -1.65 -21.43
N GLU A 719 12.72 -0.55 -21.57
CA GLU A 719 12.18 0.75 -21.16
C GLU A 719 10.99 1.15 -22.02
N LYS A 720 11.15 1.09 -23.35
CA LYS A 720 10.14 1.60 -24.28
C LYS A 720 9.19 0.53 -24.78
N ILE A 721 9.71 -0.52 -25.42
CA ILE A 721 8.83 -1.42 -26.18
C ILE A 721 7.92 -2.21 -25.24
N LEU A 722 8.48 -2.82 -24.21
CA LEU A 722 7.73 -3.74 -23.34
C LEU A 722 7.29 -2.99 -22.09
N MET A 723 6.06 -2.50 -22.11
CA MET A 723 5.42 -1.88 -20.94
C MET A 723 4.16 -2.62 -20.52
N GLU A 724 3.26 -2.91 -21.46
CA GLU A 724 2.14 -3.78 -21.16
C GLU A 724 2.68 -5.17 -20.88
N ARG A 725 2.03 -5.89 -19.96
CA ARG A 725 2.57 -7.16 -19.51
C ARG A 725 1.42 -8.06 -19.08
N PHE A 726 1.24 -9.19 -19.76
CA PHE A 726 0.35 -10.23 -19.28
C PHE A 726 1.17 -11.25 -18.49
N GLY A 727 0.62 -11.71 -17.38
CA GLY A 727 1.37 -12.59 -16.50
C GLY A 727 2.69 -11.96 -16.09
N ILE A 728 3.80 -12.51 -16.58
CA ILE A 728 5.11 -11.92 -16.42
C ILE A 728 5.85 -12.10 -17.74
N GLN A 729 6.71 -11.13 -18.07
CA GLN A 729 7.35 -11.15 -19.38
C GLN A 729 8.81 -10.73 -19.36
N ILE A 730 9.43 -10.51 -18.20
CA ILE A 730 10.84 -10.18 -18.20
C ILE A 730 11.45 -10.28 -16.80
N ASN A 731 12.68 -10.77 -16.73
CA ASN A 731 13.44 -10.78 -15.49
C ASN A 731 14.91 -10.45 -15.67
N LYS A 732 15.36 -10.20 -16.90
CA LYS A 732 16.75 -9.87 -17.15
C LYS A 732 16.84 -9.14 -18.48
N THR A 733 17.89 -8.34 -18.63
CA THR A 733 18.10 -7.56 -19.85
C THR A 733 19.61 -7.51 -20.09
N SER A 734 20.10 -8.41 -20.93
CA SER A 734 21.53 -8.45 -21.24
C SER A 734 21.86 -7.32 -22.20
N ILE A 735 23.08 -7.33 -22.74
CA ILE A 735 23.50 -6.26 -23.64
C ILE A 735 22.67 -6.28 -24.92
N ASN A 736 22.45 -7.46 -25.50
CA ASN A 736 21.75 -7.60 -26.77
C ASN A 736 20.71 -8.71 -26.69
N SER A 737 19.89 -8.69 -25.65
CA SER A 737 18.82 -9.66 -25.51
C SER A 737 18.04 -9.31 -24.25
N VAL A 738 16.88 -9.93 -24.09
CA VAL A 738 16.11 -9.83 -22.86
C VAL A 738 15.49 -11.20 -22.58
N LEU A 739 15.58 -11.64 -21.33
CA LEU A 739 15.08 -12.94 -20.92
C LEU A 739 13.60 -12.80 -20.55
N LEU A 740 12.75 -13.57 -21.22
CA LEU A 740 11.31 -13.58 -20.96
C LEU A 740 10.92 -14.93 -20.35
N ILE A 741 10.05 -14.89 -19.35
CA ILE A 741 9.63 -16.10 -18.63
C ILE A 741 8.11 -16.14 -18.59
N PHE A 742 7.57 -17.31 -18.90
CA PHE A 742 6.13 -17.54 -18.87
C PHE A 742 5.82 -18.27 -17.57
N THR A 743 5.09 -17.63 -16.66
CA THR A 743 4.71 -18.23 -15.40
C THR A 743 3.26 -18.71 -15.48
N ILE A 744 2.73 -19.17 -14.35
CA ILE A 744 1.38 -19.70 -14.29
C ILE A 744 0.37 -18.68 -14.77
N GLY A 745 0.70 -17.40 -14.74
CA GLY A 745 -0.20 -16.35 -15.19
C GLY A 745 -0.26 -16.12 -16.68
N VAL A 746 0.52 -16.83 -17.48
CA VAL A 746 0.54 -16.61 -18.92
C VAL A 746 -0.63 -17.35 -19.55
N THR A 747 -1.42 -16.64 -20.34
CA THR A 747 -2.61 -17.17 -21.00
C THR A 747 -2.49 -16.89 -22.50
N TRP A 748 -3.50 -17.33 -23.24
CA TRP A 748 -3.45 -17.23 -24.70
C TRP A 748 -3.23 -15.80 -25.15
N SER A 749 -3.94 -14.85 -24.56
CA SER A 749 -3.79 -13.45 -24.96
C SER A 749 -2.36 -12.96 -24.76
N SER A 750 -1.64 -13.54 -23.80
CA SER A 750 -0.25 -13.11 -23.55
C SER A 750 0.62 -13.36 -24.77
N VAL A 751 0.43 -14.51 -25.44
CA VAL A 751 1.13 -14.77 -26.69
C VAL A 751 0.71 -13.75 -27.75
N HIS A 752 -0.59 -13.48 -27.86
CA HIS A 752 -1.07 -12.54 -28.86
C HIS A 752 -0.46 -11.16 -28.64
N TYR A 753 -0.43 -10.70 -27.39
CA TYR A 753 0.11 -9.37 -27.12
C TYR A 753 1.59 -9.29 -27.48
N LEU A 754 2.37 -10.32 -27.11
CA LEU A 754 3.79 -10.29 -27.38
C LEU A 754 4.06 -10.32 -28.88
N LEU A 755 3.36 -11.20 -29.59
CA LEU A 755 3.51 -11.24 -31.05
C LEU A 755 3.14 -9.91 -31.67
N ASP A 756 2.06 -9.28 -31.18
CA ASP A 756 1.62 -8.02 -31.76
C ASP A 756 2.65 -6.92 -31.55
N VAL A 757 3.21 -6.82 -30.33
CA VAL A 757 4.18 -5.77 -30.07
C VAL A 757 5.44 -6.00 -30.89
N LEU A 758 5.89 -7.25 -30.97
CA LEU A 758 7.05 -7.55 -31.79
C LEU A 758 6.79 -7.21 -33.25
N ARG A 759 5.57 -7.49 -33.72
CA ARG A 759 5.22 -7.19 -35.11
C ARG A 759 5.25 -5.69 -35.36
N ARG A 760 4.69 -4.89 -34.45
CA ARG A 760 4.71 -3.44 -34.63
C ARG A 760 6.14 -2.92 -34.62
N VAL A 761 6.99 -3.44 -33.74
CA VAL A 761 8.38 -3.00 -33.72
C VAL A 761 9.05 -3.34 -35.05
N ALA A 762 8.79 -4.55 -35.56
CA ALA A 762 9.38 -4.94 -36.83
C ALA A 762 8.91 -4.05 -37.97
N ILE A 763 7.61 -3.71 -37.98
CA ILE A 763 7.07 -2.85 -39.03
C ILE A 763 7.74 -1.48 -38.98
N ASP A 764 7.87 -0.91 -37.78
CA ASP A 764 8.51 0.39 -37.66
C ASP A 764 9.95 0.33 -38.14
N LEU A 765 10.67 -0.73 -37.77
CA LEU A 765 12.07 -0.85 -38.18
C LEU A 765 12.18 -1.00 -39.70
N ASP A 766 11.29 -1.79 -40.30
CA ASP A 766 11.30 -1.93 -41.75
C ASP A 766 11.03 -0.60 -42.45
N ARG A 767 10.05 0.16 -41.94
CA ARG A 767 9.77 1.47 -42.51
C ARG A 767 10.98 2.39 -42.40
N SER A 768 11.65 2.38 -41.24
CA SER A 768 12.84 3.21 -41.08
C SER A 768 13.93 2.80 -42.05
N GLN A 769 14.14 1.48 -42.23
CA GLN A 769 15.15 1.02 -43.18
C GLN A 769 14.83 1.50 -44.59
N LYS A 770 13.57 1.34 -45.00
CA LYS A 770 13.20 1.78 -46.34
C LYS A 770 13.42 3.28 -46.51
N ALA A 771 13.01 4.07 -45.52
CA ALA A 771 13.21 5.51 -45.55
C ALA A 771 14.62 5.92 -45.13
N ALA A 772 15.42 4.99 -44.61
CA ALA A 772 16.77 5.34 -44.18
C ALA A 772 17.65 5.67 -45.38
N SER A 773 18.44 6.74 -45.25
CA SER A 773 19.41 7.11 -46.26
C SER A 773 20.70 6.31 -46.02
N GLY A 774 21.74 6.62 -46.78
CA GLY A 774 23.02 5.97 -46.56
C GLY A 774 23.57 6.23 -45.18
N ALA A 775 23.51 7.48 -44.72
CA ALA A 775 24.00 7.81 -43.39
C ALA A 775 23.19 7.09 -42.31
N ASP A 776 21.87 7.03 -42.47
CA ASP A 776 21.04 6.38 -41.47
C ASP A 776 21.30 4.87 -41.43
N LEU A 777 21.47 4.25 -42.59
CA LEU A 777 21.80 2.83 -42.63
C LEU A 777 23.16 2.58 -42.00
N ALA A 778 24.12 3.47 -42.26
CA ALA A 778 25.45 3.31 -41.66
C ALA A 778 25.39 3.44 -40.15
N LEU A 779 24.61 4.39 -39.64
CA LEU A 779 24.45 4.53 -38.20
C LEU A 779 23.79 3.32 -37.59
N HIS A 780 22.76 2.78 -38.26
CA HIS A 780 22.14 1.55 -37.78
C HIS A 780 23.13 0.40 -37.76
N ARG A 781 23.96 0.29 -38.80
CA ARG A 781 24.97 -0.76 -38.83
C ARG A 781 25.94 -0.61 -37.67
N ARG A 782 26.30 0.63 -37.34
CA ARG A 782 27.16 0.86 -36.18
C ARG A 782 26.45 0.40 -34.92
N HIS A 783 25.19 0.75 -34.76
CA HIS A 783 24.44 0.35 -33.58
C HIS A 783 24.44 -1.17 -33.42
N VAL A 784 24.16 -1.89 -34.51
CA VAL A 784 24.15 -3.36 -34.45
C VAL A 784 25.53 -3.88 -34.09
N GLU A 785 26.56 -3.34 -34.74
CA GLU A 785 27.92 -3.83 -34.55
C GLU A 785 28.33 -3.79 -33.08
N GLU A 786 28.12 -2.64 -32.42
CA GLU A 786 28.64 -2.49 -31.06
C GLU A 786 27.99 -3.46 -30.08
N ILE A 787 26.67 -3.59 -30.11
CA ILE A 787 26.02 -4.56 -29.23
C ILE A 787 26.35 -5.98 -29.66
N THR A 788 26.35 -6.24 -30.96
CA THR A 788 26.63 -7.57 -31.49
C THR A 788 28.14 -7.77 -31.60
N GLN A 789 28.54 -8.99 -31.94
CA GLN A 789 29.95 -9.26 -32.24
C GLN A 789 30.75 -8.98 -30.98
N ASP A 790 31.80 -8.17 -31.02
CA ASP A 790 32.67 -8.03 -29.87
C ASP A 790 31.90 -7.48 -28.67
N LEU A 791 32.15 -8.08 -27.51
CA LEU A 791 31.54 -7.70 -26.25
C LEU A 791 32.59 -7.92 -25.18
N PRO A 792 32.46 -7.27 -24.01
CA PRO A 792 33.47 -7.45 -22.98
C PRO A 792 33.54 -8.91 -22.55
N HIS A 793 34.76 -9.42 -22.38
CA HIS A 793 34.92 -10.83 -22.08
C HIS A 793 34.30 -11.17 -20.73
N LEU A 794 33.61 -12.30 -20.66
CA LEU A 794 33.01 -12.70 -19.39
C LEU A 794 34.11 -13.12 -18.42
N PRO A 795 34.23 -12.51 -17.25
CA PRO A 795 35.26 -12.93 -16.32
C PRO A 795 34.96 -14.29 -15.72
N ASP A 796 36.02 -15.02 -15.40
CA ASP A 796 35.91 -16.35 -14.82
C ASP A 796 36.48 -16.31 -13.41
N PHE A 797 36.12 -17.32 -12.62
CA PHE A 797 36.58 -17.37 -11.24
C PHE A 797 38.10 -17.38 -11.17
N SER A 798 38.64 -16.52 -10.32
CA SER A 798 40.07 -16.44 -10.09
C SER A 798 40.45 -17.32 -8.91
N GLU A 799 41.74 -17.64 -8.84
CA GLU A 799 42.23 -18.50 -7.78
C GLU A 799 42.11 -17.80 -6.42
N PHE A 800 41.62 -18.53 -5.42
CA PHE A 800 41.61 -18.02 -4.07
C PHE A 800 43.02 -17.59 -3.68
N ASP A 801 43.12 -16.61 -2.80
CA ASP A 801 44.43 -16.13 -2.38
C ASP A 801 45.15 -17.20 -1.57
N LEU A 802 46.48 -17.16 -1.62
CA LEU A 802 47.28 -18.16 -0.94
C LEU A 802 46.92 -18.24 0.54
N ALA A 803 46.86 -17.08 1.21
CA ALA A 803 46.57 -17.07 2.64
C ALA A 803 45.19 -17.62 2.95
N PHE A 804 44.32 -17.74 1.95
CA PHE A 804 42.99 -18.30 2.12
C PHE A 804 42.84 -19.64 1.40
N ARG A 805 43.93 -20.36 1.18
CA ARG A 805 43.89 -21.70 0.58
C ARG A 805 44.60 -22.67 1.50
N PRO A 806 43.88 -23.62 2.12
CA PRO A 806 44.55 -24.53 3.07
C PRO A 806 45.75 -25.25 2.48
N ASP A 807 45.69 -25.67 1.21
CA ASP A 807 46.83 -26.32 0.58
C ASP A 807 46.99 -25.79 -0.84
N ASP A 808 48.24 -25.52 -1.22
CA ASP A 808 48.52 -24.94 -2.53
C ASP A 808 48.11 -25.90 -3.65
N ALA A 809 48.32 -27.20 -3.46
CA ALA A 809 48.04 -28.16 -4.52
C ALA A 809 46.61 -28.07 -5.02
N SER A 810 45.67 -27.73 -4.14
CA SER A 810 44.27 -27.62 -4.51
C SER A 810 43.88 -26.15 -4.66
N SER A 811 42.69 -25.93 -5.24
CA SER A 811 42.23 -24.59 -5.56
C SER A 811 41.01 -24.18 -4.75
N PHE A 812 40.69 -24.91 -3.69
CA PHE A 812 39.67 -24.45 -2.76
C PHE A 812 40.30 -23.55 -1.71
N GLY A 813 39.46 -22.71 -1.09
CA GLY A 813 39.94 -21.76 -0.11
C GLY A 813 39.01 -21.70 1.08
N ASP A 814 39.52 -21.06 2.14
CA ASP A 814 38.71 -20.80 3.32
C ASP A 814 37.93 -19.52 3.08
N MET A 815 36.64 -19.65 2.85
CA MET A 815 35.81 -18.47 2.65
C MET A 815 35.30 -17.89 3.96
N ARG A 816 35.35 -18.67 5.04
CA ARG A 816 34.93 -18.15 6.34
C ARG A 816 36.01 -17.28 6.95
N SER A 817 37.27 -17.73 6.88
CA SER A 817 38.35 -16.92 7.44
C SER A 817 38.41 -15.58 6.71
N ALA A 818 38.30 -15.60 5.39
CA ALA A 818 38.28 -14.35 4.63
C ALA A 818 37.05 -13.53 4.95
N PHE A 819 35.92 -14.19 5.26
CA PHE A 819 34.70 -13.45 5.55
C PHE A 819 34.86 -12.57 6.79
N TYR A 820 35.33 -13.17 7.89
CA TYR A 820 35.53 -12.42 9.13
C TYR A 820 36.83 -11.64 9.16
N ALA A 821 37.83 -12.07 8.39
CA ALA A 821 39.09 -11.32 8.35
C ALA A 821 38.90 -9.94 7.75
N GLY A 822 37.79 -9.69 7.07
CA GLY A 822 37.46 -8.36 6.59
C GLY A 822 36.83 -7.45 7.62
N TYR A 823 36.36 -8.02 8.74
CA TYR A 823 35.79 -7.18 9.79
C TYR A 823 36.83 -6.23 10.38
N GLU A 824 38.11 -6.61 10.34
CA GLU A 824 39.18 -5.79 10.91
C GLU A 824 39.39 -4.56 10.03
N GLU A 825 38.87 -3.41 10.47
CA GLU A 825 39.00 -2.19 9.69
C GLU A 825 40.46 -1.86 9.40
N ALA A 826 41.37 -2.19 10.32
CA ALA A 826 42.78 -1.90 10.11
C ALA A 826 43.32 -2.65 8.88
N ASP A 827 42.93 -3.92 8.74
CA ASP A 827 43.41 -4.70 7.60
C ASP A 827 42.74 -4.27 6.30
N ARG A 828 41.45 -3.96 6.35
CA ARG A 828 40.71 -3.64 5.14
C ARG A 828 41.02 -2.23 4.66
N GLU A 829 40.89 -2.03 3.35
CA GLU A 829 41.06 -0.71 2.74
C GLU A 829 40.19 -0.66 1.51
N TYR A 830 39.89 0.56 1.07
CA TYR A 830 39.07 0.80 -0.11
C TYR A 830 39.96 1.29 -1.25
N VAL A 831 39.71 0.75 -2.45
CA VAL A 831 40.51 1.08 -3.62
C VAL A 831 39.58 1.43 -4.76
N GLN A 832 40.04 2.32 -5.64
CA GLN A 832 39.27 2.79 -6.78
C GLN A 832 39.62 2.00 -8.03
N ILE A 833 38.67 1.92 -8.95
CA ILE A 833 38.85 1.09 -10.14
C ILE A 833 40.04 1.57 -10.95
N GLY A 834 40.12 2.89 -11.18
CA GLY A 834 41.24 3.42 -11.94
C GLY A 834 42.57 3.11 -11.28
N LEU A 835 42.67 3.35 -9.98
CA LEU A 835 43.89 2.99 -9.27
C LEU A 835 44.02 1.47 -9.12
N ALA A 836 42.89 0.75 -9.11
CA ALA A 836 42.96 -0.71 -9.03
C ALA A 836 43.66 -1.30 -10.25
N GLY A 837 43.39 -0.74 -11.43
CA GLY A 837 44.08 -1.22 -12.62
C GLY A 837 45.59 -1.05 -12.52
N ARG A 838 46.04 0.13 -12.08
CA ARG A 838 47.47 0.35 -11.92
C ARG A 838 48.05 -0.58 -10.87
N ARG A 839 47.33 -0.76 -9.76
CA ARG A 839 47.82 -1.64 -8.70
C ARG A 839 48.00 -3.06 -9.21
N LEU A 840 47.03 -3.56 -9.97
CA LEU A 840 47.18 -4.87 -10.58
C LEU A 840 48.39 -4.90 -11.52
N ALA A 841 48.54 -3.83 -12.34
CA ALA A 841 49.71 -3.73 -13.20
C ALA A 841 50.99 -3.54 -12.42
N GLU A 842 50.90 -3.11 -11.16
CA GLU A 842 52.06 -2.90 -10.31
C GLU A 842 52.42 -4.12 -9.47
N GLY A 843 51.70 -5.23 -9.64
CA GLY A 843 51.99 -6.45 -8.92
C GLY A 843 51.36 -6.56 -7.55
N LYS A 844 50.59 -5.58 -7.11
CA LYS A 844 49.91 -5.66 -5.82
C LYS A 844 48.65 -6.50 -5.96
N THR A 845 48.56 -7.57 -5.17
CA THR A 845 47.40 -8.44 -5.20
C THR A 845 46.19 -7.73 -4.59
N LEU A 846 45.10 -7.66 -5.35
CA LEU A 846 43.84 -7.08 -4.88
C LEU A 846 42.90 -8.22 -4.50
N VAL A 847 42.87 -8.53 -3.21
CA VAL A 847 42.02 -9.60 -2.68
C VAL A 847 40.76 -8.98 -2.11
N SER A 848 39.61 -9.47 -2.56
CA SER A 848 38.34 -8.96 -2.06
C SER A 848 38.16 -9.33 -0.59
N THR A 849 37.28 -8.59 0.09
CA THR A 849 37.00 -8.80 1.49
C THR A 849 35.53 -9.14 1.76
N THR A 850 34.69 -9.15 0.74
CA THR A 850 33.27 -9.39 0.94
C THR A 850 32.64 -9.81 -0.37
N PHE A 851 31.42 -10.32 -0.29
CA PHE A 851 30.66 -10.67 -1.49
C PHE A 851 30.28 -9.41 -2.26
N VAL A 852 30.32 -9.51 -3.58
CA VAL A 852 29.82 -8.46 -4.47
C VAL A 852 28.77 -9.12 -5.37
N VAL A 853 27.54 -8.65 -5.30
CA VAL A 853 26.41 -9.32 -5.94
C VAL A 853 25.69 -8.34 -6.85
N PRO A 854 26.04 -8.25 -8.13
CA PRO A 854 25.31 -7.37 -9.05
C PRO A 854 23.88 -7.83 -9.29
N TYR A 855 23.21 -7.17 -10.23
CA TYR A 855 21.78 -7.38 -10.45
C TYR A 855 21.36 -8.84 -10.58
N PRO A 856 22.01 -9.67 -11.40
CA PRO A 856 21.54 -11.05 -11.57
C PRO A 856 21.46 -11.76 -10.23
N PRO A 857 20.42 -12.56 -9.99
CA PRO A 857 20.25 -13.17 -8.67
C PRO A 857 21.49 -13.96 -8.26
N GLY A 858 21.97 -13.70 -7.05
CA GLY A 858 23.19 -14.35 -6.61
C GLY A 858 24.31 -14.07 -7.59
N PHE A 859 25.04 -15.12 -7.95
CA PHE A 859 26.20 -14.99 -8.82
C PHE A 859 27.11 -13.88 -8.32
N PRO A 860 27.72 -14.05 -7.15
CA PRO A 860 28.65 -13.02 -6.65
C PRO A 860 29.91 -12.98 -7.50
N VAL A 861 30.14 -11.85 -8.16
CA VAL A 861 31.33 -11.71 -8.99
C VAL A 861 32.59 -11.93 -8.15
N LEU A 862 32.59 -11.42 -6.93
CA LEU A 862 33.69 -11.58 -6.00
C LEU A 862 33.17 -12.15 -4.69
N VAL A 863 33.92 -13.09 -4.12
CA VAL A 863 33.57 -13.70 -2.84
C VAL A 863 34.73 -13.50 -1.89
N PRO A 864 34.48 -13.54 -0.58
CA PRO A 864 35.54 -13.23 0.39
C PRO A 864 36.82 -14.01 0.14
N GLY A 865 37.92 -13.29 -0.06
CA GLY A 865 39.22 -13.90 -0.30
C GLY A 865 39.54 -14.12 -1.76
N GLN A 866 38.61 -13.90 -2.67
CA GLN A 866 38.90 -14.09 -4.09
C GLN A 866 39.92 -13.06 -4.56
N LEU A 867 40.65 -13.41 -5.60
CA LEU A 867 41.68 -12.56 -6.16
C LEU A 867 41.10 -11.77 -7.33
N VAL A 868 41.11 -10.44 -7.22
CA VAL A 868 40.60 -9.60 -8.30
C VAL A 868 41.58 -9.66 -9.47
N SER A 869 41.04 -9.86 -10.67
CA SER A 869 41.82 -10.00 -11.88
C SER A 869 41.41 -8.93 -12.88
N LYS A 870 42.24 -8.78 -13.93
CA LYS A 870 41.97 -7.76 -14.95
C LYS A 870 40.55 -7.90 -15.48
N GLU A 871 40.09 -9.13 -15.70
CA GLU A 871 38.74 -9.34 -16.19
C GLU A 871 37.72 -8.83 -15.18
N ILE A 872 37.97 -9.08 -13.89
CA ILE A 872 37.03 -8.64 -12.85
C ILE A 872 36.96 -7.13 -12.80
N ILE A 873 38.11 -6.46 -12.86
CA ILE A 873 38.12 -4.99 -12.84
C ILE A 873 37.37 -4.46 -14.05
N TYR A 874 37.65 -5.02 -15.22
CA TYR A 874 37.02 -4.56 -16.45
C TYR A 874 35.50 -4.74 -16.40
N PHE A 875 35.03 -5.90 -15.91
CA PHE A 875 33.59 -6.15 -15.89
C PHE A 875 32.89 -5.11 -15.02
N LEU A 876 33.46 -4.84 -13.84
CA LEU A 876 32.83 -3.88 -12.93
C LEU A 876 32.81 -2.47 -13.48
N ALA A 877 33.89 -2.06 -14.16
CA ALA A 877 33.95 -0.70 -14.71
C ALA A 877 32.83 -0.48 -15.73
N GLN A 878 32.57 -1.50 -16.57
CA GLN A 878 31.55 -1.37 -17.60
C GLN A 878 30.14 -1.38 -17.04
N LEU A 879 29.93 -1.80 -15.79
CA LEU A 879 28.58 -1.88 -15.25
C LEU A 879 27.92 -0.52 -15.11
N ASP A 880 26.59 -0.57 -15.10
CA ASP A 880 25.71 0.58 -14.91
C ASP A 880 24.66 0.36 -13.86
N VAL A 881 24.32 -0.90 -13.54
CA VAL A 881 23.29 -1.18 -12.54
C VAL A 881 23.80 -0.74 -11.17
N LYS A 882 22.95 -0.04 -10.43
CA LYS A 882 23.31 0.47 -9.11
C LYS A 882 22.96 -0.50 -7.98
N GLU A 883 22.38 -1.66 -8.30
CA GLU A 883 22.03 -2.65 -7.28
C GLU A 883 23.18 -3.66 -7.14
N ILE A 884 24.29 -3.17 -6.61
CA ILE A 884 25.49 -3.98 -6.41
C ILE A 884 25.73 -4.04 -4.92
N HIS A 885 25.26 -5.12 -4.28
CA HIS A 885 25.52 -5.31 -2.86
C HIS A 885 27.01 -5.43 -2.61
N GLY A 886 27.48 -4.84 -1.51
CA GLY A 886 28.88 -4.92 -1.16
C GLY A 886 29.79 -4.07 -2.00
N TYR A 887 29.25 -3.18 -2.82
CA TYR A 887 30.06 -2.29 -3.65
C TYR A 887 29.58 -0.86 -3.46
N ASN A 888 30.54 0.07 -3.37
CA ASN A 888 30.27 1.49 -3.20
C ASN A 888 30.92 2.22 -4.37
N PRO A 889 30.21 2.42 -5.48
CA PRO A 889 30.87 2.97 -6.68
C PRO A 889 31.56 4.29 -6.42
N ASP A 890 30.96 5.17 -5.60
CA ASP A 890 31.57 6.47 -5.36
C ASP A 890 32.89 6.34 -4.61
N LEU A 891 32.96 5.42 -3.64
CA LEU A 891 34.14 5.32 -2.78
C LEU A 891 35.14 4.30 -3.31
N GLY A 892 34.69 3.07 -3.54
CA GLY A 892 35.57 2.03 -4.05
C GLY A 892 35.07 0.66 -3.64
N LEU A 893 35.95 -0.33 -3.78
CA LEU A 893 35.67 -1.70 -3.39
C LEU A 893 36.67 -2.13 -2.33
N SER A 894 36.17 -2.77 -1.28
CA SER A 894 37.04 -3.17 -0.17
C SER A 894 37.99 -4.27 -0.59
N VAL A 895 39.28 -4.08 -0.27
CA VAL A 895 40.32 -5.04 -0.61
C VAL A 895 41.28 -5.14 0.57
N PHE A 896 41.72 -6.36 0.89
CA PHE A 896 42.68 -6.55 1.96
C PHE A 896 43.96 -5.78 1.69
N THR A 897 44.49 -5.17 2.73
CA THR A 897 45.74 -4.43 2.61
C THR A 897 46.91 -5.39 2.40
N GLN A 898 48.01 -4.85 1.86
CA GLN A 898 49.18 -5.68 1.59
C GLN A 898 49.71 -6.30 2.87
N ALA A 899 49.80 -5.50 3.94
CA ALA A 899 50.35 -6.01 5.19
C ALA A 899 49.47 -7.12 5.76
N ALA A 900 48.15 -6.95 5.72
CA ALA A 900 47.27 -7.98 6.26
C ALA A 900 47.40 -9.28 5.49
N LEU A 901 47.44 -9.19 4.15
CA LEU A 901 47.58 -10.40 3.35
C LEU A 901 48.91 -11.08 3.63
N ALA A 902 49.99 -10.31 3.74
CA ALA A 902 51.28 -10.90 4.06
C ALA A 902 51.25 -11.57 5.42
N ARG A 903 50.59 -10.95 6.40
CA ARG A 903 50.52 -11.52 7.74
C ARG A 903 49.76 -12.84 7.73
N MET A 904 48.60 -12.87 7.05
CA MET A 904 47.82 -14.09 7.01
C MET A 904 48.55 -15.19 6.26
N GLU A 905 49.23 -14.84 5.16
CA GLU A 905 49.99 -15.85 4.41
C GLU A 905 51.13 -16.40 5.27
N ALA A 906 51.82 -15.53 6.01
CA ALA A 906 52.88 -15.99 6.89
C ALA A 906 52.34 -16.91 7.97
N ALA A 907 51.19 -16.56 8.55
CA ALA A 907 50.57 -17.42 9.55
C ALA A 907 50.21 -18.78 8.97
N ARG A 908 49.65 -18.79 7.76
CA ARG A 908 49.30 -20.06 7.12
C ARG A 908 50.53 -20.90 6.86
N ASN A 909 51.60 -20.27 6.37
CA ASN A 909 52.84 -21.01 6.11
C ASN A 909 53.42 -21.58 7.40
N ALA A 910 53.38 -20.79 8.48
CA ALA A 910 53.87 -21.29 9.77
C ALA A 910 53.01 -22.46 10.26
N VAL A 911 51.69 -22.37 10.08
CA VAL A 911 50.80 -23.45 10.49
C VAL A 911 51.13 -24.72 9.71
N ALA A 912 51.34 -24.60 8.40
CA ALA A 912 51.69 -25.77 7.60
C ALA A 912 53.05 -26.33 8.02
N THR A 913 54.01 -25.45 8.31
CA THR A 913 55.35 -25.90 8.71
C THR A 913 55.32 -26.60 10.05
N VAL A 914 54.46 -26.17 10.98
CA VAL A 914 54.41 -26.78 12.30
C VAL A 914 54.08 -28.26 12.19
N GLY A 915 53.18 -28.63 11.28
CA GLY A 915 52.85 -30.03 11.10
C GLY A 915 54.05 -30.85 10.66
N ALA A 916 54.86 -30.30 9.75
CA ALA A 916 56.04 -31.00 9.28
C ALA A 916 57.10 -31.13 10.36
N ALA A 917 57.13 -30.20 11.31
CA ALA A 917 58.12 -30.21 12.38
C ALA A 917 58.04 -31.50 13.19
N ILE B 357 -35.88 7.68 3.98
CA ILE B 357 -34.61 8.23 3.43
C ILE B 357 -34.66 9.76 3.54
N LYS B 358 -35.73 10.35 3.02
CA LYS B 358 -35.97 11.77 3.23
C LYS B 358 -36.19 12.04 4.71
N THR B 359 -36.90 11.13 5.39
CA THR B 359 -37.10 11.27 6.83
C THR B 359 -35.76 11.22 7.54
N ALA B 360 -34.87 10.32 7.10
CA ALA B 360 -33.53 10.26 7.69
C ALA B 360 -32.78 11.56 7.46
N MET B 361 -32.91 12.15 6.27
CA MET B 361 -32.22 13.41 6.00
C MET B 361 -32.74 14.47 6.96
N ASP B 362 -34.05 14.44 7.22
CA ASP B 362 -34.65 15.35 8.20
C ASP B 362 -34.03 15.12 9.58
N LYS B 363 -33.79 13.86 9.93
CA LYS B 363 -33.14 13.57 11.22
C LYS B 363 -31.75 14.18 11.25
N ALA B 364 -31.02 14.10 10.14
CA ALA B 364 -29.69 14.71 10.07
C ALA B 364 -29.80 16.24 10.23
N ALA B 365 -30.82 16.82 9.60
CA ALA B 365 -31.04 18.27 9.73
C ALA B 365 -31.32 18.63 11.18
N VAL B 366 -32.09 17.78 11.88
CA VAL B 366 -32.34 18.00 13.30
C VAL B 366 -31.02 17.92 14.06
N THR B 367 -30.16 16.98 13.67
CA THR B 367 -28.89 16.80 14.37
C THR B 367 -28.06 18.06 14.25
N TRP B 368 -28.03 18.67 13.06
CA TRP B 368 -27.26 19.87 12.82
C TRP B 368 -28.09 21.14 12.93
N ASN B 369 -29.36 21.02 13.28
CA ASN B 369 -30.26 22.17 13.47
C ASN B 369 -30.30 23.04 12.21
N ALA B 370 -30.33 22.39 11.06
CA ALA B 370 -30.49 23.05 9.77
C ALA B 370 -31.90 22.80 9.27
N ASN B 371 -32.23 23.40 8.12
CA ASN B 371 -33.53 23.14 7.52
C ASN B 371 -33.44 21.97 6.54
N GLN B 372 -32.46 22.00 5.65
CA GLN B 372 -32.18 20.89 4.76
C GLN B 372 -30.68 20.72 4.65
N THR B 373 -30.20 19.50 4.88
CA THR B 373 -28.78 19.19 4.83
C THR B 373 -28.53 18.27 3.64
N TYR B 374 -27.61 18.68 2.76
CA TYR B 374 -27.29 17.91 1.56
C TYR B 374 -25.87 17.39 1.67
N PHE B 375 -25.70 16.10 1.35
CA PHE B 375 -24.41 15.44 1.45
C PHE B 375 -23.75 15.38 0.08
N VAL B 376 -22.52 15.85 0.01
CA VAL B 376 -21.71 15.81 -1.21
C VAL B 376 -20.61 14.79 -0.99
N THR B 377 -20.62 13.73 -1.79
CA THR B 377 -19.70 12.61 -1.60
C THR B 377 -18.47 12.71 -2.49
N ASN B 378 -17.99 13.93 -2.75
CA ASN B 378 -16.85 14.14 -3.62
C ASN B 378 -15.90 15.16 -3.01
N GLY B 379 -15.76 15.15 -1.69
CA GLY B 379 -14.90 16.09 -1.00
C GLY B 379 -15.61 17.37 -0.61
N THR B 380 -14.91 18.16 0.22
CA THR B 380 -15.46 19.44 0.65
C THR B 380 -15.36 20.52 -0.43
N SER B 381 -14.32 20.46 -1.27
CA SER B 381 -14.17 21.46 -2.32
C SER B 381 -15.34 21.39 -3.29
N THR B 382 -15.83 20.19 -3.58
CA THR B 382 -16.98 20.05 -4.46
C THR B 382 -18.20 20.76 -3.88
N ALA B 383 -18.44 20.58 -2.58
CA ALA B 383 -19.59 21.24 -1.96
C ALA B 383 -19.42 22.75 -1.93
N ASN B 384 -18.20 23.21 -1.64
CA ASN B 384 -17.93 24.65 -1.70
C ASN B 384 -18.28 25.21 -3.06
N LYS B 385 -17.78 24.58 -4.12
CA LYS B 385 -18.05 25.08 -5.48
C LYS B 385 -19.53 24.96 -5.80
N ILE B 386 -20.20 23.92 -5.32
CA ILE B 386 -21.63 23.76 -5.55
C ILE B 386 -22.38 24.96 -4.99
N VAL B 387 -22.11 25.30 -3.73
CA VAL B 387 -22.80 26.44 -3.11
C VAL B 387 -22.45 27.74 -3.83
N VAL B 388 -21.17 27.94 -4.14
CA VAL B 388 -20.76 29.16 -4.80
C VAL B 388 -21.51 29.33 -6.11
N GLN B 389 -21.61 28.26 -6.91
CA GLN B 389 -22.30 28.33 -8.18
C GLN B 389 -23.80 28.55 -7.98
N ALA B 390 -24.40 27.86 -7.02
CA ALA B 390 -25.84 27.98 -6.80
C ALA B 390 -26.21 29.40 -6.43
N LEU B 391 -25.37 30.07 -5.63
CA LEU B 391 -25.72 31.38 -5.11
C LEU B 391 -25.29 32.52 -6.04
N THR B 392 -24.03 32.51 -6.48
CA THR B 392 -23.49 33.63 -7.23
C THR B 392 -23.75 33.46 -8.72
N ARG B 393 -23.98 34.58 -9.39
CA ARG B 393 -24.12 34.62 -10.85
C ARG B 393 -22.99 35.48 -11.39
N PRO B 394 -22.81 35.55 -12.70
CA PRO B 394 -21.78 36.44 -13.24
C PRO B 394 -22.08 37.88 -12.84
N GLY B 395 -21.02 38.63 -12.54
CA GLY B 395 -21.13 40.00 -12.09
C GLY B 395 -21.35 40.16 -10.60
N ASP B 396 -22.22 39.34 -10.02
CA ASP B 396 -22.61 39.51 -8.62
C ASP B 396 -21.41 39.49 -7.70
N ILE B 397 -21.09 40.64 -7.10
CA ILE B 397 -19.91 40.74 -6.24
C ILE B 397 -20.05 39.78 -5.07
N VAL B 398 -18.92 39.31 -4.55
CA VAL B 398 -18.88 38.41 -3.41
C VAL B 398 -17.71 38.83 -2.52
N LEU B 399 -18.01 39.26 -1.31
CA LEU B 399 -16.97 39.43 -0.29
C LEU B 399 -16.46 38.08 0.16
N ILE B 400 -15.18 38.03 0.53
CA ILE B 400 -14.54 36.77 0.86
C ILE B 400 -13.27 37.05 1.65
N ASP B 401 -13.03 36.24 2.68
CA ASP B 401 -11.79 36.32 3.43
C ASP B 401 -10.66 35.73 2.59
N ARG B 402 -9.57 36.50 2.44
CA ARG B 402 -8.52 36.07 1.53
C ARG B 402 -7.91 34.74 1.94
N ASN B 403 -8.05 34.33 3.19
CA ASN B 403 -7.47 33.07 3.65
C ASN B 403 -8.37 31.87 3.36
N CYS B 404 -9.55 32.07 2.78
CA CYS B 404 -10.48 30.97 2.59
C CYS B 404 -9.82 29.87 1.75
N HIS B 405 -10.42 28.69 1.81
CA HIS B 405 -9.94 27.57 1.01
C HIS B 405 -9.97 27.93 -0.47
N LYS B 406 -8.88 27.58 -1.16
CA LYS B 406 -8.72 27.97 -2.57
C LYS B 406 -9.85 27.43 -3.43
N SER B 407 -10.53 26.37 -2.99
CA SER B 407 -11.70 25.88 -3.71
C SER B 407 -12.72 27.00 -3.91
N HIS B 408 -12.85 27.91 -2.94
CA HIS B 408 -13.78 29.02 -3.08
C HIS B 408 -13.32 29.98 -4.16
N HIS B 409 -12.02 30.25 -4.24
CA HIS B 409 -11.52 31.12 -5.29
C HIS B 409 -11.81 30.52 -6.66
N TYR B 410 -11.58 29.21 -6.80
CA TYR B 410 -11.86 28.58 -8.09
C TYR B 410 -13.35 28.58 -8.39
N GLY B 411 -14.19 28.39 -7.39
CA GLY B 411 -15.62 28.48 -7.61
C GLY B 411 -16.05 29.87 -8.08
N LEU B 412 -15.46 30.91 -7.49
CA LEU B 412 -15.76 32.26 -7.94
C LEU B 412 -15.33 32.46 -9.39
N VAL B 413 -14.14 31.95 -9.74
CA VAL B 413 -13.67 32.08 -11.12
C VAL B 413 -14.62 31.37 -12.07
N LEU B 414 -15.06 30.16 -11.71
CA LEU B 414 -15.98 29.44 -12.56
C LEU B 414 -17.29 30.19 -12.73
N ALA B 415 -17.83 30.74 -11.65
CA ALA B 415 -19.10 31.43 -11.71
C ALA B 415 -18.97 32.89 -12.13
N GLY B 416 -17.76 33.37 -12.40
CA GLY B 416 -17.58 34.72 -12.92
C GLY B 416 -17.83 35.82 -11.92
N ALA B 417 -17.96 35.49 -10.64
CA ALA B 417 -18.23 36.50 -9.63
C ALA B 417 -17.06 37.47 -9.49
N TYR B 418 -17.39 38.70 -9.11
CA TYR B 418 -16.41 39.75 -8.87
C TYR B 418 -16.02 39.74 -7.39
N PRO B 419 -14.88 39.17 -7.01
CA PRO B 419 -14.61 38.98 -5.58
C PRO B 419 -14.00 40.24 -4.96
N MET B 420 -14.54 40.63 -3.80
CA MET B 420 -13.97 41.69 -2.99
C MET B 420 -13.24 41.02 -1.83
N TYR B 421 -11.92 41.18 -1.79
CA TYR B 421 -11.07 40.43 -0.88
C TYR B 421 -10.95 41.18 0.45
N LEU B 422 -11.51 40.59 1.50
CA LEU B 422 -11.36 41.12 2.84
C LEU B 422 -10.13 40.50 3.50
N ASP B 423 -9.36 41.33 4.18
CA ASP B 423 -8.11 40.91 4.78
C ASP B 423 -8.25 40.82 6.30
N ALA B 424 -7.53 39.87 6.87
CA ALA B 424 -7.56 39.63 8.31
C ALA B 424 -6.48 40.43 9.01
N TYR B 425 -6.68 40.67 10.30
CA TYR B 425 -5.72 41.45 11.06
C TYR B 425 -4.45 40.62 11.26
N PRO B 426 -3.27 41.18 11.04
CA PRO B 426 -2.04 40.38 11.14
C PRO B 426 -1.64 40.15 12.59
N LEU B 427 -0.75 39.17 12.76
CA LEU B 427 -0.09 38.91 14.03
C LEU B 427 1.40 38.78 13.74
N PRO B 428 2.11 39.91 13.59
CA PRO B 428 3.52 39.82 13.21
C PRO B 428 4.37 39.02 14.19
N GLN B 429 4.04 39.05 15.48
CA GLN B 429 4.84 38.34 16.46
C GLN B 429 4.87 36.83 16.17
N TYR B 430 3.71 36.27 15.82
CA TYR B 430 3.60 34.84 15.56
C TYR B 430 3.50 34.52 14.07
N ALA B 431 3.48 35.53 13.20
CA ALA B 431 3.45 35.34 11.76
C ALA B 431 2.28 34.46 11.34
N ILE B 432 1.07 34.92 11.68
CA ILE B 432 -0.17 34.27 11.27
C ILE B 432 -1.22 35.36 11.04
N TYR B 433 -2.33 34.97 10.41
CA TYR B 433 -3.47 35.85 10.18
C TYR B 433 -4.61 35.41 11.08
N GLY B 434 -5.13 36.33 11.88
CA GLY B 434 -6.18 35.99 12.82
C GLY B 434 -7.54 35.82 12.18
N ALA B 435 -8.11 36.92 11.70
CA ALA B 435 -9.47 36.95 11.17
C ALA B 435 -9.74 38.36 10.68
N VAL B 436 -10.87 38.53 9.99
CA VAL B 436 -11.28 39.83 9.47
C VAL B 436 -12.21 40.48 10.50
N PRO B 437 -11.89 41.67 11.01
CA PRO B 437 -12.76 42.28 12.01
C PRO B 437 -14.03 42.86 11.40
N LEU B 438 -15.12 42.75 12.14
CA LEU B 438 -16.41 43.17 11.63
C LEU B 438 -16.38 44.60 11.12
N ARG B 439 -15.60 45.46 11.77
CA ARG B 439 -15.46 46.84 11.30
C ARG B 439 -14.96 46.87 9.86
N THR B 440 -14.05 45.97 9.50
CA THR B 440 -13.56 45.93 8.13
C THR B 440 -14.67 45.55 7.15
N ILE B 441 -15.48 44.56 7.52
CA ILE B 441 -16.59 44.15 6.66
C ILE B 441 -17.55 45.31 6.43
N LYS B 442 -17.91 46.00 7.50
CA LYS B 442 -18.81 47.14 7.36
C LYS B 442 -18.17 48.25 6.54
N GLN B 443 -16.88 48.50 6.75
CA GLN B 443 -16.20 49.55 6.00
C GLN B 443 -16.21 49.23 4.51
N ALA B 444 -16.01 47.96 4.15
CA ALA B 444 -16.07 47.59 2.73
C ALA B 444 -17.50 47.73 2.19
N LEU B 445 -18.48 47.21 2.92
CA LEU B 445 -19.86 47.29 2.46
C LEU B 445 -20.31 48.73 2.28
N LEU B 446 -19.72 49.67 3.03
CA LEU B 446 -20.06 51.07 2.87
C LEU B 446 -19.22 51.78 1.83
N ASP B 447 -17.96 51.35 1.65
CA ASP B 447 -17.14 51.90 0.58
C ASP B 447 -17.71 51.56 -0.78
N LEU B 448 -18.34 50.38 -0.90
CA LEU B 448 -19.07 50.08 -2.12
C LEU B 448 -20.23 51.04 -2.32
N GLU B 449 -20.97 51.34 -1.25
CA GLU B 449 -22.16 52.17 -1.37
C GLU B 449 -21.84 53.52 -1.99
N ALA B 450 -20.65 54.06 -1.72
CA ALA B 450 -20.26 55.33 -2.32
C ALA B 450 -20.22 55.24 -3.84
N ALA B 451 -19.69 54.14 -4.37
CA ALA B 451 -19.64 53.94 -5.81
C ALA B 451 -20.93 53.38 -6.38
N GLY B 452 -21.90 53.03 -5.54
CA GLY B 452 -23.18 52.56 -6.04
C GLY B 452 -23.22 51.09 -6.37
N GLN B 453 -22.15 50.35 -6.08
CA GLN B 453 -22.06 48.93 -6.42
C GLN B 453 -22.67 48.03 -5.34
N LEU B 454 -23.24 48.61 -4.28
CA LEU B 454 -23.67 47.80 -3.15
C LEU B 454 -24.77 46.83 -3.53
N HIS B 455 -25.66 47.21 -4.44
CA HIS B 455 -26.72 46.28 -4.85
C HIS B 455 -26.15 44.96 -5.37
N ARG B 456 -24.97 45.00 -6.00
CA ARG B 456 -24.42 43.80 -6.63
C ARG B 456 -24.06 42.70 -5.62
N VAL B 457 -23.54 43.06 -4.44
CA VAL B 457 -22.96 42.06 -3.55
C VAL B 457 -24.01 41.02 -3.19
N ARG B 458 -23.63 39.74 -3.25
CA ARG B 458 -24.52 38.66 -2.87
C ARG B 458 -24.01 37.70 -1.79
N MET B 459 -22.69 37.52 -1.61
CA MET B 459 -22.19 36.61 -0.60
C MET B 459 -21.08 37.23 0.25
N LEU B 460 -21.26 37.22 1.57
CA LEU B 460 -20.17 37.57 2.48
C LEU B 460 -19.07 36.49 2.47
N LEU B 461 -19.46 35.21 2.48
CA LEU B 461 -18.54 34.08 2.33
C LEU B 461 -17.35 34.14 3.30
N LEU B 462 -17.64 34.25 4.58
CA LEU B 462 -16.61 34.15 5.62
C LEU B 462 -16.37 32.70 6.06
N THR B 463 -15.13 32.42 6.44
CA THR B 463 -14.81 31.19 7.15
C THR B 463 -15.28 31.30 8.59
N ASN B 464 -15.64 30.17 9.19
CA ASN B 464 -16.20 30.21 10.54
C ASN B 464 -15.16 30.00 11.62
N CYS B 465 -14.08 29.27 11.32
CA CYS B 465 -12.98 29.09 12.27
C CYS B 465 -11.69 29.06 11.46
N THR B 466 -10.91 30.13 11.54
CA THR B 466 -9.75 30.22 10.67
C THR B 466 -8.79 29.08 10.98
N PHE B 467 -7.70 28.98 10.21
CA PHE B 467 -6.81 27.84 10.36
C PHE B 467 -6.21 27.79 11.75
N ASP B 468 -5.82 28.95 12.29
CA ASP B 468 -5.08 28.99 13.54
C ASP B 468 -5.96 28.71 14.75
N GLY B 469 -7.25 29.04 14.68
CA GLY B 469 -8.16 28.70 15.76
C GLY B 469 -9.17 29.78 16.07
N VAL B 470 -8.88 31.03 15.66
CA VAL B 470 -9.78 32.13 15.96
C VAL B 470 -11.17 31.81 15.45
N VAL B 471 -12.18 32.17 16.23
CA VAL B 471 -13.57 31.84 15.94
C VAL B 471 -14.34 33.12 15.76
N TYR B 472 -15.08 33.21 14.66
CA TYR B 472 -15.96 34.35 14.42
C TYR B 472 -17.20 34.25 15.30
N ASN B 473 -17.99 35.33 15.31
CA ASN B 473 -19.29 35.34 15.96
C ASN B 473 -20.34 35.46 14.87
N PRO B 474 -20.88 34.35 14.36
CA PRO B 474 -21.80 34.46 13.23
C PRO B 474 -23.02 35.32 13.51
N ARG B 475 -23.64 35.20 14.68
CA ARG B 475 -24.87 35.94 14.92
C ARG B 475 -24.62 37.44 14.82
N ARG B 476 -23.55 37.92 15.43
CA ARG B 476 -23.30 39.36 15.44
C ARG B 476 -22.95 39.88 14.05
N VAL B 477 -22.12 39.14 13.32
CA VAL B 477 -21.71 39.60 11.99
C VAL B 477 -22.89 39.59 11.03
N MET B 478 -23.74 38.56 11.09
CA MET B 478 -24.94 38.57 10.26
C MET B 478 -25.88 39.70 10.66
N GLU B 479 -26.06 39.94 11.96
CA GLU B 479 -26.91 41.05 12.38
C GLU B 479 -26.37 42.37 11.84
N GLU B 480 -25.06 42.58 11.92
CA GLU B 480 -24.48 43.87 11.54
C GLU B 480 -24.30 44.01 10.03
N VAL B 481 -24.38 42.92 9.28
CA VAL B 481 -24.32 43.04 7.82
C VAL B 481 -25.72 43.12 7.21
N LEU B 482 -26.70 42.41 7.79
CA LEU B 482 -28.07 42.50 7.30
C LEU B 482 -28.67 43.87 7.50
N ALA B 483 -28.05 44.73 8.29
CA ALA B 483 -28.53 46.10 8.41
C ALA B 483 -28.21 46.89 7.15
N ILE B 484 -27.03 46.66 6.57
CA ILE B 484 -26.66 47.35 5.34
C ILE B 484 -27.28 46.67 4.12
N LYS B 485 -27.26 45.34 4.07
CA LYS B 485 -27.75 44.57 2.93
C LYS B 485 -28.72 43.52 3.41
N PRO B 486 -30.01 43.86 3.54
CA PRO B 486 -30.95 42.91 4.16
C PRO B 486 -31.31 41.70 3.30
N ASP B 487 -30.60 41.50 2.19
CA ASP B 487 -30.85 40.33 1.33
C ASP B 487 -29.56 39.60 0.98
N ILE B 488 -28.47 39.88 1.68
CA ILE B 488 -27.17 39.26 1.39
C ILE B 488 -27.26 37.78 1.74
N CYS B 489 -26.25 37.01 1.34
CA CYS B 489 -26.17 35.60 1.66
C CYS B 489 -24.82 35.33 2.33
N PHE B 490 -24.78 34.27 3.13
CA PHE B 490 -23.58 33.91 3.88
C PHE B 490 -23.24 32.45 3.63
N LEU B 491 -22.01 32.19 3.24
CA LEU B 491 -21.46 30.84 3.14
C LEU B 491 -20.38 30.72 4.20
N TRP B 492 -20.60 29.85 5.19
CA TRP B 492 -19.68 29.66 6.30
C TRP B 492 -18.86 28.40 6.06
N ASP B 493 -17.58 28.57 5.80
CA ASP B 493 -16.66 27.44 5.62
C ASP B 493 -16.31 26.88 7.00
N GLU B 494 -16.97 25.78 7.37
CA GLU B 494 -16.84 25.18 8.69
C GLU B 494 -15.92 23.96 8.69
N ALA B 495 -15.07 23.83 7.67
CA ALA B 495 -14.09 22.75 7.62
C ALA B 495 -13.39 22.54 8.96
N TRP B 496 -12.89 23.61 9.55
CA TRP B 496 -12.10 23.53 10.78
C TRP B 496 -12.94 23.63 12.04
N TYR B 497 -14.27 23.55 11.92
CA TYR B 497 -15.16 23.74 13.06
C TYR B 497 -16.34 22.77 13.05
N ALA B 498 -16.31 21.74 12.20
CA ALA B 498 -17.43 20.81 12.15
C ALA B 498 -17.65 20.11 13.49
N PHE B 499 -16.57 19.72 14.16
CA PHE B 499 -16.69 19.04 15.44
C PHE B 499 -17.37 19.91 16.48
N ALA B 500 -17.16 21.22 16.44
CA ALA B 500 -17.55 22.11 17.53
C ALA B 500 -19.05 22.42 17.49
N THR B 501 -19.85 21.34 17.50
CA THR B 501 -21.28 21.45 17.70
C THR B 501 -21.79 20.67 18.91
N ALA B 502 -20.99 19.76 19.46
CA ALA B 502 -21.43 19.00 20.63
C ALA B 502 -21.30 19.82 21.91
N VAL B 503 -20.27 20.65 22.03
CA VAL B 503 -20.02 21.42 23.25
C VAL B 503 -20.97 22.62 23.28
N PRO B 504 -21.83 22.73 24.30
CA PRO B 504 -22.80 23.85 24.30
C PRO B 504 -22.15 25.22 24.23
N TRP B 505 -21.01 25.41 24.89
CA TRP B 505 -20.40 26.74 24.94
C TRP B 505 -19.82 27.17 23.60
N ALA B 506 -19.73 26.27 22.62
CA ALA B 506 -19.33 26.61 21.27
C ALA B 506 -20.41 26.33 20.24
N ARG B 507 -21.55 25.78 20.67
CA ARG B 507 -22.64 25.52 19.73
C ARG B 507 -23.19 26.83 19.17
N GLN B 508 -23.32 27.85 20.01
CA GLN B 508 -23.93 29.10 19.59
C GLN B 508 -23.07 29.90 18.63
N ARG B 509 -21.82 29.51 18.42
CA ARG B 509 -20.96 30.17 17.44
C ARG B 509 -20.96 29.48 16.08
N THR B 510 -21.81 28.46 15.89
CA THR B 510 -21.91 27.82 14.60
C THR B 510 -22.87 28.59 13.70
N ALA B 511 -22.72 28.39 12.40
CA ALA B 511 -23.53 29.14 11.44
C ALA B 511 -25.01 28.81 11.60
N MET B 512 -25.34 27.53 11.77
CA MET B 512 -26.74 27.13 11.76
C MET B 512 -27.48 27.64 12.98
N ILE B 513 -26.88 27.48 14.17
CA ILE B 513 -27.53 27.95 15.39
C ILE B 513 -27.65 29.47 15.38
N ALA B 514 -26.59 30.16 14.97
CA ALA B 514 -26.65 31.61 14.91
C ALA B 514 -27.73 32.06 13.93
N ALA B 515 -27.83 31.40 12.79
CA ALA B 515 -28.85 31.75 11.80
C ALA B 515 -30.26 31.53 12.36
N GLU B 516 -30.46 30.40 13.05
CA GLU B 516 -31.78 30.14 13.62
C GLU B 516 -32.14 31.19 14.67
N ARG B 517 -31.20 31.54 15.54
CA ARG B 517 -31.46 32.56 16.55
C ARG B 517 -31.74 33.90 15.91
N LEU B 518 -30.99 34.26 14.86
CA LEU B 518 -31.24 35.51 14.16
C LEU B 518 -32.62 35.51 13.51
N GLU B 519 -33.03 34.36 12.97
CA GLU B 519 -34.36 34.24 12.39
C GLU B 519 -35.44 34.48 13.44
N GLN B 520 -35.31 33.82 14.60
CA GLN B 520 -36.34 33.97 15.63
C GLN B 520 -36.37 35.40 16.17
N MET B 521 -35.20 36.02 16.33
CA MET B 521 -35.15 37.36 16.91
C MET B 521 -35.92 38.36 16.06
N LEU B 522 -35.72 38.34 14.75
CA LEU B 522 -36.32 39.35 13.88
C LEU B 522 -37.84 39.32 13.94
N SER B 523 -38.43 38.17 14.23
CA SER B 523 -39.88 38.01 14.20
C SER B 523 -40.55 38.34 15.53
N THR B 524 -39.79 38.79 16.53
CA THR B 524 -40.34 39.08 17.85
C THR B 524 -40.67 40.57 17.96
N ALA B 525 -41.92 40.86 18.36
CA ALA B 525 -42.33 42.25 18.55
C ALA B 525 -41.43 42.98 19.53
N GLU B 526 -40.86 42.25 20.50
CA GLU B 526 -39.87 42.85 21.37
C GLU B 526 -38.69 43.37 20.57
N TYR B 527 -38.21 42.58 19.60
CA TYR B 527 -37.17 43.10 18.73
C TYR B 527 -37.69 44.22 17.84
N ALA B 528 -38.99 44.23 17.54
CA ALA B 528 -39.54 45.34 16.78
C ALA B 528 -39.36 46.64 17.56
N GLU B 529 -39.74 46.63 18.84
CA GLU B 529 -39.59 47.83 19.66
C GLU B 529 -38.12 48.18 19.83
N GLU B 530 -37.27 47.17 20.02
CA GLU B 530 -35.84 47.44 20.18
C GLU B 530 -35.27 48.09 18.93
N TYR B 531 -35.64 47.60 17.75
CA TYR B 531 -35.18 48.21 16.52
C TYR B 531 -35.71 49.63 16.37
N ARG B 532 -36.97 49.86 16.73
CA ARG B 532 -37.52 51.20 16.60
C ARG B 532 -36.77 52.18 17.50
N ASN B 533 -36.46 51.76 18.74
CA ASN B 533 -35.66 52.62 19.61
C ASN B 533 -34.26 52.82 19.05
N TRP B 534 -33.65 51.76 18.52
CA TRP B 534 -32.30 51.87 18.00
C TRP B 534 -32.25 52.86 16.84
N CYS B 535 -33.25 52.80 15.96
CA CYS B 535 -33.26 53.67 14.80
C CYS B 535 -33.57 55.10 15.23
N ALA B 536 -34.51 55.27 16.16
CA ALA B 536 -34.81 56.61 16.66
C ALA B 536 -33.59 57.23 17.33
N SER B 537 -32.70 56.40 17.87
CA SER B 537 -31.54 56.92 18.58
C SER B 537 -30.49 57.48 17.63
N MET B 538 -30.37 56.93 16.42
CA MET B 538 -29.32 57.33 15.49
C MET B 538 -29.85 58.18 14.34
N ASP B 539 -31.03 58.78 14.49
CA ASP B 539 -31.49 59.71 13.46
C ASP B 539 -30.54 60.90 13.40
N GLY B 540 -30.24 61.36 12.18
CA GLY B 540 -29.32 62.45 11.99
C GLY B 540 -27.86 62.08 11.93
N VAL B 541 -27.53 60.79 12.06
CA VAL B 541 -26.15 60.34 11.92
C VAL B 541 -25.91 59.91 10.48
N ASP B 542 -24.81 60.39 9.91
CA ASP B 542 -24.47 60.07 8.53
C ASP B 542 -24.32 58.57 8.35
N ARG B 543 -24.82 58.06 7.23
CA ARG B 543 -24.71 56.62 6.97
C ARG B 543 -23.25 56.18 7.00
N SER B 544 -22.35 57.01 6.50
CA SER B 544 -20.93 56.65 6.47
C SER B 544 -20.38 56.39 7.86
N GLU B 545 -21.02 56.92 8.90
CA GLU B 545 -20.59 56.69 10.27
C GLU B 545 -21.13 55.39 10.84
N TRP B 546 -21.92 54.63 10.08
CA TRP B 546 -22.45 53.37 10.58
C TRP B 546 -21.34 52.37 10.86
N VAL B 547 -20.13 52.61 10.35
CA VAL B 547 -19.02 51.69 10.62
C VAL B 547 -18.65 51.74 12.09
N ASP B 548 -18.71 52.92 12.70
CA ASP B 548 -18.35 53.11 14.11
C ASP B 548 -19.58 53.05 15.03
N HIS B 549 -20.59 52.28 14.65
CA HIS B 549 -21.82 52.21 15.43
C HIS B 549 -22.37 50.80 15.36
N ARG B 550 -22.86 50.30 16.49
CA ARG B 550 -23.59 49.04 16.47
C ARG B 550 -24.79 49.18 15.53
N LEU B 551 -25.02 48.15 14.73
CA LEU B 551 -26.12 48.14 13.77
C LEU B 551 -27.07 46.99 14.09
N LEU B 552 -28.31 47.13 13.63
CA LEU B 552 -29.33 46.12 13.82
C LEU B 552 -30.01 45.85 12.48
N PRO B 553 -30.47 44.62 12.25
CA PRO B 553 -31.22 44.35 11.04
C PRO B 553 -32.62 44.97 11.08
N ASP B 554 -33.16 45.23 9.91
CA ASP B 554 -34.53 45.68 9.79
C ASP B 554 -35.45 44.47 9.91
N PRO B 555 -36.37 44.43 10.87
CA PRO B 555 -37.16 43.21 11.07
C PRO B 555 -37.97 42.80 9.85
N ASN B 556 -38.43 43.75 9.04
CA ASN B 556 -39.27 43.41 7.89
C ASN B 556 -38.44 43.06 6.65
N ARG B 557 -37.43 43.87 6.34
CA ARG B 557 -36.70 43.66 5.09
C ARG B 557 -35.74 42.48 5.18
N ALA B 558 -35.03 42.32 6.30
CA ALA B 558 -33.96 41.34 6.36
C ALA B 558 -34.47 39.91 6.18
N ARG B 559 -33.77 39.15 5.33
CA ARG B 559 -34.06 37.74 5.10
C ARG B 559 -32.77 36.98 5.36
N VAL B 560 -32.69 36.24 6.46
CA VAL B 560 -31.50 35.44 6.72
C VAL B 560 -31.33 34.35 5.67
N ARG B 561 -30.09 34.20 5.18
CA ARG B 561 -29.73 33.16 4.21
C ARG B 561 -28.34 32.66 4.58
N VAL B 562 -28.23 31.40 5.00
CA VAL B 562 -26.98 30.85 5.53
C VAL B 562 -26.72 29.48 4.92
N TYR B 563 -25.49 29.26 4.45
CA TYR B 563 -25.06 27.99 3.90
C TYR B 563 -23.74 27.57 4.54
N ALA B 564 -23.67 26.32 5.03
CA ALA B 564 -22.50 25.82 5.73
C ALA B 564 -22.00 24.53 5.10
N THR B 565 -20.70 24.28 5.22
CA THR B 565 -20.04 23.11 4.66
C THR B 565 -19.30 22.36 5.76
N HIS B 566 -19.72 21.14 6.05
CA HIS B 566 -19.13 20.33 7.12
C HIS B 566 -18.55 19.04 6.56
N SER B 567 -17.29 18.75 6.91
CA SER B 567 -16.68 17.48 6.56
C SER B 567 -17.31 16.36 7.38
N THR B 568 -17.70 15.27 6.72
CA THR B 568 -18.43 14.21 7.42
C THR B 568 -17.53 13.47 8.40
N HIS B 569 -16.29 13.18 8.02
CA HIS B 569 -15.41 12.35 8.85
C HIS B 569 -14.68 13.11 9.94
N LYS B 570 -14.87 14.42 10.04
CA LYS B 570 -14.14 15.24 10.99
C LYS B 570 -14.85 15.42 12.32
N SER B 571 -16.02 14.79 12.51
CA SER B 571 -16.74 14.86 13.77
C SER B 571 -17.49 13.57 14.04
N GLN B 577 -14.17 10.86 1.56
CA GLN B 577 -14.10 12.28 1.84
C GLN B 577 -15.47 12.93 1.71
N ALA B 578 -16.50 12.25 2.21
CA ALA B 578 -17.84 12.79 2.14
C ALA B 578 -17.92 14.12 2.86
N SER B 579 -18.64 15.06 2.26
CA SER B 579 -18.83 16.39 2.81
C SER B 579 -20.31 16.60 3.09
N MET B 580 -20.69 17.83 3.44
CA MET B 580 -22.08 18.14 3.74
C MET B 580 -22.36 19.60 3.41
N ILE B 581 -23.64 19.88 3.19
CA ILE B 581 -24.13 21.22 2.92
C ILE B 581 -25.37 21.44 3.76
N HIS B 582 -25.27 22.25 4.80
CA HIS B 582 -26.42 22.66 5.59
C HIS B 582 -27.00 23.93 5.02
N VAL B 583 -28.31 23.94 4.79
CA VAL B 583 -29.01 25.08 4.20
C VAL B 583 -30.14 25.51 5.12
N ARG B 584 -30.16 26.80 5.44
CA ARG B 584 -31.24 27.42 6.20
C ARG B 584 -31.48 28.77 5.53
N ASP B 585 -32.36 28.77 4.54
CA ASP B 585 -32.59 29.93 3.68
C ASP B 585 -34.08 30.22 3.63
N GLN B 586 -34.45 31.49 3.84
CA GLN B 586 -35.85 31.88 3.75
C GLN B 586 -36.39 31.68 2.33
N ASP B 587 -35.59 32.00 1.32
CA ASP B 587 -36.03 31.93 -0.07
C ASP B 587 -35.30 30.83 -0.83
N PHE B 588 -35.21 29.63 -0.26
CA PHE B 588 -34.63 28.51 -0.97
C PHE B 588 -35.57 28.01 -2.07
N LYS B 589 -36.82 27.71 -1.72
CA LYS B 589 -37.75 27.20 -2.70
C LYS B 589 -38.09 28.22 -3.79
N ALA B 590 -37.74 29.49 -3.60
CA ALA B 590 -38.11 30.55 -4.53
C ALA B 590 -36.97 30.96 -5.44
N LEU B 591 -35.80 31.31 -4.89
CA LEU B 591 -34.73 31.93 -5.66
C LEU B 591 -33.49 31.06 -5.82
N THR B 592 -33.44 29.89 -5.18
CA THR B 592 -32.24 29.06 -5.25
C THR B 592 -32.50 27.58 -5.49
N ARG B 593 -33.74 27.10 -5.31
CA ARG B 593 -34.01 25.67 -5.46
C ARG B 593 -33.49 25.15 -6.80
N ASP B 594 -34.00 25.71 -7.90
CA ASP B 594 -33.61 25.23 -9.22
C ASP B 594 -32.13 25.47 -9.48
N ALA B 595 -31.61 26.63 -9.11
CA ALA B 595 -30.20 26.91 -9.30
C ALA B 595 -29.34 25.96 -8.47
N PHE B 596 -29.78 25.66 -7.25
CA PHE B 596 -29.05 24.70 -6.43
C PHE B 596 -29.02 23.33 -7.08
N GLY B 597 -30.16 22.88 -7.62
CA GLY B 597 -30.19 21.60 -8.29
C GLY B 597 -29.28 21.56 -9.52
N GLU B 598 -29.29 22.65 -10.29
CA GLU B 598 -28.45 22.70 -11.48
C GLU B 598 -26.97 22.68 -11.11
N ALA B 599 -26.58 23.41 -10.06
CA ALA B 599 -25.19 23.34 -9.60
C ALA B 599 -24.84 21.94 -9.11
N PHE B 600 -25.77 21.31 -8.39
CA PHE B 600 -25.54 19.96 -7.91
C PHE B 600 -25.28 19.01 -9.07
N LEU B 601 -26.09 19.10 -10.12
CA LEU B 601 -25.84 18.30 -11.31
C LEU B 601 -24.51 18.66 -11.97
N THR B 602 -24.18 19.95 -11.98
CA THR B 602 -22.96 20.39 -12.63
C THR B 602 -21.73 19.77 -11.98
N HIS B 603 -21.70 19.71 -10.64
CA HIS B 603 -20.53 19.26 -9.92
C HIS B 603 -20.71 17.88 -9.28
N THR B 604 -21.80 17.19 -9.60
CA THR B 604 -22.05 15.86 -9.07
C THR B 604 -22.87 15.09 -10.09
N SER B 605 -22.64 13.77 -10.15
CA SER B 605 -23.33 12.93 -11.11
C SER B 605 -24.82 13.28 -11.23
N THR B 606 -25.50 13.45 -10.10
CA THR B 606 -26.96 13.62 -10.11
C THR B 606 -27.37 14.73 -9.18
N SER B 607 -28.58 15.23 -9.40
CA SER B 607 -29.21 16.17 -8.48
C SER B 607 -29.62 15.38 -7.25
N PRO B 608 -29.98 16.06 -6.15
CA PRO B 608 -30.20 15.34 -4.90
C PRO B 608 -31.16 14.18 -5.09
N ASN B 609 -30.71 12.97 -4.77
CA ASN B 609 -31.48 11.75 -5.00
C ASN B 609 -31.36 10.85 -3.79
N GLN B 610 -32.12 9.75 -3.82
CA GLN B 610 -32.15 8.83 -2.69
C GLN B 610 -30.78 8.24 -2.40
N GLN B 611 -30.01 7.94 -3.46
CA GLN B 611 -28.74 7.27 -3.25
C GLN B 611 -27.81 8.12 -2.42
N LEU B 612 -27.78 9.44 -2.67
CA LEU B 612 -26.94 10.31 -1.86
C LEU B 612 -27.42 10.27 -0.42
N LEU B 613 -28.73 10.31 -0.24
CA LEU B 613 -29.35 10.24 1.09
C LEU B 613 -29.12 8.89 1.74
N ALA B 614 -29.10 7.80 0.97
CA ALA B 614 -29.02 6.47 1.56
C ALA B 614 -27.77 6.33 2.43
N SER B 615 -26.67 6.94 1.99
CA SER B 615 -25.44 6.95 2.77
C SER B 615 -25.62 7.62 4.14
N LEU B 616 -26.46 8.66 4.21
CA LEU B 616 -26.54 9.48 5.42
C LEU B 616 -26.94 8.70 6.66
N ASP B 617 -27.85 7.72 6.54
CA ASP B 617 -28.47 7.17 7.75
C ASP B 617 -27.45 6.58 8.71
N LEU B 618 -26.44 5.87 8.19
CA LEU B 618 -25.39 5.35 9.07
C LEU B 618 -24.62 6.49 9.74
N ALA B 619 -24.28 7.54 8.98
CA ALA B 619 -23.55 8.66 9.55
C ALA B 619 -24.38 9.38 10.63
N ARG B 620 -25.66 9.56 10.36
CA ARG B 620 -26.54 10.26 11.30
C ARG B 620 -26.64 9.46 12.59
N ARG B 621 -26.78 8.13 12.49
CA ARG B 621 -26.77 7.33 13.71
C ARG B 621 -25.44 7.45 14.42
N GLN B 622 -24.35 7.42 13.64
CA GLN B 622 -23.00 7.39 14.22
C GLN B 622 -22.76 8.65 15.03
N VAL B 623 -23.22 9.79 14.53
CA VAL B 623 -22.93 11.07 15.17
C VAL B 623 -23.92 11.34 16.28
N ASP B 624 -25.20 11.00 16.08
CA ASP B 624 -26.22 11.35 17.05
C ASP B 624 -26.20 10.43 18.26
N ILE B 625 -25.61 9.25 18.15
CA ILE B 625 -25.61 8.28 19.25
C ILE B 625 -24.31 8.36 20.06
N GLU B 626 -23.16 8.39 19.39
CA GLU B 626 -21.87 8.30 20.06
C GLU B 626 -20.88 9.39 19.69
N GLY B 627 -21.02 10.06 18.55
CA GLY B 627 -20.00 10.99 18.10
C GLY B 627 -19.77 12.14 19.06
N PHE B 628 -20.85 12.76 19.53
CA PHE B 628 -20.73 13.98 20.31
C PHE B 628 -19.94 13.76 21.59
N GLU B 629 -20.12 12.60 22.23
CA GLU B 629 -19.39 12.33 23.46
C GLU B 629 -17.89 12.41 23.24
N LEU B 630 -17.40 11.87 22.11
CA LEU B 630 -15.97 11.95 21.84
C LEU B 630 -15.52 13.38 21.64
N VAL B 631 -16.37 14.24 21.06
CA VAL B 631 -16.01 15.64 20.91
C VAL B 631 -15.89 16.31 22.27
N ARG B 632 -16.85 16.07 23.16
CA ARG B 632 -16.75 16.64 24.50
C ARG B 632 -15.50 16.14 25.21
N HIS B 633 -15.19 14.84 25.06
CA HIS B 633 -14.00 14.29 25.68
C HIS B 633 -12.74 14.96 25.16
N VAL B 634 -12.63 15.12 23.85
CA VAL B 634 -11.44 15.73 23.27
C VAL B 634 -11.31 17.18 23.69
N TYR B 635 -12.44 17.88 23.84
CA TYR B 635 -12.37 19.25 24.34
C TYR B 635 -11.85 19.27 25.77
N ASN B 636 -12.27 18.31 26.59
CA ASN B 636 -11.73 18.20 27.94
C ASN B 636 -10.22 17.93 27.91
N MET B 637 -9.78 17.06 27.00
CA MET B 637 -8.34 16.78 26.90
C MET B 637 -7.59 18.06 26.53
N ALA B 638 -8.14 18.83 25.59
CA ALA B 638 -7.47 20.05 25.15
C ALA B 638 -7.35 21.02 26.31
N LEU B 639 -8.45 21.22 27.05
CA LEU B 639 -8.43 22.16 28.17
C LEU B 639 -7.44 21.71 29.23
N VAL B 640 -7.42 20.41 29.52
CA VAL B 640 -6.51 19.89 30.53
C VAL B 640 -5.08 20.14 30.08
N PHE B 641 -4.79 19.88 28.81
CA PHE B 641 -3.42 20.02 28.35
C PHE B 641 -2.99 21.48 28.45
N ARG B 642 -3.89 22.41 28.10
CA ARG B 642 -3.52 23.82 28.20
C ARG B 642 -3.21 24.18 29.64
N HIS B 643 -4.04 23.70 30.57
CA HIS B 643 -3.80 24.01 31.97
C HIS B 643 -2.47 23.41 32.45
N ARG B 644 -2.14 22.19 32.03
CA ARG B 644 -0.91 21.56 32.49
C ARG B 644 0.32 22.32 32.02
N VAL B 645 0.32 22.78 30.77
CA VAL B 645 1.42 23.63 30.31
C VAL B 645 1.40 24.94 31.07
N ARG B 646 0.22 25.50 31.28
CA ARG B 646 0.10 26.80 31.94
C ARG B 646 0.62 26.74 33.36
N LYS B 647 0.31 25.66 34.07
CA LYS B 647 0.57 25.57 35.50
C LYS B 647 1.92 24.95 35.83
N ASP B 648 2.38 23.99 35.04
CA ASP B 648 3.58 23.24 35.38
C ASP B 648 4.78 24.17 35.52
N ARG B 649 5.57 23.96 36.57
CA ARG B 649 6.70 24.82 36.84
C ARG B 649 7.81 24.62 35.82
N LEU B 650 7.91 23.44 35.22
CA LEU B 650 9.06 23.10 34.39
C LEU B 650 8.80 23.40 32.93
N ILE B 651 7.65 22.97 32.40
CA ILE B 651 7.33 23.25 31.00
C ILE B 651 7.21 24.75 30.78
N SER B 652 6.49 25.44 31.66
CA SER B 652 6.17 26.85 31.47
C SER B 652 7.40 27.74 31.38
N LYS B 653 8.60 27.21 31.62
CA LYS B 653 9.80 28.04 31.51
C LYS B 653 10.11 28.38 30.06
N TRP B 654 9.83 27.47 29.14
CA TRP B 654 10.19 27.60 27.74
C TRP B 654 8.99 27.60 26.81
N PHE B 655 7.96 26.81 27.13
CA PHE B 655 6.82 26.59 26.26
C PHE B 655 5.61 27.37 26.75
N ARG B 656 5.00 28.11 25.83
CA ARG B 656 3.79 28.88 26.10
C ARG B 656 2.76 28.53 25.05
N ILE B 657 1.55 28.19 25.49
CA ILE B 657 0.45 27.95 24.57
C ILE B 657 -0.32 29.26 24.42
N LEU B 658 -0.37 29.79 23.21
CA LEU B 658 -1.02 31.07 22.99
C LEU B 658 -2.51 30.94 23.27
N ASP B 659 -3.08 31.97 23.91
CA ASP B 659 -4.50 32.00 24.17
C ASP B 659 -5.10 33.32 23.67
N GLU B 660 -6.35 33.58 24.03
CA GLU B 660 -7.06 34.73 23.47
C GLU B 660 -6.25 36.01 23.60
N SER B 661 -5.58 36.20 24.73
CA SER B 661 -4.88 37.45 24.97
C SER B 661 -3.75 37.68 23.98
N ASP B 662 -3.24 36.63 23.34
CA ASP B 662 -2.15 36.78 22.38
C ASP B 662 -2.66 36.93 20.94
N LEU B 663 -3.48 35.99 20.49
CA LEU B 663 -3.92 36.00 19.09
C LEU B 663 -4.96 37.09 18.84
N VAL B 664 -5.70 37.51 19.86
CA VAL B 664 -6.78 38.47 19.69
C VAL B 664 -6.36 39.81 20.29
N PRO B 665 -6.01 40.79 19.46
CA PRO B 665 -5.66 42.11 20.01
C PRO B 665 -6.80 42.69 20.82
N ASP B 666 -6.44 43.51 21.82
CA ASP B 666 -7.43 44.07 22.72
C ASP B 666 -8.51 44.84 21.98
N ALA B 667 -8.15 45.50 20.87
CA ALA B 667 -9.11 46.34 20.16
C ALA B 667 -10.38 45.56 19.80
N PHE B 668 -10.25 44.26 19.52
CA PHE B 668 -11.39 43.43 19.18
C PHE B 668 -11.98 42.70 20.39
N ARG B 669 -11.47 42.95 21.59
CA ARG B 669 -11.98 42.32 22.80
C ARG B 669 -12.93 43.26 23.52
N SER B 670 -13.64 42.70 24.50
CA SER B 670 -14.57 43.47 25.31
C SER B 670 -14.50 43.03 26.77
N ALA B 683 -14.71 32.94 35.79
CA ALA B 683 -15.79 32.06 36.23
C ALA B 683 -16.48 31.43 35.04
N LEU B 684 -17.50 30.62 35.31
CA LEU B 684 -18.26 29.99 34.23
C LEU B 684 -19.14 31.00 33.51
N ALA B 685 -19.83 31.86 34.26
CA ALA B 685 -20.71 32.84 33.63
C ALA B 685 -19.91 33.79 32.74
N ASP B 686 -18.74 34.23 33.21
CA ASP B 686 -17.89 35.08 32.37
C ASP B 686 -17.46 34.35 31.12
N TRP B 687 -17.09 33.07 31.24
CA TRP B 687 -16.67 32.28 30.09
C TRP B 687 -17.79 32.16 29.06
N ASN B 688 -18.98 31.76 29.52
CA ASN B 688 -20.10 31.61 28.59
C ASN B 688 -20.48 32.94 27.98
N GLU B 689 -20.46 34.01 28.76
CA GLU B 689 -20.83 35.31 28.21
C GLU B 689 -19.83 35.77 27.17
N ALA B 690 -18.54 35.54 27.41
CA ALA B 690 -17.53 35.92 26.41
C ALA B 690 -17.69 35.08 25.14
N TRP B 691 -18.00 33.79 25.28
CA TRP B 691 -18.17 32.96 24.10
C TRP B 691 -19.52 33.20 23.40
N ARG B 692 -20.47 33.84 24.05
CA ARG B 692 -21.75 34.16 23.42
C ARG B 692 -21.81 35.56 22.85
N SER B 693 -21.01 36.49 23.38
CA SER B 693 -21.11 37.90 23.00
C SER B 693 -19.82 38.50 22.49
N ASP B 694 -18.67 38.03 22.94
CA ASP B 694 -17.41 38.61 22.52
C ASP B 694 -17.21 38.40 21.02
N GLN B 695 -16.45 39.30 20.40
CA GLN B 695 -16.22 39.20 18.96
C GLN B 695 -15.39 37.97 18.63
N PHE B 696 -14.14 37.93 19.11
CA PHE B 696 -13.21 36.86 18.78
C PHE B 696 -12.87 36.05 20.02
N VAL B 697 -13.06 34.75 19.93
CA VAL B 697 -12.59 33.82 20.96
C VAL B 697 -11.64 32.85 20.28
N LEU B 698 -11.13 31.86 21.02
CA LEU B 698 -10.13 30.94 20.52
C LEU B 698 -10.58 29.52 20.84
N ASP B 699 -10.57 28.67 19.81
CA ASP B 699 -11.06 27.31 20.00
C ASP B 699 -10.04 26.53 20.84
N PRO B 700 -10.48 25.86 21.92
CA PRO B 700 -9.51 25.09 22.71
C PRO B 700 -8.79 24.00 21.94
N THR B 701 -9.44 23.37 20.97
CA THR B 701 -8.96 22.14 20.37
C THR B 701 -7.93 22.38 19.26
N ARG B 702 -7.58 23.62 18.96
CA ARG B 702 -6.56 23.95 17.96
C ARG B 702 -5.46 24.72 18.69
N LEU B 703 -4.51 23.98 19.26
CA LEU B 703 -3.48 24.57 20.10
C LEU B 703 -2.38 25.20 19.25
N THR B 704 -1.89 26.34 19.69
CA THR B 704 -0.81 27.06 19.01
C THR B 704 0.36 27.14 19.98
N LEU B 705 1.15 26.08 20.03
CA LEU B 705 2.30 26.03 20.93
C LEU B 705 3.40 26.95 20.40
N PHE B 706 3.96 27.77 21.29
CA PHE B 706 4.95 28.77 20.92
C PHE B 706 6.28 28.42 21.57
N ILE B 707 7.34 28.41 20.77
CA ILE B 707 8.65 27.93 21.22
C ILE B 707 9.73 28.97 20.94
N GLY B 708 9.36 30.25 20.93
CA GLY B 708 10.34 31.29 20.71
C GLY B 708 11.45 31.28 21.74
N ALA B 709 11.11 30.97 22.99
CA ALA B 709 12.12 30.91 24.04
C ALA B 709 13.15 29.83 23.77
N THR B 710 12.71 28.68 23.28
CA THR B 710 13.65 27.59 23.03
C THR B 710 14.71 27.97 22.00
N GLY B 711 14.39 28.89 21.10
CA GLY B 711 15.35 29.29 20.08
C GLY B 711 15.42 28.37 18.88
N MET B 712 14.54 27.38 18.80
CA MET B 712 14.50 26.45 17.68
C MET B 712 13.30 26.74 16.80
N ASN B 713 13.48 26.58 15.48
CA ASN B 713 12.40 26.81 14.55
C ASN B 713 11.31 25.74 14.73
N GLY B 714 10.08 26.10 14.37
CA GLY B 714 9.00 25.13 14.45
C GLY B 714 9.25 23.93 13.56
N TYR B 715 9.85 24.16 12.39
CA TYR B 715 10.21 23.05 11.52
C TYR B 715 11.20 22.13 12.22
N ASP B 716 12.21 22.71 12.88
CA ASP B 716 13.18 21.89 13.60
C ASP B 716 12.51 21.12 14.75
N PHE B 717 11.63 21.79 15.49
CA PHE B 717 10.91 21.10 16.55
C PHE B 717 10.17 19.89 16.00
N ARG B 718 9.39 20.10 14.94
CA ARG B 718 8.62 18.98 14.37
C ARG B 718 9.55 17.87 13.88
N GLU B 719 10.68 18.24 13.26
CA GLU B 719 11.56 17.25 12.67
C GLU B 719 12.22 16.39 13.75
N LYS B 720 12.73 17.02 14.80
CA LYS B 720 13.52 16.29 15.81
C LYS B 720 12.68 15.80 16.98
N ILE B 721 11.97 16.70 17.66
CA ILE B 721 11.44 16.39 18.98
C ILE B 721 10.17 15.53 18.87
N LEU B 722 9.12 16.10 18.27
CA LEU B 722 7.77 15.57 18.44
C LEU B 722 7.20 14.91 17.18
N MET B 723 7.09 15.66 16.08
CA MET B 723 6.33 15.22 14.91
C MET B 723 4.99 14.67 15.43
N GLU B 724 4.54 13.52 14.96
CA GLU B 724 3.32 12.88 15.46
C GLU B 724 3.68 11.54 16.08
N ARG B 725 3.16 11.28 17.28
CA ARG B 725 3.33 9.96 17.87
C ARG B 725 2.06 9.50 18.59
N PHE B 726 0.92 10.13 18.34
CA PHE B 726 -0.33 9.73 18.98
C PHE B 726 -1.46 10.33 18.15
N GLY B 727 -2.69 10.26 18.66
CA GLY B 727 -3.83 10.80 17.96
C GLY B 727 -3.68 12.25 17.56
N ILE B 728 -2.77 12.97 18.22
CA ILE B 728 -2.54 14.37 17.91
C ILE B 728 -1.85 14.51 16.57
N GLN B 729 -2.25 15.53 15.81
CA GLN B 729 -1.61 15.88 14.55
C GLN B 729 -1.02 17.29 14.66
N ILE B 730 -0.03 17.55 13.82
CA ILE B 730 0.57 18.87 13.69
C ILE B 730 0.39 19.30 12.25
N ASN B 731 -0.35 20.38 12.05
CA ASN B 731 -0.79 20.77 10.72
C ASN B 731 0.22 21.69 10.05
N LYS B 732 0.52 22.83 10.67
CA LYS B 732 1.51 23.74 10.15
C LYS B 732 2.52 24.08 11.23
N THR B 733 3.68 24.54 10.80
CA THR B 733 4.78 24.89 11.69
C THR B 733 5.28 26.26 11.27
N SER B 734 4.88 27.29 12.02
CA SER B 734 5.27 28.66 11.71
C SER B 734 6.74 28.85 12.06
N ILE B 735 7.19 30.10 11.99
CA ILE B 735 8.60 30.39 12.26
C ILE B 735 8.96 30.03 13.70
N ASN B 736 8.09 30.38 14.65
CA ASN B 736 8.37 30.17 16.07
C ASN B 736 7.15 29.59 16.78
N SER B 737 6.58 28.54 16.22
CA SER B 737 5.44 27.87 16.85
C SER B 737 5.10 26.65 16.01
N VAL B 738 4.17 25.84 16.53
CA VAL B 738 3.60 24.72 15.79
C VAL B 738 2.16 24.58 16.23
N LEU B 739 1.26 24.44 15.26
CA LEU B 739 -0.17 24.33 15.53
C LEU B 739 -0.53 22.87 15.73
N LEU B 740 -0.97 22.52 16.94
CA LEU B 740 -1.30 21.15 17.29
C LEU B 740 -2.81 21.00 17.31
N ILE B 741 -3.32 20.01 16.57
CA ILE B 741 -4.76 19.79 16.45
C ILE B 741 -5.13 18.61 17.32
N PHE B 742 -6.13 18.79 18.18
CA PHE B 742 -6.62 17.73 19.05
C PHE B 742 -7.84 17.10 18.37
N THR B 743 -7.58 16.17 17.47
CA THR B 743 -8.64 15.53 16.70
C THR B 743 -9.39 14.52 17.58
N ILE B 744 -10.30 13.78 16.95
CA ILE B 744 -11.17 12.85 17.67
C ILE B 744 -10.44 11.62 18.17
N GLY B 745 -9.18 11.43 17.81
CA GLY B 745 -8.44 10.27 18.25
C GLY B 745 -7.53 10.56 19.42
N VAL B 746 -7.80 11.66 20.14
CA VAL B 746 -6.95 12.12 21.22
C VAL B 746 -7.50 11.58 22.53
N THR B 747 -6.68 10.81 23.24
CA THR B 747 -7.01 10.21 24.52
C THR B 747 -6.05 10.71 25.59
N TRP B 748 -6.29 10.29 26.83
CA TRP B 748 -5.46 10.72 27.95
C TRP B 748 -3.98 10.44 27.66
N SER B 749 -3.70 9.28 27.09
CA SER B 749 -2.32 8.90 26.79
C SER B 749 -1.64 9.95 25.93
N SER B 750 -2.39 10.59 25.03
CA SER B 750 -1.81 11.62 24.18
C SER B 750 -1.39 12.84 25.00
N VAL B 751 -2.23 13.24 25.96
CA VAL B 751 -1.86 14.34 26.85
C VAL B 751 -0.60 13.97 27.63
N HIS B 752 -0.58 12.74 28.17
CA HIS B 752 0.60 12.30 28.92
C HIS B 752 1.85 12.32 28.05
N TYR B 753 1.73 11.83 26.82
CA TYR B 753 2.88 11.78 25.92
C TYR B 753 3.38 13.18 25.60
N LEU B 754 2.46 14.09 25.27
CA LEU B 754 2.85 15.45 24.94
C LEU B 754 3.54 16.12 26.13
N LEU B 755 2.94 15.98 27.32
CA LEU B 755 3.53 16.59 28.50
C LEU B 755 4.92 16.03 28.77
N ASP B 756 5.09 14.73 28.64
CA ASP B 756 6.40 14.13 28.88
C ASP B 756 7.43 14.60 27.84
N VAL B 757 7.04 14.71 26.57
CA VAL B 757 7.98 15.18 25.57
C VAL B 757 8.41 16.60 25.87
N LEU B 758 7.45 17.47 26.18
CA LEU B 758 7.76 18.85 26.50
C LEU B 758 8.63 18.92 27.75
N ARG B 759 8.35 18.08 28.74
CA ARG B 759 9.14 18.07 29.97
C ARG B 759 10.58 17.67 29.69
N ARG B 760 10.78 16.62 28.89
CA ARG B 760 12.14 16.19 28.56
C ARG B 760 12.89 17.28 27.82
N VAL B 761 12.22 17.94 26.87
CA VAL B 761 12.87 19.05 26.18
C VAL B 761 13.24 20.15 27.16
N ALA B 762 12.34 20.43 28.11
CA ALA B 762 12.59 21.49 29.08
C ALA B 762 13.80 21.17 29.95
N ILE B 763 13.90 19.93 30.44
CA ILE B 763 15.03 19.57 31.30
C ILE B 763 16.33 19.60 30.50
N ASP B 764 16.31 19.12 29.26
CA ASP B 764 17.52 19.17 28.46
C ASP B 764 17.96 20.61 28.23
N LEU B 765 17.00 21.50 27.93
CA LEU B 765 17.34 22.90 27.72
C LEU B 765 17.87 23.55 28.98
N ASP B 766 17.26 23.24 30.13
CA ASP B 766 17.74 23.80 31.39
C ASP B 766 19.16 23.35 31.68
N ARG B 767 19.44 22.06 31.49
CA ARG B 767 20.79 21.57 31.72
C ARG B 767 21.79 22.24 30.78
N SER B 768 21.43 22.36 29.50
CA SER B 768 22.33 23.02 28.56
C SER B 768 22.59 24.46 28.95
N GLN B 769 21.55 25.19 29.37
CA GLN B 769 21.73 26.56 29.77
C GLN B 769 22.64 26.66 31.00
N LYS B 770 22.43 25.79 31.97
CA LYS B 770 23.28 25.80 33.16
C LYS B 770 24.73 25.52 32.80
N ALA B 771 24.96 24.53 31.94
CA ALA B 771 26.30 24.23 31.46
C ALA B 771 26.79 25.21 30.40
N ALA B 772 25.92 26.06 29.86
CA ALA B 772 26.32 26.99 28.81
C ALA B 772 27.30 28.02 29.36
N SER B 773 28.27 28.38 28.54
CA SER B 773 29.22 29.44 28.87
C SER B 773 28.66 30.78 28.39
N GLY B 774 29.47 31.84 28.52
CA GLY B 774 29.03 33.13 28.02
C GLY B 774 28.78 33.13 26.53
N ALA B 775 29.69 32.54 25.75
CA ALA B 775 29.49 32.46 24.31
C ALA B 775 28.26 31.64 23.97
N ASP B 776 28.05 30.52 24.65
CA ASP B 776 26.88 29.69 24.38
C ASP B 776 25.60 30.43 24.74
N LEU B 777 25.60 31.15 25.87
CA LEU B 777 24.42 31.92 26.25
C LEU B 777 24.13 33.02 25.24
N ALA B 778 25.17 33.69 24.75
CA ALA B 778 24.97 34.72 23.73
C ALA B 778 24.41 34.11 22.44
N LEU B 779 24.92 32.94 22.05
CA LEU B 779 24.39 32.26 20.87
C LEU B 779 22.92 31.91 21.06
N HIS B 780 22.56 31.40 22.24
CA HIS B 780 21.15 31.10 22.50
C HIS B 780 20.31 32.36 22.46
N ARG B 781 20.83 33.46 23.02
CA ARG B 781 20.07 34.71 23.05
C ARG B 781 19.81 35.22 21.64
N ARG B 782 20.82 35.13 20.77
CA ARG B 782 20.60 35.55 19.38
C ARG B 782 19.67 34.58 18.66
N HIS B 783 19.71 33.30 19.02
CA HIS B 783 18.74 32.36 18.45
C HIS B 783 17.32 32.77 18.81
N VAL B 784 17.08 33.11 20.07
CA VAL B 784 15.75 33.57 20.47
C VAL B 784 15.40 34.89 19.81
N GLU B 785 16.37 35.81 19.74
CA GLU B 785 16.11 37.12 19.14
C GLU B 785 15.77 36.97 17.67
N GLU B 786 16.48 36.10 16.95
CA GLU B 786 16.29 35.98 15.51
C GLU B 786 14.93 35.42 15.12
N ILE B 787 14.20 34.81 16.05
CA ILE B 787 12.92 34.19 15.70
C ILE B 787 11.82 34.60 16.67
N THR B 788 12.05 35.65 17.45
CA THR B 788 11.03 36.10 18.39
C THR B 788 10.76 37.59 18.30
N GLN B 789 11.78 38.41 18.06
CA GLN B 789 11.63 39.86 18.14
C GLN B 789 11.22 40.45 16.80
N ASP B 790 12.05 40.25 15.77
CA ASP B 790 11.84 40.84 14.46
C ASP B 790 11.53 39.74 13.45
N LEU B 791 10.42 39.88 12.75
CA LEU B 791 9.97 38.93 11.76
C LEU B 791 9.49 39.70 10.53
N PRO B 792 9.55 39.10 9.35
CA PRO B 792 9.08 39.81 8.16
C PRO B 792 7.61 40.15 8.29
N HIS B 793 7.25 41.35 7.81
CA HIS B 793 5.86 41.77 7.89
C HIS B 793 5.02 40.90 6.96
N LEU B 794 3.85 40.49 7.44
CA LEU B 794 3.01 39.64 6.62
C LEU B 794 2.50 40.41 5.41
N PRO B 795 2.36 39.74 4.27
CA PRO B 795 1.80 40.41 3.10
C PRO B 795 0.28 40.40 3.10
N ASP B 796 -0.31 41.54 2.79
CA ASP B 796 -1.75 41.68 2.72
C ASP B 796 -2.15 41.63 1.25
N PHE B 797 -3.46 41.53 0.99
CA PHE B 797 -3.88 41.65 -0.39
C PHE B 797 -3.48 43.03 -0.88
N SER B 798 -2.85 43.10 -2.05
CA SER B 798 -2.33 44.40 -2.48
C SER B 798 -3.41 45.22 -3.18
N GLU B 799 -3.73 44.85 -4.41
CA GLU B 799 -4.80 45.49 -5.15
C GLU B 799 -5.11 44.61 -6.35
N PHE B 800 -6.20 44.92 -7.04
CA PHE B 800 -6.45 44.35 -8.35
C PHE B 800 -5.91 45.33 -9.38
N ASP B 801 -5.36 44.80 -10.48
CA ASP B 801 -4.85 45.68 -11.52
C ASP B 801 -6.00 46.40 -12.22
N LEU B 802 -5.74 47.66 -12.59
CA LEU B 802 -6.80 48.50 -13.15
C LEU B 802 -7.49 47.81 -14.33
N ALA B 803 -6.72 47.15 -15.19
CA ALA B 803 -7.29 46.48 -16.34
C ALA B 803 -8.20 45.32 -15.94
N PHE B 804 -8.15 44.87 -14.69
CA PHE B 804 -9.03 43.82 -14.19
C PHE B 804 -9.94 44.33 -13.09
N ARG B 805 -10.28 45.62 -13.13
CA ARG B 805 -11.24 46.20 -12.19
C ARG B 805 -12.38 46.85 -12.97
N PRO B 806 -13.61 46.33 -12.91
CA PRO B 806 -14.70 46.91 -13.70
C PRO B 806 -14.81 48.41 -13.56
N ASP B 807 -15.02 48.90 -12.33
CA ASP B 807 -15.08 50.33 -12.06
C ASP B 807 -13.91 50.72 -11.17
N ASP B 808 -13.20 51.77 -11.57
CA ASP B 808 -12.00 52.18 -10.85
C ASP B 808 -12.30 52.70 -9.45
N ALA B 809 -13.55 53.05 -9.16
CA ALA B 809 -13.88 53.56 -7.83
C ALA B 809 -13.76 52.47 -6.78
N SER B 810 -14.32 51.30 -7.03
CA SER B 810 -14.28 50.20 -6.08
C SER B 810 -12.97 49.43 -6.22
N SER B 811 -12.82 48.38 -5.43
CA SER B 811 -11.58 47.61 -5.39
C SER B 811 -11.81 46.13 -5.65
N PHE B 812 -12.96 45.77 -6.23
CA PHE B 812 -13.16 44.42 -6.73
C PHE B 812 -12.68 44.34 -8.16
N GLY B 813 -12.23 43.15 -8.56
CA GLY B 813 -11.66 42.95 -9.88
C GLY B 813 -12.31 41.77 -10.58
N ASP B 814 -12.03 41.67 -11.87
CA ASP B 814 -12.47 40.53 -12.65
C ASP B 814 -11.43 39.43 -12.50
N MET B 815 -11.75 38.40 -11.73
CA MET B 815 -10.83 37.28 -11.54
C MET B 815 -10.96 36.23 -12.62
N ARG B 816 -12.10 36.19 -13.31
CA ARG B 816 -12.27 35.24 -14.40
C ARG B 816 -11.54 35.74 -15.65
N SER B 817 -11.66 37.02 -15.98
CA SER B 817 -10.96 37.54 -17.14
C SER B 817 -9.46 37.36 -16.97
N ALA B 818 -8.93 37.69 -15.79
CA ALA B 818 -7.52 37.51 -15.53
C ALA B 818 -7.14 36.03 -15.54
N PHE B 819 -8.07 35.16 -15.15
CA PHE B 819 -7.78 33.72 -15.16
C PHE B 819 -7.46 33.24 -16.57
N TYR B 820 -8.44 33.38 -17.48
CA TYR B 820 -8.26 32.90 -18.85
C TYR B 820 -7.32 33.79 -19.65
N ALA B 821 -7.23 35.08 -19.31
CA ALA B 821 -6.33 35.97 -20.03
C ALA B 821 -4.87 35.56 -19.86
N GLY B 822 -4.57 34.75 -18.84
CA GLY B 822 -3.22 34.26 -18.64
C GLY B 822 -2.87 33.07 -19.51
N TYR B 823 -3.87 32.42 -20.11
CA TYR B 823 -3.59 31.27 -20.97
C TYR B 823 -2.74 31.68 -22.16
N GLU B 824 -3.03 32.83 -22.75
CA GLU B 824 -2.30 33.32 -23.91
C GLU B 824 -0.80 33.37 -23.60
N GLU B 825 -0.03 32.61 -24.38
CA GLU B 825 1.42 32.55 -24.18
C GLU B 825 2.10 33.87 -24.54
N ALA B 826 1.65 34.51 -25.63
CA ALA B 826 2.27 35.77 -26.02
C ALA B 826 2.13 36.83 -24.94
N ASP B 827 1.00 36.85 -24.24
CA ASP B 827 0.78 37.87 -23.21
C ASP B 827 1.58 37.58 -21.94
N ARG B 828 1.75 36.31 -21.60
CA ARG B 828 2.39 35.95 -20.34
C ARG B 828 3.91 35.88 -20.50
N GLU B 829 4.61 36.12 -19.39
CA GLU B 829 6.06 36.00 -19.34
C GLU B 829 6.47 35.59 -17.93
N TYR B 830 7.69 35.09 -17.82
CA TYR B 830 8.24 34.65 -16.54
C TYR B 830 9.30 35.64 -16.10
N VAL B 831 9.25 36.03 -14.82
CA VAL B 831 10.15 37.02 -14.26
C VAL B 831 10.72 36.46 -12.96
N GLN B 832 12.01 36.67 -12.75
CA GLN B 832 12.69 36.19 -11.56
C GLN B 832 12.50 37.17 -10.39
N ILE B 833 12.81 36.70 -9.19
CA ILE B 833 12.58 37.50 -7.99
C ILE B 833 13.43 38.77 -8.04
N GLY B 834 14.72 38.62 -8.37
CA GLY B 834 15.58 39.78 -8.48
C GLY B 834 15.11 40.73 -9.57
N LEU B 835 14.77 40.18 -10.74
CA LEU B 835 14.24 41.01 -11.80
C LEU B 835 12.90 41.61 -11.41
N ALA B 836 12.10 40.91 -10.61
CA ALA B 836 10.84 41.48 -10.13
C ALA B 836 11.10 42.71 -9.26
N GLY B 837 12.07 42.61 -8.34
CA GLY B 837 12.42 43.77 -7.53
C GLY B 837 12.96 44.91 -8.37
N ARG B 838 13.80 44.59 -9.35
CA ARG B 838 14.32 45.63 -10.24
C ARG B 838 13.18 46.31 -10.99
N ARG B 839 12.23 45.53 -11.50
CA ARG B 839 11.10 46.10 -12.24
C ARG B 839 10.26 47.01 -11.34
N LEU B 840 9.99 46.56 -10.11
CA LEU B 840 9.23 47.41 -9.19
C LEU B 840 9.98 48.70 -8.90
N ALA B 841 11.30 48.61 -8.70
CA ALA B 841 12.10 49.82 -8.56
C ALA B 841 12.12 50.65 -9.83
N GLU B 842 11.86 50.03 -10.98
CA GLU B 842 11.85 50.72 -12.27
C GLU B 842 10.44 51.13 -12.69
N GLY B 843 9.45 51.00 -11.81
CA GLY B 843 8.09 51.41 -12.12
C GLY B 843 7.39 50.61 -13.19
N LYS B 844 7.51 49.28 -13.13
CA LYS B 844 6.81 48.39 -14.06
C LYS B 844 5.87 47.51 -13.24
N THR B 845 4.58 47.62 -13.51
CA THR B 845 3.58 46.85 -12.77
C THR B 845 3.80 45.35 -12.96
N LEU B 846 3.78 44.61 -11.85
CA LEU B 846 3.91 43.16 -11.84
C LEU B 846 2.57 42.53 -11.49
N VAL B 847 1.84 42.08 -12.52
CA VAL B 847 0.51 41.49 -12.34
C VAL B 847 0.64 39.98 -12.47
N SER B 848 0.14 39.25 -11.47
CA SER B 848 0.15 37.80 -11.54
C SER B 848 -0.83 37.31 -12.59
N THR B 849 -0.63 36.07 -13.02
CA THR B 849 -1.47 35.45 -14.04
C THR B 849 -2.15 34.18 -13.56
N THR B 850 -1.88 33.73 -12.35
CA THR B 850 -2.43 32.47 -11.87
C THR B 850 -2.43 32.47 -10.35
N PHE B 851 -3.07 31.46 -9.78
CA PHE B 851 -3.13 31.30 -8.34
C PHE B 851 -1.79 30.77 -7.84
N VAL B 852 -1.07 31.58 -7.09
CA VAL B 852 0.12 31.14 -6.38
C VAL B 852 -0.30 30.77 -4.97
N VAL B 853 -0.10 29.53 -4.59
CA VAL B 853 -0.65 29.01 -3.34
C VAL B 853 0.46 28.36 -2.52
N PRO B 854 1.27 29.14 -1.81
CA PRO B 854 2.17 28.51 -0.83
C PRO B 854 1.36 27.71 0.16
N TYR B 855 1.90 26.55 0.54
CA TYR B 855 1.07 25.58 1.26
C TYR B 855 1.57 25.31 2.67
N PRO B 856 1.88 26.32 3.48
CA PRO B 856 1.80 26.14 4.93
C PRO B 856 0.36 26.08 5.38
N PRO B 857 -0.49 27.08 5.01
CA PRO B 857 -1.91 26.98 5.35
C PRO B 857 -2.77 26.48 4.20
N GLY B 858 -2.19 26.44 3.00
CA GLY B 858 -2.93 26.07 1.81
C GLY B 858 -3.97 27.08 1.36
N PHE B 859 -3.63 28.37 1.37
CA PHE B 859 -4.49 29.39 0.80
C PHE B 859 -3.67 30.29 -0.12
N PRO B 860 -4.29 30.86 -1.15
CA PRO B 860 -3.51 31.56 -2.17
C PRO B 860 -2.91 32.85 -1.65
N VAL B 861 -1.73 33.18 -2.18
CA VAL B 861 -1.08 34.45 -1.90
C VAL B 861 -1.29 35.44 -3.03
N LEU B 862 -1.21 34.96 -4.28
CA LEU B 862 -1.46 35.77 -5.46
C LEU B 862 -2.59 35.13 -6.25
N VAL B 863 -3.57 35.95 -6.63
CA VAL B 863 -4.71 35.46 -7.41
C VAL B 863 -4.65 36.09 -8.79
N PRO B 864 -5.30 35.50 -9.81
CA PRO B 864 -5.19 36.04 -11.16
C PRO B 864 -5.51 37.53 -11.23
N GLY B 865 -4.55 38.30 -11.74
CA GLY B 865 -4.69 39.73 -11.86
C GLY B 865 -4.22 40.53 -10.66
N GLN B 866 -4.01 39.90 -9.51
CA GLN B 866 -3.63 40.64 -8.33
C GLN B 866 -2.29 41.32 -8.56
N LEU B 867 -2.25 42.63 -8.34
CA LEU B 867 -0.98 43.35 -8.45
C LEU B 867 0.01 42.84 -7.41
N VAL B 868 1.25 42.65 -7.84
CA VAL B 868 2.30 42.11 -6.97
C VAL B 868 3.03 43.28 -6.32
N SER B 869 3.20 43.21 -5.01
CA SER B 869 3.81 44.29 -4.23
C SER B 869 5.11 43.80 -3.61
N LYS B 870 5.93 44.77 -3.19
CA LYS B 870 7.23 44.41 -2.63
C LYS B 870 7.08 43.45 -1.45
N GLU B 871 6.01 43.59 -0.68
CA GLU B 871 5.78 42.65 0.42
C GLU B 871 5.64 41.23 -0.09
N ILE B 872 4.93 41.06 -1.21
CA ILE B 872 4.73 39.72 -1.76
C ILE B 872 6.06 39.12 -2.20
N ILE B 873 6.89 39.91 -2.89
CA ILE B 873 8.19 39.42 -3.32
C ILE B 873 9.04 39.04 -2.11
N TYR B 874 9.06 39.91 -1.09
CA TYR B 874 9.85 39.62 0.10
C TYR B 874 9.39 38.33 0.75
N PHE B 875 8.07 38.15 0.89
CA PHE B 875 7.56 36.92 1.46
C PHE B 875 7.91 35.72 0.59
N LEU B 876 7.75 35.86 -0.73
CA LEU B 876 8.03 34.74 -1.62
C LEU B 876 9.52 34.42 -1.70
N ALA B 877 10.38 35.45 -1.52
CA ALA B 877 11.81 35.25 -1.64
C ALA B 877 12.41 34.45 -0.49
N GLN B 878 11.64 34.18 0.57
CA GLN B 878 12.15 33.51 1.76
C GLN B 878 11.23 32.36 2.15
N LEU B 879 10.85 31.56 1.16
CA LEU B 879 9.94 30.43 1.37
C LEU B 879 10.66 29.12 1.10
N ASP B 880 10.60 28.21 2.06
CA ASP B 880 11.08 26.84 1.91
C ASP B 880 9.93 25.85 2.10
N VAL B 881 8.71 26.29 1.77
CA VAL B 881 7.53 25.47 2.03
C VAL B 881 7.57 24.20 1.19
N LYS B 882 6.86 23.18 1.66
CA LYS B 882 6.89 21.89 1.00
C LYS B 882 6.30 21.96 -0.41
N GLU B 883 5.16 22.62 -0.56
CA GLU B 883 4.42 22.61 -1.81
C GLU B 883 3.97 24.01 -2.17
N ILE B 884 4.14 24.37 -3.45
CA ILE B 884 3.65 25.62 -4.00
C ILE B 884 3.05 25.33 -5.37
N HIS B 885 1.86 25.85 -5.63
CA HIS B 885 1.21 25.72 -6.92
C HIS B 885 1.39 27.00 -7.73
N GLY B 886 1.45 26.83 -9.04
CA GLY B 886 1.64 27.97 -9.92
C GLY B 886 2.92 28.73 -9.67
N TYR B 887 3.92 28.08 -9.09
CA TYR B 887 5.22 28.69 -8.87
C TYR B 887 6.31 27.73 -9.28
N ASN B 888 7.29 28.24 -10.04
CA ASN B 888 8.45 27.47 -10.48
C ASN B 888 9.69 28.24 -10.07
N PRO B 889 10.18 28.04 -8.84
CA PRO B 889 11.26 28.91 -8.35
C PRO B 889 12.47 28.93 -9.25
N ASP B 890 12.80 27.80 -9.86
CA ASP B 890 14.00 27.70 -10.69
C ASP B 890 13.82 28.34 -12.06
N LEU B 891 12.58 28.66 -12.46
CA LEU B 891 12.30 29.22 -13.77
C LEU B 891 11.87 30.67 -13.71
N GLY B 892 10.94 31.02 -12.83
CA GLY B 892 10.50 32.40 -12.71
C GLY B 892 9.12 32.46 -12.05
N LEU B 893 8.42 33.55 -12.35
CA LEU B 893 7.07 33.76 -11.86
C LEU B 893 6.18 34.24 -13.01
N SER B 894 5.01 33.63 -13.14
CA SER B 894 4.08 34.00 -14.20
C SER B 894 3.55 35.41 -13.95
N VAL B 895 3.75 36.31 -14.92
CA VAL B 895 3.29 37.69 -14.80
C VAL B 895 2.92 38.18 -16.20
N PHE B 896 1.82 38.94 -16.27
CA PHE B 896 1.40 39.52 -17.53
C PHE B 896 2.47 40.45 -18.08
N THR B 897 2.65 40.42 -19.40
CA THR B 897 3.60 41.31 -20.05
C THR B 897 3.08 42.73 -20.06
N GLN B 898 4.00 43.69 -20.20
CA GLN B 898 3.62 45.09 -20.20
C GLN B 898 2.63 45.39 -21.32
N ALA B 899 2.91 44.90 -22.53
CA ALA B 899 2.03 45.17 -23.66
C ALA B 899 0.64 44.60 -23.43
N ALA B 900 0.56 43.37 -22.90
CA ALA B 900 -0.75 42.76 -22.67
C ALA B 900 -1.56 43.56 -21.66
N LEU B 901 -0.91 43.99 -20.56
CA LEU B 901 -1.63 44.78 -19.56
C LEU B 901 -2.08 46.11 -20.13
N ALA B 902 -1.22 46.78 -20.91
CA ALA B 902 -1.63 48.03 -21.52
C ALA B 902 -2.81 47.83 -22.46
N ARG B 903 -2.77 46.74 -23.25
CA ARG B 903 -3.86 46.46 -24.17
C ARG B 903 -5.16 46.22 -23.43
N MET B 904 -5.11 45.42 -22.37
CA MET B 904 -6.32 45.12 -21.60
C MET B 904 -6.87 46.37 -20.93
N GLU B 905 -5.99 47.21 -20.37
CA GLU B 905 -6.45 48.46 -19.76
C GLU B 905 -7.08 49.37 -20.79
N ALA B 906 -6.47 49.46 -21.97
CA ALA B 906 -7.06 50.29 -23.03
C ALA B 906 -8.43 49.76 -23.45
N ALA B 907 -8.55 48.43 -23.56
CA ALA B 907 -9.84 47.85 -23.91
C ALA B 907 -10.89 48.14 -22.85
N ARG B 908 -10.52 48.04 -21.57
CA ARG B 908 -11.46 48.33 -20.50
C ARG B 908 -11.88 49.80 -20.52
N ASN B 909 -10.92 50.71 -20.73
CA ASN B 909 -11.24 52.12 -20.80
C ASN B 909 -12.16 52.41 -21.98
N ALA B 910 -11.91 51.79 -23.13
CA ALA B 910 -12.77 51.97 -24.28
C ALA B 910 -14.17 51.44 -24.01
N VAL B 911 -14.27 50.29 -23.33
CA VAL B 911 -15.57 49.74 -22.99
C VAL B 911 -16.33 50.70 -22.09
N ALA B 912 -15.66 51.25 -21.08
CA ALA B 912 -16.31 52.20 -20.19
C ALA B 912 -16.75 53.46 -20.94
N THR B 913 -15.91 53.95 -21.85
CA THR B 913 -16.23 55.17 -22.57
C THR B 913 -17.34 54.95 -23.58
N VAL B 914 -17.47 53.73 -24.12
CA VAL B 914 -18.49 53.47 -25.14
C VAL B 914 -19.88 53.74 -24.59
N GLY B 915 -20.07 53.58 -23.28
CA GLY B 915 -21.38 53.85 -22.70
C GLY B 915 -21.76 55.32 -22.72
N ALA B 916 -20.76 56.22 -22.75
CA ALA B 916 -21.01 57.65 -22.81
C ALA B 916 -21.12 58.16 -24.25
N ALA B 917 -20.85 57.33 -25.24
CA ALA B 917 -20.91 57.74 -26.64
C ALA B 917 -22.29 58.25 -27.01
N SER C 23 -22.33 16.65 62.70
CA SER C 23 -20.98 16.25 62.21
C SER C 23 -20.83 16.55 60.73
N TYR C 24 -21.90 16.31 59.98
CA TYR C 24 -21.93 16.52 58.54
C TYR C 24 -22.49 17.88 58.14
N THR C 25 -22.83 18.73 59.11
CA THR C 25 -23.39 20.05 58.82
C THR C 25 -22.27 21.04 58.56
N ARG C 26 -21.58 20.81 57.45
CA ARG C 26 -20.55 21.71 56.95
C ARG C 26 -21.06 22.65 55.87
N LEU C 27 -21.93 22.17 54.98
CA LEU C 27 -22.46 23.03 53.93
C LEU C 27 -23.32 24.15 54.50
N ASP C 28 -24.21 23.81 55.44
CA ASP C 28 -25.09 24.82 56.02
C ASP C 28 -24.28 25.87 56.78
N THR C 29 -23.33 25.42 57.59
CA THR C 29 -22.54 26.38 58.36
C THR C 29 -21.69 27.24 57.44
N TRP C 30 -21.14 26.67 56.36
CA TRP C 30 -20.36 27.46 55.43
C TRP C 30 -21.23 28.48 54.69
N ASN C 31 -22.45 28.11 54.31
CA ASN C 31 -23.35 29.07 53.69
C ASN C 31 -23.69 30.18 54.66
N LEU C 32 -23.95 29.84 55.92
CA LEU C 32 -24.25 30.86 56.92
C LEU C 32 -23.05 31.78 57.12
N LEU C 33 -21.84 31.23 57.10
CA LEU C 33 -20.64 32.05 57.18
C LEU C 33 -20.52 32.98 55.97
N ASP C 34 -20.89 32.49 54.78
CA ASP C 34 -20.90 33.35 53.61
C ASP C 34 -21.88 34.50 53.79
N ASP C 35 -23.07 34.21 54.32
CA ASP C 35 -24.03 35.28 54.60
C ASP C 35 -23.46 36.28 55.60
N ALA C 36 -22.81 35.79 56.65
CA ALA C 36 -22.25 36.68 57.66
C ALA C 36 -21.17 37.57 57.07
N CYS C 37 -20.32 37.00 56.22
CA CYS C 37 -19.26 37.80 55.61
C CYS C 37 -19.83 38.79 54.60
N ARG C 38 -20.91 38.42 53.91
CA ARG C 38 -21.60 39.38 53.05
C ARG C 38 -22.12 40.56 53.87
N HIS C 39 -22.73 40.28 55.02
CA HIS C 39 -23.19 41.37 55.89
C HIS C 39 -22.03 42.22 56.37
N LEU C 40 -20.92 41.58 56.74
CA LEU C 40 -19.74 42.33 57.16
C LEU C 40 -19.26 43.25 56.05
N ALA C 41 -19.20 42.75 54.82
CA ALA C 41 -18.80 43.58 53.70
C ALA C 41 -19.77 44.74 53.50
N GLU C 42 -21.07 44.47 53.61
CA GLU C 42 -22.06 45.53 53.41
C GLU C 42 -21.89 46.64 54.45
N VAL C 43 -21.72 46.27 55.71
CA VAL C 43 -21.63 47.27 56.77
C VAL C 43 -20.34 48.07 56.65
N ASP C 44 -19.21 47.39 56.43
CA ASP C 44 -17.93 48.08 56.33
C ASP C 44 -17.84 48.98 55.10
N LEU C 45 -18.73 48.80 54.13
CA LEU C 45 -18.72 49.67 52.96
C LEU C 45 -19.03 51.11 53.35
N ALA C 46 -20.00 51.30 54.24
CA ALA C 46 -20.44 52.62 54.67
C ALA C 46 -19.71 53.12 55.91
N GLY C 47 -18.79 52.32 56.47
CA GLY C 47 -18.03 52.75 57.63
C GLY C 47 -18.75 52.63 58.95
N LEU C 48 -19.93 52.02 58.98
CA LEU C 48 -20.66 51.86 60.24
C LEU C 48 -19.83 51.05 61.23
N ASP C 49 -20.20 51.14 62.50
CA ASP C 49 -19.55 50.32 63.52
C ASP C 49 -19.85 48.85 63.23
N THR C 50 -18.79 48.08 62.98
CA THR C 50 -18.91 46.69 62.53
C THR C 50 -18.33 45.71 63.53
N THR C 51 -18.11 46.14 64.77
CA THR C 51 -17.50 45.26 65.76
C THR C 51 -18.35 44.01 66.00
N HIS C 52 -19.67 44.18 66.10
CA HIS C 52 -20.53 43.01 66.34
C HIS C 52 -20.45 42.01 65.19
N ASP C 53 -20.46 42.50 63.95
CA ASP C 53 -20.45 41.59 62.81
C ASP C 53 -19.10 40.86 62.69
N VAL C 54 -18.00 41.56 62.93
CA VAL C 54 -16.71 40.88 62.91
C VAL C 54 -16.63 39.87 64.05
N ALA C 55 -17.22 40.19 65.20
CA ALA C 55 -17.29 39.22 66.27
C ALA C 55 -18.05 37.98 65.84
N ARG C 56 -19.18 38.18 65.16
CA ARG C 56 -19.95 37.04 64.64
C ARG C 56 -19.13 36.22 63.66
N ALA C 57 -18.38 36.90 62.79
CA ALA C 57 -17.54 36.20 61.82
C ALA C 57 -16.48 35.36 62.54
N LYS C 58 -15.83 35.93 63.55
CA LYS C 58 -14.83 35.19 64.32
C LYS C 58 -15.47 33.98 65.00
N ARG C 59 -16.65 34.18 65.59
CA ARG C 59 -17.36 33.08 66.23
C ARG C 59 -17.62 31.95 65.25
N LEU C 60 -18.14 32.29 64.07
CA LEU C 60 -18.48 31.27 63.09
C LEU C 60 -17.22 30.59 62.55
N MET C 61 -16.13 31.34 62.40
CA MET C 61 -14.88 30.75 61.96
C MET C 61 -14.36 29.74 62.97
N ASP C 62 -14.44 30.10 64.26
CA ASP C 62 -14.01 29.16 65.30
C ASP C 62 -14.92 27.94 65.34
N ARG C 63 -16.21 28.13 65.06
CA ARG C 63 -17.09 26.97 64.92
C ARG C 63 -16.64 26.09 63.75
N ILE C 64 -16.22 26.71 62.65
CA ILE C 64 -15.72 25.95 61.50
C ILE C 64 -14.50 25.13 61.90
N GLY C 65 -13.60 25.72 62.69
CA GLY C 65 -12.31 25.10 62.92
C GLY C 65 -12.37 23.71 63.53
N ALA C 66 -13.47 23.36 64.19
CA ALA C 66 -13.54 22.07 64.87
C ALA C 66 -13.51 20.91 63.89
N TYR C 67 -14.40 20.90 62.90
CA TYR C 67 -14.52 19.79 61.96
C TYR C 67 -13.75 20.00 60.67
N GLU C 68 -12.98 21.08 60.54
CA GLU C 68 -12.45 21.45 59.24
C GLU C 68 -11.33 20.51 58.78
N ARG C 69 -10.57 19.96 59.72
CA ARG C 69 -9.39 19.18 59.34
C ARG C 69 -9.76 17.89 58.61
N TYR C 70 -11.00 17.43 58.74
CA TYR C 70 -11.37 16.18 58.08
C TYR C 70 -11.46 16.35 56.57
N TRP C 71 -12.03 17.46 56.11
CA TRP C 71 -12.17 17.73 54.68
C TRP C 71 -10.89 18.40 54.15
N LEU C 72 -10.73 18.33 52.83
CA LEU C 72 -9.43 18.53 52.21
C LEU C 72 -9.25 19.91 51.58
N TYR C 73 -10.23 20.43 50.85
CA TYR C 73 -9.99 21.63 50.06
C TYR C 73 -9.77 22.85 50.96
N PRO C 74 -10.78 23.34 51.70
CA PRO C 74 -10.59 24.57 52.46
C PRO C 74 -9.95 24.34 53.82
N GLY C 75 -9.34 23.18 54.02
CA GLY C 75 -8.97 22.76 55.36
C GLY C 75 -8.10 23.71 56.16
N ALA C 76 -6.82 23.83 55.82
CA ALA C 76 -5.89 24.60 56.64
C ALA C 76 -5.55 25.96 56.03
N GLN C 77 -4.95 25.98 54.83
CA GLN C 77 -4.38 27.22 54.33
C GLN C 77 -5.46 28.23 53.96
N ASN C 78 -6.55 27.76 53.35
CA ASN C 78 -7.60 28.67 52.92
C ASN C 78 -8.21 29.39 54.11
N LEU C 79 -8.57 28.64 55.16
CA LEU C 79 -9.17 29.28 56.33
C LEU C 79 -8.14 30.11 57.09
N ALA C 80 -6.87 29.71 57.08
CA ALA C 80 -5.85 30.55 57.70
C ALA C 80 -5.77 31.91 57.01
N THR C 81 -5.75 31.91 55.68
CA THR C 81 -5.72 33.16 54.94
C THR C 81 -7.00 33.97 55.17
N PHE C 82 -8.14 33.29 55.23
CA PHE C 82 -9.38 34.00 55.50
C PHE C 82 -9.34 34.69 56.86
N ARG C 83 -8.84 33.99 57.88
CA ARG C 83 -8.69 34.60 59.19
C ARG C 83 -7.72 35.77 59.15
N ALA C 84 -6.61 35.62 58.43
CA ALA C 84 -5.68 36.72 58.28
C ALA C 84 -6.37 37.95 57.72
N HIS C 85 -7.24 37.75 56.73
CA HIS C 85 -8.04 38.85 56.21
C HIS C 85 -8.98 39.41 57.27
N LEU C 86 -9.62 38.53 58.05
CA LEU C 86 -10.63 38.99 59.00
C LEU C 86 -10.04 39.96 60.02
N ASP C 87 -8.86 39.64 60.57
CA ASP C 87 -8.25 40.54 61.54
C ASP C 87 -7.86 41.86 60.90
N SER C 88 -7.34 41.81 59.67
CA SER C 88 -6.91 43.02 58.98
C SER C 88 -8.06 43.94 58.60
N HIS C 89 -9.30 43.47 58.71
CA HIS C 89 -10.48 44.27 58.37
C HIS C 89 -10.60 44.50 56.87
N SER C 90 -10.18 43.53 56.08
CA SER C 90 -10.28 43.61 54.62
C SER C 90 -11.54 42.88 54.14
N THR C 91 -12.68 43.48 54.45
CA THR C 91 -13.95 42.81 54.17
C THR C 91 -14.16 42.62 52.68
N VAL C 92 -13.73 43.59 51.87
CA VAL C 92 -14.00 43.54 50.44
C VAL C 92 -13.47 42.24 49.85
N ARG C 93 -12.20 41.91 50.11
CA ARG C 93 -11.63 40.66 49.62
C ARG C 93 -12.17 39.47 50.39
N LEU C 94 -12.43 39.62 51.70
CA LEU C 94 -12.82 38.49 52.52
C LEU C 94 -14.15 37.91 52.05
N THR C 95 -15.15 38.77 51.83
CA THR C 95 -16.45 38.28 51.43
C THR C 95 -16.38 37.58 50.07
N GLU C 96 -15.62 38.16 49.14
CA GLU C 96 -15.48 37.53 47.83
C GLU C 96 -14.80 36.17 47.93
N GLU C 97 -13.73 36.09 48.73
CA GLU C 97 -13.03 34.82 48.88
C GLU C 97 -13.93 33.76 49.50
N VAL C 98 -14.67 34.14 50.54
CA VAL C 98 -15.55 33.17 51.20
C VAL C 98 -16.66 32.75 50.26
N SER C 99 -17.23 33.68 49.49
CA SER C 99 -18.29 33.32 48.57
C SER C 99 -17.79 32.35 47.50
N LEU C 100 -16.60 32.62 46.94
CA LEU C 100 -16.03 31.70 45.97
C LEU C 100 -15.78 30.33 46.59
N ALA C 101 -15.21 30.31 47.80
CA ALA C 101 -14.90 29.04 48.43
C ALA C 101 -16.15 28.22 48.70
N VAL C 102 -17.20 28.87 49.21
CA VAL C 102 -18.43 28.15 49.51
C VAL C 102 -19.12 27.70 48.23
N ARG C 103 -18.99 28.47 47.15
CA ARG C 103 -19.57 28.05 45.88
C ARG C 103 -18.96 26.74 45.40
N LEU C 104 -17.65 26.74 45.15
CA LEU C 104 -16.98 25.54 44.69
C LEU C 104 -17.17 24.38 45.66
N LEU C 105 -17.18 24.65 46.96
CA LEU C 105 -17.32 23.58 47.94
C LEU C 105 -18.65 22.87 47.81
N SER C 106 -19.73 23.63 47.54
CA SER C 106 -21.04 23.02 47.44
C SER C 106 -21.22 22.23 46.15
N GLU C 107 -20.49 22.59 45.10
CA GLU C 107 -20.69 21.98 43.79
C GLU C 107 -19.88 20.70 43.62
N TYR C 108 -18.56 20.78 43.77
CA TYR C 108 -17.69 19.65 43.47
C TYR C 108 -17.36 18.83 44.71
N GLY C 109 -16.82 19.48 45.74
CA GLY C 109 -16.38 18.79 46.95
C GLY C 109 -14.89 19.00 47.18
N ASP C 110 -14.23 17.94 47.66
CA ASP C 110 -12.79 17.99 47.88
C ASP C 110 -12.01 18.09 46.58
N ARG C 111 -12.65 17.89 45.43
CA ARG C 111 -11.96 17.93 44.15
C ARG C 111 -11.25 19.26 43.94
N THR C 112 -11.71 20.32 44.59
CA THR C 112 -11.16 21.66 44.36
C THR C 112 -9.71 21.79 44.82
N ALA C 113 -9.18 20.81 45.56
CA ALA C 113 -7.81 20.91 46.03
C ALA C 113 -6.82 21.04 44.88
N LEU C 114 -7.18 20.61 43.68
CA LEU C 114 -6.33 20.73 42.50
C LEU C 114 -6.66 21.92 41.63
N PHE C 115 -7.74 22.64 41.94
CA PHE C 115 -8.24 23.65 41.01
C PHE C 115 -7.24 24.78 40.80
N ASP C 116 -6.64 25.27 41.89
CA ASP C 116 -5.86 26.52 41.84
C ASP C 116 -6.75 27.66 41.33
N THR C 117 -7.76 27.97 42.16
CA THR C 117 -8.80 28.92 41.78
C THR C 117 -8.27 30.31 41.45
N SER C 118 -6.98 30.57 41.65
CA SER C 118 -6.42 31.91 41.46
C SER C 118 -6.24 32.19 39.97
N ALA C 119 -7.26 32.77 39.36
CA ALA C 119 -7.18 33.37 38.03
C ALA C 119 -7.07 32.33 36.91
N SER C 120 -7.63 31.14 37.11
CA SER C 120 -7.70 30.15 36.04
C SER C 120 -9.01 29.37 36.08
N LEU C 121 -9.99 29.82 36.86
CA LEU C 121 -11.10 28.95 37.24
C LEU C 121 -11.92 28.51 36.03
N ALA C 122 -12.16 29.43 35.09
CA ALA C 122 -13.15 29.17 34.05
C ALA C 122 -12.91 27.85 33.34
N GLU C 123 -11.68 27.57 32.95
CA GLU C 123 -11.37 26.31 32.29
C GLU C 123 -11.51 25.13 33.26
N GLN C 124 -10.93 25.25 34.45
CA GLN C 124 -10.88 24.12 35.36
C GLN C 124 -12.27 23.65 35.77
N GLU C 125 -13.25 24.54 35.80
CA GLU C 125 -14.61 24.12 36.14
C GLU C 125 -15.18 23.21 35.07
N LEU C 126 -14.92 23.53 33.80
CA LEU C 126 -15.47 22.72 32.71
C LEU C 126 -14.98 21.28 32.79
N VAL C 127 -13.67 21.09 32.94
CA VAL C 127 -13.13 19.75 33.04
C VAL C 127 -13.80 19.00 34.19
N ALA C 128 -13.94 19.65 35.34
CA ALA C 128 -14.53 19.01 36.50
C ALA C 128 -15.98 18.60 36.26
N GLN C 129 -16.68 19.24 35.31
CA GLN C 129 -18.07 18.91 35.06
C GLN C 129 -18.25 17.65 34.23
N ALA C 130 -17.18 17.11 33.66
CA ALA C 130 -17.24 15.84 32.97
C ALA C 130 -17.02 14.72 33.99
N LYS C 131 -18.00 13.84 34.12
CA LYS C 131 -18.02 12.87 35.20
C LYS C 131 -17.28 11.58 34.87
N GLN C 132 -16.64 11.49 33.70
CA GLN C 132 -15.86 10.30 33.38
C GLN C 132 -14.52 10.26 34.09
N GLN C 133 -14.04 11.39 34.59
CA GLN C 133 -12.81 11.46 35.36
C GLN C 133 -13.16 11.50 36.85
N GLN C 134 -12.66 10.52 37.60
CA GLN C 134 -13.02 10.38 39.00
C GLN C 134 -12.04 11.14 39.89
N PHE C 135 -12.36 11.19 41.18
CA PHE C 135 -11.49 11.82 42.16
C PHE C 135 -11.70 11.15 43.50
N TYR C 136 -10.61 10.95 44.23
CA TYR C 136 -10.65 10.40 45.58
C TYR C 136 -9.60 11.11 46.42
N THR C 137 -9.80 11.09 47.74
CA THR C 137 -8.82 11.60 48.69
C THR C 137 -8.31 10.45 49.54
N VAL C 138 -7.01 10.47 49.82
CA VAL C 138 -6.35 9.39 50.54
C VAL C 138 -5.78 9.96 51.84
N LEU C 139 -6.19 9.37 52.95
CA LEU C 139 -5.70 9.79 54.25
C LEU C 139 -4.25 9.39 54.43
N LEU C 140 -3.46 10.26 55.04
CA LEU C 140 -2.04 10.02 55.32
C LEU C 140 -1.83 10.28 56.80
N ALA C 141 -2.05 9.26 57.62
CA ALA C 141 -1.87 9.38 59.07
C ALA C 141 -0.38 9.37 59.37
N ASP C 142 0.23 10.54 59.31
CA ASP C 142 1.67 10.69 59.48
C ASP C 142 1.93 11.71 60.58
N ASP C 143 2.81 11.36 61.52
CA ASP C 143 3.17 12.28 62.59
C ASP C 143 3.96 13.47 62.06
N SER C 144 4.85 13.24 61.10
CA SER C 144 5.67 14.31 60.55
C SER C 144 4.80 15.31 59.79
N PRO C 149 11.05 19.96 51.29
CA PRO C 149 11.73 19.38 50.13
C PRO C 149 11.60 17.86 50.07
N ASP C 150 12.01 17.17 51.13
CA ASP C 150 11.94 15.72 51.21
C ASP C 150 10.85 15.35 52.21
N SER C 151 9.86 14.60 51.75
CA SER C 151 8.76 14.14 52.59
C SER C 151 7.85 13.24 51.77
N LEU C 152 7.13 12.34 52.42
CA LEU C 152 6.27 11.43 51.67
C LEU C 152 5.08 12.18 51.07
N ALA C 153 4.47 13.07 51.85
CA ALA C 153 3.35 13.85 51.32
C ALA C 153 3.79 14.72 50.15
N GLU C 154 4.94 15.38 50.27
CA GLU C 154 5.44 16.19 49.16
C GLU C 154 5.90 15.33 48.00
N CYS C 155 6.33 14.10 48.26
CA CYS C 155 6.73 13.21 47.18
C CYS C 155 5.57 12.87 46.27
N LEU C 156 4.33 13.05 46.74
CA LEU C 156 3.16 12.91 45.88
C LEU C 156 3.15 13.95 44.78
N ARG C 157 3.61 15.16 45.09
CA ARG C 157 3.61 16.23 44.10
C ARG C 157 4.44 15.86 42.88
N GLN C 158 5.41 14.97 43.04
CA GLN C 158 6.26 14.55 41.93
C GLN C 158 5.81 13.24 41.29
N LEU C 159 4.79 12.57 41.85
CA LEU C 159 4.37 11.26 41.36
C LEU C 159 2.96 11.24 40.79
N ARG C 160 2.14 12.25 41.05
CA ARG C 160 0.77 12.29 40.57
C ARG C 160 0.72 13.02 39.24
N ASN C 161 0.31 12.30 38.16
CA ASN C 161 0.21 12.91 36.84
C ASN C 161 -1.24 13.25 36.53
N PRO C 162 -1.50 14.31 35.76
CA PRO C 162 -2.89 14.74 35.53
C PRO C 162 -3.61 13.99 34.41
N ALA C 163 -3.09 12.85 33.95
CA ALA C 163 -3.68 12.15 32.81
C ALA C 163 -4.59 11.00 33.21
N ASP C 164 -4.36 10.40 34.38
CA ASP C 164 -5.20 9.28 34.80
C ASP C 164 -6.64 9.72 34.97
N GLU C 165 -7.57 8.82 34.64
CA GLU C 165 -8.98 9.09 34.88
C GLU C 165 -9.27 9.25 36.36
N VAL C 166 -8.49 8.59 37.21
CA VAL C 166 -8.66 8.63 38.65
C VAL C 166 -7.44 9.32 39.25
N GLN C 167 -7.66 10.50 39.82
CA GLN C 167 -6.62 11.28 40.47
C GLN C 167 -6.94 11.41 41.96
N PHE C 168 -6.03 12.02 42.70
CA PHE C 168 -6.24 12.17 44.13
C PHE C 168 -5.27 13.17 44.75
N GLU C 169 -5.80 14.05 45.60
CA GLU C 169 -5.00 14.81 46.55
C GLU C 169 -5.14 14.14 47.91
N LEU C 170 -4.06 14.16 48.69
CA LEU C 170 -3.96 13.35 49.90
C LEU C 170 -4.17 14.20 51.15
N LEU C 171 -5.08 13.74 52.00
CA LEU C 171 -5.28 14.35 53.30
C LEU C 171 -4.19 13.90 54.27
N VAL C 172 -3.90 14.75 55.25
CA VAL C 172 -2.84 14.47 56.22
C VAL C 172 -3.44 14.51 57.62
N VAL C 173 -2.90 13.67 58.50
CA VAL C 173 -3.33 13.61 59.90
C VAL C 173 -2.16 13.07 60.72
N ALA C 174 -2.08 13.53 61.96
CA ALA C 174 -0.96 13.21 62.85
C ALA C 174 -1.44 12.49 64.11
N SER C 175 -2.32 11.51 63.94
CA SER C 175 -2.85 10.76 65.07
C SER C 175 -3.71 9.63 64.54
N ILE C 176 -4.06 8.70 65.42
CA ILE C 176 -4.96 7.61 65.06
C ILE C 176 -6.40 7.98 65.33
N GLU C 177 -6.67 8.66 66.45
CA GLU C 177 -8.04 9.12 66.71
C GLU C 177 -8.49 10.11 65.65
N ASP C 178 -7.59 11.01 65.23
CA ASP C 178 -7.93 11.94 64.18
C ASP C 178 -8.23 11.22 62.87
N ALA C 179 -7.43 10.20 62.55
CA ALA C 179 -7.66 9.43 61.34
C ALA C 179 -9.01 8.72 61.38
N ILE C 180 -9.33 8.09 62.52
CA ILE C 180 -10.61 7.40 62.64
C ILE C 180 -11.76 8.38 62.47
N THR C 181 -11.67 9.53 63.14
CA THR C 181 -12.74 10.52 63.04
C THR C 181 -12.89 11.04 61.62
N ALA C 182 -11.77 11.33 60.95
CA ALA C 182 -11.84 11.83 59.59
C ALA C 182 -12.46 10.79 58.66
N VAL C 183 -12.09 9.52 58.82
CA VAL C 183 -12.68 8.48 57.99
C VAL C 183 -14.18 8.37 58.26
N ALA C 184 -14.57 8.43 59.53
CA ALA C 184 -15.99 8.30 59.86
C ALA C 184 -16.80 9.45 59.27
N LEU C 185 -16.29 10.68 59.37
CA LEU C 185 -17.04 11.84 58.92
C LEU C 185 -16.90 12.05 57.41
N ASN C 186 -15.67 12.26 56.94
CA ASN C 186 -15.45 12.49 55.53
C ASN C 186 -15.73 11.21 54.74
N GLY C 187 -16.56 11.33 53.71
CA GLY C 187 -16.95 10.21 52.88
C GLY C 187 -16.18 10.03 51.60
N GLU C 188 -15.29 10.95 51.27
CA GLU C 188 -14.46 10.83 50.07
C GLU C 188 -13.16 10.07 50.32
N ILE C 189 -12.96 9.57 51.54
CA ILE C 189 -11.75 8.80 51.86
C ILE C 189 -11.94 7.39 51.35
N GLN C 190 -11.03 6.94 50.48
CA GLN C 190 -11.04 5.58 49.98
C GLN C 190 -9.71 4.87 50.15
N ALA C 191 -8.67 5.55 50.63
CA ALA C 191 -7.40 4.90 50.90
C ALA C 191 -6.75 5.59 52.10
N ALA C 192 -6.47 4.83 53.15
CA ALA C 192 -5.81 5.34 54.34
C ALA C 192 -4.40 4.77 54.41
N ILE C 193 -3.42 5.64 54.53
CA ILE C 193 -2.01 5.26 54.65
C ILE C 193 -1.61 5.52 56.09
N ILE C 194 -1.57 4.49 56.90
CA ILE C 194 -1.21 4.59 58.32
C ILE C 194 0.30 4.44 58.46
N ARG C 195 0.88 5.26 59.34
CA ARG C 195 2.31 5.23 59.61
C ARG C 195 2.54 4.57 60.96
N HIS C 196 3.47 3.60 60.99
CA HIS C 196 3.74 2.86 62.23
C HIS C 196 4.00 3.81 63.39
N ASP C 197 4.95 4.73 63.23
CA ASP C 197 5.36 5.62 64.30
C ASP C 197 4.41 6.82 64.36
N LEU C 198 3.22 6.57 64.91
CA LEU C 198 2.24 7.61 65.12
C LEU C 198 1.98 7.80 66.61
N PRO C 199 1.92 9.05 67.09
CA PRO C 199 1.88 9.28 68.54
C PRO C 199 0.79 8.48 69.26
N LEU C 200 -0.46 8.67 68.86
CA LEU C 200 -1.59 8.02 69.51
C LEU C 200 -1.84 6.68 68.85
N ARG C 201 -2.01 5.64 69.67
CA ARG C 201 -2.28 4.30 69.17
C ARG C 201 -1.37 3.94 68.00
N ASP C 227 -2.23 -3.05 68.62
CA ASP C 227 -2.72 -1.69 68.80
C ASP C 227 -2.98 -1.01 67.47
N TRP C 228 -1.94 -0.95 66.63
CA TRP C 228 -2.11 -0.40 65.28
C TRP C 228 -3.06 -1.26 64.46
N VAL C 229 -2.99 -2.58 64.60
CA VAL C 229 -3.92 -3.43 63.87
C VAL C 229 -5.36 -3.17 64.30
N GLU C 230 -5.58 -2.99 65.61
CA GLU C 230 -6.95 -2.82 66.09
C GLU C 230 -7.59 -1.55 65.54
N CYS C 231 -6.85 -0.43 65.54
CA CYS C 231 -7.41 0.80 64.96
C CYS C 231 -7.64 0.61 63.48
N ALA C 232 -6.73 -0.09 62.81
CA ALA C 232 -6.90 -0.34 61.39
C ALA C 232 -8.16 -1.18 61.16
N GLU C 233 -8.41 -2.14 62.04
CA GLU C 233 -9.65 -2.91 61.93
C GLU C 233 -10.87 -2.01 62.10
N TRP C 234 -10.81 -1.06 63.03
CA TRP C 234 -11.93 -0.14 63.20
C TRP C 234 -12.15 0.70 61.96
N ILE C 235 -11.07 1.19 61.35
CA ILE C 235 -11.20 1.96 60.11
C ILE C 235 -11.78 1.09 59.01
N ARG C 236 -11.34 -0.17 58.95
CA ARG C 236 -11.84 -1.08 57.93
C ARG C 236 -13.33 -1.33 58.12
N GLU C 237 -13.78 -1.43 59.37
CA GLU C 237 -15.18 -1.72 59.62
C GLU C 237 -16.06 -0.50 59.32
N LEU C 238 -15.56 0.69 59.65
CA LEU C 238 -16.36 1.90 59.46
C LEU C 238 -16.54 2.21 57.97
N ARG C 239 -15.49 2.01 57.17
CA ARG C 239 -15.52 2.49 55.79
C ARG C 239 -16.66 1.91 54.96
N PRO C 240 -16.96 0.60 55.01
CA PRO C 240 -18.13 0.05 54.33
C PRO C 240 -19.43 0.81 54.63
N ASP C 261 -1.71 -15.04 56.72
CA ASP C 261 -1.74 -13.59 56.55
C ASP C 261 -3.08 -13.02 56.97
N VAL C 262 -3.16 -11.68 57.01
CA VAL C 262 -4.37 -10.97 57.40
C VAL C 262 -4.81 -10.11 56.23
N TYR C 263 -6.10 -10.18 55.89
CA TYR C 263 -6.61 -9.42 54.75
C TYR C 263 -6.45 -7.92 54.99
N ASP C 264 -6.71 -7.46 56.22
CA ASP C 264 -6.48 -6.06 56.55
C ASP C 264 -5.01 -5.74 56.43
N ARG C 265 -4.69 -4.59 55.84
CA ARG C 265 -3.31 -4.15 55.69
C ARG C 265 -3.08 -2.83 56.38
N THR C 266 -2.09 -2.80 57.26
CA THR C 266 -1.54 -1.57 57.83
C THR C 266 -0.07 -1.59 57.44
N PHE C 267 0.40 -0.56 56.75
CA PHE C 267 1.75 -0.62 56.23
C PHE C 267 2.46 0.73 56.29
N TYR C 268 3.75 0.65 56.59
CA TYR C 268 4.68 1.77 56.51
C TYR C 268 5.78 1.35 55.55
N ARG C 269 6.04 2.17 54.53
CA ARG C 269 6.99 1.77 53.50
C ARG C 269 8.34 1.40 54.11
N LEU C 270 8.76 0.16 53.88
CA LEU C 270 10.05 -0.28 54.39
C LEU C 270 11.19 0.50 53.73
N ASN C 271 10.94 1.11 52.58
CA ASN C 271 11.91 1.96 51.90
C ASN C 271 11.50 3.42 52.09
N ASP C 272 12.49 4.28 52.29
CA ASP C 272 12.20 5.69 52.56
C ASP C 272 11.73 6.42 51.31
N VAL C 273 12.33 6.09 50.15
CA VAL C 273 12.04 6.76 48.89
C VAL C 273 11.60 5.69 47.90
N THR C 274 10.28 5.52 47.74
CA THR C 274 9.74 4.59 46.77
C THR C 274 8.35 5.07 46.38
N ASP C 275 7.83 4.48 45.29
CA ASP C 275 6.54 4.88 44.74
C ASP C 275 5.42 4.16 45.49
N LEU C 276 5.16 4.64 46.71
CA LEU C 276 3.99 4.18 47.45
C LEU C 276 2.71 4.53 46.72
N HIS C 277 2.68 5.70 46.08
CA HIS C 277 1.45 6.17 45.45
C HIS C 277 0.99 5.22 44.35
N SER C 278 1.93 4.60 43.64
CA SER C 278 1.55 3.72 42.52
C SER C 278 0.68 2.56 42.98
N THR C 279 1.02 1.92 44.11
CA THR C 279 0.23 0.79 44.57
C THR C 279 -1.20 1.21 44.94
N VAL C 280 -1.36 2.36 45.60
CA VAL C 280 -2.69 2.76 46.04
C VAL C 280 -3.53 3.31 44.90
N LEU C 281 -2.90 3.82 43.84
CA LEU C 281 -3.65 4.32 42.70
C LEU C 281 -4.40 3.19 42.01
N ALA C 282 -3.77 2.00 41.91
CA ALA C 282 -4.45 0.84 41.36
C ALA C 282 -5.62 0.42 42.23
N GLY C 283 -5.49 0.55 43.55
CA GLY C 283 -6.62 0.27 44.41
C GLY C 283 -7.75 1.23 44.17
N LEU C 284 -7.44 2.51 44.00
CA LEU C 284 -8.46 3.50 43.70
C LEU C 284 -9.09 3.23 42.33
N ARG C 285 -8.28 2.74 41.38
CA ARG C 285 -8.81 2.44 40.05
C ARG C 285 -9.86 1.34 40.10
N ASN C 286 -9.76 0.42 41.07
CA ASN C 286 -10.81 -0.58 41.23
C ASN C 286 -12.12 0.10 41.58
N ARG C 287 -12.12 0.96 42.59
CA ARG C 287 -13.34 1.64 43.02
C ARG C 287 -13.87 2.58 41.94
N TYR C 288 -13.04 2.92 40.96
CA TYR C 288 -13.41 3.90 39.94
C TYR C 288 -14.63 3.42 39.18
N ALA C 289 -15.54 4.37 38.88
CA ALA C 289 -16.79 4.03 38.23
C ALA C 289 -17.46 2.94 39.07
N THR C 290 -18.14 1.99 38.46
CA THR C 290 -18.62 0.86 39.23
C THR C 290 -17.40 0.10 39.75
N PRO C 291 -17.43 -0.40 40.99
CA PRO C 291 -16.25 -1.11 41.48
C PRO C 291 -16.00 -2.32 40.60
N PHE C 292 -14.76 -2.46 40.14
CA PHE C 292 -14.46 -3.50 39.16
C PHE C 292 -15.59 -3.48 38.14
N PHE C 293 -16.20 -4.64 37.86
CA PHE C 293 -17.40 -4.70 37.03
C PHE C 293 -18.61 -5.17 37.84
N ASP C 294 -18.51 -5.10 39.17
CA ASP C 294 -19.54 -5.62 40.06
C ASP C 294 -20.93 -5.18 39.63
N ALA C 295 -21.89 -6.10 39.74
CA ALA C 295 -23.30 -5.91 39.45
C ALA C 295 -23.61 -5.84 37.96
N LEU C 296 -22.62 -5.92 37.08
CA LEU C 296 -22.85 -6.01 35.65
C LEU C 296 -22.48 -7.36 35.08
N ARG C 297 -21.39 -7.98 35.56
CA ARG C 297 -21.04 -9.33 35.18
C ARG C 297 -21.57 -10.37 36.16
N ALA C 298 -22.28 -9.95 37.21
CA ALA C 298 -22.83 -10.86 38.19
C ALA C 298 -24.29 -11.17 37.86
N LYS C 358 12.93 5.41 4.52
CA LYS C 358 13.82 5.93 5.54
C LYS C 358 13.06 6.76 6.56
N THR C 359 12.03 7.47 6.09
CA THR C 359 11.22 8.29 6.99
C THR C 359 10.53 7.42 8.04
N ALA C 360 10.09 6.22 7.64
CA ALA C 360 9.50 5.30 8.61
C ALA C 360 10.53 4.89 9.65
N MET C 361 11.77 4.64 9.23
CA MET C 361 12.82 4.32 10.19
C MET C 361 13.11 5.50 11.11
N ASP C 362 13.11 6.71 10.56
CA ASP C 362 13.40 7.88 11.38
C ASP C 362 12.32 8.10 12.42
N LYS C 363 11.05 7.87 12.07
CA LYS C 363 9.97 7.99 13.03
C LYS C 363 10.16 6.97 14.16
N ALA C 364 10.48 5.72 13.81
CA ALA C 364 10.69 4.71 14.84
C ALA C 364 11.98 4.97 15.62
N ALA C 365 12.95 5.63 15.01
CA ALA C 365 14.20 5.92 15.71
C ALA C 365 13.96 6.82 16.91
N VAL C 366 13.12 7.84 16.76
CA VAL C 366 12.83 8.75 17.87
C VAL C 366 11.66 8.27 18.71
N THR C 367 10.77 7.44 18.15
CA THR C 367 9.69 6.88 18.95
C THR C 367 10.24 6.00 20.07
N TRP C 368 11.30 5.25 19.79
CA TRP C 368 11.88 4.31 20.74
C TRP C 368 13.23 4.77 21.27
N ASN C 369 13.54 6.06 21.16
CA ASN C 369 14.75 6.62 21.75
C ASN C 369 16.00 5.92 21.23
N ALA C 370 15.98 5.56 19.95
CA ALA C 370 17.05 4.81 19.32
C ALA C 370 17.80 5.72 18.36
N ASN C 371 19.14 5.67 18.42
CA ASN C 371 19.94 6.49 17.52
C ASN C 371 19.69 6.09 16.07
N GLN C 372 19.63 4.80 15.79
CA GLN C 372 19.15 4.24 14.54
C GLN C 372 18.17 3.13 14.85
N THR C 373 17.56 2.57 13.81
CA THR C 373 16.60 1.49 14.01
C THR C 373 16.39 0.76 12.70
N TYR C 374 16.24 -0.56 12.81
CA TYR C 374 16.07 -1.43 11.65
C TYR C 374 14.91 -2.38 11.93
N PHE C 375 14.38 -2.97 10.86
CA PHE C 375 13.25 -3.87 10.96
C PHE C 375 13.66 -5.26 10.52
N VAL C 376 12.99 -6.27 11.08
CA VAL C 376 13.21 -7.66 10.73
C VAL C 376 11.85 -8.32 10.59
N THR C 377 11.66 -9.05 9.49
CA THR C 377 10.35 -9.60 9.18
C THR C 377 10.13 -10.98 9.77
N ASN C 378 11.17 -11.83 9.76
CA ASN C 378 10.97 -13.22 10.14
C ASN C 378 10.56 -13.35 11.61
N GLY C 379 11.19 -12.60 12.50
CA GLY C 379 10.81 -12.66 13.89
C GLY C 379 11.97 -12.24 14.79
N THR C 380 11.77 -12.48 16.09
CA THR C 380 12.78 -12.12 17.07
C THR C 380 14.06 -12.92 16.89
N SER C 381 13.93 -14.22 16.60
CA SER C 381 15.11 -15.06 16.50
C SER C 381 16.07 -14.57 15.42
N THR C 382 15.52 -14.16 14.28
CA THR C 382 16.37 -13.69 13.19
C THR C 382 17.09 -12.40 13.58
N ALA C 383 16.42 -11.50 14.30
CA ALA C 383 17.08 -10.30 14.78
C ALA C 383 18.19 -10.64 15.77
N ASN C 384 17.93 -11.59 16.66
CA ASN C 384 18.97 -12.03 17.59
C ASN C 384 20.19 -12.54 16.84
N LYS C 385 19.96 -13.40 15.85
CA LYS C 385 21.06 -13.94 15.07
C LYS C 385 21.80 -12.85 14.33
N ILE C 386 21.06 -11.88 13.78
CA ILE C 386 21.69 -10.78 13.05
C ILE C 386 22.60 -9.99 13.97
N VAL C 387 22.12 -9.67 15.17
CA VAL C 387 22.91 -8.87 16.11
C VAL C 387 24.16 -9.65 16.50
N VAL C 388 23.99 -10.92 16.86
CA VAL C 388 25.12 -11.72 17.32
C VAL C 388 26.16 -11.86 16.21
N GLN C 389 25.70 -12.10 14.98
CA GLN C 389 26.62 -12.26 13.85
C GLN C 389 27.31 -10.95 13.51
N ALA C 390 26.63 -9.81 13.71
CA ALA C 390 27.25 -8.52 13.43
C ALA C 390 28.26 -8.15 14.50
N LEU C 391 28.10 -8.65 15.72
CA LEU C 391 28.95 -8.22 16.83
C LEU C 391 29.98 -9.23 17.28
N THR C 392 29.82 -10.51 16.94
CA THR C 392 30.70 -11.56 17.41
C THR C 392 31.42 -12.23 16.25
N ARG C 393 32.72 -12.44 16.43
CA ARG C 393 33.61 -13.06 15.46
C ARG C 393 34.28 -14.23 16.13
N PRO C 394 34.83 -15.17 15.37
CA PRO C 394 35.42 -16.36 16.00
C PRO C 394 36.56 -15.96 16.93
N GLY C 395 36.66 -16.65 18.06
CA GLY C 395 37.65 -16.32 19.06
C GLY C 395 37.23 -15.27 20.06
N ASP C 396 35.95 -14.87 20.07
CA ASP C 396 35.45 -13.83 20.94
C ASP C 396 34.52 -14.41 21.99
N ILE C 397 34.70 -14.01 23.23
CA ILE C 397 33.95 -14.55 24.36
C ILE C 397 32.70 -13.70 24.56
N VAL C 398 31.62 -14.35 24.99
CA VAL C 398 30.33 -13.66 25.09
C VAL C 398 29.63 -14.01 26.40
N LEU C 399 29.77 -13.14 27.40
CA LEU C 399 28.99 -13.29 28.62
C LEU C 399 27.51 -13.30 28.26
N ILE C 400 26.77 -14.26 28.81
CA ILE C 400 25.41 -14.50 28.35
C ILE C 400 24.62 -15.13 29.49
N ASP C 401 23.36 -14.70 29.62
CA ASP C 401 22.47 -15.31 30.60
C ASP C 401 22.08 -16.71 30.14
N ARG C 402 22.34 -17.71 30.98
CA ARG C 402 22.08 -19.10 30.61
C ARG C 402 20.63 -19.31 30.22
N ASN C 403 19.70 -18.54 30.79
CA ASN C 403 18.28 -18.74 30.55
C ASN C 403 17.74 -17.88 29.42
N CYS C 404 18.61 -17.39 28.53
CA CYS C 404 18.16 -16.62 27.39
C CYS C 404 17.66 -17.54 26.28
N HIS C 405 17.06 -16.93 25.27
CA HIS C 405 16.45 -17.71 24.20
C HIS C 405 17.50 -18.53 23.45
N LYS C 406 17.11 -19.73 23.03
CA LYS C 406 18.04 -20.63 22.34
C LYS C 406 18.59 -20.00 21.06
N SER C 407 17.88 -19.02 20.49
CA SER C 407 18.38 -18.36 19.30
C SER C 407 19.75 -17.72 19.54
N HIS C 408 19.98 -17.19 20.75
CA HIS C 408 21.29 -16.64 21.06
C HIS C 408 22.34 -17.73 21.12
N HIS C 409 22.00 -18.89 21.69
CA HIS C 409 22.93 -20.00 21.75
C HIS C 409 23.31 -20.45 20.35
N TYR C 410 22.33 -20.54 19.45
CA TYR C 410 22.62 -20.94 18.07
C TYR C 410 23.41 -19.87 17.34
N GLY C 411 23.15 -18.59 17.62
CA GLY C 411 23.98 -17.54 17.06
C GLY C 411 25.43 -17.67 17.50
N LEU C 412 25.64 -18.02 18.77
CA LEU C 412 27.00 -18.26 19.25
C LEU C 412 27.62 -19.47 18.56
N VAL C 413 26.83 -20.52 18.35
CA VAL C 413 27.33 -21.70 17.64
C VAL C 413 27.76 -21.33 16.23
N LEU C 414 26.96 -20.54 15.54
CA LEU C 414 27.26 -20.19 14.15
C LEU C 414 28.46 -19.26 14.07
N ALA C 415 28.51 -18.25 14.94
CA ALA C 415 29.58 -17.26 14.87
C ALA C 415 30.88 -17.73 15.48
N GLY C 416 30.88 -18.88 16.15
CA GLY C 416 32.13 -19.40 16.71
C GLY C 416 32.63 -18.64 17.91
N ALA C 417 31.75 -17.91 18.60
CA ALA C 417 32.10 -17.21 19.82
C ALA C 417 31.99 -18.13 21.02
N TYR C 418 32.92 -17.97 21.95
CA TYR C 418 32.97 -18.83 23.13
C TYR C 418 31.96 -18.34 24.16
N PRO C 419 30.94 -19.12 24.50
CA PRO C 419 30.04 -18.71 25.57
C PRO C 419 30.74 -18.70 26.92
N MET C 420 30.24 -17.84 27.80
CA MET C 420 30.59 -17.85 29.22
C MET C 420 29.28 -17.64 29.97
N TYR C 421 28.63 -18.75 30.33
CA TYR C 421 27.28 -18.66 30.85
C TYR C 421 27.29 -18.13 32.28
N LEU C 422 26.33 -17.25 32.57
CA LEU C 422 26.15 -16.69 33.90
C LEU C 422 24.87 -17.27 34.49
N ASP C 423 24.92 -17.62 35.77
CA ASP C 423 23.81 -18.27 36.45
C ASP C 423 22.99 -17.23 37.20
N ALA C 424 21.68 -17.27 37.01
CA ALA C 424 20.78 -16.38 37.71
C ALA C 424 20.53 -16.89 39.13
N TYR C 425 20.26 -15.98 40.04
CA TYR C 425 20.00 -16.38 41.41
C TYR C 425 18.78 -17.30 41.43
N PRO C 426 18.81 -18.40 42.19
CA PRO C 426 17.70 -19.33 42.20
C PRO C 426 16.62 -18.98 43.22
N LEU C 427 15.45 -19.59 43.01
CA LEU C 427 14.31 -19.47 43.92
C LEU C 427 13.85 -20.88 44.26
N PRO C 428 14.55 -21.58 45.15
CA PRO C 428 14.20 -22.98 45.43
C PRO C 428 12.77 -23.15 45.89
N GLN C 429 12.21 -22.16 46.59
CA GLN C 429 10.84 -22.28 47.08
C GLN C 429 9.86 -22.42 45.92
N TYR C 430 10.08 -21.65 44.84
CA TYR C 430 9.20 -21.67 43.69
C TYR C 430 9.78 -22.41 42.49
N ALA C 431 11.04 -22.87 42.58
CA ALA C 431 11.65 -23.68 41.53
C ALA C 431 11.68 -22.94 40.20
N ILE C 432 12.23 -21.73 40.22
CA ILE C 432 12.35 -20.91 39.02
C ILE C 432 13.53 -19.96 39.20
N TYR C 433 14.25 -19.71 38.11
CA TYR C 433 15.36 -18.80 38.14
C TYR C 433 14.87 -17.35 38.17
N GLY C 434 15.79 -16.44 38.46
CA GLY C 434 15.47 -15.02 38.49
C GLY C 434 16.25 -14.23 37.45
N ALA C 435 17.20 -13.44 37.90
CA ALA C 435 18.04 -12.62 37.03
C ALA C 435 19.49 -12.83 37.41
N VAL C 436 20.39 -12.13 36.72
CA VAL C 436 21.83 -12.29 36.89
C VAL C 436 22.31 -11.17 37.80
N PRO C 437 22.70 -11.45 39.06
CA PRO C 437 23.23 -10.39 39.92
C PRO C 437 24.44 -9.74 39.29
N LEU C 438 24.50 -8.41 39.41
CA LEU C 438 25.65 -7.68 38.88
C LEU C 438 26.94 -8.11 39.56
N ARG C 439 26.85 -8.62 40.78
CA ARG C 439 28.02 -9.21 41.43
C ARG C 439 28.58 -10.34 40.59
N THR C 440 27.71 -11.21 40.07
CA THR C 440 28.17 -12.32 39.24
C THR C 440 28.85 -11.83 37.97
N ILE C 441 28.28 -10.80 37.33
CA ILE C 441 28.85 -10.27 36.10
C ILE C 441 30.23 -9.70 36.37
N LYS C 442 30.35 -8.90 37.43
CA LYS C 442 31.64 -8.33 37.77
C LYS C 442 32.64 -9.42 38.13
N GLN C 443 32.19 -10.46 38.84
CA GLN C 443 33.08 -11.55 39.20
C GLN C 443 33.60 -12.27 37.97
N ALA C 444 32.73 -12.56 37.01
CA ALA C 444 33.17 -13.22 35.79
C ALA C 444 34.15 -12.35 35.02
N LEU C 445 33.85 -11.06 34.89
CA LEU C 445 34.76 -10.17 34.16
C LEU C 445 36.11 -10.11 34.83
N LEU C 446 36.15 -10.05 36.17
CA LEU C 446 37.43 -9.95 36.86
C LEU C 446 38.16 -11.28 36.87
N ASP C 447 37.44 -12.40 36.85
CA ASP C 447 38.09 -13.69 36.67
C ASP C 447 38.78 -13.77 35.31
N LEU C 448 38.10 -13.30 34.26
CA LEU C 448 38.74 -13.25 32.95
C LEU C 448 39.96 -12.32 32.99
N GLU C 449 39.82 -11.17 33.66
CA GLU C 449 40.98 -10.29 33.80
C GLU C 449 42.13 -11.03 34.45
N ALA C 450 41.84 -11.90 35.43
CA ALA C 450 42.89 -12.65 36.10
C ALA C 450 43.61 -13.59 35.15
N ALA C 451 42.86 -14.24 34.25
CA ALA C 451 43.43 -15.23 33.35
C ALA C 451 43.99 -14.62 32.07
N GLY C 452 43.97 -13.30 31.94
CA GLY C 452 44.53 -12.65 30.77
C GLY C 452 43.69 -12.76 29.51
N GLN C 453 42.47 -13.29 29.60
CA GLN C 453 41.60 -13.47 28.44
C GLN C 453 40.48 -12.43 28.42
N LEU C 454 40.70 -11.27 29.02
CA LEU C 454 39.65 -10.25 29.03
C LEU C 454 39.57 -9.53 27.69
N HIS C 455 40.71 -9.30 27.04
CA HIS C 455 40.73 -8.57 25.78
C HIS C 455 40.08 -9.36 24.64
N ARG C 456 39.56 -10.56 24.91
CA ARG C 456 38.83 -11.35 23.93
C ARG C 456 37.35 -11.46 24.30
N VAL C 457 36.83 -10.47 25.01
CA VAL C 457 35.43 -10.38 25.38
C VAL C 457 34.86 -9.12 24.76
N ARG C 458 33.84 -9.28 23.91
CA ARG C 458 33.03 -8.13 23.51
C ARG C 458 31.61 -8.64 23.28
N MET C 459 30.83 -8.65 24.36
CA MET C 459 29.40 -8.92 24.32
C MET C 459 28.90 -8.95 25.76
N LEU C 460 27.59 -8.79 25.91
CA LEU C 460 26.92 -9.13 27.17
C LEU C 460 25.45 -9.26 26.83
N LEU C 461 24.93 -10.48 26.89
CA LEU C 461 23.59 -10.78 26.38
C LEU C 461 22.68 -11.11 27.56
N LEU C 462 22.19 -10.06 28.22
CA LEU C 462 21.28 -10.21 29.35
C LEU C 462 19.86 -9.95 28.88
N THR C 463 18.96 -10.89 29.17
CA THR C 463 17.57 -10.73 28.76
C THR C 463 16.87 -9.85 29.78
N ASN C 464 16.40 -8.69 29.36
CA ASN C 464 15.61 -7.86 30.24
C ASN C 464 14.21 -8.45 30.40
N CYS C 465 13.59 -8.17 31.53
CA CYS C 465 12.22 -8.64 31.79
C CYS C 465 12.13 -10.14 31.54
N THR C 466 12.89 -10.89 32.35
CA THR C 466 13.02 -12.31 32.16
C THR C 466 11.67 -12.99 32.34
N PHE C 467 11.61 -14.27 31.95
CA PHE C 467 10.32 -14.96 31.88
C PHE C 467 9.57 -14.90 33.21
N ASP C 468 10.30 -15.01 34.32
CA ASP C 468 9.67 -14.80 35.62
C ASP C 468 9.10 -13.40 35.72
N GLY C 469 9.75 -12.44 35.06
CA GLY C 469 9.32 -11.05 35.06
C GLY C 469 10.23 -10.11 35.80
N VAL C 470 11.34 -10.60 36.38
CA VAL C 470 12.29 -9.72 37.02
C VAL C 470 12.86 -8.76 36.00
N VAL C 471 12.76 -7.47 36.27
CA VAL C 471 13.34 -6.44 35.41
C VAL C 471 14.73 -6.10 35.92
N TYR C 472 15.64 -5.83 34.99
CA TYR C 472 17.00 -5.46 35.34
C TYR C 472 17.05 -3.97 35.66
N ASN C 473 18.25 -3.43 35.80
CA ASN C 473 18.49 -2.00 35.95
C ASN C 473 19.55 -1.64 34.92
N PRO C 474 19.15 -1.47 33.66
CA PRO C 474 20.15 -1.34 32.60
C PRO C 474 21.19 -0.26 32.84
N ARG C 475 20.79 0.91 33.33
CA ARG C 475 21.76 1.99 33.46
C ARG C 475 22.89 1.60 34.40
N ARG C 476 22.55 1.01 35.54
CA ARG C 476 23.57 0.61 36.51
C ARG C 476 24.46 -0.49 35.93
N VAL C 477 23.84 -1.52 35.36
CA VAL C 477 24.60 -2.66 34.84
C VAL C 477 25.59 -2.20 33.78
N MET C 478 25.17 -1.28 32.91
CA MET C 478 26.08 -0.74 31.91
C MET C 478 27.14 0.15 32.55
N GLU C 479 26.75 0.94 33.56
CA GLU C 479 27.70 1.82 34.22
C GLU C 479 28.86 1.03 34.79
N GLU C 480 28.56 0.02 35.60
CA GLU C 480 29.61 -0.75 36.27
C GLU C 480 30.45 -1.54 35.29
N VAL C 481 29.81 -2.20 34.32
CA VAL C 481 30.54 -3.07 33.39
C VAL C 481 31.52 -2.26 32.55
N LEU C 482 31.11 -1.07 32.10
CA LEU C 482 32.02 -0.25 31.32
C LEU C 482 33.22 0.24 32.12
N ALA C 483 33.20 0.09 33.44
CA ALA C 483 34.39 0.41 34.22
C ALA C 483 35.47 -0.66 34.06
N ILE C 484 35.07 -1.91 33.84
CA ILE C 484 36.01 -3.02 33.73
C ILE C 484 36.41 -3.26 32.29
N LYS C 485 35.45 -3.22 31.36
CA LYS C 485 35.67 -3.46 29.94
C LYS C 485 35.17 -2.25 29.16
N PRO C 486 36.00 -1.23 28.97
CA PRO C 486 35.49 0.05 28.47
C PRO C 486 35.09 0.05 27.00
N ASP C 487 35.11 -1.11 26.34
CA ASP C 487 34.73 -1.20 24.93
C ASP C 487 33.85 -2.41 24.68
N ILE C 488 32.98 -2.72 25.63
CA ILE C 488 32.11 -3.87 25.51
C ILE C 488 30.87 -3.49 24.71
N CYS C 489 30.15 -4.50 24.23
CA CYS C 489 28.90 -4.31 23.52
C CYS C 489 27.78 -5.02 24.27
N PHE C 490 26.63 -4.37 24.39
CA PHE C 490 25.50 -4.90 25.12
C PHE C 490 24.37 -5.23 24.14
N LEU C 491 23.78 -6.40 24.31
CA LEU C 491 22.59 -6.80 23.56
C LEU C 491 21.51 -7.13 24.59
N TRP C 492 20.58 -6.22 24.80
CA TRP C 492 19.48 -6.41 25.75
C TRP C 492 18.29 -6.99 25.01
N ASP C 493 18.13 -8.32 25.08
CA ASP C 493 16.98 -8.97 24.47
C ASP C 493 15.74 -8.63 25.26
N GLU C 494 14.89 -7.79 24.69
CA GLU C 494 13.69 -7.28 25.36
C GLU C 494 12.42 -7.86 24.74
N ALA C 495 12.44 -9.14 24.38
CA ALA C 495 11.30 -9.74 23.72
C ALA C 495 10.04 -9.68 24.58
N TRP C 496 10.17 -9.53 25.90
CA TRP C 496 9.03 -9.47 26.79
C TRP C 496 8.83 -8.11 27.44
N TYR C 497 9.85 -7.25 27.44
CA TYR C 497 9.77 -5.94 28.06
C TYR C 497 9.16 -4.89 27.15
N ALA C 498 8.85 -5.22 25.91
CA ALA C 498 8.28 -4.24 25.00
C ALA C 498 6.99 -3.66 25.57
N PHE C 499 6.27 -4.43 26.38
CA PHE C 499 5.02 -3.93 26.96
C PHE C 499 5.29 -2.78 27.93
N ALA C 500 6.34 -2.88 28.74
CA ALA C 500 6.51 -2.00 29.89
C ALA C 500 7.05 -0.63 29.48
N THR C 501 6.29 0.03 28.61
CA THR C 501 6.41 1.46 28.38
C THR C 501 5.25 2.22 29.03
N ALA C 502 4.49 1.57 29.91
CA ALA C 502 3.33 2.13 30.56
C ALA C 502 3.66 2.89 31.83
N VAL C 503 4.90 3.34 32.00
CA VAL C 503 5.30 4.09 33.19
C VAL C 503 6.48 4.98 32.83
N PRO C 504 6.45 6.29 33.17
CA PRO C 504 7.47 7.21 32.65
C PRO C 504 8.82 7.12 33.37
N TRP C 505 8.82 6.70 34.64
CA TRP C 505 10.07 6.51 35.37
C TRP C 505 10.65 5.11 35.17
N ALA C 506 9.91 4.22 34.53
CA ALA C 506 10.39 2.87 34.23
C ALA C 506 10.90 2.75 32.82
N ARG C 507 10.60 3.72 31.95
CA ARG C 507 11.29 3.78 30.68
C ARG C 507 12.77 4.07 30.86
N GLN C 508 13.17 4.50 32.06
CA GLN C 508 14.59 4.55 32.39
C GLN C 508 15.18 3.17 32.62
N ARG C 509 14.34 2.13 32.67
CA ARG C 509 14.79 0.76 32.85
C ARG C 509 14.86 -0.02 31.54
N THR C 510 14.75 0.68 30.40
CA THR C 510 14.96 0.08 29.09
C THR C 510 16.36 0.40 28.59
N ALA C 511 16.85 -0.45 27.70
CA ALA C 511 18.22 -0.32 27.22
C ALA C 511 18.44 1.00 26.51
N MET C 512 17.48 1.42 25.68
CA MET C 512 17.68 2.61 24.85
C MET C 512 17.76 3.87 25.70
N ILE C 513 16.78 4.07 26.59
CA ILE C 513 16.77 5.26 27.44
C ILE C 513 17.99 5.26 28.36
N ALA C 514 18.33 4.10 28.92
CA ALA C 514 19.48 4.01 29.80
C ALA C 514 20.76 4.35 29.04
N ALA C 515 20.88 3.89 27.79
CA ALA C 515 22.04 4.21 26.99
C ALA C 515 22.11 5.70 26.71
N GLU C 516 20.98 6.32 26.38
CA GLU C 516 20.95 7.75 26.13
C GLU C 516 21.39 8.52 27.37
N ARG C 517 20.84 8.16 28.54
CA ARG C 517 21.20 8.84 29.77
C ARG C 517 22.67 8.65 30.11
N LEU C 518 23.19 7.43 29.92
CA LEU C 518 24.60 7.19 30.21
C LEU C 518 25.49 8.01 29.29
N GLU C 519 25.13 8.08 28.00
CA GLU C 519 25.89 8.92 27.08
C GLU C 519 25.91 10.35 27.56
N GLN C 520 24.73 10.90 27.86
CA GLN C 520 24.64 12.28 28.32
C GLN C 520 25.50 12.49 29.55
N MET C 521 25.39 11.57 30.52
CA MET C 521 26.16 11.71 31.76
C MET C 521 27.66 11.68 31.47
N LEU C 522 28.11 10.80 30.58
CA LEU C 522 29.52 10.75 30.24
C LEU C 522 29.96 11.99 29.47
N SER C 523 29.03 12.73 28.89
CA SER C 523 29.36 13.93 28.12
C SER C 523 29.46 15.19 28.97
N THR C 524 29.20 15.10 30.28
CA THR C 524 29.17 16.28 31.14
C THR C 524 30.46 16.39 31.95
N ALA C 525 30.99 17.61 32.02
CA ALA C 525 32.18 17.86 32.83
C ALA C 525 31.90 17.69 34.32
N GLU C 526 30.65 17.85 34.74
CA GLU C 526 30.29 17.56 36.12
C GLU C 526 30.60 16.10 36.46
N TYR C 527 30.22 15.19 35.56
CA TYR C 527 30.57 13.79 35.78
C TYR C 527 32.07 13.59 35.67
N ALA C 528 32.78 14.39 34.87
CA ALA C 528 34.23 14.26 34.83
C ALA C 528 34.82 14.54 36.21
N GLU C 529 34.34 15.59 36.88
CA GLU C 529 34.80 15.88 38.24
C GLU C 529 34.40 14.76 39.19
N GLU C 530 33.17 14.26 39.05
CA GLU C 530 32.72 13.18 39.93
C GLU C 530 33.59 11.95 39.77
N TYR C 531 33.95 11.60 38.54
CA TYR C 531 34.79 10.43 38.30
C TYR C 531 36.21 10.67 38.79
N ARG C 532 36.72 11.90 38.68
CA ARG C 532 38.03 12.19 39.23
C ARG C 532 38.04 11.96 40.73
N ASN C 533 37.01 12.46 41.42
CA ASN C 533 36.90 12.24 42.86
C ASN C 533 36.79 10.76 43.19
N TRP C 534 35.96 10.03 42.44
CA TRP C 534 35.77 8.60 42.72
C TRP C 534 37.07 7.83 42.51
N CYS C 535 37.79 8.12 41.43
CA CYS C 535 39.06 7.45 41.16
C CYS C 535 40.07 7.75 42.26
N ALA C 536 40.15 9.02 42.68
CA ALA C 536 41.06 9.36 43.78
C ALA C 536 40.68 8.60 45.05
N SER C 537 39.38 8.50 45.33
CA SER C 537 38.95 7.78 46.52
C SER C 537 39.33 6.30 46.45
N MET C 538 39.16 5.69 45.29
CA MET C 538 39.48 4.27 45.11
C MET C 538 40.95 4.02 44.84
N ASP C 539 41.77 5.06 44.77
CA ASP C 539 43.19 4.88 44.50
C ASP C 539 43.83 3.98 45.54
N GLY C 540 44.76 3.14 45.11
CA GLY C 540 45.41 2.20 46.01
C GLY C 540 44.48 1.10 46.52
N VAL C 541 43.67 0.53 45.66
CA VAL C 541 42.76 -0.56 46.01
C VAL C 541 43.00 -1.70 45.04
N ASP C 542 43.10 -2.92 45.57
CA ASP C 542 43.35 -4.09 44.72
C ASP C 542 42.19 -4.28 43.75
N ARG C 543 42.53 -4.51 42.47
CA ARG C 543 41.50 -4.68 41.45
C ARG C 543 40.62 -5.89 41.76
N SER C 544 41.18 -6.92 42.39
CA SER C 544 40.39 -8.09 42.74
C SER C 544 39.26 -7.77 43.69
N GLU C 545 39.33 -6.63 44.39
CA GLU C 545 38.27 -6.22 45.30
C GLU C 545 37.19 -5.38 44.63
N TRP C 546 37.34 -5.06 43.34
CA TRP C 546 36.37 -4.23 42.66
C TRP C 546 34.99 -4.87 42.64
N VAL C 547 34.89 -6.18 42.86
CA VAL C 547 33.60 -6.84 42.92
C VAL C 547 32.75 -6.29 44.05
N ASP C 548 33.36 -5.65 45.04
CA ASP C 548 32.65 -5.10 46.18
C ASP C 548 32.28 -3.63 45.96
N HIS C 549 33.26 -2.81 45.59
CA HIS C 549 33.02 -1.38 45.42
C HIS C 549 32.17 -1.12 44.19
N ARG C 550 31.29 -0.12 44.29
CA ARG C 550 30.51 0.32 43.13
C ARG C 550 31.39 1.16 42.22
N LEU C 551 31.37 0.84 40.93
CA LEU C 551 32.28 1.42 39.95
C LEU C 551 31.59 2.46 39.09
N LEU C 552 32.41 3.28 38.43
CA LEU C 552 31.94 4.32 37.54
C LEU C 552 32.75 4.28 36.24
N PRO C 553 32.09 4.45 35.09
CA PRO C 553 32.82 4.38 33.81
C PRO C 553 33.85 5.50 33.67
N ASP C 554 34.90 5.21 32.90
CA ASP C 554 35.90 6.21 32.58
C ASP C 554 35.37 7.10 31.46
N PRO C 555 35.30 8.42 31.65
CA PRO C 555 34.79 9.29 30.57
C PRO C 555 35.64 9.24 29.31
N ASN C 556 36.96 9.09 29.44
CA ASN C 556 37.82 9.12 28.26
C ASN C 556 37.74 7.85 27.44
N ARG C 557 37.51 6.70 28.07
CA ARG C 557 37.54 5.41 27.40
C ARG C 557 36.16 4.85 27.10
N ALA C 558 35.23 4.93 28.05
CA ALA C 558 33.95 4.25 27.91
C ALA C 558 33.25 4.68 26.63
N ARG C 559 32.69 3.70 25.92
CA ARG C 559 31.87 3.92 24.74
C ARG C 559 30.54 3.22 24.93
N VAL C 560 29.46 3.88 24.50
CA VAL C 560 28.11 3.35 24.67
C VAL C 560 27.73 2.65 23.37
N ARG C 561 27.71 1.32 23.40
CA ARG C 561 27.45 0.52 22.21
C ARG C 561 26.27 -0.42 22.41
N VAL C 562 25.16 0.11 22.94
CA VAL C 562 24.03 -0.73 23.29
C VAL C 562 23.27 -1.16 22.04
N TYR C 563 22.68 -2.36 22.11
CA TYR C 563 21.76 -2.87 21.10
C TYR C 563 20.57 -3.47 21.82
N ALA C 564 19.44 -3.53 21.12
CA ALA C 564 18.22 -4.06 21.74
C ALA C 564 17.29 -4.57 20.66
N THR C 565 16.31 -5.38 21.07
CA THR C 565 15.40 -6.02 20.13
C THR C 565 14.04 -6.16 20.81
N HIS C 566 13.13 -5.22 20.54
CA HIS C 566 11.77 -5.30 21.02
C HIS C 566 10.86 -5.77 19.88
N SER C 567 10.14 -6.86 20.11
CA SER C 567 9.08 -7.30 19.20
C SER C 567 7.80 -6.57 19.61
N THR C 568 7.67 -5.33 19.13
CA THR C 568 6.65 -4.43 19.66
C THR C 568 5.24 -4.97 19.46
N HIS C 569 5.05 -5.89 18.52
CA HIS C 569 3.74 -6.46 18.23
C HIS C 569 3.74 -7.93 18.63
N LYS C 570 2.60 -8.40 19.16
CA LYS C 570 2.43 -9.80 19.55
C LYS C 570 0.94 -10.11 19.46
N SER C 571 0.54 -10.79 18.40
CA SER C 571 -0.86 -11.10 18.18
C SER C 571 -0.98 -12.39 17.37
N LEU C 572 -2.16 -13.00 17.42
CA LEU C 572 -2.42 -14.23 16.71
C LEU C 572 -2.69 -13.95 15.24
N SER C 573 -2.62 -15.01 14.44
CA SER C 573 -2.88 -14.94 12.99
C SER C 573 -1.90 -13.99 12.30
N ALA C 574 -0.62 -14.31 12.44
CA ALA C 574 0.43 -13.50 11.84
C ALA C 574 1.56 -14.39 11.33
N LEU C 575 2.32 -13.86 10.38
CA LEU C 575 3.45 -14.57 9.77
C LEU C 575 4.70 -14.38 10.64
N ARG C 576 4.71 -15.08 11.77
CA ARG C 576 5.82 -15.02 12.71
C ARG C 576 5.99 -13.59 13.26
N GLN C 577 4.90 -12.84 13.27
CA GLN C 577 4.83 -11.49 13.82
C GLN C 577 5.90 -10.63 13.13
N ALA C 578 6.62 -9.80 13.88
CA ALA C 578 7.69 -8.98 13.33
C ALA C 578 8.62 -8.60 14.47
N SER C 579 9.82 -8.16 14.10
CA SER C 579 10.82 -7.77 15.08
C SER C 579 11.47 -6.45 14.67
N MET C 580 12.12 -5.81 15.63
CA MET C 580 12.82 -4.56 15.39
C MET C 580 14.12 -4.56 16.18
N ILE C 581 15.17 -3.98 15.60
CA ILE C 581 16.46 -3.82 16.26
C ILE C 581 16.73 -2.33 16.42
N HIS C 582 17.16 -1.94 17.62
CA HIS C 582 17.47 -0.55 17.93
C HIS C 582 18.95 -0.45 18.29
N VAL C 583 19.61 0.57 17.78
CA VAL C 583 21.05 0.76 17.95
C VAL C 583 21.31 2.11 18.60
N ARG C 584 22.08 2.10 19.68
CA ARG C 584 22.63 3.31 20.29
C ARG C 584 24.14 3.07 20.41
N ASP C 585 24.87 3.32 19.33
CA ASP C 585 26.25 2.93 19.21
C ASP C 585 27.07 4.14 18.78
N GLN C 586 28.19 4.37 19.47
CA GLN C 586 29.06 5.49 19.16
C GLN C 586 30.07 5.17 18.06
N ASP C 587 30.06 3.94 17.53
CA ASP C 587 30.99 3.56 16.49
C ASP C 587 30.33 2.72 15.40
N PHE C 588 29.00 2.76 15.28
CA PHE C 588 28.32 1.89 14.33
C PHE C 588 28.90 2.06 12.93
N LYS C 589 28.98 3.29 12.44
CA LYS C 589 29.45 3.52 11.08
C LYS C 589 30.94 3.23 10.92
N ALA C 590 31.67 3.01 12.01
CA ALA C 590 33.10 2.78 11.94
C ALA C 590 33.51 1.34 12.17
N LEU C 591 32.68 0.54 12.85
CA LEU C 591 33.07 -0.83 13.17
C LEU C 591 32.04 -1.87 12.72
N THR C 592 30.75 -1.52 12.78
CA THR C 592 29.69 -2.51 12.64
C THR C 592 28.79 -2.32 11.43
N ARG C 593 28.82 -1.16 10.77
CA ARG C 593 27.88 -0.91 9.68
C ARG C 593 27.98 -1.99 8.61
N ASP C 594 29.20 -2.23 8.11
CA ASP C 594 29.40 -3.26 7.10
C ASP C 594 29.00 -4.63 7.63
N ALA C 595 29.42 -4.95 8.85
CA ALA C 595 29.07 -6.23 9.45
C ALA C 595 27.57 -6.36 9.62
N PHE C 596 26.90 -5.28 10.02
CA PHE C 596 25.45 -5.33 10.16
C PHE C 596 24.77 -5.57 8.82
N GLY C 597 25.22 -4.90 7.78
CA GLY C 597 24.67 -5.15 6.45
C GLY C 597 24.89 -6.59 6.01
N GLU C 598 26.09 -7.12 6.25
CA GLU C 598 26.36 -8.50 5.90
C GLU C 598 25.48 -9.45 6.68
N ALA C 599 25.24 -9.18 7.96
CA ALA C 599 24.37 -10.04 8.75
C ALA C 599 22.94 -10.01 8.22
N PHE C 600 22.45 -8.82 7.86
CA PHE C 600 21.12 -8.73 7.27
C PHE C 600 21.04 -9.50 5.95
N LEU C 601 22.08 -9.40 5.13
CA LEU C 601 22.12 -10.18 3.89
C LEU C 601 22.14 -11.66 4.17
N THR C 602 22.88 -12.08 5.21
CA THR C 602 23.04 -13.49 5.50
C THR C 602 21.76 -14.11 6.07
N HIS C 603 20.93 -13.31 6.73
CA HIS C 603 19.72 -13.83 7.35
C HIS C 603 18.43 -13.28 6.75
N THR C 604 18.50 -12.20 5.97
CA THR C 604 17.30 -11.63 5.37
C THR C 604 17.69 -10.99 4.03
N SER C 605 16.79 -10.19 3.47
CA SER C 605 17.06 -9.50 2.22
C SER C 605 18.20 -8.51 2.38
N THR C 606 18.00 -7.48 3.19
CA THR C 606 19.04 -6.50 3.53
C THR C 606 18.41 -5.48 4.46
N SER C 607 19.25 -4.62 5.03
CA SER C 607 18.77 -3.68 6.04
C SER C 607 17.77 -2.67 5.50
N PRO C 608 18.02 -1.96 4.38
CA PRO C 608 17.10 -0.88 3.98
C PRO C 608 15.90 -1.33 3.17
N ASN C 609 15.87 -2.59 2.70
CA ASN C 609 14.80 -3.06 1.83
C ASN C 609 13.79 -3.93 2.59
N GLN C 610 13.59 -3.62 3.87
CA GLN C 610 12.57 -4.27 4.69
C GLN C 610 11.24 -3.53 4.66
N GLN C 611 10.95 -2.83 3.56
CA GLN C 611 9.75 -2.01 3.47
C GLN C 611 8.47 -2.77 3.72
N LEU C 612 8.51 -4.11 3.74
CA LEU C 612 7.33 -4.88 4.07
C LEU C 612 6.90 -4.66 5.52
N LEU C 613 7.77 -4.07 6.34
CA LEU C 613 7.43 -3.71 7.72
C LEU C 613 7.35 -2.21 7.94
N ALA C 614 8.11 -1.40 7.20
CA ALA C 614 8.04 0.04 7.39
C ALA C 614 6.61 0.55 7.28
N SER C 615 5.80 -0.06 6.43
CA SER C 615 4.39 0.28 6.30
C SER C 615 3.47 -0.73 6.97
N LEU C 616 4.02 -1.72 7.67
CA LEU C 616 3.22 -2.72 8.38
C LEU C 616 3.32 -2.61 9.89
N ASP C 617 4.52 -2.39 10.43
CA ASP C 617 4.64 -2.18 11.86
C ASP C 617 3.88 -0.94 12.30
N LEU C 618 3.99 0.14 11.51
CA LEU C 618 3.29 1.37 11.85
C LEU C 618 1.78 1.15 11.84
N ALA C 619 1.28 0.37 10.88
CA ALA C 619 -0.16 0.16 10.78
C ALA C 619 -0.71 -0.52 12.03
N ARG C 620 -0.01 -1.54 12.53
CA ARG C 620 -0.45 -2.22 13.75
C ARG C 620 -0.12 -1.41 15.00
N ARG C 621 0.73 -0.39 14.89
CA ARG C 621 1.03 0.45 16.04
C ARG C 621 -0.15 1.35 16.39
N GLN C 622 -0.82 1.90 15.39
CA GLN C 622 -1.96 2.77 15.64
C GLN C 622 -3.14 2.00 16.22
N VAL C 623 -3.23 0.69 15.93
CA VAL C 623 -4.39 -0.08 16.37
C VAL C 623 -4.40 -0.21 17.89
N ASP C 624 -3.30 -0.67 18.47
CA ASP C 624 -3.26 -0.94 19.90
C ASP C 624 -2.05 -0.34 20.61
N ILE C 625 -0.88 -0.28 19.97
CA ILE C 625 0.31 0.14 20.68
C ILE C 625 0.15 1.58 21.16
N GLU C 626 -0.33 2.46 20.28
CA GLU C 626 -0.67 3.83 20.64
C GLU C 626 -2.11 4.16 20.27
N GLY C 627 -2.95 3.13 20.14
CA GLY C 627 -4.33 3.28 19.74
C GLY C 627 -5.22 3.60 20.93
N PHE C 628 -6.53 3.56 20.69
CA PHE C 628 -7.46 3.79 21.78
C PHE C 628 -7.23 2.78 22.90
N GLU C 629 -7.00 1.52 22.54
CA GLU C 629 -6.52 0.55 23.52
C GLU C 629 -5.00 0.68 23.58
N LEU C 630 -4.41 0.34 24.73
CA LEU C 630 -3.01 0.65 24.91
C LEU C 630 -2.34 -0.30 25.89
N VAL C 631 -1.01 -0.17 25.95
CA VAL C 631 -0.23 -0.81 27.01
C VAL C 631 -0.69 -0.33 28.37
N ARG C 632 -1.02 0.96 28.48
CA ARG C 632 -1.42 1.51 29.77
C ARG C 632 -2.69 0.84 30.28
N HIS C 633 -3.63 0.58 29.39
CA HIS C 633 -4.89 -0.01 29.82
C HIS C 633 -4.66 -1.39 30.43
N VAL C 634 -3.87 -2.22 29.75
CA VAL C 634 -3.58 -3.56 30.27
C VAL C 634 -2.76 -3.48 31.54
N TYR C 635 -1.81 -2.52 31.60
CA TYR C 635 -1.02 -2.34 32.81
C TYR C 635 -1.94 -2.07 34.00
N ASN C 636 -2.92 -1.20 33.79
CA ASN C 636 -3.87 -0.88 34.85
C ASN C 636 -4.73 -2.08 35.19
N MET C 637 -5.17 -2.85 34.19
CA MET C 637 -5.95 -4.06 34.52
C MET C 637 -5.12 -5.04 35.34
N ALA C 638 -3.83 -5.18 35.01
CA ALA C 638 -2.99 -6.10 35.78
C ALA C 638 -2.87 -5.64 37.23
N LEU C 639 -2.66 -4.34 37.45
CA LEU C 639 -2.59 -3.84 38.82
C LEU C 639 -3.92 -4.05 39.55
N VAL C 640 -5.04 -3.77 38.88
CA VAL C 640 -6.35 -3.95 39.49
C VAL C 640 -6.57 -5.41 39.83
N PHE C 641 -6.16 -6.32 38.95
CA PHE C 641 -6.33 -7.74 39.22
C PHE C 641 -5.50 -8.18 40.41
N ARG C 642 -4.26 -7.69 40.52
CA ARG C 642 -3.48 -7.98 41.71
C ARG C 642 -4.22 -7.51 42.96
N HIS C 643 -4.77 -6.29 42.91
CA HIS C 643 -5.51 -5.78 44.07
C HIS C 643 -6.70 -6.66 44.42
N ARG C 644 -7.47 -7.07 43.41
CA ARG C 644 -8.63 -7.92 43.68
C ARG C 644 -8.22 -9.26 44.26
N VAL C 645 -7.15 -9.87 43.72
CA VAL C 645 -6.67 -11.13 44.27
C VAL C 645 -6.27 -10.96 45.72
N ARG C 646 -5.62 -9.84 46.04
CA ARG C 646 -5.27 -9.58 47.44
C ARG C 646 -6.52 -9.43 48.31
N LYS C 647 -7.54 -8.74 47.80
CA LYS C 647 -8.70 -8.41 48.61
C LYS C 647 -9.50 -9.65 48.99
N ASP C 648 -9.84 -10.47 47.99
CA ASP C 648 -10.78 -11.56 48.21
C ASP C 648 -10.28 -12.51 49.30
N ARG C 649 -11.16 -12.82 50.24
CA ARG C 649 -10.79 -13.73 51.33
C ARG C 649 -10.68 -15.17 50.84
N LEU C 650 -11.59 -15.61 49.98
CA LEU C 650 -11.54 -16.98 49.48
C LEU C 650 -10.32 -17.22 48.62
N ILE C 651 -9.89 -16.22 47.86
CA ILE C 651 -8.76 -16.41 46.94
C ILE C 651 -7.44 -16.29 47.69
N SER C 652 -7.21 -15.13 48.31
CA SER C 652 -5.89 -14.86 48.87
C SER C 652 -5.48 -15.89 49.91
N LYS C 653 -6.45 -16.49 50.60
CA LYS C 653 -6.08 -17.48 51.62
C LYS C 653 -5.42 -18.70 50.99
N TRP C 654 -5.94 -19.15 49.84
CA TRP C 654 -5.36 -20.30 49.15
C TRP C 654 -4.28 -19.87 48.16
N PHE C 655 -4.64 -19.01 47.22
CA PHE C 655 -3.74 -18.57 46.17
C PHE C 655 -2.93 -17.37 46.64
N ARG C 656 -2.04 -16.88 45.79
CA ARG C 656 -1.22 -15.74 46.13
C ARG C 656 -0.52 -15.25 44.86
N ILE C 657 -0.11 -13.98 44.89
CA ILE C 657 0.68 -13.38 43.82
C ILE C 657 2.01 -12.96 44.42
N LEU C 658 3.10 -13.45 43.84
CA LEU C 658 4.43 -13.15 44.35
C LEU C 658 4.87 -11.75 43.94
N ASP C 659 5.52 -11.05 44.87
CA ASP C 659 5.96 -9.68 44.68
C ASP C 659 7.47 -9.60 44.86
N GLU C 660 8.00 -8.37 44.86
CA GLU C 660 9.43 -8.19 45.07
C GLU C 660 9.89 -8.79 46.39
N SER C 661 8.98 -8.89 47.37
CA SER C 661 9.31 -9.56 48.61
C SER C 661 9.41 -11.07 48.45
N ASP C 662 9.15 -11.59 47.25
CA ASP C 662 9.28 -13.02 46.98
C ASP C 662 10.35 -13.26 45.91
N LEU C 663 10.12 -12.84 44.66
CA LEU C 663 11.05 -13.17 43.61
C LEU C 663 12.42 -12.54 43.85
N VAL C 664 12.44 -11.27 44.24
CA VAL C 664 13.70 -10.59 44.50
C VAL C 664 14.18 -10.96 45.90
N PRO C 665 15.42 -11.42 46.06
CA PRO C 665 15.94 -11.69 47.40
C PRO C 665 16.35 -10.39 48.10
N ASP C 666 16.43 -10.49 49.42
CA ASP C 666 16.80 -9.33 50.23
C ASP C 666 18.19 -8.81 49.86
N ALA C 667 19.12 -9.72 49.53
CA ALA C 667 20.49 -9.30 49.24
C ALA C 667 20.54 -8.35 48.05
N PHE C 668 19.76 -8.61 47.00
CA PHE C 668 19.82 -7.81 45.78
C PHE C 668 18.67 -6.82 45.66
N ARG C 669 18.00 -6.51 46.77
CA ARG C 669 17.01 -5.42 46.78
C ARG C 669 17.60 -4.19 47.47
N SER C 670 18.73 -3.73 46.93
CA SER C 670 19.44 -2.59 47.50
C SER C 670 18.81 -1.28 47.04
N ARG C 692 19.23 4.74 43.63
CA ARG C 692 18.64 4.49 42.32
C ARG C 692 17.69 3.30 42.36
N SER C 693 16.65 3.39 43.19
CA SER C 693 15.69 2.31 43.33
C SER C 693 16.42 1.01 43.65
N ASP C 694 16.01 -0.10 43.03
CA ASP C 694 16.55 -1.41 43.34
C ASP C 694 17.07 -2.04 42.06
N GLN C 695 17.86 -3.11 42.21
CA GLN C 695 18.32 -3.85 41.06
C GLN C 695 17.14 -4.47 40.31
N PHE C 696 16.30 -5.20 41.03
CA PHE C 696 15.26 -6.02 40.43
C PHE C 696 13.90 -5.50 40.86
N VAL C 697 13.03 -5.28 39.89
CA VAL C 697 11.65 -4.88 40.14
C VAL C 697 10.75 -5.68 39.22
N LEU C 698 9.66 -6.21 39.76
CA LEU C 698 8.78 -7.05 38.97
C LEU C 698 8.08 -6.21 37.91
N ASP C 699 7.64 -6.90 36.85
CA ASP C 699 6.76 -6.30 35.86
C ASP C 699 5.33 -6.65 36.23
N PRO C 700 4.45 -5.67 36.47
CA PRO C 700 3.11 -6.03 36.95
C PRO C 700 2.35 -6.94 36.01
N THR C 701 2.63 -6.88 34.71
CA THR C 701 1.88 -7.69 33.75
C THR C 701 2.25 -9.16 33.84
N ARG C 702 3.52 -9.46 34.12
CA ARG C 702 4.02 -10.84 34.13
C ARG C 702 3.75 -11.43 35.52
N LEU C 703 2.50 -11.83 35.73
CA LEU C 703 2.07 -12.32 37.04
C LEU C 703 2.55 -13.75 37.28
N THR C 704 2.85 -14.05 38.53
CA THR C 704 3.17 -15.40 38.98
C THR C 704 2.23 -15.76 40.13
N LEU C 705 1.31 -16.67 39.87
CA LEU C 705 0.30 -17.07 40.86
C LEU C 705 0.79 -18.31 41.59
N PHE C 706 0.88 -18.21 42.91
CA PHE C 706 1.35 -19.32 43.75
C PHE C 706 0.19 -20.28 44.02
N ILE C 707 0.34 -21.53 43.59
CA ILE C 707 -0.67 -22.56 43.82
C ILE C 707 -0.23 -23.56 44.88
N GLY C 708 1.04 -23.58 45.27
CA GLY C 708 1.54 -24.64 46.13
C GLY C 708 0.78 -24.74 47.44
N ALA C 709 0.18 -23.64 47.90
CA ALA C 709 -0.56 -23.66 49.15
C ALA C 709 -1.77 -24.59 49.08
N THR C 710 -2.20 -24.96 47.87
CA THR C 710 -3.33 -25.86 47.69
C THR C 710 -2.92 -27.27 47.32
N GLY C 711 -1.62 -27.50 47.11
CA GLY C 711 -1.13 -28.83 46.79
C GLY C 711 -1.69 -29.38 45.50
N MET C 712 -1.71 -28.55 44.45
CA MET C 712 -2.14 -28.96 43.13
C MET C 712 -0.96 -28.88 42.18
N ASN C 713 -0.72 -29.95 41.43
CA ASN C 713 0.34 -29.94 40.43
C ASN C 713 0.03 -28.88 39.38
N GLY C 714 1.00 -28.01 39.12
CA GLY C 714 0.74 -26.86 38.26
C GLY C 714 0.27 -27.27 36.88
N TYR C 715 0.95 -28.24 36.27
CA TYR C 715 0.64 -28.63 34.90
C TYR C 715 -0.76 -29.24 34.80
N ASP C 716 -1.06 -30.23 35.64
CA ASP C 716 -2.36 -30.88 35.57
C ASP C 716 -3.48 -29.89 35.87
N PHE C 717 -3.31 -29.08 36.91
CA PHE C 717 -4.34 -28.11 37.26
C PHE C 717 -4.57 -27.12 36.13
N ARG C 718 -3.49 -26.63 35.52
CA ARG C 718 -3.62 -25.68 34.43
C ARG C 718 -4.37 -26.31 33.27
N GLU C 719 -3.94 -27.50 32.83
CA GLU C 719 -4.57 -28.15 31.69
C GLU C 719 -5.99 -28.58 31.98
N LYS C 720 -6.35 -28.73 33.25
CA LYS C 720 -7.70 -29.18 33.59
C LYS C 720 -8.68 -28.02 33.77
N ILE C 721 -8.20 -26.85 34.17
CA ILE C 721 -9.07 -25.73 34.51
C ILE C 721 -8.94 -24.58 33.51
N LEU C 722 -7.72 -24.08 33.28
CA LEU C 722 -7.55 -22.82 32.60
C LEU C 722 -7.55 -22.96 31.08
N MET C 723 -7.72 -24.17 30.54
CA MET C 723 -7.72 -24.37 29.09
C MET C 723 -8.93 -23.75 28.42
N GLU C 724 -9.93 -23.31 29.17
CA GLU C 724 -11.15 -22.73 28.61
C GLU C 724 -11.05 -21.22 28.42
N ARG C 725 -9.92 -20.59 28.74
CA ARG C 725 -9.73 -19.16 28.57
C ARG C 725 -8.48 -18.89 27.76
N PHE C 726 -8.55 -17.90 26.88
CA PHE C 726 -7.48 -17.57 25.94
C PHE C 726 -6.84 -16.22 26.21
N GLY C 727 -7.62 -15.21 26.61
CA GLY C 727 -7.05 -13.89 26.80
C GLY C 727 -5.98 -13.85 27.87
N ILE C 728 -6.18 -14.63 28.94
CA ILE C 728 -5.19 -14.65 30.01
C ILE C 728 -3.87 -15.25 29.54
N GLN C 729 -3.93 -16.23 28.63
CA GLN C 729 -2.74 -16.78 27.98
C GLN C 729 -1.73 -17.27 29.03
N ILE C 730 -2.20 -18.10 29.95
CA ILE C 730 -1.28 -18.76 30.87
C ILE C 730 -0.25 -19.51 30.02
N ASN C 731 1.01 -19.09 30.12
CA ASN C 731 2.02 -19.49 29.16
C ASN C 731 3.06 -20.44 29.74
N LYS C 732 3.25 -20.45 31.05
CA LYS C 732 4.26 -21.29 31.68
C LYS C 732 3.68 -21.86 32.96
N THR C 733 4.27 -22.98 33.41
CA THR C 733 3.80 -23.64 34.61
C THR C 733 4.98 -24.33 35.29
N SER C 734 5.23 -23.96 36.54
CA SER C 734 6.13 -24.70 37.41
C SER C 734 5.30 -25.71 38.20
N ILE C 735 5.92 -26.32 39.22
CA ILE C 735 5.19 -27.30 40.02
C ILE C 735 4.15 -26.61 40.88
N ASN C 736 4.47 -25.43 41.43
CA ASN C 736 3.57 -24.70 42.30
C ASN C 736 3.18 -23.33 41.78
N SER C 737 4.04 -22.67 41.02
CA SER C 737 3.79 -21.32 40.51
C SER C 737 3.59 -21.36 39.01
N VAL C 738 2.46 -20.82 38.55
CA VAL C 738 2.12 -20.78 37.13
C VAL C 738 2.13 -19.32 36.68
N LEU C 739 2.88 -19.03 35.63
CA LEU C 739 3.01 -17.67 35.15
C LEU C 739 1.75 -17.24 34.41
N LEU C 740 1.26 -16.05 34.73
CA LEU C 740 0.16 -15.43 34.02
C LEU C 740 0.68 -14.18 33.31
N ILE C 741 0.43 -14.09 32.01
CA ILE C 741 0.89 -12.99 31.19
C ILE C 741 -0.33 -12.38 30.50
N PHE C 742 -0.53 -11.09 30.68
CA PHE C 742 -1.68 -10.38 30.12
C PHE C 742 -1.35 -9.96 28.69
N THR C 743 -2.13 -10.48 27.74
CA THR C 743 -1.99 -10.07 26.35
C THR C 743 -2.54 -8.67 26.14
N ILE C 744 -2.04 -8.01 25.09
CA ILE C 744 -2.45 -6.65 24.82
C ILE C 744 -3.95 -6.55 24.63
N GLY C 745 -4.57 -7.61 24.13
CA GLY C 745 -6.00 -7.60 23.85
C GLY C 745 -6.89 -7.94 25.02
N VAL C 746 -6.35 -8.13 26.22
CA VAL C 746 -7.20 -8.53 27.34
C VAL C 746 -8.22 -7.44 27.62
N THR C 747 -9.31 -7.84 28.28
CA THR C 747 -10.43 -6.95 28.58
C THR C 747 -10.81 -7.12 30.04
N TRP C 748 -11.44 -6.09 30.61
CA TRP C 748 -11.90 -6.17 31.99
C TRP C 748 -12.79 -7.39 32.21
N SER C 749 -13.59 -7.77 31.21
CA SER C 749 -14.36 -8.99 31.31
C SER C 749 -13.45 -10.20 31.48
N SER C 750 -12.31 -10.21 30.80
CA SER C 750 -11.38 -11.32 30.95
C SER C 750 -10.81 -11.38 32.36
N VAL C 751 -10.48 -10.22 32.94
CA VAL C 751 -9.99 -10.19 34.32
C VAL C 751 -11.07 -10.69 35.27
N HIS C 752 -12.32 -10.28 35.06
CA HIS C 752 -13.40 -10.73 35.92
C HIS C 752 -13.59 -12.23 35.83
N TYR C 753 -13.53 -12.78 34.61
CA TYR C 753 -13.64 -14.22 34.44
C TYR C 753 -12.49 -14.94 35.13
N LEU C 754 -11.27 -14.40 35.00
CA LEU C 754 -10.14 -15.01 35.67
C LEU C 754 -10.34 -15.02 37.18
N LEU C 755 -10.84 -13.92 37.73
CA LEU C 755 -11.13 -13.89 39.15
C LEU C 755 -12.15 -14.96 39.52
N ASP C 756 -13.18 -15.13 38.68
CA ASP C 756 -14.15 -16.19 38.94
C ASP C 756 -13.48 -17.55 38.96
N VAL C 757 -12.56 -17.78 38.03
CA VAL C 757 -11.84 -19.06 37.99
C VAL C 757 -11.06 -19.26 39.29
N LEU C 758 -10.34 -18.23 39.73
CA LEU C 758 -9.66 -18.32 41.02
C LEU C 758 -10.65 -18.35 42.18
N ARG C 759 -11.91 -17.99 41.95
CA ARG C 759 -12.94 -18.06 42.97
C ARG C 759 -13.61 -19.42 43.00
N ARG C 760 -13.97 -19.95 41.84
CA ARG C 760 -14.63 -21.26 41.78
C ARG C 760 -13.72 -22.35 42.32
N VAL C 761 -12.44 -22.32 41.94
CA VAL C 761 -11.50 -23.33 42.42
C VAL C 761 -11.39 -23.29 43.94
N ALA C 762 -11.21 -22.10 44.50
CA ALA C 762 -11.09 -21.96 45.94
C ALA C 762 -12.36 -22.38 46.66
N ILE C 763 -13.52 -22.03 46.08
CA ILE C 763 -14.79 -22.41 46.70
C ILE C 763 -14.92 -23.93 46.77
N ASP C 764 -14.57 -24.62 45.69
CA ASP C 764 -14.63 -26.08 45.69
C ASP C 764 -13.64 -26.66 46.70
N LEU C 765 -12.44 -26.07 46.79
CA LEU C 765 -11.46 -26.56 47.75
C LEU C 765 -11.99 -26.44 49.17
N ASP C 766 -12.63 -25.31 49.49
CA ASP C 766 -13.21 -25.13 50.80
C ASP C 766 -14.35 -26.12 51.03
N ARG C 767 -15.17 -26.36 50.01
CA ARG C 767 -16.26 -27.31 50.15
C ARG C 767 -15.73 -28.71 50.46
N SER C 768 -14.68 -29.13 49.75
CA SER C 768 -14.06 -30.42 50.04
C SER C 768 -13.47 -30.44 51.43
N GLN C 769 -12.82 -29.36 51.84
CA GLN C 769 -12.26 -29.29 53.19
C GLN C 769 -13.35 -29.48 54.24
N LYS C 770 -14.53 -28.90 54.02
CA LYS C 770 -15.63 -29.10 54.95
C LYS C 770 -16.00 -30.58 55.03
N ALA C 771 -16.06 -31.25 53.89
CA ALA C 771 -16.41 -32.67 53.82
C ALA C 771 -15.19 -33.57 53.90
N ALA C 772 -13.99 -33.01 53.97
CA ALA C 772 -12.79 -33.82 54.02
C ALA C 772 -12.73 -34.61 55.32
N SER C 773 -12.34 -35.88 55.21
CA SER C 773 -12.14 -36.74 56.36
C SER C 773 -10.65 -36.77 56.72
N GLY C 774 -10.32 -37.54 57.75
CA GLY C 774 -8.93 -37.63 58.17
C GLY C 774 -8.00 -38.06 57.06
N ALA C 775 -8.41 -39.09 56.29
CA ALA C 775 -7.59 -39.54 55.16
C ALA C 775 -7.44 -38.43 54.12
N ASP C 776 -8.54 -37.75 53.79
CA ASP C 776 -8.47 -36.68 52.81
C ASP C 776 -7.58 -35.54 53.30
N LEU C 777 -7.72 -35.16 54.57
CA LEU C 777 -6.89 -34.09 55.11
C LEU C 777 -5.42 -34.47 55.08
N ALA C 778 -5.10 -35.71 55.48
CA ALA C 778 -3.71 -36.14 55.47
C ALA C 778 -3.14 -36.16 54.06
N LEU C 779 -3.89 -36.70 53.10
CA LEU C 779 -3.40 -36.75 51.73
C LEU C 779 -3.19 -35.35 51.16
N HIS C 780 -4.15 -34.44 51.38
CA HIS C 780 -4.01 -33.10 50.87
C HIS C 780 -2.82 -32.38 51.51
N ARG C 781 -2.63 -32.54 52.82
CA ARG C 781 -1.49 -31.90 53.47
C ARG C 781 -0.18 -32.44 52.91
N ARG C 782 -0.12 -33.76 52.69
CA ARG C 782 1.10 -34.34 52.13
C ARG C 782 1.39 -33.77 50.74
N HIS C 783 0.36 -33.64 49.91
CA HIS C 783 0.57 -33.05 48.59
C HIS C 783 1.04 -31.60 48.70
N VAL C 784 0.49 -30.85 49.66
CA VAL C 784 0.88 -29.46 49.80
C VAL C 784 2.37 -29.35 50.13
N GLU C 785 2.84 -30.18 51.07
CA GLU C 785 4.26 -30.18 51.42
C GLU C 785 5.13 -30.76 50.30
N GLU C 786 4.56 -31.63 49.46
CA GLU C 786 5.35 -32.24 48.40
C GLU C 786 5.88 -31.21 47.41
N ILE C 787 5.05 -30.25 47.02
CA ILE C 787 5.41 -29.29 45.99
C ILE C 787 5.81 -27.94 46.60
N THR C 788 6.18 -27.93 47.87
CA THR C 788 6.66 -26.72 48.52
C THR C 788 7.88 -26.92 49.40
N GLN C 789 8.24 -28.15 49.75
CA GLN C 789 9.34 -28.44 50.66
C GLN C 789 10.43 -29.28 50.00
N ASP C 790 10.05 -30.36 49.32
CA ASP C 790 11.00 -31.29 48.73
C ASP C 790 11.31 -30.99 47.26
N LEU C 791 11.29 -29.72 46.89
CA LEU C 791 11.56 -29.34 45.50
C LEU C 791 13.04 -29.57 45.18
N PRO C 792 13.38 -30.39 44.19
CA PRO C 792 14.79 -30.53 43.82
C PRO C 792 15.39 -29.19 43.39
N HIS C 793 16.67 -29.02 43.71
CA HIS C 793 17.37 -27.79 43.37
C HIS C 793 17.51 -27.70 41.84
N LEU C 794 17.53 -26.47 41.34
CA LEU C 794 17.56 -26.25 39.90
C LEU C 794 18.94 -26.58 39.32
N PRO C 795 18.99 -26.89 38.03
CA PRO C 795 20.26 -27.30 37.42
C PRO C 795 21.18 -26.14 37.08
N ASP C 796 21.98 -25.69 38.05
CA ASP C 796 22.98 -24.67 37.76
C ASP C 796 23.94 -25.17 36.69
N PHE C 797 24.29 -24.29 35.77
CA PHE C 797 25.19 -24.66 34.67
C PHE C 797 26.52 -25.13 35.21
N SER C 798 27.00 -26.26 34.70
CA SER C 798 28.31 -26.81 35.02
C SER C 798 29.26 -26.61 33.85
N GLU C 799 30.49 -26.22 34.16
CA GLU C 799 31.40 -25.71 33.14
C GLU C 799 31.56 -26.72 32.00
N PHE C 800 32.06 -26.21 30.87
CA PHE C 800 32.29 -27.04 29.70
C PHE C 800 33.39 -28.06 29.98
N ASP C 801 33.19 -29.28 29.51
CA ASP C 801 34.20 -30.32 29.66
C ASP C 801 35.56 -29.81 29.22
N LEU C 802 36.60 -30.25 29.93
CA LEU C 802 37.94 -29.68 29.73
C LEU C 802 38.36 -29.68 28.26
N ALA C 803 37.95 -30.69 27.50
CA ALA C 803 38.41 -30.81 26.12
C ALA C 803 37.98 -29.62 25.27
N PHE C 804 36.75 -29.17 25.44
CA PHE C 804 36.24 -28.05 24.64
C PHE C 804 36.86 -26.70 25.02
N ARG C 805 37.09 -26.45 26.30
CA ARG C 805 37.49 -25.10 26.69
C ARG C 805 38.83 -24.74 26.06
N PRO C 806 38.95 -23.58 25.41
CA PRO C 806 40.28 -23.17 24.92
C PRO C 806 41.28 -22.98 26.03
N ASP C 807 40.88 -22.38 27.14
CA ASP C 807 41.76 -22.13 28.27
C ASP C 807 41.29 -22.97 29.45
N ASP C 808 42.21 -23.76 30.01
CA ASP C 808 41.85 -24.61 31.13
C ASP C 808 41.51 -23.81 32.37
N ALA C 809 42.11 -22.63 32.54
CA ALA C 809 41.86 -21.82 33.72
C ALA C 809 40.45 -21.26 33.71
N SER C 810 40.05 -20.64 32.61
CA SER C 810 38.76 -19.97 32.53
C SER C 810 37.64 -20.97 32.25
N SER C 811 36.40 -20.49 32.34
CA SER C 811 35.23 -21.33 32.26
C SER C 811 34.45 -21.16 30.96
N PHE C 812 35.01 -20.47 29.97
CA PHE C 812 34.33 -20.30 28.69
C PHE C 812 34.74 -21.42 27.75
N GLY C 813 33.74 -22.10 27.18
CA GLY C 813 33.97 -23.25 26.34
C GLY C 813 33.90 -22.92 24.86
N ASP C 814 33.96 -23.98 24.05
CA ASP C 814 33.87 -23.90 22.61
C ASP C 814 32.62 -24.67 22.20
N MET C 815 31.50 -23.98 22.09
CA MET C 815 30.25 -24.64 21.78
C MET C 815 30.14 -25.03 20.31
N ARG C 816 30.86 -24.34 19.43
CA ARG C 816 30.82 -24.71 18.02
C ARG C 816 31.49 -26.07 17.80
N SER C 817 32.69 -26.26 18.32
CA SER C 817 33.38 -27.53 18.15
C SER C 817 32.59 -28.66 18.78
N ALA C 818 32.01 -28.42 19.95
CA ALA C 818 31.17 -29.45 20.57
C ALA C 818 29.95 -29.73 19.70
N PHE C 819 29.39 -28.70 19.08
CA PHE C 819 28.22 -28.89 18.22
C PHE C 819 28.56 -29.78 17.03
N TYR C 820 29.64 -29.45 16.31
CA TYR C 820 29.99 -30.19 15.11
C TYR C 820 30.65 -31.52 15.45
N ALA C 821 31.45 -31.57 16.52
CA ALA C 821 32.07 -32.83 16.91
C ALA C 821 31.02 -33.89 17.23
N GLY C 822 29.81 -33.47 17.58
CA GLY C 822 28.74 -34.42 17.84
C GLY C 822 28.04 -34.95 16.61
N TYR C 823 28.33 -34.39 15.44
CA TYR C 823 27.74 -34.90 14.21
C TYR C 823 28.15 -36.34 13.96
N GLU C 824 29.42 -36.66 14.21
CA GLU C 824 29.93 -38.00 13.96
C GLU C 824 29.12 -39.03 14.74
N GLU C 825 28.81 -40.14 14.07
CA GLU C 825 28.05 -41.20 14.72
C GLU C 825 28.92 -42.11 15.59
N ALA C 826 30.23 -42.16 15.32
CA ALA C 826 31.10 -42.99 16.16
C ALA C 826 31.26 -42.38 17.55
N ASP C 827 31.41 -41.06 17.63
CA ASP C 827 31.64 -40.40 18.91
C ASP C 827 30.38 -40.41 19.76
N ARG C 828 29.23 -40.13 19.16
CA ARG C 828 28.00 -40.03 19.92
C ARG C 828 27.68 -41.34 20.61
N GLU C 829 27.07 -41.24 21.79
CA GLU C 829 26.57 -42.38 22.53
C GLU C 829 25.16 -42.07 23.01
N TYR C 830 24.48 -43.09 23.51
CA TYR C 830 23.18 -42.93 24.15
C TYR C 830 23.21 -43.62 25.50
N VAL C 831 22.94 -42.87 26.56
CA VAL C 831 22.97 -43.36 27.92
C VAL C 831 21.58 -43.22 28.50
N GLN C 832 21.01 -44.32 28.98
CA GLN C 832 19.70 -44.25 29.60
C GLN C 832 19.76 -43.45 30.89
N ILE C 833 18.66 -42.75 31.19
CA ILE C 833 18.64 -41.88 32.36
C ILE C 833 18.89 -42.69 33.62
N GLY C 834 18.35 -43.91 33.69
CA GLY C 834 18.50 -44.72 34.88
C GLY C 834 19.96 -44.98 35.23
N LEU C 835 20.80 -45.20 34.22
CA LEU C 835 22.20 -45.52 34.46
C LEU C 835 23.10 -44.28 34.40
N ALA C 836 22.53 -43.10 34.18
CA ALA C 836 23.34 -41.89 34.12
C ALA C 836 24.06 -41.65 35.45
N GLY C 837 23.31 -41.69 36.56
CA GLY C 837 23.94 -41.51 37.85
C GLY C 837 24.90 -42.63 38.20
N ARG C 838 24.58 -43.86 37.81
CA ARG C 838 25.49 -44.97 38.07
C ARG C 838 26.83 -44.74 37.38
N ARG C 839 26.81 -44.37 36.10
CA ARG C 839 28.05 -44.19 35.37
C ARG C 839 28.85 -43.00 35.88
N LEU C 840 28.18 -41.94 36.34
CA LEU C 840 28.90 -40.81 36.88
C LEU C 840 29.70 -41.22 38.11
N ALA C 841 29.12 -42.07 38.96
CA ALA C 841 29.84 -42.55 40.13
C ALA C 841 31.10 -43.29 39.75
N GLU C 842 31.02 -44.15 38.72
CA GLU C 842 32.17 -44.90 38.27
C GLU C 842 33.27 -43.99 37.73
N GLY C 843 32.96 -42.74 37.42
CA GLY C 843 33.91 -41.82 36.84
C GLY C 843 33.79 -41.61 35.34
N LYS C 844 32.77 -42.18 34.70
CA LYS C 844 32.55 -41.98 33.27
C LYS C 844 31.94 -40.61 33.08
N THR C 845 32.76 -39.62 32.75
CA THR C 845 32.27 -38.27 32.52
C THR C 845 31.21 -38.29 31.43
N LEU C 846 30.10 -37.60 31.68
CA LEU C 846 28.99 -37.52 30.75
C LEU C 846 28.98 -36.11 30.15
N VAL C 847 29.46 -35.99 28.92
CA VAL C 847 29.47 -34.72 28.20
C VAL C 847 28.44 -34.81 27.09
N SER C 848 27.46 -33.91 27.12
CA SER C 848 26.39 -33.96 26.14
C SER C 848 26.88 -33.45 24.79
N THR C 849 26.17 -33.86 23.74
CA THR C 849 26.52 -33.48 22.38
C THR C 849 25.42 -32.67 21.68
N THR C 850 24.28 -32.45 22.32
CA THR C 850 23.16 -31.77 21.69
C THR C 850 22.61 -30.70 22.64
N PHE C 851 21.79 -29.83 22.07
CA PHE C 851 21.08 -28.82 22.85
C PHE C 851 19.83 -29.46 23.43
N VAL C 852 19.88 -29.81 24.71
CA VAL C 852 18.73 -30.37 25.41
C VAL C 852 17.91 -29.20 25.94
N VAL C 853 16.77 -28.94 25.32
CA VAL C 853 15.95 -27.79 25.67
C VAL C 853 14.58 -28.29 26.15
N PRO C 854 14.41 -28.55 27.45
CA PRO C 854 13.10 -28.99 27.93
C PRO C 854 11.95 -28.13 27.45
N TYR C 855 12.21 -26.87 27.17
CA TYR C 855 11.25 -25.98 26.53
C TYR C 855 9.95 -25.79 27.30
N PRO C 856 9.96 -25.57 28.61
CA PRO C 856 8.84 -24.86 29.23
C PRO C 856 8.87 -23.40 28.85
N PRO C 857 10.01 -22.69 29.08
CA PRO C 857 10.17 -21.36 28.47
C PRO C 857 11.03 -21.38 27.21
N GLY C 858 11.72 -22.49 26.95
CA GLY C 858 12.66 -22.56 25.87
C GLY C 858 14.07 -22.18 26.26
N PHE C 859 14.55 -22.71 27.39
CA PHE C 859 15.89 -22.43 27.90
C PHE C 859 16.71 -23.71 27.91
N PRO C 860 17.88 -23.75 27.28
CA PRO C 860 18.59 -25.04 27.13
C PRO C 860 19.23 -25.50 28.42
N VAL C 861 18.76 -26.63 28.96
CA VAL C 861 19.36 -27.19 30.17
C VAL C 861 20.79 -27.60 29.90
N LEU C 862 21.02 -28.30 28.78
CA LEU C 862 22.35 -28.77 28.39
C LEU C 862 22.71 -28.17 27.05
N VAL C 863 23.98 -27.82 26.92
CA VAL C 863 24.53 -27.36 25.64
C VAL C 863 25.67 -28.30 25.27
N PRO C 864 26.04 -28.35 23.99
CA PRO C 864 27.11 -29.27 23.59
C PRO C 864 28.39 -28.98 24.37
N GLY C 865 29.02 -30.05 24.83
CA GLY C 865 30.22 -29.91 25.64
C GLY C 865 29.98 -29.54 27.08
N GLN C 866 28.78 -29.73 27.59
CA GLN C 866 28.46 -29.41 28.97
C GLN C 866 28.55 -30.69 29.81
N LEU C 867 29.26 -30.60 30.93
CA LEU C 867 29.42 -31.74 31.83
C LEU C 867 28.06 -32.04 32.46
N VAL C 868 27.39 -33.08 31.96
CA VAL C 868 26.15 -33.52 32.59
C VAL C 868 26.40 -33.77 34.06
N SER C 869 25.56 -33.20 34.92
CA SER C 869 25.74 -33.27 36.35
C SER C 869 24.51 -33.88 37.00
N LYS C 870 24.71 -34.38 38.23
CA LYS C 870 23.65 -35.10 38.93
C LYS C 870 22.38 -34.29 38.99
N GLU C 871 22.49 -32.98 39.17
CA GLU C 871 21.31 -32.13 39.23
C GLU C 871 20.53 -32.18 37.92
N ILE C 872 21.24 -32.12 36.79
CA ILE C 872 20.56 -32.08 35.50
C ILE C 872 19.85 -33.40 35.22
N ILE C 873 20.50 -34.53 35.51
CA ILE C 873 19.86 -35.82 35.27
C ILE C 873 18.68 -36.00 36.21
N TYR C 874 18.82 -35.58 37.46
CA TYR C 874 17.68 -35.65 38.38
C TYR C 874 16.50 -34.84 37.85
N PHE C 875 16.77 -33.61 37.39
CA PHE C 875 15.71 -32.78 36.86
C PHE C 875 15.06 -33.43 35.65
N LEU C 876 15.88 -33.97 34.74
CA LEU C 876 15.34 -34.58 33.53
C LEU C 876 14.49 -35.80 33.86
N ALA C 877 14.95 -36.64 34.80
CA ALA C 877 14.16 -37.81 35.19
C ALA C 877 12.84 -37.38 35.82
N GLN C 878 12.89 -36.46 36.79
CA GLN C 878 11.68 -35.96 37.42
C GLN C 878 10.82 -35.16 36.46
N LEU C 879 11.40 -34.68 35.35
CA LEU C 879 10.70 -33.79 34.46
C LEU C 879 9.48 -34.48 33.83
N ASP C 880 8.48 -33.67 33.50
CA ASP C 880 7.27 -34.17 32.84
C ASP C 880 6.83 -33.28 31.69
N VAL C 881 7.65 -32.31 31.26
CA VAL C 881 7.27 -31.46 30.15
C VAL C 881 7.14 -32.32 28.89
N LYS C 882 6.04 -32.15 28.17
CA LYS C 882 5.73 -33.06 27.07
C LYS C 882 6.75 -32.92 25.94
N GLU C 883 7.14 -31.70 25.58
CA GLU C 883 8.02 -31.45 24.46
C GLU C 883 9.44 -31.22 24.94
N ILE C 884 10.39 -31.97 24.38
CA ILE C 884 11.81 -31.80 24.66
C ILE C 884 12.55 -31.78 23.34
N HIS C 885 13.41 -30.78 23.15
CA HIS C 885 14.18 -30.64 21.93
C HIS C 885 15.61 -31.09 22.19
N GLY C 886 16.11 -31.97 21.34
CA GLY C 886 17.45 -32.49 21.54
C GLY C 886 17.55 -33.57 22.59
N TYR C 887 16.48 -34.32 22.83
CA TYR C 887 16.51 -35.39 23.82
C TYR C 887 15.25 -36.23 23.66
N ASN C 888 15.34 -37.49 24.07
CA ASN C 888 14.21 -38.40 24.02
C ASN C 888 14.36 -39.49 25.07
N PRO C 889 13.37 -39.70 25.93
CA PRO C 889 13.55 -40.68 27.02
C PRO C 889 13.81 -42.10 26.53
N ASP C 890 13.20 -42.49 25.41
CA ASP C 890 13.25 -43.90 25.01
C ASP C 890 14.66 -44.33 24.64
N LEU C 891 15.38 -43.51 23.88
CA LEU C 891 16.74 -43.88 23.49
C LEU C 891 17.74 -43.60 24.61
N GLY C 892 17.89 -42.35 24.99
CA GLY C 892 18.80 -41.99 26.06
C GLY C 892 19.29 -40.57 25.90
N LEU C 893 20.25 -40.23 26.75
CA LEU C 893 20.88 -38.90 26.77
C LEU C 893 22.12 -38.95 25.91
N SER C 894 22.11 -38.23 24.79
CA SER C 894 23.27 -38.21 23.90
C SER C 894 24.50 -37.74 24.65
N VAL C 895 25.60 -38.48 24.50
CA VAL C 895 26.83 -38.19 25.23
C VAL C 895 28.01 -38.67 24.39
N PHE C 896 29.09 -37.90 24.44
CA PHE C 896 30.32 -38.31 23.78
C PHE C 896 30.87 -39.57 24.44
N THR C 897 31.44 -40.46 23.63
CA THR C 897 32.05 -41.66 24.18
C THR C 897 33.42 -41.33 24.77
N GLN C 898 33.89 -42.21 25.65
CA GLN C 898 35.14 -41.97 26.37
C GLN C 898 36.31 -41.84 25.41
N ALA C 899 36.39 -42.70 24.39
CA ALA C 899 37.49 -42.60 23.45
C ALA C 899 37.48 -41.28 22.71
N ALA C 900 36.30 -40.84 22.28
CA ALA C 900 36.19 -39.57 21.57
C ALA C 900 36.65 -38.41 22.46
N LEU C 901 36.20 -38.40 23.71
CA LEU C 901 36.59 -37.33 24.63
C LEU C 901 38.09 -37.36 24.90
N ALA C 902 38.66 -38.56 25.06
CA ALA C 902 40.09 -38.66 25.29
C ALA C 902 40.87 -38.11 24.09
N ARG C 903 40.46 -38.48 22.88
CA ARG C 903 41.15 -37.98 21.70
C ARG C 903 41.03 -36.47 21.60
N MET C 904 39.83 -35.94 21.82
CA MET C 904 39.63 -34.49 21.71
C MET C 904 40.43 -33.74 22.75
N GLU C 905 40.46 -34.23 23.99
CA GLU C 905 41.22 -33.57 25.04
C GLU C 905 42.72 -33.66 24.77
N ALA C 906 43.18 -34.78 24.23
CA ALA C 906 44.58 -34.89 23.84
C ALA C 906 44.93 -33.88 22.76
N ALA C 907 44.05 -33.72 21.77
CA ALA C 907 44.27 -32.71 20.74
C ALA C 907 44.29 -31.32 21.35
N ARG C 908 43.40 -31.05 22.30
CA ARG C 908 43.36 -29.74 22.95
C ARG C 908 44.67 -29.47 23.68
N ASN C 909 45.18 -30.46 24.42
CA ASN C 909 46.42 -30.28 25.15
C ASN C 909 47.58 -30.06 24.20
N ALA C 910 47.63 -30.82 23.10
CA ALA C 910 48.70 -30.63 22.12
C ALA C 910 48.64 -29.24 21.51
N VAL C 911 47.44 -28.77 21.16
CA VAL C 911 47.30 -27.44 20.57
C VAL C 911 47.72 -26.37 21.57
N ALA C 912 47.29 -26.50 22.83
CA ALA C 912 47.64 -25.50 23.83
C ALA C 912 49.15 -25.46 24.06
N THR C 913 49.79 -26.62 24.13
CA THR C 913 51.25 -26.63 24.30
C THR C 913 51.94 -26.03 23.08
N VAL C 914 51.47 -26.39 21.88
CA VAL C 914 52.09 -25.88 20.66
C VAL C 914 51.86 -24.39 20.52
N GLY C 915 50.69 -23.90 20.94
CA GLY C 915 50.36 -22.50 20.77
C GLY C 915 51.12 -21.56 21.69
N ALA C 916 51.81 -22.08 22.69
CA ALA C 916 52.58 -21.23 23.60
C ALA C 916 53.95 -20.89 23.04
N ALA C 917 54.34 -21.47 21.91
CA ALA C 917 55.65 -21.20 21.31
C ALA C 917 55.76 -19.74 20.91
N PRO D 22 -15.13 -42.35 -48.66
CA PRO D 22 -15.24 -42.55 -47.22
C PRO D 22 -13.92 -42.32 -46.47
N SER D 23 -14.02 -41.69 -45.30
CA SER D 23 -12.82 -41.37 -44.53
C SER D 23 -12.07 -42.63 -44.10
N TYR D 24 -12.79 -43.66 -43.66
CA TYR D 24 -12.13 -44.87 -43.18
C TYR D 24 -11.30 -45.53 -44.28
N THR D 25 -11.82 -45.60 -45.50
CA THR D 25 -11.03 -46.20 -46.58
C THR D 25 -9.83 -45.33 -46.93
N ARG D 26 -9.92 -44.02 -46.71
CA ARG D 26 -8.77 -43.16 -46.97
C ARG D 26 -7.61 -43.51 -46.06
N LEU D 27 -7.89 -43.79 -44.79
CA LEU D 27 -6.82 -44.21 -43.89
C LEU D 27 -6.28 -45.58 -44.29
N ASP D 28 -7.16 -46.52 -44.64
CA ASP D 28 -6.70 -47.83 -45.07
C ASP D 28 -5.91 -47.75 -46.36
N THR D 29 -6.39 -46.96 -47.32
CA THR D 29 -5.68 -46.83 -48.58
C THR D 29 -4.33 -46.14 -48.38
N TRP D 30 -4.27 -45.12 -47.52
CA TRP D 30 -3.00 -44.46 -47.27
C TRP D 30 -2.01 -45.38 -46.57
N ASN D 31 -2.48 -46.17 -45.60
CA ASN D 31 -1.60 -47.13 -44.95
C ASN D 31 -1.11 -48.17 -45.94
N LEU D 32 -1.98 -48.63 -46.83
CA LEU D 32 -1.59 -49.58 -47.86
C LEU D 32 -0.55 -48.97 -48.79
N LEU D 33 -0.72 -47.69 -49.15
CA LEU D 33 0.27 -47.01 -49.98
C LEU D 33 1.61 -46.92 -49.25
N ASP D 34 1.57 -46.63 -47.95
CA ASP D 34 2.81 -46.58 -47.19
C ASP D 34 3.51 -47.92 -47.18
N ASP D 35 2.74 -49.01 -47.01
CA ASP D 35 3.33 -50.34 -47.04
C ASP D 35 3.92 -50.65 -48.41
N ALA D 36 3.19 -50.31 -49.47
CA ALA D 36 3.69 -50.57 -50.82
C ALA D 36 4.96 -49.78 -51.09
N CYS D 37 5.02 -48.53 -50.63
CA CYS D 37 6.23 -47.73 -50.84
C CYS D 37 7.38 -48.23 -49.99
N ARG D 38 7.09 -48.74 -48.79
CA ARG D 38 8.14 -49.38 -48.00
C ARG D 38 8.72 -50.58 -48.72
N HIS D 39 7.84 -51.41 -49.31
CA HIS D 39 8.31 -52.55 -50.08
C HIS D 39 9.12 -52.11 -51.29
N LEU D 40 8.66 -51.04 -51.95
CA LEU D 40 9.38 -50.53 -53.13
C LEU D 40 10.78 -50.07 -52.73
N ALA D 41 10.89 -49.33 -51.63
CA ALA D 41 12.20 -48.89 -51.17
C ALA D 41 13.08 -50.08 -50.79
N GLU D 42 12.49 -51.08 -50.12
CA GLU D 42 13.24 -52.27 -49.74
C GLU D 42 13.81 -52.97 -50.96
N VAL D 43 12.99 -53.15 -52.00
CA VAL D 43 13.47 -53.86 -53.18
C VAL D 43 14.48 -53.01 -53.95
N ASP D 44 14.25 -51.71 -54.05
CA ASP D 44 15.16 -50.87 -54.83
C ASP D 44 16.50 -50.72 -54.14
N LEU D 45 16.54 -50.72 -52.81
CA LEU D 45 17.81 -50.57 -52.11
C LEU D 45 18.81 -51.63 -52.57
N ALA D 46 18.32 -52.85 -52.81
CA ALA D 46 19.20 -53.91 -53.31
C ALA D 46 19.76 -53.54 -54.68
N GLY D 47 18.90 -53.02 -55.56
CA GLY D 47 19.30 -52.63 -56.90
C GLY D 47 18.66 -53.43 -58.02
N LEU D 48 17.53 -54.08 -57.79
CA LEU D 48 16.89 -54.90 -58.81
C LEU D 48 16.02 -54.00 -59.69
N ASP D 49 15.27 -54.61 -60.61
CA ASP D 49 14.32 -53.88 -61.44
C ASP D 49 12.98 -53.87 -60.71
N THR D 50 12.54 -52.67 -60.30
CA THR D 50 11.35 -52.51 -59.47
C THR D 50 10.17 -51.95 -60.27
N THR D 51 10.21 -52.07 -61.60
CA THR D 51 9.16 -51.47 -62.43
C THR D 51 7.78 -51.94 -62.01
N HIS D 52 7.66 -53.18 -61.52
CA HIS D 52 6.35 -53.66 -61.10
C HIS D 52 5.91 -52.95 -59.82
N ASP D 53 6.82 -52.79 -58.86
CA ASP D 53 6.47 -52.06 -57.64
C ASP D 53 6.20 -50.59 -57.94
N VAL D 54 6.93 -50.01 -58.88
CA VAL D 54 6.64 -48.63 -59.27
C VAL D 54 5.26 -48.53 -59.91
N ALA D 55 4.89 -49.52 -60.72
CA ALA D 55 3.55 -49.54 -61.31
C ALA D 55 2.48 -49.66 -60.23
N ARG D 56 2.71 -50.53 -59.24
CA ARG D 56 1.76 -50.68 -58.15
C ARG D 56 1.63 -49.38 -57.36
N ALA D 57 2.74 -48.70 -57.11
CA ALA D 57 2.71 -47.41 -56.42
C ALA D 57 1.95 -46.38 -57.24
N LYS D 58 2.20 -46.30 -58.53
CA LYS D 58 1.48 -45.38 -59.40
C LYS D 58 -0.01 -45.67 -59.37
N ARG D 59 -0.38 -46.95 -59.45
CA ARG D 59 -1.79 -47.33 -59.42
C ARG D 59 -2.44 -46.87 -58.12
N LEU D 60 -1.78 -47.13 -56.98
CA LEU D 60 -2.37 -46.78 -55.71
C LEU D 60 -2.46 -45.27 -55.51
N MET D 61 -1.45 -44.53 -55.96
CA MET D 61 -1.49 -43.08 -55.85
C MET D 61 -2.61 -42.50 -56.73
N ASP D 62 -2.77 -43.03 -57.95
CA ASP D 62 -3.85 -42.56 -58.81
C ASP D 62 -5.21 -42.90 -58.21
N ARG D 63 -5.31 -44.06 -57.56
CA ARG D 63 -6.54 -44.38 -56.83
C ARG D 63 -6.80 -43.34 -55.74
N ILE D 64 -5.75 -42.92 -55.03
CA ILE D 64 -5.92 -41.94 -53.96
C ILE D 64 -6.38 -40.61 -54.54
N GLY D 65 -5.74 -40.17 -55.62
CA GLY D 65 -5.98 -38.85 -56.18
C GLY D 65 -7.44 -38.50 -56.43
N ALA D 66 -8.31 -39.51 -56.48
CA ALA D 66 -9.73 -39.26 -56.73
C ALA D 66 -10.40 -38.58 -55.53
N TYR D 67 -10.03 -38.99 -54.32
CA TYR D 67 -10.75 -38.56 -53.11
C TYR D 67 -10.02 -37.49 -52.30
N GLU D 68 -8.80 -37.13 -52.68
CA GLU D 68 -7.99 -36.26 -51.84
C GLU D 68 -8.28 -34.78 -52.07
N ARG D 69 -9.27 -34.46 -52.89
CA ARG D 69 -9.74 -33.09 -53.02
C ARG D 69 -10.60 -32.65 -51.83
N TYR D 70 -11.11 -33.60 -51.04
CA TYR D 70 -11.97 -33.29 -49.90
C TYR D 70 -11.16 -32.97 -48.65
N TRP D 71 -10.16 -33.78 -48.34
CA TRP D 71 -9.33 -33.53 -47.16
C TRP D 71 -8.26 -32.50 -47.47
N LEU D 72 -7.68 -31.94 -46.41
CA LEU D 72 -6.86 -30.74 -46.50
C LEU D 72 -5.37 -30.97 -46.37
N TYR D 73 -4.92 -31.83 -45.47
CA TYR D 73 -3.48 -31.89 -45.22
C TYR D 73 -2.75 -32.41 -46.45
N PRO D 74 -2.90 -33.70 -46.82
CA PRO D 74 -2.23 -34.17 -48.03
C PRO D 74 -2.79 -33.48 -49.24
N GLY D 75 -4.10 -33.62 -49.43
CA GLY D 75 -4.80 -32.84 -50.43
C GLY D 75 -4.22 -33.03 -51.81
N ALA D 76 -3.91 -31.91 -52.47
CA ALA D 76 -3.44 -31.88 -53.83
C ALA D 76 -1.94 -31.62 -53.93
N GLN D 77 -1.46 -30.57 -53.26
CA GLN D 77 -0.07 -30.15 -53.44
C GLN D 77 0.90 -31.25 -53.01
N ASN D 78 0.68 -31.82 -51.82
CA ASN D 78 1.59 -32.84 -51.32
C ASN D 78 1.59 -34.08 -52.21
N LEU D 79 0.40 -34.53 -52.62
CA LEU D 79 0.33 -35.72 -53.46
C LEU D 79 0.98 -35.45 -54.82
N ALA D 80 0.81 -34.24 -55.34
CA ALA D 80 1.46 -33.88 -56.60
C ALA D 80 2.98 -33.90 -56.45
N THR D 81 3.49 -33.37 -55.34
CA THR D 81 4.94 -33.41 -55.12
C THR D 81 5.43 -34.85 -55.02
N PHE D 82 4.69 -35.70 -54.30
CA PHE D 82 5.07 -37.11 -54.20
C PHE D 82 5.12 -37.74 -55.57
N ARG D 83 4.11 -37.48 -56.41
CA ARG D 83 4.09 -38.02 -57.76
C ARG D 83 5.27 -37.49 -58.58
N ALA D 84 5.61 -36.22 -58.40
CA ALA D 84 6.78 -35.67 -59.08
C ALA D 84 8.04 -36.44 -58.67
N HIS D 85 8.16 -36.78 -57.39
CA HIS D 85 9.25 -37.65 -56.97
C HIS D 85 9.13 -39.04 -57.59
N LEU D 86 7.91 -39.56 -57.70
CA LEU D 86 7.74 -40.90 -58.26
C LEU D 86 8.21 -40.94 -59.71
N ASP D 87 7.93 -39.88 -60.47
CA ASP D 87 8.43 -39.80 -61.84
C ASP D 87 9.95 -39.77 -61.88
N SER D 88 10.56 -39.05 -60.95
CA SER D 88 12.02 -38.94 -60.90
C SER D 88 12.69 -40.23 -60.47
N HIS D 89 11.93 -41.23 -60.01
CA HIS D 89 12.49 -42.53 -59.62
C HIS D 89 13.51 -42.37 -58.49
N SER D 90 13.02 -41.92 -57.34
CA SER D 90 13.82 -41.82 -56.11
C SER D 90 12.95 -42.37 -55.00
N THR D 91 13.08 -43.68 -54.72
CA THR D 91 12.19 -44.34 -53.78
C THR D 91 12.53 -44.03 -52.32
N VAL D 92 13.75 -43.61 -52.02
CA VAL D 92 14.13 -43.34 -50.64
C VAL D 92 13.36 -42.15 -50.10
N ARG D 93 13.57 -40.98 -50.71
CA ARG D 93 12.87 -39.78 -50.26
C ARG D 93 11.37 -39.96 -50.38
N LEU D 94 10.92 -40.62 -51.44
CA LEU D 94 9.49 -40.79 -51.65
C LEU D 94 8.86 -41.62 -50.53
N THR D 95 9.49 -42.75 -50.19
CA THR D 95 8.92 -43.59 -49.15
C THR D 95 9.02 -42.92 -47.79
N GLU D 96 10.11 -42.19 -47.54
CA GLU D 96 10.22 -41.45 -46.29
C GLU D 96 9.09 -40.43 -46.16
N GLU D 97 8.84 -39.67 -47.23
CA GLU D 97 7.77 -38.68 -47.21
C GLU D 97 6.42 -39.34 -47.03
N VAL D 98 6.17 -40.44 -47.73
CA VAL D 98 4.89 -41.11 -47.62
C VAL D 98 4.67 -41.63 -46.20
N SER D 99 5.71 -42.22 -45.61
CA SER D 99 5.59 -42.73 -44.24
C SER D 99 5.32 -41.60 -43.26
N LEU D 100 6.05 -40.49 -43.39
CA LEU D 100 5.82 -39.35 -42.51
C LEU D 100 4.39 -38.83 -42.66
N ALA D 101 3.94 -38.68 -43.91
CA ALA D 101 2.61 -38.14 -44.15
C ALA D 101 1.53 -39.03 -43.57
N VAL D 102 1.64 -40.34 -43.80
CA VAL D 102 0.64 -41.26 -43.29
C VAL D 102 0.69 -41.33 -41.77
N ARG D 103 1.86 -41.09 -41.17
CA ARG D 103 1.94 -41.03 -39.72
C ARG D 103 1.10 -39.87 -39.19
N LEU D 104 1.43 -38.65 -39.59
CA LEU D 104 0.69 -37.48 -39.15
C LEU D 104 -0.79 -37.61 -39.51
N LEU D 105 -1.09 -38.19 -40.67
CA LEU D 105 -2.48 -38.33 -41.09
C LEU D 105 -3.28 -39.20 -40.12
N SER D 106 -2.62 -40.15 -39.47
CA SER D 106 -3.36 -41.09 -38.62
C SER D 106 -3.80 -40.45 -37.31
N GLU D 107 -3.01 -39.51 -36.77
CA GLU D 107 -3.28 -38.94 -35.46
C GLU D 107 -3.97 -37.59 -35.54
N TYR D 108 -3.35 -36.63 -36.24
CA TYR D 108 -3.83 -35.24 -36.22
C TYR D 108 -4.88 -34.95 -37.28
N GLY D 109 -5.20 -35.90 -38.15
CA GLY D 109 -6.19 -35.63 -39.19
C GLY D 109 -5.78 -34.44 -40.03
N ASP D 110 -6.76 -33.58 -40.33
CA ASP D 110 -6.49 -32.39 -41.13
C ASP D 110 -5.70 -31.34 -40.36
N ARG D 111 -5.61 -31.46 -39.03
CA ARG D 111 -4.96 -30.44 -38.23
C ARG D 111 -3.55 -30.14 -38.74
N THR D 112 -2.83 -31.17 -39.16
CA THR D 112 -1.45 -31.00 -39.61
C THR D 112 -1.33 -30.13 -40.85
N ALA D 113 -2.45 -29.63 -41.38
CA ALA D 113 -2.36 -28.66 -42.47
C ALA D 113 -1.65 -27.39 -42.01
N LEU D 114 -1.74 -27.07 -40.72
CA LEU D 114 -1.05 -25.90 -40.17
C LEU D 114 0.43 -26.16 -39.97
N PHE D 115 0.81 -27.41 -39.74
CA PHE D 115 2.20 -27.76 -39.46
C PHE D 115 3.11 -27.30 -40.60
N ASP D 116 4.41 -27.26 -40.28
CA ASP D 116 5.46 -26.97 -41.25
C ASP D 116 6.45 -28.12 -41.10
N THR D 117 6.09 -29.27 -41.66
CA THR D 117 6.90 -30.49 -41.54
C THR D 117 8.38 -30.23 -41.76
N SER D 118 8.70 -29.39 -42.73
CA SER D 118 10.11 -29.19 -43.10
C SER D 118 10.94 -28.75 -41.91
N ALA D 119 10.43 -27.79 -41.13
CA ALA D 119 11.15 -27.25 -39.98
C ALA D 119 10.93 -28.16 -38.77
N SER D 120 11.28 -27.66 -37.59
CA SER D 120 11.15 -28.44 -36.38
C SER D 120 9.72 -28.93 -36.23
N LEU D 121 9.57 -30.22 -35.93
CA LEU D 121 8.26 -30.86 -35.87
C LEU D 121 7.87 -31.36 -34.50
N ALA D 122 8.83 -31.63 -33.62
CA ALA D 122 8.48 -32.12 -32.29
C ALA D 122 7.68 -31.07 -31.52
N GLU D 123 8.08 -29.81 -31.62
CA GLU D 123 7.34 -28.75 -30.94
C GLU D 123 5.89 -28.70 -31.41
N GLN D 124 5.69 -28.65 -32.74
CA GLN D 124 4.34 -28.56 -33.27
C GLN D 124 3.52 -29.80 -32.92
N GLU D 125 4.16 -30.97 -32.90
CA GLU D 125 3.44 -32.19 -32.55
C GLU D 125 3.03 -32.17 -31.08
N LEU D 126 3.88 -31.67 -30.20
CA LEU D 126 3.55 -31.60 -28.78
C LEU D 126 2.33 -30.71 -28.56
N VAL D 127 2.33 -29.52 -29.15
CA VAL D 127 1.20 -28.61 -28.99
C VAL D 127 -0.09 -29.30 -29.41
N ALA D 128 -0.06 -30.01 -30.54
CA ALA D 128 -1.27 -30.68 -31.02
C ALA D 128 -1.78 -31.70 -30.00
N GLN D 129 -0.89 -32.47 -29.40
CA GLN D 129 -1.34 -33.46 -28.41
C GLN D 129 -1.96 -32.79 -27.20
N ALA D 130 -1.34 -31.70 -26.72
CA ALA D 130 -1.89 -30.95 -25.60
C ALA D 130 -2.99 -30.05 -26.16
N LYS D 131 -4.16 -30.65 -26.36
CA LYS D 131 -5.26 -29.96 -27.01
C LYS D 131 -5.72 -28.78 -26.17
N GLN D 132 -6.03 -27.67 -26.84
CA GLN D 132 -6.58 -26.48 -26.21
C GLN D 132 -8.05 -26.28 -26.55
N GLN D 133 -8.42 -26.43 -27.81
CA GLN D 133 -9.81 -26.49 -28.24
C GLN D 133 -9.82 -27.00 -29.67
N GLN D 134 -11.00 -27.43 -30.12
CA GLN D 134 -11.07 -28.24 -31.33
C GLN D 134 -10.62 -27.43 -32.54
N PHE D 135 -10.12 -28.14 -33.54
CA PHE D 135 -9.73 -27.58 -34.83
C PHE D 135 -10.82 -27.90 -35.85
N TYR D 136 -11.09 -26.94 -36.75
CA TYR D 136 -12.18 -27.06 -37.70
C TYR D 136 -11.71 -26.70 -39.10
N THR D 137 -12.37 -27.31 -40.08
CA THR D 137 -12.15 -26.99 -41.49
C THR D 137 -13.30 -26.14 -42.01
N VAL D 138 -12.97 -25.15 -42.84
CA VAL D 138 -13.97 -24.28 -43.46
C VAL D 138 -13.89 -24.47 -44.97
N LEU D 139 -14.97 -24.94 -45.56
CA LEU D 139 -15.04 -25.09 -47.01
C LEU D 139 -15.24 -23.72 -47.65
N LEU D 140 -14.56 -23.50 -48.78
CA LEU D 140 -14.66 -22.24 -49.53
C LEU D 140 -14.95 -22.60 -50.98
N ALA D 141 -16.24 -22.74 -51.32
CA ALA D 141 -16.63 -23.02 -52.70
C ALA D 141 -16.46 -21.77 -53.55
N ASP D 142 -15.29 -21.63 -54.19
CA ASP D 142 -14.96 -20.45 -54.97
C ASP D 142 -14.45 -20.89 -56.33
N ASP D 143 -15.04 -20.34 -57.39
CA ASP D 143 -14.61 -20.63 -58.75
C ASP D 143 -13.44 -19.78 -59.21
N SER D 144 -13.15 -18.68 -58.51
CA SER D 144 -12.07 -17.80 -58.91
C SER D 144 -10.71 -18.40 -58.57
N PRO D 145 -9.64 -17.93 -59.23
CA PRO D 145 -8.30 -18.43 -58.91
C PRO D 145 -7.93 -18.13 -57.46
N ALA D 146 -7.55 -19.19 -56.73
CA ALA D 146 -7.21 -19.04 -55.33
C ALA D 146 -5.74 -18.68 -55.08
N THR D 147 -4.89 -18.71 -56.11
CA THR D 147 -3.48 -18.41 -55.90
C THR D 147 -3.20 -16.92 -55.85
N ALA D 148 -4.07 -16.09 -56.41
CA ALA D 148 -3.88 -14.65 -56.36
C ALA D 148 -3.91 -14.18 -54.91
N PRO D 149 -3.10 -13.18 -54.55
CA PRO D 149 -3.23 -12.59 -53.19
C PRO D 149 -4.60 -11.97 -52.98
N ASP D 150 -5.15 -11.34 -54.02
CA ASP D 150 -6.43 -10.67 -53.90
C ASP D 150 -7.52 -11.65 -53.52
N SER D 151 -7.39 -12.91 -53.96
CA SER D 151 -8.43 -13.90 -53.79
C SER D 151 -8.76 -14.09 -52.31
N LEU D 152 -10.03 -14.35 -52.03
CA LEU D 152 -10.49 -14.46 -50.65
C LEU D 152 -9.78 -15.59 -49.92
N ALA D 153 -9.49 -16.70 -50.59
CA ALA D 153 -8.93 -17.84 -49.89
C ALA D 153 -7.61 -17.47 -49.24
N GLU D 154 -6.73 -16.78 -49.98
CA GLU D 154 -5.46 -16.37 -49.39
C GLU D 154 -5.70 -15.30 -48.33
N CYS D 155 -6.61 -14.37 -48.61
CA CYS D 155 -6.89 -13.28 -47.68
C CYS D 155 -7.49 -13.81 -46.40
N LEU D 156 -8.48 -14.71 -46.51
CA LEU D 156 -9.12 -15.26 -45.33
C LEU D 156 -8.13 -16.05 -44.49
N ARG D 157 -7.25 -16.83 -45.14
CA ARG D 157 -6.21 -17.52 -44.38
C ARG D 157 -5.33 -16.49 -43.69
N GLN D 158 -5.01 -15.42 -44.39
CA GLN D 158 -4.24 -14.34 -43.79
C GLN D 158 -5.15 -13.65 -42.77
N LEU D 159 -4.56 -13.09 -41.73
CA LEU D 159 -5.18 -12.32 -40.65
C LEU D 159 -5.69 -13.24 -39.56
N ARG D 160 -5.58 -14.57 -39.70
CA ARG D 160 -5.88 -15.44 -38.57
C ARG D 160 -4.79 -15.28 -37.52
N ASN D 161 -5.18 -15.32 -36.24
CA ASN D 161 -4.21 -15.24 -35.17
C ASN D 161 -4.04 -16.59 -34.50
N PRO D 162 -2.80 -17.11 -34.41
CA PRO D 162 -2.59 -18.39 -33.71
C PRO D 162 -3.07 -18.42 -32.26
N ALA D 163 -3.27 -17.28 -31.62
CA ALA D 163 -3.58 -17.29 -30.19
C ALA D 163 -4.94 -17.94 -29.93
N ASP D 164 -5.93 -17.65 -30.76
CA ASP D 164 -7.26 -18.22 -30.58
C ASP D 164 -7.16 -19.72 -30.36
N GLU D 165 -7.86 -20.20 -29.33
CA GLU D 165 -7.85 -21.63 -29.03
C GLU D 165 -8.63 -22.44 -30.06
N VAL D 166 -9.39 -21.80 -30.94
CA VAL D 166 -10.10 -22.46 -32.04
C VAL D 166 -9.50 -21.95 -33.35
N GLN D 167 -8.83 -22.83 -34.07
CA GLN D 167 -8.17 -22.49 -35.33
C GLN D 167 -8.90 -23.15 -36.49
N PHE D 168 -8.57 -22.72 -37.71
CA PHE D 168 -9.17 -23.30 -38.89
C PHE D 168 -8.27 -23.07 -40.09
N GLU D 169 -8.51 -23.86 -41.14
CA GLU D 169 -7.80 -23.72 -42.39
C GLU D 169 -8.78 -23.77 -43.55
N LEU D 170 -8.41 -23.14 -44.66
CA LEU D 170 -9.31 -22.94 -45.79
C LEU D 170 -9.16 -24.09 -46.77
N LEU D 171 -10.27 -24.79 -47.01
CA LEU D 171 -10.37 -25.80 -48.07
C LEU D 171 -11.24 -25.22 -49.17
N VAL D 172 -10.76 -25.32 -50.42
CA VAL D 172 -11.41 -24.70 -51.56
C VAL D 172 -11.85 -25.78 -52.53
N VAL D 173 -13.05 -25.61 -53.08
CA VAL D 173 -13.56 -26.45 -54.16
C VAL D 173 -14.14 -25.54 -55.24
N ALA D 174 -13.82 -25.83 -56.50
CA ALA D 174 -14.18 -24.95 -57.61
C ALA D 174 -15.58 -25.21 -58.15
N SER D 175 -16.31 -26.18 -57.61
CA SER D 175 -17.63 -26.51 -58.13
C SER D 175 -18.60 -26.74 -56.97
N ILE D 176 -19.88 -26.58 -57.26
CA ILE D 176 -20.91 -26.79 -56.25
C ILE D 176 -21.03 -28.27 -55.91
N GLU D 177 -21.04 -29.12 -56.93
CA GLU D 177 -21.10 -30.56 -56.68
C GLU D 177 -19.90 -31.01 -55.87
N ASP D 178 -18.74 -30.41 -56.12
CA ASP D 178 -17.56 -30.71 -55.32
C ASP D 178 -17.80 -30.39 -53.85
N ALA D 179 -18.40 -29.22 -53.59
CA ALA D 179 -18.67 -28.83 -52.20
C ALA D 179 -19.64 -29.79 -51.54
N ILE D 180 -20.71 -30.17 -52.25
CA ILE D 180 -21.69 -31.08 -51.67
C ILE D 180 -21.03 -32.42 -51.35
N THR D 181 -20.26 -32.95 -52.30
CA THR D 181 -19.62 -34.24 -52.08
C THR D 181 -18.64 -34.18 -50.92
N ALA D 182 -17.82 -33.12 -50.87
CA ALA D 182 -16.85 -32.99 -49.79
C ALA D 182 -17.54 -32.91 -48.42
N VAL D 183 -18.63 -32.13 -48.33
CA VAL D 183 -19.29 -32.00 -47.05
C VAL D 183 -20.00 -33.29 -46.66
N ALA D 184 -20.51 -34.03 -47.64
CA ALA D 184 -21.31 -35.21 -47.32
C ALA D 184 -20.51 -36.25 -46.56
N LEU D 185 -19.18 -36.25 -46.71
CA LEU D 185 -18.34 -37.28 -46.12
C LEU D 185 -17.20 -36.77 -45.25
N ASN D 186 -16.83 -35.49 -45.34
CA ASN D 186 -15.73 -34.94 -44.56
C ASN D 186 -16.28 -34.44 -43.23
N GLY D 187 -15.91 -35.10 -42.14
CA GLY D 187 -16.38 -34.72 -40.82
C GLY D 187 -15.63 -33.60 -40.14
N GLU D 188 -14.58 -33.10 -40.74
CA GLU D 188 -13.81 -31.97 -40.20
C GLU D 188 -14.36 -30.63 -40.66
N ILE D 189 -15.40 -30.63 -41.47
CA ILE D 189 -16.01 -29.40 -41.98
C ILE D 189 -17.16 -28.99 -41.06
N GLN D 190 -17.08 -27.76 -40.54
CA GLN D 190 -18.16 -27.13 -39.79
C GLN D 190 -18.41 -25.70 -40.27
N ALA D 191 -18.04 -25.40 -41.51
CA ALA D 191 -18.35 -24.10 -42.09
C ALA D 191 -18.15 -24.12 -43.60
N ALA D 192 -19.19 -23.75 -44.34
CA ALA D 192 -19.14 -23.70 -45.81
C ALA D 192 -19.37 -22.26 -46.26
N ILE D 193 -18.50 -21.77 -47.14
CA ILE D 193 -18.63 -20.45 -47.74
C ILE D 193 -18.89 -20.65 -49.23
N ILE D 194 -20.11 -20.35 -49.66
CA ILE D 194 -20.52 -20.57 -51.03
C ILE D 194 -20.40 -19.26 -51.81
N ARG D 195 -20.40 -19.37 -53.13
CA ARG D 195 -20.40 -18.23 -54.02
C ARG D 195 -21.53 -18.38 -55.04
N HIS D 196 -22.01 -17.25 -55.56
CA HIS D 196 -23.07 -17.27 -56.56
C HIS D 196 -22.50 -17.57 -57.95
N TRP D 228 -26.50 -22.71 -56.84
CA TRP D 228 -26.39 -22.49 -55.41
C TRP D 228 -27.77 -22.45 -54.77
N VAL D 229 -28.82 -22.54 -55.60
CA VAL D 229 -30.18 -22.47 -55.09
C VAL D 229 -30.45 -23.64 -54.15
N GLU D 230 -30.05 -24.85 -54.57
CA GLU D 230 -30.29 -26.06 -53.79
C GLU D 230 -29.06 -26.54 -53.01
N CYS D 231 -27.89 -25.99 -53.29
CA CYS D 231 -26.68 -26.43 -52.60
C CYS D 231 -26.76 -26.16 -51.11
N ALA D 232 -27.22 -24.96 -50.73
CA ALA D 232 -27.34 -24.64 -49.32
C ALA D 232 -28.31 -25.57 -48.61
N GLU D 233 -29.45 -25.84 -49.23
CA GLU D 233 -30.42 -26.75 -48.62
C GLU D 233 -29.84 -28.14 -48.46
N TRP D 234 -29.18 -28.64 -49.51
CA TRP D 234 -28.64 -30.00 -49.46
C TRP D 234 -27.60 -30.12 -48.35
N ILE D 235 -26.69 -29.14 -48.26
CA ILE D 235 -25.68 -29.18 -47.20
C ILE D 235 -26.34 -29.09 -45.84
N ARG D 236 -27.28 -28.15 -45.67
CA ARG D 236 -27.94 -27.99 -44.38
C ARG D 236 -28.63 -29.27 -43.93
N GLU D 237 -29.19 -30.02 -44.89
CA GLU D 237 -29.82 -31.30 -44.54
C GLU D 237 -28.79 -32.40 -44.31
N LEU D 238 -27.64 -32.34 -44.98
CA LEU D 238 -26.63 -33.37 -44.81
C LEU D 238 -26.13 -33.41 -43.36
N ARG D 239 -25.86 -32.24 -42.79
CA ARG D 239 -25.42 -32.14 -41.40
C ARG D 239 -25.96 -30.83 -40.83
N PRO D 240 -26.89 -30.89 -39.85
CA PRO D 240 -27.53 -29.65 -39.39
C PRO D 240 -26.61 -28.71 -38.62
N HIS D 241 -25.46 -29.18 -38.16
CA HIS D 241 -24.58 -28.36 -37.33
C HIS D 241 -23.68 -27.44 -38.14
N ILE D 242 -23.70 -27.53 -39.46
CA ILE D 242 -22.78 -26.77 -40.29
C ILE D 242 -23.30 -25.35 -40.48
N ASP D 243 -22.37 -24.41 -40.61
CA ASP D 243 -22.69 -23.01 -40.84
C ASP D 243 -22.53 -22.72 -42.33
N LEU D 244 -23.65 -22.45 -43.01
CA LEU D 244 -23.64 -22.22 -44.45
C LEU D 244 -23.66 -20.72 -44.72
N TYR D 245 -22.56 -20.06 -44.39
CA TYR D 245 -22.47 -18.62 -44.60
C TYR D 245 -22.71 -18.32 -46.07
N LEU D 246 -23.66 -17.43 -46.34
CA LEU D 246 -24.09 -17.17 -47.70
C LEU D 246 -23.01 -16.43 -48.47
N LEU D 247 -23.07 -16.56 -49.79
CA LEU D 247 -22.14 -15.88 -50.69
C LEU D 247 -22.11 -14.39 -50.44
N THR D 248 -21.06 -13.72 -50.92
CA THR D 248 -20.93 -12.27 -50.77
C THR D 248 -21.79 -11.56 -51.81
N VAL D 273 -17.35 -8.98 -46.08
CA VAL D 273 -16.26 -9.53 -46.88
C VAL D 273 -15.10 -9.89 -45.95
N THR D 274 -14.54 -8.88 -45.30
CA THR D 274 -13.48 -9.11 -44.31
C THR D 274 -14.02 -9.44 -42.93
N ASP D 275 -15.24 -8.99 -42.62
CA ASP D 275 -15.95 -9.46 -41.43
C ASP D 275 -16.28 -10.95 -41.50
N LEU D 276 -16.18 -11.54 -42.68
CA LEU D 276 -16.37 -12.98 -42.82
C LEU D 276 -15.50 -13.74 -41.83
N HIS D 277 -14.26 -13.29 -41.61
CA HIS D 277 -13.38 -13.98 -40.67
C HIS D 277 -13.95 -13.97 -39.27
N SER D 278 -14.55 -12.85 -38.85
CA SER D 278 -15.08 -12.77 -37.50
C SER D 278 -16.35 -13.60 -37.38
N THR D 279 -17.23 -13.56 -38.40
CA THR D 279 -18.48 -14.30 -38.26
C THR D 279 -18.29 -15.79 -38.42
N VAL D 280 -17.29 -16.23 -39.19
CA VAL D 280 -17.00 -17.65 -39.28
C VAL D 280 -16.38 -18.16 -37.99
N LEU D 281 -15.43 -17.41 -37.43
CA LEU D 281 -14.73 -17.87 -36.24
C LEU D 281 -15.67 -17.94 -35.04
N ALA D 282 -16.62 -17.02 -34.96
CA ALA D 282 -17.60 -17.07 -33.87
C ALA D 282 -18.46 -18.33 -33.98
N GLY D 283 -18.90 -18.68 -35.19
CA GLY D 283 -19.64 -19.91 -35.36
C GLY D 283 -18.81 -21.13 -35.03
N LEU D 284 -17.52 -21.10 -35.39
CA LEU D 284 -16.64 -22.20 -35.03
C LEU D 284 -16.55 -22.36 -33.52
N ARG D 285 -16.31 -21.24 -32.82
CA ARG D 285 -16.23 -21.31 -31.36
C ARG D 285 -17.53 -21.80 -30.76
N ASN D 286 -18.66 -21.32 -31.26
CA ASN D 286 -19.95 -21.80 -30.78
C ASN D 286 -20.10 -23.29 -31.03
N ARG D 287 -19.49 -23.82 -32.10
CA ARG D 287 -19.61 -25.25 -32.37
C ARG D 287 -19.10 -26.07 -31.19
N TYR D 288 -18.19 -25.52 -30.39
CA TYR D 288 -17.68 -26.24 -29.24
C TYR D 288 -18.78 -26.61 -28.25
N ALA D 289 -20.00 -26.08 -28.43
CA ALA D 289 -21.16 -26.53 -27.67
C ALA D 289 -20.92 -26.45 -26.17
N THR D 290 -20.46 -25.29 -25.71
CA THR D 290 -20.08 -25.16 -24.31
C THR D 290 -21.22 -25.53 -23.36
N PRO D 291 -22.47 -25.16 -23.61
CA PRO D 291 -23.57 -25.74 -22.82
C PRO D 291 -24.03 -27.05 -23.42
N PHE D 292 -23.71 -28.17 -22.78
CA PHE D 292 -24.03 -29.48 -23.32
C PHE D 292 -25.36 -30.02 -22.82
N PHE D 293 -26.01 -29.34 -21.89
CA PHE D 293 -27.23 -29.88 -21.30
C PHE D 293 -28.33 -29.97 -22.34
N ASP D 294 -29.09 -31.06 -22.30
CA ASP D 294 -30.21 -31.25 -23.20
C ASP D 294 -31.48 -31.56 -22.41
N ALA D 295 -31.38 -32.51 -21.48
CA ALA D 295 -32.51 -32.83 -20.63
C ALA D 295 -32.77 -31.74 -19.59
N LEU D 296 -31.72 -31.09 -19.11
CA LEU D 296 -31.86 -30.09 -18.06
C LEU D 296 -32.13 -28.70 -18.62
N ARG D 297 -31.21 -28.17 -19.43
CA ARG D 297 -31.34 -26.80 -19.89
C ARG D 297 -32.24 -26.68 -21.11
N ALA D 298 -32.12 -27.60 -22.05
CA ALA D 298 -32.95 -27.57 -23.26
C ALA D 298 -34.29 -28.25 -23.01
N ILE D 357 5.35 7.61 -8.68
CA ILE D 357 4.19 8.26 -9.28
C ILE D 357 4.36 8.28 -10.79
N LYS D 358 5.52 8.75 -11.25
CA LYS D 358 5.77 8.86 -12.67
C LYS D 358 5.79 7.48 -13.33
N THR D 359 6.32 6.47 -12.63
CA THR D 359 6.46 5.14 -13.23
C THR D 359 5.10 4.58 -13.61
N ALA D 360 4.09 4.75 -12.76
CA ALA D 360 2.75 4.27 -13.09
C ALA D 360 2.21 4.95 -14.34
N MET D 361 2.43 6.27 -14.46
CA MET D 361 1.98 6.99 -15.64
C MET D 361 2.70 6.49 -16.89
N ASP D 362 4.01 6.23 -16.78
CA ASP D 362 4.78 5.79 -17.93
C ASP D 362 4.33 4.42 -18.40
N LYS D 363 3.97 3.53 -17.47
CA LYS D 363 3.47 2.21 -17.86
C LYS D 363 2.16 2.33 -18.62
N ALA D 364 1.24 3.17 -18.14
CA ALA D 364 -0.04 3.32 -18.82
C ALA D 364 0.12 4.11 -20.11
N ALA D 365 1.08 5.03 -20.17
CA ALA D 365 1.27 5.82 -21.38
C ALA D 365 1.58 4.92 -22.57
N VAL D 366 2.43 3.91 -22.37
CA VAL D 366 2.72 2.97 -23.45
C VAL D 366 1.70 1.85 -23.52
N THR D 367 1.00 1.56 -22.42
CA THR D 367 -0.07 0.56 -22.49
C THR D 367 -1.20 1.04 -23.38
N TRP D 368 -1.45 2.35 -23.43
CA TRP D 368 -2.55 2.90 -24.21
C TRP D 368 -2.07 3.82 -25.33
N ASN D 369 -0.83 3.66 -25.77
CA ASN D 369 -0.31 4.37 -26.94
C ASN D 369 -0.40 5.89 -26.76
N ALA D 370 -0.33 6.37 -25.53
CA ALA D 370 -0.49 7.78 -25.23
C ALA D 370 0.87 8.42 -24.97
N ASN D 371 1.07 9.61 -25.52
CA ASN D 371 2.32 10.33 -25.29
C ASN D 371 2.48 10.63 -23.81
N GLN D 372 1.41 11.08 -23.15
CA GLN D 372 1.34 11.22 -21.71
C GLN D 372 0.04 10.58 -21.24
N THR D 373 -0.19 10.60 -19.93
CA THR D 373 -1.42 10.03 -19.40
C THR D 373 -1.62 10.45 -17.95
N TYR D 374 -2.81 10.94 -17.63
CA TYR D 374 -3.15 11.42 -16.30
C TYR D 374 -4.32 10.62 -15.75
N PHE D 375 -4.44 10.62 -14.44
CA PHE D 375 -5.43 9.83 -13.73
C PHE D 375 -6.45 10.77 -13.09
N VAL D 376 -7.69 10.32 -13.01
CA VAL D 376 -8.77 11.08 -12.40
C VAL D 376 -9.54 10.15 -11.47
N THR D 377 -9.68 10.56 -10.20
CA THR D 377 -10.31 9.71 -9.21
C THR D 377 -11.82 9.89 -9.14
N ASN D 378 -12.32 11.11 -9.35
CA ASN D 378 -13.73 11.37 -9.14
C ASN D 378 -14.59 10.58 -10.12
N GLY D 379 -14.21 10.58 -11.39
CA GLY D 379 -14.99 9.85 -12.38
C GLY D 379 -14.77 10.39 -13.77
N THR D 380 -15.54 9.82 -14.71
CA THR D 380 -15.43 10.22 -16.11
C THR D 380 -15.88 11.67 -16.30
N SER D 381 -16.95 12.07 -15.62
CA SER D 381 -17.46 13.42 -15.79
C SER D 381 -16.42 14.46 -15.42
N THR D 382 -15.69 14.22 -14.33
CA THR D 382 -14.66 15.16 -13.92
C THR D 382 -13.55 15.24 -14.96
N ALA D 383 -13.17 14.10 -15.56
CA ALA D 383 -12.17 14.14 -16.62
C ALA D 383 -12.66 14.93 -17.82
N ASN D 384 -13.93 14.76 -18.19
CA ASN D 384 -14.51 15.54 -19.28
C ASN D 384 -14.41 17.03 -18.97
N LYS D 385 -14.83 17.42 -17.77
CA LYS D 385 -14.78 18.82 -17.39
C LYS D 385 -13.35 19.34 -17.40
N ILE D 386 -12.41 18.51 -16.93
CA ILE D 386 -11.01 18.93 -16.87
C ILE D 386 -10.49 19.23 -18.27
N VAL D 387 -10.59 18.26 -19.17
CA VAL D 387 -10.03 18.44 -20.52
C VAL D 387 -10.76 19.56 -21.25
N VAL D 388 -12.07 19.68 -21.03
CA VAL D 388 -12.82 20.76 -21.67
C VAL D 388 -12.30 22.11 -21.18
N GLN D 389 -12.09 22.23 -19.87
CA GLN D 389 -11.68 23.51 -19.31
C GLN D 389 -10.28 23.84 -19.77
N ALA D 390 -9.41 22.84 -19.81
CA ALA D 390 -8.02 23.05 -20.17
C ALA D 390 -7.90 23.49 -21.63
N LEU D 391 -8.85 23.07 -22.49
CA LEU D 391 -8.71 23.32 -23.92
C LEU D 391 -9.69 24.34 -24.47
N THR D 392 -10.69 24.76 -23.70
CA THR D 392 -11.69 25.71 -24.17
C THR D 392 -11.61 27.00 -23.36
N ARG D 393 -11.55 28.13 -24.05
CA ARG D 393 -11.54 29.45 -23.45
C ARG D 393 -12.83 30.17 -23.82
N PRO D 394 -13.14 31.28 -23.15
CA PRO D 394 -14.34 32.03 -23.52
C PRO D 394 -14.20 32.63 -24.91
N GLY D 395 -15.30 32.62 -25.66
CA GLY D 395 -15.27 33.12 -27.02
C GLY D 395 -14.82 32.11 -28.05
N ASP D 396 -14.75 30.82 -27.70
CA ASP D 396 -14.32 29.78 -28.63
C ASP D 396 -15.45 28.79 -28.86
N ILE D 397 -15.70 28.49 -30.14
CA ILE D 397 -16.76 27.58 -30.54
C ILE D 397 -16.29 26.15 -30.34
N VAL D 398 -17.24 25.24 -30.11
CA VAL D 398 -16.90 23.84 -29.85
C VAL D 398 -17.86 22.93 -30.59
N LEU D 399 -17.48 22.48 -31.77
CA LEU D 399 -18.26 21.47 -32.47
C LEU D 399 -18.40 20.25 -31.56
N ILE D 400 -19.63 19.74 -31.44
CA ILE D 400 -19.92 18.74 -30.43
C ILE D 400 -21.10 17.90 -30.89
N ASP D 401 -21.03 16.61 -30.61
CA ASP D 401 -22.15 15.72 -30.86
C ASP D 401 -23.26 15.99 -29.84
N ARG D 402 -24.45 16.28 -30.34
CA ARG D 402 -25.55 16.63 -29.44
C ARG D 402 -25.84 15.52 -28.43
N ASN D 403 -25.53 14.27 -28.78
CA ASN D 403 -25.86 13.13 -27.95
C ASN D 403 -24.74 12.74 -27.00
N CYS D 404 -23.76 13.63 -26.80
CA CYS D 404 -22.69 13.36 -25.86
C CYS D 404 -23.18 13.55 -24.42
N HIS D 405 -22.35 13.15 -23.47
CA HIS D 405 -22.75 13.18 -22.07
C HIS D 405 -23.02 14.61 -21.61
N LYS D 406 -23.97 14.75 -20.67
CA LYS D 406 -24.32 16.07 -20.17
C LYS D 406 -23.11 16.79 -19.59
N SER D 407 -22.12 16.04 -19.09
CA SER D 407 -20.95 16.66 -18.51
C SER D 407 -20.22 17.56 -19.49
N HIS D 408 -20.24 17.20 -20.78
CA HIS D 408 -19.62 18.07 -21.78
C HIS D 408 -20.41 19.36 -21.94
N HIS D 409 -21.74 19.27 -21.92
CA HIS D 409 -22.57 20.46 -22.00
C HIS D 409 -22.30 21.38 -20.82
N TYR D 410 -22.19 20.82 -19.62
CA TYR D 410 -21.92 21.64 -18.45
C TYR D 410 -20.51 22.22 -18.47
N GLY D 411 -19.54 21.46 -19.00
CA GLY D 411 -18.22 22.03 -19.19
C GLY D 411 -18.24 23.22 -20.13
N LEU D 412 -19.04 23.12 -21.19
CA LEU D 412 -19.20 24.25 -22.10
C LEU D 412 -19.86 25.43 -21.41
N VAL D 413 -20.86 25.15 -20.56
CA VAL D 413 -21.53 26.22 -19.82
C VAL D 413 -20.55 26.92 -18.90
N LEU D 414 -19.70 26.16 -18.20
CA LEU D 414 -18.76 26.74 -17.26
C LEU D 414 -17.67 27.52 -17.97
N ALA D 415 -17.15 26.98 -19.07
CA ALA D 415 -16.03 27.61 -19.76
C ALA D 415 -16.46 28.74 -20.66
N GLY D 416 -17.76 28.93 -20.87
CA GLY D 416 -18.21 30.04 -21.69
C GLY D 416 -17.97 29.86 -23.17
N ALA D 417 -17.81 28.63 -23.62
CA ALA D 417 -17.64 28.33 -25.03
C ALA D 417 -18.99 28.19 -25.71
N TYR D 418 -19.03 28.56 -27.00
CA TYR D 418 -20.27 28.52 -27.77
C TYR D 418 -20.44 27.12 -28.34
N PRO D 419 -21.42 26.34 -27.89
CA PRO D 419 -21.58 24.98 -28.40
C PRO D 419 -22.33 24.95 -29.72
N MET D 420 -21.65 24.54 -30.79
CA MET D 420 -22.30 24.25 -32.05
C MET D 420 -22.62 22.76 -32.10
N TYR D 421 -23.89 22.43 -32.23
CA TYR D 421 -24.34 21.05 -32.08
C TYR D 421 -24.50 20.41 -33.44
N LEU D 422 -23.94 19.23 -33.60
CA LEU D 422 -24.04 18.45 -34.83
C LEU D 422 -25.05 17.34 -34.62
N ASP D 423 -25.82 17.04 -35.67
CA ASP D 423 -26.87 16.04 -35.59
C ASP D 423 -26.39 14.74 -36.18
N ALA D 424 -26.68 13.65 -35.48
CA ALA D 424 -26.38 12.31 -35.97
C ALA D 424 -27.50 11.82 -36.86
N TYR D 425 -27.15 10.99 -37.84
CA TYR D 425 -28.16 10.50 -38.76
C TYR D 425 -29.21 9.72 -37.98
N PRO D 426 -30.50 9.90 -38.27
CA PRO D 426 -31.54 9.23 -37.51
C PRO D 426 -31.94 7.88 -38.10
N LEU D 427 -32.56 7.07 -37.24
CA LEU D 427 -33.10 5.77 -37.61
C LEU D 427 -34.55 5.72 -37.15
N PRO D 428 -35.47 6.35 -37.90
CA PRO D 428 -36.87 6.38 -37.43
C PRO D 428 -37.48 5.00 -37.25
N GLN D 429 -36.99 4.00 -37.99
CA GLN D 429 -37.54 2.66 -37.85
C GLN D 429 -37.30 2.11 -36.44
N TYR D 430 -36.14 2.41 -35.86
CA TYR D 430 -35.82 1.98 -34.51
C TYR D 430 -35.86 3.12 -33.50
N ALA D 431 -36.02 4.36 -33.95
CA ALA D 431 -36.18 5.52 -33.07
C ALA D 431 -34.96 5.67 -32.15
N ILE D 432 -33.79 5.82 -32.78
CA ILE D 432 -32.54 6.02 -32.06
C ILE D 432 -31.58 6.74 -32.99
N TYR D 433 -30.67 7.51 -32.41
CA TYR D 433 -29.69 8.24 -33.18
C TYR D 433 -28.46 7.38 -33.45
N GLY D 434 -27.77 7.69 -34.54
CA GLY D 434 -26.57 6.98 -34.91
C GLY D 434 -25.31 7.76 -34.56
N ALA D 435 -24.53 8.13 -35.58
CA ALA D 435 -23.29 8.86 -35.39
C ALA D 435 -23.33 10.12 -36.27
N VAL D 436 -22.26 10.91 -36.18
CA VAL D 436 -22.19 12.19 -36.88
C VAL D 436 -21.47 11.98 -38.21
N PRO D 437 -22.17 11.92 -39.34
CA PRO D 437 -21.48 11.74 -40.61
C PRO D 437 -20.48 12.84 -40.86
N LEU D 438 -19.33 12.47 -41.43
CA LEU D 438 -18.27 13.44 -41.69
C LEU D 438 -18.73 14.54 -42.64
N ARG D 439 -19.76 14.26 -43.45
CA ARG D 439 -20.35 15.31 -44.27
C ARG D 439 -20.81 16.47 -43.41
N THR D 440 -21.49 16.17 -42.31
CA THR D 440 -21.99 17.22 -41.43
C THR D 440 -20.86 18.03 -40.83
N ILE D 441 -19.79 17.36 -40.39
CA ILE D 441 -18.68 18.06 -39.75
C ILE D 441 -18.02 19.00 -40.75
N LYS D 442 -17.75 18.49 -41.96
CA LYS D 442 -17.15 19.33 -42.99
C LYS D 442 -18.06 20.49 -43.36
N GLN D 443 -19.37 20.22 -43.44
CA GLN D 443 -20.32 21.28 -43.78
C GLN D 443 -20.32 22.38 -42.74
N ALA D 444 -20.33 22.01 -41.45
CA ALA D 444 -20.31 23.01 -40.39
C ALA D 444 -19.01 23.82 -40.43
N LEU D 445 -17.88 23.14 -40.59
CA LEU D 445 -16.61 23.86 -40.62
C LEU D 445 -16.57 24.84 -41.78
N LEU D 446 -17.07 24.42 -42.95
CA LEU D 446 -17.03 25.31 -44.10
C LEU D 446 -18.08 26.42 -43.98
N ASP D 447 -19.20 26.16 -43.29
CA ASP D 447 -20.16 27.21 -43.03
C ASP D 447 -19.54 28.31 -42.17
N LEU D 448 -18.79 27.91 -41.13
CA LEU D 448 -18.06 28.91 -40.36
C LEU D 448 -17.03 29.62 -41.24
N GLU D 449 -16.31 28.87 -42.06
CA GLU D 449 -15.35 29.49 -42.96
C GLU D 449 -16.04 30.57 -43.79
N ALA D 450 -17.29 30.33 -44.18
CA ALA D 450 -18.03 31.32 -44.95
C ALA D 450 -18.28 32.60 -44.15
N ALA D 451 -18.61 32.47 -42.87
CA ALA D 451 -18.99 33.60 -42.04
C ALA D 451 -17.82 34.20 -41.27
N GLY D 452 -16.60 33.72 -41.50
CA GLY D 452 -15.44 34.26 -40.83
C GLY D 452 -15.28 33.85 -39.39
N GLN D 453 -16.10 32.93 -38.90
CA GLN D 453 -16.05 32.48 -37.52
C GLN D 453 -15.21 31.22 -37.34
N LEU D 454 -14.51 30.77 -38.38
CA LEU D 454 -13.76 29.54 -38.28
C LEU D 454 -12.65 29.65 -37.23
N HIS D 455 -11.98 30.81 -37.17
CA HIS D 455 -10.90 30.99 -36.21
C HIS D 455 -11.35 30.66 -34.79
N ARG D 456 -12.62 30.95 -34.46
CA ARG D 456 -13.09 30.71 -33.11
C ARG D 456 -13.04 29.22 -32.77
N VAL D 457 -13.41 28.35 -33.71
CA VAL D 457 -13.48 26.93 -33.42
C VAL D 457 -12.09 26.42 -33.05
N ARG D 458 -11.99 25.76 -31.89
CA ARG D 458 -10.76 25.09 -31.51
C ARG D 458 -10.94 23.65 -31.04
N MET D 459 -12.15 23.11 -31.05
CA MET D 459 -12.36 21.77 -30.50
C MET D 459 -13.45 21.03 -31.28
N LEU D 460 -13.29 19.72 -31.37
CA LEU D 460 -14.31 18.81 -31.86
C LEU D 460 -14.50 17.73 -30.80
N LEU D 461 -15.75 17.46 -30.42
CA LEU D 461 -16.06 16.60 -29.28
C LEU D 461 -17.03 15.50 -29.71
N LEU D 462 -16.49 14.39 -30.19
CA LEU D 462 -17.29 13.27 -30.67
C LEU D 462 -17.01 12.04 -29.82
N THR D 463 -18.06 11.36 -29.39
CA THR D 463 -17.89 10.08 -28.71
C THR D 463 -17.49 9.03 -29.72
N ASN D 464 -16.37 8.34 -29.46
CA ASN D 464 -15.83 7.40 -30.43
C ASN D 464 -16.62 6.10 -30.50
N CYS D 465 -17.35 5.76 -29.45
CA CYS D 465 -18.29 4.63 -29.49
C CYS D 465 -19.63 5.16 -29.01
N THR D 466 -20.52 5.45 -29.94
CA THR D 466 -21.83 5.98 -29.58
C THR D 466 -22.55 5.00 -28.68
N PHE D 467 -23.46 5.52 -27.86
CA PHE D 467 -24.20 4.67 -26.93
C PHE D 467 -24.84 3.49 -27.64
N ASP D 468 -25.45 3.74 -28.80
CA ASP D 468 -26.07 2.66 -29.55
C ASP D 468 -25.04 1.62 -29.97
N GLY D 469 -23.84 2.06 -30.32
CA GLY D 469 -22.76 1.14 -30.62
C GLY D 469 -21.87 1.60 -31.76
N VAL D 470 -22.45 2.34 -32.71
CA VAL D 470 -21.74 2.78 -33.90
C VAL D 470 -20.35 3.27 -33.52
N VAL D 471 -19.33 2.84 -34.26
CA VAL D 471 -17.94 3.20 -34.00
C VAL D 471 -17.48 4.14 -35.10
N TYR D 472 -16.98 5.31 -34.71
CA TYR D 472 -16.44 6.26 -35.66
C TYR D 472 -15.09 5.76 -36.18
N ASN D 473 -14.73 6.22 -37.37
CA ASN D 473 -13.38 6.03 -37.87
C ASN D 473 -12.57 7.26 -37.44
N PRO D 474 -11.70 7.16 -36.43
CA PRO D 474 -10.91 8.34 -36.05
C PRO D 474 -9.93 8.78 -37.12
N ARG D 475 -9.29 7.85 -37.82
CA ARG D 475 -8.27 8.26 -38.77
C ARG D 475 -8.85 9.14 -39.86
N ARG D 476 -10.03 8.79 -40.36
CA ARG D 476 -10.63 9.55 -41.44
C ARG D 476 -11.18 10.88 -40.94
N VAL D 477 -11.83 10.86 -39.76
CA VAL D 477 -12.45 12.07 -39.24
C VAL D 477 -11.37 13.10 -38.93
N MET D 478 -10.25 12.66 -38.38
CA MET D 478 -9.18 13.59 -38.05
C MET D 478 -8.36 13.98 -39.27
N GLU D 479 -8.33 13.12 -40.28
CA GLU D 479 -7.56 13.43 -41.47
C GLU D 479 -8.27 14.50 -42.28
N GLU D 480 -9.57 14.34 -42.51
CA GLU D 480 -10.30 15.33 -43.29
C GLU D 480 -10.40 16.66 -42.56
N VAL D 481 -10.72 16.62 -41.26
CA VAL D 481 -10.96 17.85 -40.51
C VAL D 481 -9.70 18.70 -40.42
N LEU D 482 -8.54 18.07 -40.26
CA LEU D 482 -7.29 18.83 -40.18
C LEU D 482 -6.95 19.52 -41.49
N ALA D 483 -7.64 19.19 -42.59
CA ALA D 483 -7.44 19.93 -43.83
C ALA D 483 -8.12 21.30 -43.78
N ILE D 484 -9.24 21.40 -43.05
CA ILE D 484 -9.99 22.65 -42.98
C ILE D 484 -9.53 23.53 -41.83
N LYS D 485 -9.27 22.92 -40.67
CA LYS D 485 -8.83 23.63 -39.46
C LYS D 485 -7.51 23.02 -39.00
N PRO D 486 -6.39 23.48 -39.53
CA PRO D 486 -5.12 22.75 -39.32
C PRO D 486 -4.73 22.59 -37.86
N ASP D 487 -5.10 23.51 -36.98
CA ASP D 487 -4.66 23.49 -35.58
C ASP D 487 -5.83 23.26 -34.63
N ILE D 488 -6.72 22.33 -34.97
CA ILE D 488 -7.87 22.05 -34.13
C ILE D 488 -7.46 21.05 -33.05
N CYS D 489 -8.30 20.92 -32.03
CA CYS D 489 -8.12 19.94 -30.97
C CYS D 489 -9.28 18.96 -30.98
N PHE D 490 -8.99 17.72 -30.61
CA PHE D 490 -9.98 16.63 -30.63
C PHE D 490 -10.10 16.05 -29.23
N LEU D 491 -11.35 15.86 -28.78
CA LEU D 491 -11.63 15.18 -27.53
C LEU D 491 -12.56 14.02 -27.84
N TRP D 492 -11.98 12.82 -28.00
CA TRP D 492 -12.75 11.61 -28.26
C TRP D 492 -13.18 11.01 -26.93
N ASP D 493 -14.45 11.13 -26.59
CA ASP D 493 -14.99 10.59 -25.35
C ASP D 493 -15.27 9.11 -25.54
N GLU D 494 -14.34 8.26 -25.12
CA GLU D 494 -14.41 6.82 -25.34
C GLU D 494 -14.88 6.08 -24.10
N ALA D 495 -15.82 6.65 -23.36
CA ALA D 495 -16.27 6.03 -22.12
C ALA D 495 -16.84 4.64 -22.38
N TRP D 496 -17.62 4.50 -23.44
CA TRP D 496 -18.28 3.22 -23.75
C TRP D 496 -17.41 2.27 -24.54
N TYR D 497 -16.34 2.76 -25.16
CA TYR D 497 -15.47 1.94 -26.01
C TYR D 497 -14.46 1.17 -25.17
N ALA D 498 -14.99 0.30 -24.30
CA ALA D 498 -14.16 -0.46 -23.40
C ALA D 498 -13.43 -1.61 -24.11
N PHE D 499 -14.11 -2.30 -25.02
CA PHE D 499 -13.57 -3.47 -25.68
C PHE D 499 -12.86 -3.12 -26.99
N ALA D 500 -12.35 -1.90 -27.12
CA ALA D 500 -11.63 -1.53 -28.33
C ALA D 500 -10.38 -2.36 -28.53
N THR D 501 -9.83 -2.92 -27.46
CA THR D 501 -8.60 -3.70 -27.52
C THR D 501 -8.85 -5.18 -27.73
N ALA D 502 -10.10 -5.60 -27.87
CA ALA D 502 -10.43 -6.99 -28.15
C ALA D 502 -10.28 -7.35 -29.62
N VAL D 503 -9.65 -6.50 -30.42
CA VAL D 503 -9.43 -6.77 -31.84
C VAL D 503 -8.15 -6.05 -32.26
N PRO D 504 -7.27 -6.69 -33.04
CA PRO D 504 -5.99 -6.05 -33.37
C PRO D 504 -6.06 -5.04 -34.50
N TRP D 505 -7.11 -5.07 -35.33
CA TRP D 505 -7.29 -4.06 -36.36
C TRP D 505 -8.28 -2.98 -35.95
N ALA D 506 -9.18 -3.27 -35.01
CA ALA D 506 -10.09 -2.26 -34.48
C ALA D 506 -9.40 -1.33 -33.50
N ARG D 507 -8.20 -1.69 -33.03
CA ARG D 507 -7.41 -0.74 -32.25
C ARG D 507 -6.89 0.39 -33.12
N GLN D 508 -7.02 0.29 -34.44
CA GLN D 508 -6.82 1.43 -35.32
C GLN D 508 -8.01 2.36 -35.32
N ARG D 509 -9.12 1.98 -34.68
CA ARG D 509 -10.33 2.78 -34.60
C ARG D 509 -10.44 3.51 -33.26
N THR D 510 -9.39 3.52 -32.46
CA THR D 510 -9.34 4.31 -31.24
C THR D 510 -8.60 5.62 -31.50
N ALA D 511 -8.90 6.62 -30.68
CA ALA D 511 -8.33 7.94 -30.90
C ALA D 511 -6.82 7.92 -30.76
N MET D 512 -6.29 7.16 -29.81
CA MET D 512 -4.87 7.24 -29.49
C MET D 512 -4.02 6.62 -30.59
N ILE D 513 -4.39 5.40 -31.02
CA ILE D 513 -3.68 4.73 -32.10
C ILE D 513 -3.80 5.51 -33.40
N ALA D 514 -5.00 6.04 -33.66
CA ALA D 514 -5.21 6.83 -34.87
C ALA D 514 -4.34 8.07 -34.84
N ALA D 515 -4.20 8.71 -33.68
CA ALA D 515 -3.32 9.86 -33.56
C ALA D 515 -1.87 9.47 -33.85
N GLU D 516 -1.43 8.33 -33.31
CA GLU D 516 -0.08 7.87 -33.57
C GLU D 516 0.15 7.64 -35.06
N ARG D 517 -0.78 6.96 -35.71
CA ARG D 517 -0.63 6.68 -37.14
C ARG D 517 -0.64 7.96 -37.95
N LEU D 518 -1.54 8.89 -37.63
CA LEU D 518 -1.60 10.14 -38.39
C LEU D 518 -0.30 10.93 -38.21
N GLU D 519 0.24 10.95 -36.99
CA GLU D 519 1.49 11.65 -36.76
C GLU D 519 2.61 11.06 -37.59
N GLN D 520 2.79 9.73 -37.52
CA GLN D 520 3.88 9.12 -38.27
C GLN D 520 3.69 9.34 -39.77
N MET D 521 2.45 9.24 -40.25
CA MET D 521 2.19 9.47 -41.67
C MET D 521 2.58 10.89 -42.06
N LEU D 522 2.20 11.88 -41.25
CA LEU D 522 2.56 13.26 -41.54
C LEU D 522 4.06 13.48 -41.45
N SER D 523 4.78 12.59 -40.77
CA SER D 523 6.23 12.72 -40.65
C SER D 523 7.00 12.14 -41.82
N THR D 524 6.33 11.56 -42.82
CA THR D 524 6.99 10.88 -43.93
C THR D 524 7.00 11.75 -45.18
N ALA D 525 8.16 11.81 -45.85
CA ALA D 525 8.25 12.54 -47.11
C ALA D 525 7.41 11.87 -48.20
N GLU D 526 7.18 10.56 -48.09
CA GLU D 526 6.27 9.89 -49.02
C GLU D 526 4.88 10.55 -48.97
N TYR D 527 4.37 10.78 -47.77
CA TYR D 527 3.10 11.48 -47.67
C TYR D 527 3.22 12.91 -48.16
N ALA D 528 4.39 13.54 -48.01
CA ALA D 528 4.54 14.89 -48.54
C ALA D 528 4.34 14.89 -50.05
N GLU D 529 4.89 13.88 -50.74
CA GLU D 529 4.69 13.79 -52.18
C GLU D 529 3.24 13.45 -52.51
N GLU D 530 2.63 12.57 -51.72
CA GLU D 530 1.22 12.23 -51.96
C GLU D 530 0.34 13.46 -51.83
N TYR D 531 0.59 14.28 -50.80
CA TYR D 531 -0.16 15.52 -50.64
C TYR D 531 0.11 16.48 -51.79
N ARG D 532 1.35 16.58 -52.24
CA ARG D 532 1.66 17.49 -53.33
C ARG D 532 0.89 17.11 -54.58
N ASN D 533 0.82 15.81 -54.88
CA ASN D 533 -0.01 15.36 -55.99
C ASN D 533 -1.48 15.65 -55.72
N TRP D 534 -1.92 15.42 -54.48
CA TRP D 534 -3.30 15.74 -54.13
C TRP D 534 -3.56 17.24 -54.20
N CYS D 535 -2.59 18.05 -53.77
CA CYS D 535 -2.80 19.49 -53.72
C CYS D 535 -2.98 20.08 -55.12
N ALA D 536 -2.28 19.53 -56.11
CA ALA D 536 -2.35 20.09 -57.46
C ALA D 536 -3.64 19.71 -58.15
N SER D 537 -4.11 18.47 -57.95
CA SER D 537 -5.35 18.04 -58.61
C SER D 537 -6.53 18.90 -58.19
N MET D 538 -6.64 19.21 -56.90
CA MET D 538 -7.75 20.03 -56.42
C MET D 538 -7.63 21.48 -56.85
N ASP D 539 -6.50 21.90 -57.41
CA ASP D 539 -6.33 23.29 -57.82
C ASP D 539 -7.44 23.69 -58.77
N GLY D 540 -8.04 24.86 -58.51
CA GLY D 540 -9.16 25.33 -59.30
C GLY D 540 -10.52 24.89 -58.80
N VAL D 541 -10.62 24.44 -57.55
CA VAL D 541 -11.87 24.00 -56.97
C VAL D 541 -12.21 24.92 -55.80
N ASP D 542 -13.44 25.42 -55.79
CA ASP D 542 -13.87 26.32 -54.72
C ASP D 542 -13.97 25.57 -53.40
N ARG D 543 -13.67 26.28 -52.31
CA ARG D 543 -13.71 25.66 -50.99
C ARG D 543 -15.09 25.10 -50.69
N SER D 544 -16.14 25.79 -51.12
CA SER D 544 -17.50 25.35 -50.83
C SER D 544 -17.77 23.95 -51.36
N GLU D 545 -17.00 23.49 -52.35
CA GLU D 545 -17.17 22.15 -52.90
C GLU D 545 -16.38 21.09 -52.13
N TRP D 546 -15.56 21.49 -51.16
CA TRP D 546 -14.74 20.53 -50.45
C TRP D 546 -15.56 19.51 -49.68
N VAL D 547 -16.86 19.78 -49.47
CA VAL D 547 -17.72 18.83 -48.78
C VAL D 547 -17.78 17.50 -49.50
N ASP D 548 -17.48 17.47 -50.79
CA ASP D 548 -17.57 16.26 -51.60
C ASP D 548 -16.24 15.53 -51.68
N HIS D 549 -15.16 16.24 -51.95
CA HIS D 549 -13.86 15.61 -52.13
C HIS D 549 -13.29 15.11 -50.81
N ARG D 550 -12.60 13.98 -50.87
CA ARG D 550 -11.82 13.52 -49.73
C ARG D 550 -10.58 14.38 -49.57
N LEU D 551 -10.27 14.76 -48.33
CA LEU D 551 -9.26 15.75 -48.04
C LEU D 551 -8.06 15.11 -47.34
N LEU D 552 -6.92 15.81 -47.45
CA LEU D 552 -5.67 15.35 -46.87
C LEU D 552 -5.07 16.49 -46.04
N PRO D 553 -4.61 16.23 -44.82
CA PRO D 553 -3.99 17.29 -44.02
C PRO D 553 -2.76 17.86 -44.71
N ASP D 554 -2.50 19.14 -44.44
CA ASP D 554 -1.28 19.76 -44.91
C ASP D 554 -0.12 19.34 -44.01
N PRO D 555 0.87 18.61 -44.50
CA PRO D 555 1.95 18.15 -43.61
C PRO D 555 2.76 19.29 -43.01
N ASN D 556 2.86 20.43 -43.69
CA ASN D 556 3.72 21.51 -43.22
C ASN D 556 3.13 22.26 -42.03
N ARG D 557 1.80 22.23 -41.87
CA ARG D 557 1.14 23.04 -40.85
C ARG D 557 0.22 22.27 -39.92
N ALA D 558 -0.29 21.11 -40.31
CA ALA D 558 -1.21 20.36 -39.46
C ALA D 558 -0.52 19.88 -38.18
N ARG D 559 -1.28 19.86 -37.09
CA ARG D 559 -0.81 19.39 -35.81
C ARG D 559 -1.81 18.40 -35.23
N VAL D 560 -1.31 17.41 -34.49
CA VAL D 560 -2.14 16.39 -33.85
C VAL D 560 -2.25 16.73 -32.36
N ARG D 561 -3.48 16.93 -31.89
CA ARG D 561 -3.75 17.38 -30.53
C ARG D 561 -4.88 16.56 -29.90
N VAL D 562 -4.81 15.24 -30.00
CA VAL D 562 -5.90 14.37 -29.58
C VAL D 562 -5.91 14.20 -28.07
N TYR D 563 -7.11 14.10 -27.50
CA TYR D 563 -7.33 13.77 -26.11
C TYR D 563 -8.39 12.68 -26.05
N ALA D 564 -8.41 11.91 -24.96
CA ALA D 564 -9.36 10.81 -24.87
C ALA D 564 -9.57 10.43 -23.41
N THR D 565 -10.66 9.70 -23.16
CA THR D 565 -11.03 9.28 -21.81
C THR D 565 -11.70 7.92 -21.89
N HIS D 566 -11.24 6.97 -21.08
CA HIS D 566 -11.88 5.66 -20.94
C HIS D 566 -12.37 5.45 -19.51
N SER D 567 -13.62 5.02 -19.39
CA SER D 567 -14.21 4.78 -18.07
C SER D 567 -13.64 3.52 -17.44
N THR D 568 -13.49 3.55 -16.11
CA THR D 568 -12.87 2.45 -15.38
C THR D 568 -13.85 1.35 -15.01
N HIS D 569 -14.83 1.67 -14.16
CA HIS D 569 -15.63 0.62 -13.54
C HIS D 569 -16.47 -0.15 -14.55
N LYS D 570 -16.84 0.49 -15.66
CA LYS D 570 -17.70 -0.16 -16.63
C LYS D 570 -17.07 -1.43 -17.16
N SER D 571 -15.76 -1.42 -17.37
CA SER D 571 -15.03 -2.63 -17.72
C SER D 571 -13.82 -2.88 -16.82
N LEU D 572 -13.12 -1.84 -16.40
CA LEU D 572 -11.94 -2.01 -15.57
C LEU D 572 -12.34 -2.17 -14.11
N SER D 573 -11.69 -3.12 -13.43
CA SER D 573 -12.07 -3.52 -12.08
C SER D 573 -11.21 -2.76 -11.08
N ALA D 574 -11.72 -1.61 -10.64
CA ALA D 574 -11.06 -0.80 -9.61
C ALA D 574 -12.15 -0.21 -8.72
N LEU D 575 -11.75 0.74 -7.87
CA LEU D 575 -12.71 1.42 -7.02
C LEU D 575 -13.77 2.12 -7.86
N ARG D 576 -14.82 2.57 -7.19
CA ARG D 576 -15.96 3.15 -7.89
C ARG D 576 -15.57 4.44 -8.59
N GLN D 577 -15.94 4.54 -9.87
CA GLN D 577 -15.88 5.79 -10.63
C GLN D 577 -14.47 6.38 -10.64
N ALA D 578 -13.57 5.63 -11.28
CA ALA D 578 -12.26 6.13 -11.65
C ALA D 578 -12.23 6.40 -13.15
N SER D 579 -11.18 7.06 -13.61
CA SER D 579 -11.08 7.42 -15.02
C SER D 579 -9.64 7.76 -15.35
N MET D 580 -9.38 7.97 -16.64
CA MET D 580 -8.05 8.31 -17.12
C MET D 580 -8.18 9.25 -18.30
N ILE D 581 -7.12 9.99 -18.57
CA ILE D 581 -7.03 10.88 -19.72
C ILE D 581 -5.74 10.60 -20.46
N HIS D 582 -5.81 10.56 -21.79
CA HIS D 582 -4.66 10.30 -22.64
C HIS D 582 -4.44 11.46 -23.59
N VAL D 583 -3.18 11.82 -23.79
CA VAL D 583 -2.81 12.98 -24.60
C VAL D 583 -1.76 12.57 -25.61
N ARG D 584 -1.98 12.93 -26.88
CA ARG D 584 -0.93 12.94 -27.90
C ARG D 584 -1.02 14.30 -28.58
N ASP D 585 -0.35 15.29 -27.99
CA ASP D 585 -0.45 16.68 -28.40
C ASP D 585 0.95 17.20 -28.68
N GLN D 586 1.16 17.73 -29.89
CA GLN D 586 2.49 18.21 -30.26
C GLN D 586 2.85 19.52 -29.58
N ASP D 587 1.90 20.19 -28.93
CA ASP D 587 2.15 21.47 -28.30
C ASP D 587 1.70 21.49 -26.84
N PHE D 588 1.56 20.32 -26.22
CA PHE D 588 1.09 20.27 -24.85
C PHE D 588 1.89 21.17 -23.94
N LYS D 589 3.22 21.02 -23.95
CA LYS D 589 4.06 21.80 -23.05
C LYS D 589 3.96 23.28 -23.35
N ALA D 590 4.00 23.67 -24.62
CA ALA D 590 4.06 25.09 -24.96
C ALA D 590 2.71 25.78 -24.81
N LEU D 591 1.60 25.06 -24.99
CA LEU D 591 0.29 25.69 -25.07
C LEU D 591 -0.66 25.32 -23.94
N THR D 592 -0.67 24.06 -23.49
CA THR D 592 -1.77 23.59 -22.66
C THR D 592 -1.25 22.78 -21.47
N ARG D 593 -0.03 23.07 -20.99
CA ARG D 593 0.45 22.39 -19.81
C ARG D 593 -0.04 23.08 -18.54
N ASP D 594 0.22 24.38 -18.42
CA ASP D 594 -0.26 25.15 -17.28
C ASP D 594 -1.78 25.13 -17.22
N ALA D 595 -2.43 25.25 -18.38
CA ALA D 595 -3.89 25.19 -18.41
C ALA D 595 -4.38 23.84 -17.90
N PHE D 596 -3.70 22.75 -18.27
CA PHE D 596 -4.09 21.45 -17.76
C PHE D 596 -3.87 21.36 -16.25
N GLY D 597 -2.78 21.93 -15.76
CA GLY D 597 -2.55 21.93 -14.32
C GLY D 597 -3.65 22.66 -13.58
N GLU D 598 -4.04 23.84 -14.08
CA GLU D 598 -5.13 24.58 -13.45
C GLU D 598 -6.44 23.82 -13.54
N ALA D 599 -6.72 23.21 -14.69
CA ALA D 599 -7.94 22.43 -14.86
C ALA D 599 -7.98 21.25 -13.90
N PHE D 600 -6.82 20.67 -13.59
CA PHE D 600 -6.78 19.60 -12.60
C PHE D 600 -6.99 20.14 -11.20
N LEU D 601 -6.31 21.24 -10.86
CA LEU D 601 -6.53 21.85 -9.54
C LEU D 601 -8.00 22.19 -9.33
N THR D 602 -8.70 22.56 -10.40
CA THR D 602 -10.14 22.71 -10.36
C THR D 602 -10.81 21.36 -10.63
N HIS D 603 -11.98 21.18 -10.02
CA HIS D 603 -12.80 19.98 -10.19
C HIS D 603 -12.21 18.79 -9.46
N THR D 604 -10.95 18.89 -9.03
CA THR D 604 -10.37 17.92 -8.11
C THR D 604 -9.14 18.58 -7.48
N SER D 605 -9.30 19.10 -6.27
CA SER D 605 -8.23 19.88 -5.64
C SER D 605 -7.30 18.98 -4.83
N THR D 606 -6.80 17.93 -5.48
CA THR D 606 -5.93 16.95 -4.83
C THR D 606 -4.88 16.51 -5.83
N SER D 607 -4.18 15.42 -5.50
CA SER D 607 -3.16 14.83 -6.35
C SER D 607 -3.61 13.43 -6.76
N PRO D 608 -4.62 13.33 -7.62
CA PRO D 608 -5.13 12.00 -8.01
C PRO D 608 -4.07 11.12 -8.64
N ASN D 609 -2.92 11.68 -9.02
CA ASN D 609 -1.82 10.88 -9.57
C ASN D 609 -1.20 9.93 -8.54
N GLN D 610 -1.71 9.90 -7.31
CA GLN D 610 -1.19 9.03 -6.26
C GLN D 610 -2.08 7.84 -5.95
N GLN D 611 -3.35 8.09 -5.65
CA GLN D 611 -4.24 7.00 -5.25
C GLN D 611 -4.66 6.15 -6.45
N LEU D 612 -4.98 6.81 -7.56
CA LEU D 612 -5.53 6.06 -8.69
C LEU D 612 -4.51 5.15 -9.35
N LEU D 613 -3.21 5.40 -9.18
CA LEU D 613 -2.23 4.47 -9.71
C LEU D 613 -2.45 3.08 -9.14
N ALA D 614 -2.51 2.98 -7.80
CA ALA D 614 -2.79 1.69 -7.18
C ALA D 614 -4.24 1.26 -7.39
N SER D 615 -5.16 2.23 -7.49
CA SER D 615 -6.55 1.87 -7.72
C SER D 615 -6.74 1.13 -9.03
N LEU D 616 -6.07 1.60 -10.09
CA LEU D 616 -6.27 1.03 -11.42
C LEU D 616 -5.28 -0.09 -11.74
N ASP D 617 -4.09 -0.08 -11.14
CA ASP D 617 -3.16 -1.18 -11.37
C ASP D 617 -3.80 -2.51 -11.04
N LEU D 618 -4.69 -2.54 -10.05
CA LEU D 618 -5.46 -3.74 -9.77
C LEU D 618 -6.37 -4.10 -10.94
N ALA D 619 -6.97 -3.08 -11.56
CA ALA D 619 -7.91 -3.34 -12.66
C ALA D 619 -7.21 -3.98 -13.84
N ARG D 620 -6.03 -3.47 -14.22
CA ARG D 620 -5.30 -4.08 -15.33
C ARG D 620 -4.95 -5.53 -15.03
N ARG D 621 -4.49 -5.81 -13.80
CA ARG D 621 -4.14 -7.19 -13.47
C ARG D 621 -5.36 -8.09 -13.48
N GLN D 622 -6.50 -7.59 -13.00
CA GLN D 622 -7.73 -8.37 -13.05
C GLN D 622 -8.20 -8.57 -14.47
N VAL D 623 -8.14 -7.53 -15.30
CA VAL D 623 -8.60 -7.63 -16.68
C VAL D 623 -7.68 -8.56 -17.48
N ASP D 624 -6.36 -8.41 -17.32
CA ASP D 624 -5.43 -9.11 -18.19
C ASP D 624 -5.49 -10.62 -17.96
N ILE D 625 -5.53 -11.06 -16.71
CA ILE D 625 -5.35 -12.47 -16.39
C ILE D 625 -6.70 -13.16 -16.22
N GLU D 626 -7.53 -12.66 -15.30
CA GLU D 626 -8.77 -13.34 -14.97
C GLU D 626 -9.59 -13.57 -16.22
N GLY D 627 -10.07 -14.80 -16.40
CA GLY D 627 -10.78 -15.13 -17.62
C GLY D 627 -9.98 -14.82 -18.85
N PHE D 628 -8.69 -15.13 -18.82
CA PHE D 628 -7.74 -14.67 -19.85
C PHE D 628 -7.83 -13.14 -19.87
N GLU D 629 -7.81 -12.51 -21.04
CA GLU D 629 -8.08 -11.08 -21.13
C GLU D 629 -9.59 -10.91 -21.23
N LEU D 630 -10.20 -10.38 -20.17
CA LEU D 630 -11.66 -10.34 -20.12
C LEU D 630 -12.26 -9.65 -21.34
N VAL D 631 -11.51 -8.73 -21.95
CA VAL D 631 -12.01 -8.10 -23.17
C VAL D 631 -12.15 -9.13 -24.29
N ARG D 632 -11.24 -10.11 -24.33
CA ARG D 632 -11.33 -11.15 -25.34
C ARG D 632 -12.47 -12.11 -25.04
N HIS D 633 -12.59 -12.52 -23.78
CA HIS D 633 -13.61 -13.51 -23.42
C HIS D 633 -15.00 -12.97 -23.70
N VAL D 634 -15.27 -11.73 -23.28
CA VAL D 634 -16.61 -11.17 -23.48
C VAL D 634 -16.85 -10.84 -24.94
N TYR D 635 -15.82 -10.41 -25.67
CA TYR D 635 -15.97 -10.22 -27.11
C TYR D 635 -16.41 -11.51 -27.80
N ASN D 636 -15.70 -12.61 -27.52
CA ASN D 636 -16.06 -13.88 -28.12
C ASN D 636 -17.43 -14.33 -27.66
N MET D 637 -17.77 -14.11 -26.39
CA MET D 637 -19.09 -14.49 -25.90
C MET D 637 -20.19 -13.71 -26.62
N ALA D 638 -19.96 -12.42 -26.85
CA ALA D 638 -20.95 -11.61 -27.57
C ALA D 638 -21.14 -12.12 -28.99
N LEU D 639 -20.03 -12.45 -29.68
CA LEU D 639 -20.16 -12.98 -31.03
C LEU D 639 -20.89 -14.31 -31.03
N VAL D 640 -20.59 -15.18 -30.05
CA VAL D 640 -21.25 -16.47 -29.96
C VAL D 640 -22.74 -16.29 -29.72
N PHE D 641 -23.11 -15.35 -28.84
CA PHE D 641 -24.51 -15.09 -28.58
C PHE D 641 -25.21 -14.54 -29.83
N ARG D 642 -24.54 -13.65 -30.56
CA ARG D 642 -25.10 -13.15 -31.82
C ARG D 642 -25.39 -14.31 -32.76
N HIS D 643 -24.42 -15.22 -32.90
CA HIS D 643 -24.61 -16.36 -33.80
C HIS D 643 -25.76 -17.24 -33.32
N ARG D 644 -25.83 -17.50 -32.02
CA ARG D 644 -26.87 -18.38 -31.50
C ARG D 644 -28.25 -17.76 -31.70
N VAL D 645 -28.37 -16.45 -31.51
CA VAL D 645 -29.64 -15.79 -31.78
C VAL D 645 -29.99 -15.90 -33.26
N ARG D 646 -29.00 -15.68 -34.13
CA ARG D 646 -29.24 -15.83 -35.56
C ARG D 646 -29.61 -17.26 -35.95
N LYS D 647 -29.26 -18.24 -35.11
CA LYS D 647 -29.46 -19.64 -35.45
C LYS D 647 -30.81 -20.17 -34.98
N ASP D 648 -31.11 -20.03 -33.69
CA ASP D 648 -32.32 -20.61 -33.13
C ASP D 648 -33.55 -20.12 -33.88
N ARG D 649 -34.41 -21.05 -34.27
CA ARG D 649 -35.57 -20.71 -35.09
C ARG D 649 -36.58 -19.89 -34.29
N LEU D 650 -36.93 -20.33 -33.08
CA LEU D 650 -37.92 -19.60 -32.28
C LEU D 650 -37.43 -18.21 -31.94
N ILE D 651 -36.17 -18.09 -31.50
CA ILE D 651 -35.66 -16.78 -31.10
C ILE D 651 -35.69 -15.83 -32.30
N SER D 652 -35.15 -16.27 -33.43
CA SER D 652 -35.13 -15.43 -34.63
C SER D 652 -36.51 -15.26 -35.25
N LYS D 653 -37.51 -16.02 -34.79
CA LYS D 653 -38.85 -15.89 -35.34
C LYS D 653 -39.41 -14.48 -35.10
N TRP D 654 -39.18 -13.94 -33.92
CA TRP D 654 -39.68 -12.62 -33.55
C TRP D 654 -38.56 -11.63 -33.24
N PHE D 655 -37.55 -12.06 -32.50
CA PHE D 655 -36.46 -11.18 -32.10
C PHE D 655 -35.42 -11.09 -33.22
N ARG D 656 -34.59 -10.07 -33.14
CA ARG D 656 -33.54 -9.88 -34.13
C ARG D 656 -32.42 -9.06 -33.52
N ILE D 657 -31.23 -9.20 -34.09
CA ILE D 657 -30.07 -8.41 -33.72
C ILE D 657 -29.68 -7.58 -34.92
N LEU D 658 -29.60 -6.26 -34.74
CA LEU D 658 -29.33 -5.34 -35.82
C LEU D 658 -27.82 -5.22 -36.04
N ASP D 659 -27.42 -5.13 -37.31
CA ASP D 659 -26.02 -5.10 -37.68
C ASP D 659 -25.72 -3.89 -38.56
N GLU D 660 -24.53 -3.85 -39.16
CA GLU D 660 -24.16 -2.72 -40.00
C GLU D 660 -25.18 -2.49 -41.11
N SER D 661 -25.83 -3.55 -41.58
CA SER D 661 -26.86 -3.40 -42.60
C SER D 661 -28.15 -2.81 -42.05
N ASP D 662 -28.23 -2.57 -40.75
CA ASP D 662 -29.41 -1.93 -40.15
C ASP D 662 -29.04 -0.57 -39.57
N LEU D 663 -28.21 -0.51 -38.53
CA LEU D 663 -27.95 0.76 -37.87
C LEU D 663 -27.28 1.75 -38.83
N VAL D 664 -26.32 1.28 -39.61
CA VAL D 664 -25.56 2.16 -40.51
C VAL D 664 -26.30 2.28 -41.84
N PRO D 665 -26.54 3.49 -42.34
CA PRO D 665 -27.18 3.63 -43.65
C PRO D 665 -26.23 3.26 -44.79
N ASP D 666 -26.84 2.92 -45.92
CA ASP D 666 -26.06 2.52 -47.09
C ASP D 666 -25.12 3.63 -47.54
N ALA D 667 -25.56 4.89 -47.44
CA ALA D 667 -24.75 6.00 -47.90
C ALA D 667 -23.42 6.08 -47.16
N PHE D 668 -23.43 5.83 -45.84
CA PHE D 668 -22.26 5.97 -45.00
C PHE D 668 -21.50 4.65 -44.82
N ARG D 669 -21.73 3.68 -45.69
CA ARG D 669 -20.94 2.44 -45.72
C ARG D 669 -20.19 2.41 -47.04
N SER D 670 -18.90 2.74 -47.00
CA SER D 670 -18.09 2.79 -48.22
C SER D 670 -16.72 2.17 -47.96
N ALA D 690 -13.47 -2.41 -46.84
CA ALA D 690 -12.82 -2.97 -45.67
C ALA D 690 -12.92 -2.03 -44.48
N TRP D 691 -12.40 -2.47 -43.33
CA TRP D 691 -12.46 -1.65 -42.13
C TRP D 691 -11.73 -0.32 -42.32
N ARG D 692 -10.64 -0.32 -43.08
CA ARG D 692 -9.92 0.92 -43.34
C ARG D 692 -10.73 1.91 -44.16
N SER D 693 -11.82 1.49 -44.78
CA SER D 693 -12.65 2.35 -45.61
C SER D 693 -14.01 2.65 -45.00
N ASP D 694 -14.64 1.66 -44.37
CA ASP D 694 -15.95 1.87 -43.79
C ASP D 694 -15.91 3.00 -42.76
N GLN D 695 -16.95 3.84 -42.77
CA GLN D 695 -17.07 4.88 -41.76
C GLN D 695 -17.50 4.30 -40.43
N PHE D 696 -18.65 3.62 -40.41
CA PHE D 696 -19.27 3.17 -39.18
C PHE D 696 -19.29 1.66 -39.14
N VAL D 697 -18.83 1.08 -38.04
CA VAL D 697 -18.93 -0.35 -37.79
C VAL D 697 -19.44 -0.54 -36.37
N LEU D 698 -20.43 -1.42 -36.23
CA LEU D 698 -21.04 -1.63 -34.92
C LEU D 698 -20.03 -2.31 -33.99
N ASP D 699 -20.29 -2.19 -32.68
CA ASP D 699 -19.48 -2.88 -31.68
C ASP D 699 -20.18 -4.15 -31.25
N PRO D 700 -19.58 -5.33 -31.43
CA PRO D 700 -20.34 -6.57 -31.15
C PRO D 700 -20.84 -6.67 -29.73
N THR D 701 -20.14 -6.06 -28.77
CA THR D 701 -20.48 -6.25 -27.36
C THR D 701 -21.72 -5.47 -26.94
N ARG D 702 -22.05 -4.39 -27.66
CA ARG D 702 -23.20 -3.56 -27.34
C ARG D 702 -24.30 -3.91 -28.34
N LEU D 703 -25.22 -4.78 -27.92
CA LEU D 703 -26.21 -5.36 -28.81
C LEU D 703 -27.53 -4.61 -28.72
N THR D 704 -28.14 -4.38 -29.88
CA THR D 704 -29.46 -3.76 -29.98
C THR D 704 -30.43 -4.83 -30.45
N LEU D 705 -31.20 -5.40 -29.52
CA LEU D 705 -32.16 -6.43 -29.84
C LEU D 705 -33.46 -5.80 -30.30
N PHE D 706 -33.93 -6.23 -31.47
CA PHE D 706 -35.12 -5.63 -32.11
C PHE D 706 -36.36 -6.36 -31.62
N ILE D 707 -37.01 -5.81 -30.59
CA ILE D 707 -38.25 -6.37 -30.09
C ILE D 707 -39.45 -5.92 -30.93
N GLY D 708 -39.23 -5.07 -31.93
CA GLY D 708 -40.35 -4.48 -32.65
C GLY D 708 -41.26 -5.53 -33.25
N ALA D 709 -40.68 -6.58 -33.85
CA ALA D 709 -41.51 -7.58 -34.49
C ALA D 709 -42.16 -8.45 -33.43
N THR D 710 -41.48 -8.60 -32.30
CA THR D 710 -42.04 -9.31 -31.15
C THR D 710 -43.29 -8.61 -30.63
N GLY D 711 -43.28 -7.28 -30.63
CA GLY D 711 -44.38 -6.51 -30.06
C GLY D 711 -44.23 -6.38 -28.55
N MET D 712 -45.37 -6.23 -27.87
CA MET D 712 -45.43 -6.10 -26.42
C MET D 712 -45.03 -4.71 -25.96
N ASN D 713 -44.80 -3.78 -26.89
CA ASN D 713 -44.51 -2.39 -26.54
C ASN D 713 -43.10 -2.22 -26.01
N GLY D 714 -42.84 -1.08 -25.37
CA GLY D 714 -41.52 -0.78 -24.84
C GLY D 714 -41.61 -0.24 -23.44
N TYR D 715 -40.60 -0.57 -22.64
CA TYR D 715 -40.44 -0.17 -21.24
C TYR D 715 -41.33 -1.00 -20.31
N ASP D 716 -42.02 -2.00 -20.81
CA ASP D 716 -42.87 -2.87 -19.99
C ASP D 716 -42.45 -4.32 -20.06
N PHE D 717 -42.12 -4.81 -21.25
CA PHE D 717 -41.59 -6.17 -21.39
C PHE D 717 -40.24 -6.30 -20.71
N ARG D 718 -39.37 -5.31 -20.90
CA ARG D 718 -38.08 -5.31 -20.21
C ARG D 718 -38.30 -5.35 -18.71
N GLU D 719 -39.08 -4.41 -18.18
CA GLU D 719 -39.27 -4.33 -16.73
C GLU D 719 -39.89 -5.61 -16.17
N LYS D 720 -40.81 -6.23 -16.91
CA LYS D 720 -41.53 -7.36 -16.36
C LYS D 720 -40.83 -8.70 -16.56
N ILE D 721 -39.84 -8.79 -17.46
CA ILE D 721 -39.16 -10.06 -17.66
C ILE D 721 -37.64 -9.92 -17.53
N LEU D 722 -37.04 -9.05 -18.34
CA LEU D 722 -35.61 -9.14 -18.58
C LEU D 722 -34.80 -8.89 -17.31
N MET D 723 -35.11 -7.81 -16.59
CA MET D 723 -34.34 -7.46 -15.41
C MET D 723 -34.77 -8.22 -14.17
N GLU D 724 -35.81 -9.05 -14.27
CA GLU D 724 -36.21 -9.88 -13.14
C GLU D 724 -35.12 -10.88 -12.76
N ARG D 725 -34.48 -11.48 -13.77
CA ARG D 725 -33.49 -12.52 -13.52
C ARG D 725 -32.14 -12.22 -14.17
N PHE D 726 -32.13 -11.43 -15.23
CA PHE D 726 -30.91 -11.23 -16.00
C PHE D 726 -29.80 -10.65 -15.13
N GLY D 727 -29.99 -9.44 -14.63
CA GLY D 727 -28.98 -8.81 -13.79
C GLY D 727 -27.92 -8.03 -14.55
N ILE D 728 -27.37 -8.62 -15.61
CA ILE D 728 -26.35 -7.94 -16.38
C ILE D 728 -26.95 -6.70 -17.03
N GLN D 729 -26.12 -5.67 -17.19
CA GLN D 729 -26.62 -4.33 -17.46
C GLN D 729 -27.41 -4.26 -18.75
N ILE D 730 -28.57 -3.62 -18.69
CA ILE D 730 -29.32 -3.21 -19.87
C ILE D 730 -29.54 -1.71 -19.70
N ASN D 731 -28.63 -0.91 -20.25
CA ASN D 731 -28.56 0.51 -19.90
C ASN D 731 -29.57 1.37 -20.66
N LYS D 732 -30.31 0.81 -21.60
CA LYS D 732 -31.21 1.60 -22.41
C LYS D 732 -32.36 0.73 -22.89
N THR D 733 -33.45 1.39 -23.30
CA THR D 733 -34.61 0.68 -23.83
C THR D 733 -35.43 1.66 -24.64
N SER D 734 -35.52 1.45 -25.95
CA SER D 734 -36.37 2.25 -26.81
C SER D 734 -37.75 1.60 -26.90
N ILE D 735 -38.58 2.11 -27.81
CA ILE D 735 -39.94 1.57 -27.94
C ILE D 735 -39.89 0.13 -28.45
N ASN D 736 -39.03 -0.14 -29.44
CA ASN D 736 -38.94 -1.47 -30.05
C ASN D 736 -37.59 -2.13 -29.89
N SER D 737 -36.51 -1.38 -29.69
CA SER D 737 -35.17 -1.93 -29.60
C SER D 737 -34.62 -1.70 -28.20
N VAL D 738 -34.18 -2.79 -27.55
CA VAL D 738 -33.58 -2.73 -26.22
C VAL D 738 -32.09 -3.02 -26.35
N LEU D 739 -31.27 -2.12 -25.83
CA LEU D 739 -29.81 -2.21 -25.99
C LEU D 739 -29.27 -3.15 -24.91
N LEU D 740 -28.91 -4.36 -25.30
CA LEU D 740 -28.25 -5.29 -24.40
C LEU D 740 -26.77 -4.96 -24.33
N ILE D 741 -26.21 -4.95 -23.13
CA ILE D 741 -24.82 -4.58 -22.89
C ILE D 741 -24.13 -5.75 -22.20
N PHE D 742 -22.91 -6.03 -22.61
CA PHE D 742 -22.11 -7.12 -22.07
C PHE D 742 -20.98 -6.55 -21.23
N THR D 743 -20.92 -6.95 -19.97
CA THR D 743 -19.91 -6.48 -19.03
C THR D 743 -18.92 -7.60 -18.74
N ILE D 744 -17.85 -7.23 -18.02
CA ILE D 744 -16.76 -8.17 -17.77
C ILE D 744 -17.22 -9.36 -16.95
N GLY D 745 -18.14 -9.14 -16.01
CA GLY D 745 -18.61 -10.23 -15.16
C GLY D 745 -19.41 -11.29 -15.87
N VAL D 746 -19.79 -11.06 -17.12
CA VAL D 746 -20.55 -12.04 -17.89
C VAL D 746 -19.85 -13.39 -17.93
N THR D 747 -20.64 -14.45 -17.94
CA THR D 747 -20.16 -15.83 -17.95
C THR D 747 -20.94 -16.58 -19.02
N TRP D 748 -20.41 -17.74 -19.45
CA TRP D 748 -21.13 -18.53 -20.44
C TRP D 748 -22.52 -18.87 -19.93
N SER D 749 -22.65 -19.04 -18.62
CA SER D 749 -23.93 -19.35 -18.01
C SER D 749 -24.86 -18.17 -18.17
N SER D 750 -24.31 -16.95 -18.08
CA SER D 750 -25.13 -15.76 -18.31
C SER D 750 -25.65 -15.74 -19.74
N VAL D 751 -24.81 -16.14 -20.70
CA VAL D 751 -25.22 -16.16 -22.09
C VAL D 751 -26.35 -17.17 -22.28
N HIS D 752 -26.25 -18.32 -21.61
CA HIS D 752 -27.28 -19.33 -21.81
C HIS D 752 -28.54 -18.96 -21.04
N TYR D 753 -28.42 -18.21 -19.95
CA TYR D 753 -29.60 -17.71 -19.26
C TYR D 753 -30.32 -16.69 -20.13
N LEU D 754 -29.56 -15.85 -20.84
CA LEU D 754 -30.19 -14.91 -21.75
C LEU D 754 -30.91 -15.65 -22.86
N LEU D 755 -30.29 -16.71 -23.39
CA LEU D 755 -30.93 -17.41 -24.49
C LEU D 755 -32.12 -18.20 -23.98
N ASP D 756 -32.14 -18.52 -22.69
CA ASP D 756 -33.24 -19.30 -22.14
C ASP D 756 -34.43 -18.38 -21.92
N VAL D 757 -34.18 -17.15 -21.47
CA VAL D 757 -35.30 -16.24 -21.24
C VAL D 757 -35.87 -15.79 -22.58
N LEU D 758 -34.99 -15.51 -23.56
CA LEU D 758 -35.48 -15.16 -24.89
C LEU D 758 -36.29 -16.30 -25.50
N ARG D 759 -35.79 -17.54 -25.36
CA ARG D 759 -36.53 -18.68 -25.90
C ARG D 759 -37.86 -18.86 -25.19
N ARG D 760 -37.90 -18.67 -23.87
CA ARG D 760 -39.15 -18.81 -23.14
C ARG D 760 -40.16 -17.75 -23.60
N VAL D 761 -39.70 -16.52 -23.81
CA VAL D 761 -40.61 -15.48 -24.29
C VAL D 761 -41.13 -15.84 -25.68
N ALA D 762 -40.25 -16.35 -26.55
CA ALA D 762 -40.69 -16.72 -27.89
C ALA D 762 -41.70 -17.87 -27.83
N ILE D 763 -41.48 -18.83 -26.93
CA ILE D 763 -42.36 -20.00 -26.86
C ILE D 763 -43.72 -19.59 -26.31
N ASP D 764 -43.74 -18.65 -25.37
CA ASP D 764 -45.02 -18.17 -24.86
C ASP D 764 -45.75 -17.36 -25.92
N LEU D 765 -45.01 -16.55 -26.67
CA LEU D 765 -45.62 -15.81 -27.77
C LEU D 765 -46.27 -16.76 -28.77
N ASP D 766 -45.57 -17.84 -29.13
CA ASP D 766 -46.15 -18.81 -30.05
C ASP D 766 -47.34 -19.53 -29.43
N ARG D 767 -47.31 -19.76 -28.12
CA ARG D 767 -48.47 -20.34 -27.45
C ARG D 767 -49.70 -19.46 -27.60
N SER D 768 -49.53 -18.14 -27.43
CA SER D 768 -50.65 -17.22 -27.63
C SER D 768 -51.11 -17.22 -29.09
N GLN D 769 -50.18 -17.30 -30.03
CA GLN D 769 -50.53 -17.20 -31.44
C GLN D 769 -51.51 -18.31 -31.83
N LYS D 770 -51.22 -19.55 -31.43
CA LYS D 770 -52.14 -20.65 -31.72
C LYS D 770 -53.45 -20.47 -30.97
N ALA D 771 -53.39 -20.05 -29.70
CA ALA D 771 -54.59 -19.79 -28.94
C ALA D 771 -55.27 -18.48 -29.31
N ALA D 772 -54.54 -17.58 -29.98
CA ALA D 772 -55.11 -16.29 -30.35
C ALA D 772 -56.28 -16.48 -31.30
N SER D 773 -57.37 -15.76 -31.03
CA SER D 773 -58.54 -15.76 -31.89
C SER D 773 -58.41 -14.61 -32.88
N GLY D 774 -59.47 -14.37 -33.66
CA GLY D 774 -59.43 -13.27 -34.61
C GLY D 774 -59.19 -11.93 -33.94
N ALA D 775 -59.89 -11.67 -32.83
CA ALA D 775 -59.68 -10.42 -32.12
C ALA D 775 -58.26 -10.30 -31.60
N ASP D 776 -57.74 -11.38 -31.00
CA ASP D 776 -56.37 -11.34 -30.50
C ASP D 776 -55.37 -11.16 -31.64
N LEU D 777 -55.59 -11.84 -32.77
CA LEU D 777 -54.68 -11.70 -33.90
C LEU D 777 -54.68 -10.26 -34.41
N ALA D 778 -55.86 -9.66 -34.55
CA ALA D 778 -55.93 -8.28 -35.03
C ALA D 778 -55.27 -7.32 -34.05
N LEU D 779 -55.52 -7.50 -32.75
CA LEU D 779 -54.92 -6.63 -31.76
C LEU D 779 -53.40 -6.75 -31.78
N HIS D 780 -52.89 -7.97 -31.86
CA HIS D 780 -51.43 -8.16 -31.91
C HIS D 780 -50.85 -7.54 -33.18
N ARG D 781 -51.52 -7.72 -34.32
CA ARG D 781 -51.00 -7.14 -35.56
C ARG D 781 -50.94 -5.62 -35.47
N ARG D 782 -51.99 -4.99 -34.94
CA ARG D 782 -51.96 -3.54 -34.79
C ARG D 782 -50.89 -3.10 -33.79
N HIS D 783 -50.77 -3.80 -32.67
CA HIS D 783 -49.77 -3.42 -31.67
C HIS D 783 -48.35 -3.50 -32.25
N VAL D 784 -48.06 -4.57 -32.98
CA VAL D 784 -46.77 -4.66 -33.65
C VAL D 784 -46.63 -3.57 -34.70
N GLU D 785 -47.70 -3.33 -35.46
CA GLU D 785 -47.65 -2.31 -36.50
C GLU D 785 -47.53 -0.91 -35.90
N GLU D 786 -48.06 -0.70 -34.70
CA GLU D 786 -48.03 0.62 -34.09
C GLU D 786 -46.60 1.09 -33.82
N ILE D 787 -45.74 0.19 -33.33
CA ILE D 787 -44.42 0.57 -32.87
C ILE D 787 -43.37 0.11 -33.85
N THR D 788 -43.74 0.02 -35.13
CA THR D 788 -42.80 -0.36 -36.18
C THR D 788 -42.84 0.65 -37.32
N GLN D 789 -44.00 1.28 -37.54
CA GLN D 789 -44.19 2.22 -38.63
C GLN D 789 -44.67 3.59 -38.16
N ASP D 790 -45.55 3.64 -37.17
CA ASP D 790 -46.07 4.91 -36.64
C ASP D 790 -45.17 5.46 -35.54
N LEU D 791 -43.87 5.58 -35.84
CA LEU D 791 -42.91 6.08 -34.88
C LEU D 791 -42.66 7.56 -35.12
N PRO D 792 -42.96 8.45 -34.18
CA PRO D 792 -42.67 9.87 -34.40
C PRO D 792 -41.19 10.12 -34.59
N HIS D 793 -40.88 11.09 -35.44
CA HIS D 793 -39.49 11.39 -35.76
C HIS D 793 -38.76 11.93 -34.53
N LEU D 794 -37.46 11.69 -34.49
CA LEU D 794 -36.65 12.07 -33.34
C LEU D 794 -36.47 13.59 -33.28
N PRO D 795 -36.22 14.13 -32.09
CA PRO D 795 -36.09 15.58 -31.95
C PRO D 795 -34.72 16.11 -32.35
N ASP D 796 -34.52 16.37 -33.64
CA ASP D 796 -33.27 16.96 -34.09
C ASP D 796 -33.08 18.34 -33.46
N PHE D 797 -31.83 18.66 -33.16
CA PHE D 797 -31.52 19.92 -32.52
C PHE D 797 -32.03 21.09 -33.35
N SER D 798 -32.63 22.07 -32.66
CA SER D 798 -33.16 23.27 -33.29
C SER D 798 -32.28 24.46 -32.92
N GLU D 799 -32.03 25.33 -33.89
CA GLU D 799 -31.02 26.37 -33.72
C GLU D 799 -31.27 27.13 -32.42
N PHE D 800 -30.19 27.70 -31.88
CA PHE D 800 -30.34 28.54 -30.69
C PHE D 800 -31.16 29.76 -31.03
N ASP D 801 -31.97 30.20 -30.08
CA ASP D 801 -32.81 31.37 -30.31
C ASP D 801 -31.94 32.57 -30.67
N LEU D 802 -32.47 33.44 -31.52
CA LEU D 802 -31.68 34.55 -32.04
C LEU D 802 -31.21 35.50 -30.95
N ALA D 803 -31.84 35.45 -29.76
CA ALA D 803 -31.39 36.30 -28.66
C ALA D 803 -30.07 35.84 -28.06
N PHE D 804 -29.69 34.59 -28.25
CA PHE D 804 -28.51 34.01 -27.62
C PHE D 804 -27.41 33.66 -28.60
N ARG D 805 -27.50 34.11 -29.84
CA ARG D 805 -26.52 33.75 -30.86
C ARG D 805 -25.59 34.93 -31.13
N PRO D 806 -24.30 34.84 -30.78
CA PRO D 806 -23.43 36.00 -31.03
C PRO D 806 -23.40 36.46 -32.47
N ASP D 807 -23.45 35.52 -33.42
CA ASP D 807 -23.50 35.84 -34.84
C ASP D 807 -24.81 35.31 -35.40
N ASP D 808 -25.63 36.21 -35.94
CA ASP D 808 -26.91 35.80 -36.51
C ASP D 808 -26.72 34.91 -37.73
N ALA D 809 -25.64 35.12 -38.49
CA ALA D 809 -25.39 34.30 -39.66
C ALA D 809 -25.16 32.84 -39.28
N SER D 810 -24.38 32.60 -38.24
CA SER D 810 -23.99 31.25 -37.87
C SER D 810 -25.01 30.63 -36.93
N SER D 811 -24.79 29.36 -36.57
CA SER D 811 -25.76 28.59 -35.79
C SER D 811 -25.25 28.21 -34.41
N PHE D 812 -24.17 28.83 -33.93
CA PHE D 812 -23.64 28.54 -32.60
C PHE D 812 -24.20 29.55 -31.61
N GLY D 813 -24.72 29.06 -30.50
CA GLY D 813 -25.35 29.90 -29.50
C GLY D 813 -24.41 30.28 -28.38
N ASP D 814 -25.01 30.84 -27.32
CA ASP D 814 -24.30 31.23 -26.11
C ASP D 814 -25.01 30.54 -24.96
N MET D 815 -24.57 29.33 -24.63
CA MET D 815 -25.25 28.54 -23.60
C MET D 815 -24.98 29.03 -22.19
N ARG D 816 -23.87 29.74 -21.98
CA ARG D 816 -23.60 30.29 -20.65
C ARG D 816 -24.61 31.38 -20.31
N SER D 817 -24.79 32.34 -21.20
CA SER D 817 -25.72 33.43 -20.95
C SER D 817 -27.14 32.91 -20.80
N ALA D 818 -27.53 31.94 -21.64
CA ALA D 818 -28.84 31.33 -21.50
C ALA D 818 -28.96 30.60 -20.16
N PHE D 819 -27.89 29.96 -19.71
CA PHE D 819 -27.93 29.25 -18.43
C PHE D 819 -28.16 30.22 -17.29
N TYR D 820 -27.36 31.30 -17.22
CA TYR D 820 -27.46 32.23 -16.11
C TYR D 820 -28.67 33.16 -16.26
N ALA D 821 -29.00 33.55 -17.49
CA ALA D 821 -30.17 34.40 -17.68
C ALA D 821 -31.44 33.72 -17.21
N GLY D 822 -31.46 32.40 -17.14
CA GLY D 822 -32.61 31.68 -16.64
C GLY D 822 -32.71 31.62 -15.13
N TYR D 823 -31.64 31.96 -14.42
CA TYR D 823 -31.70 31.96 -12.96
C TYR D 823 -32.76 32.92 -12.45
N GLU D 824 -32.96 34.03 -13.14
CA GLU D 824 -33.93 35.03 -12.71
C GLU D 824 -35.32 34.41 -12.61
N GLU D 825 -36.15 35.01 -11.75
CA GLU D 825 -37.53 34.55 -11.57
C GLU D 825 -38.52 35.38 -12.36
N ALA D 826 -38.19 36.61 -12.73
CA ALA D 826 -39.08 37.45 -13.53
C ALA D 826 -38.90 37.22 -15.02
N ASP D 827 -37.87 36.48 -15.43
CA ASP D 827 -37.63 36.18 -16.84
C ASP D 827 -37.99 34.75 -17.21
N ARG D 828 -38.44 33.94 -16.25
CA ARG D 828 -38.77 32.55 -16.50
C ARG D 828 -40.27 32.35 -16.38
N GLU D 829 -40.81 31.50 -17.24
CA GLU D 829 -42.24 31.19 -17.27
C GLU D 829 -42.40 29.69 -17.43
N TYR D 830 -43.53 29.18 -16.93
CA TYR D 830 -43.88 27.78 -17.07
C TYR D 830 -45.11 27.68 -17.97
N VAL D 831 -44.99 26.89 -19.03
CA VAL D 831 -46.08 26.66 -19.96
C VAL D 831 -46.33 25.16 -20.03
N GLN D 832 -47.59 24.76 -19.84
CA GLN D 832 -47.93 23.35 -19.85
C GLN D 832 -47.73 22.77 -21.25
N ILE D 833 -47.36 21.49 -21.30
CA ILE D 833 -47.07 20.85 -22.57
C ILE D 833 -48.29 20.89 -23.48
N GLY D 834 -49.48 20.70 -22.90
CA GLY D 834 -50.69 20.67 -23.69
C GLY D 834 -50.95 21.94 -24.48
N LEU D 835 -50.38 23.06 -24.05
CA LEU D 835 -50.59 24.33 -24.72
C LEU D 835 -49.34 24.83 -25.46
N ALA D 836 -48.24 24.07 -25.42
CA ALA D 836 -47.04 24.50 -26.12
C ALA D 836 -47.28 24.58 -27.62
N GLY D 837 -47.96 23.57 -28.18
CA GLY D 837 -48.27 23.59 -29.60
C GLY D 837 -49.16 24.75 -29.98
N ARG D 838 -50.19 25.01 -29.19
CA ARG D 838 -51.07 26.15 -29.46
C ARG D 838 -50.29 27.46 -29.40
N ARG D 839 -49.43 27.61 -28.39
CA ARG D 839 -48.65 28.83 -28.27
C ARG D 839 -47.71 29.01 -29.45
N LEU D 840 -47.09 27.92 -29.90
CA LEU D 840 -46.26 27.98 -31.10
C LEU D 840 -47.07 28.40 -32.31
N ALA D 841 -48.29 27.87 -32.44
CA ALA D 841 -49.11 28.19 -33.59
C ALA D 841 -49.37 29.69 -33.67
N GLU D 842 -49.62 30.33 -32.53
CA GLU D 842 -49.86 31.77 -32.53
C GLU D 842 -48.67 32.56 -33.07
N GLY D 843 -47.47 31.97 -33.05
CA GLY D 843 -46.28 32.61 -33.56
C GLY D 843 -45.26 33.00 -32.50
N LYS D 844 -45.45 32.62 -31.24
CA LYS D 844 -44.49 32.93 -30.20
C LYS D 844 -43.25 32.05 -30.34
N THR D 845 -42.13 32.55 -29.84
CA THR D 845 -40.85 31.85 -29.85
C THR D 845 -40.58 31.27 -28.46
N LEU D 846 -40.78 29.97 -28.31
CA LEU D 846 -40.58 29.29 -27.03
C LEU D 846 -39.10 28.92 -26.90
N VAL D 847 -38.39 29.63 -26.03
CA VAL D 847 -36.97 29.41 -25.79
C VAL D 847 -36.82 28.84 -24.39
N SER D 848 -36.24 27.66 -24.29
CA SER D 848 -36.11 27.01 -23.00
C SER D 848 -34.98 27.66 -22.19
N THR D 849 -35.06 27.48 -20.87
CA THR D 849 -34.10 28.04 -19.94
C THR D 849 -33.29 27.00 -19.18
N THR D 850 -33.66 25.73 -19.23
CA THR D 850 -33.03 24.69 -18.44
C THR D 850 -32.55 23.56 -19.33
N PHE D 851 -31.66 22.74 -18.78
CA PHE D 851 -31.21 21.51 -19.44
C PHE D 851 -32.27 20.43 -19.21
N VAL D 852 -32.98 20.06 -20.27
CA VAL D 852 -33.94 18.96 -20.20
C VAL D 852 -33.23 17.70 -20.64
N VAL D 853 -33.02 16.78 -19.70
CA VAL D 853 -32.19 15.60 -19.94
C VAL D 853 -32.95 14.35 -19.53
N PRO D 854 -33.82 13.79 -20.38
CA PRO D 854 -34.41 12.49 -20.06
C PRO D 854 -33.34 11.47 -19.74
N TYR D 855 -33.40 10.89 -18.54
CA TYR D 855 -32.28 10.11 -18.02
C TYR D 855 -31.96 8.89 -18.86
N PRO D 856 -32.90 8.01 -19.20
CA PRO D 856 -32.53 6.73 -19.82
C PRO D 856 -31.78 6.96 -21.12
N PRO D 857 -32.23 7.86 -21.99
CA PRO D 857 -31.37 8.25 -23.13
C PRO D 857 -30.05 8.85 -22.68
N GLY D 858 -30.05 9.66 -21.62
CA GLY D 858 -28.85 10.25 -21.09
C GLY D 858 -28.36 11.50 -21.79
N PHE D 859 -29.10 12.02 -22.76
CA PHE D 859 -28.63 13.15 -23.54
C PHE D 859 -29.65 14.28 -23.53
N PRO D 860 -29.22 15.53 -23.52
CA PRO D 860 -30.16 16.65 -23.32
C PRO D 860 -31.00 16.90 -24.57
N VAL D 861 -32.32 16.72 -24.42
CA VAL D 861 -33.24 17.10 -25.49
C VAL D 861 -33.20 18.59 -25.73
N LEU D 862 -33.24 19.38 -24.64
CA LEU D 862 -33.21 20.83 -24.72
C LEU D 862 -32.04 21.38 -23.93
N VAL D 863 -31.49 22.49 -24.41
CA VAL D 863 -30.44 23.21 -23.69
C VAL D 863 -30.87 24.66 -23.58
N PRO D 864 -30.32 25.39 -22.62
CA PRO D 864 -30.72 26.79 -22.44
C PRO D 864 -30.54 27.58 -23.73
N GLY D 865 -31.57 28.33 -24.10
CA GLY D 865 -31.53 29.07 -25.35
C GLY D 865 -31.89 28.26 -26.57
N GLN D 866 -32.49 27.09 -26.41
CA GLN D 866 -32.87 26.25 -27.54
C GLN D 866 -34.31 26.57 -27.95
N LEU D 867 -34.53 26.74 -29.25
CA LEU D 867 -35.85 27.02 -29.78
C LEU D 867 -36.70 25.76 -29.71
N VAL D 868 -37.53 25.65 -28.67
CA VAL D 868 -38.41 24.51 -28.52
C VAL D 868 -39.21 24.33 -29.81
N SER D 869 -39.09 23.16 -30.42
CA SER D 869 -39.79 22.84 -31.66
C SER D 869 -40.86 21.79 -31.42
N LYS D 870 -41.77 21.68 -32.40
CA LYS D 870 -42.95 20.85 -32.22
C LYS D 870 -42.57 19.38 -32.02
N GLU D 871 -41.55 18.92 -32.74
CA GLU D 871 -41.12 17.53 -32.57
C GLU D 871 -40.65 17.29 -31.14
N ILE D 872 -39.95 18.25 -30.54
CA ILE D 872 -39.51 18.11 -29.16
C ILE D 872 -40.72 18.08 -28.23
N ILE D 873 -41.71 18.92 -28.49
CA ILE D 873 -42.93 18.90 -27.69
C ILE D 873 -43.57 17.52 -27.74
N TYR D 874 -43.73 16.96 -28.94
CA TYR D 874 -44.37 15.66 -29.08
C TYR D 874 -43.56 14.58 -28.38
N PHE D 875 -42.23 14.61 -28.54
CA PHE D 875 -41.39 13.60 -27.92
C PHE D 875 -41.49 13.66 -26.40
N LEU D 876 -41.44 14.87 -25.84
CA LEU D 876 -41.57 15.01 -24.39
C LEU D 876 -42.93 14.55 -23.91
N ALA D 877 -43.99 14.89 -24.65
CA ALA D 877 -45.33 14.48 -24.25
C ALA D 877 -45.46 12.95 -24.25
N GLN D 878 -44.93 12.29 -25.28
CA GLN D 878 -45.04 10.84 -25.34
C GLN D 878 -44.21 10.18 -24.25
N LEU D 879 -42.95 10.57 -24.12
CA LEU D 879 -42.08 9.98 -23.11
C LEU D 879 -42.56 10.38 -21.72
N ASP D 880 -42.69 9.40 -20.84
CA ASP D 880 -43.16 9.63 -19.48
C ASP D 880 -42.32 8.86 -18.48
N VAL D 881 -41.01 8.81 -18.70
CA VAL D 881 -40.09 8.20 -17.74
C VAL D 881 -39.91 9.15 -16.56
N LYS D 882 -39.95 8.60 -15.36
CA LYS D 882 -39.94 9.41 -14.14
C LYS D 882 -38.62 10.11 -13.91
N GLU D 883 -37.56 9.76 -14.64
CA GLU D 883 -36.23 10.34 -14.47
C GLU D 883 -35.99 11.33 -15.61
N ILE D 884 -36.33 12.59 -15.37
CA ILE D 884 -36.12 13.64 -16.35
C ILE D 884 -35.56 14.87 -15.64
N HIS D 885 -34.23 15.04 -15.71
CA HIS D 885 -33.60 16.15 -15.00
C HIS D 885 -33.87 17.45 -15.73
N GLY D 886 -34.22 18.49 -14.96
CA GLY D 886 -34.47 19.79 -15.54
C GLY D 886 -35.85 19.95 -16.14
N TYR D 887 -36.79 19.07 -15.81
CA TYR D 887 -38.14 19.17 -16.34
C TYR D 887 -39.09 18.45 -15.39
N ASN D 888 -40.36 18.84 -15.46
CA ASN D 888 -41.41 18.24 -14.65
C ASN D 888 -42.71 18.37 -15.43
N PRO D 889 -43.58 17.36 -15.41
CA PRO D 889 -44.80 17.40 -16.21
C PRO D 889 -46.02 17.96 -15.50
N ASP D 890 -45.89 18.35 -14.24
CA ASP D 890 -47.01 18.92 -13.49
C ASP D 890 -47.03 20.43 -13.50
N LEU D 891 -45.88 21.08 -13.38
CA LEU D 891 -45.84 22.54 -13.44
C LEU D 891 -45.83 23.03 -14.89
N GLY D 892 -44.80 22.69 -15.64
CA GLY D 892 -44.72 23.12 -17.02
C GLY D 892 -43.30 23.05 -17.55
N LEU D 893 -43.14 23.56 -18.77
CA LEU D 893 -41.87 23.59 -19.47
C LEU D 893 -41.30 25.00 -19.34
N SER D 894 -40.17 25.13 -18.64
CA SER D 894 -39.58 26.44 -18.42
C SER D 894 -39.29 27.11 -19.74
N VAL D 895 -39.68 28.37 -19.86
CA VAL D 895 -39.46 29.14 -21.09
C VAL D 895 -39.27 30.60 -20.72
N PHE D 896 -38.34 31.26 -21.40
CA PHE D 896 -38.13 32.68 -21.21
C PHE D 896 -39.41 33.44 -21.59
N THR D 897 -39.80 34.39 -20.73
CA THR D 897 -40.96 35.21 -21.02
C THR D 897 -40.69 36.11 -22.22
N GLN D 898 -41.74 36.36 -23.01
CA GLN D 898 -41.55 37.07 -24.27
C GLN D 898 -40.92 38.44 -24.06
N ALA D 899 -41.30 39.12 -22.98
CA ALA D 899 -40.67 40.41 -22.68
C ALA D 899 -39.18 40.24 -22.42
N ALA D 900 -38.81 39.21 -21.66
CA ALA D 900 -37.41 38.95 -21.38
C ALA D 900 -36.64 38.67 -22.66
N LEU D 901 -37.22 37.87 -23.56
CA LEU D 901 -36.56 37.57 -24.82
C LEU D 901 -36.42 38.82 -25.67
N ALA D 902 -37.45 39.65 -25.71
CA ALA D 902 -37.37 40.90 -26.47
C ALA D 902 -36.25 41.79 -25.94
N ARG D 903 -36.18 41.95 -24.62
CA ARG D 903 -35.13 42.78 -24.04
C ARG D 903 -33.75 42.21 -24.34
N MET D 904 -33.58 40.89 -24.17
CA MET D 904 -32.28 40.28 -24.40
C MET D 904 -31.86 40.41 -25.85
N GLU D 905 -32.79 40.18 -26.78
CA GLU D 905 -32.47 40.28 -28.20
C GLU D 905 -32.17 41.72 -28.60
N ALA D 906 -32.89 42.68 -28.01
CA ALA D 906 -32.58 44.09 -28.29
C ALA D 906 -31.19 44.44 -27.81
N ALA D 907 -30.83 44.01 -26.60
CA ALA D 907 -29.49 44.25 -26.09
C ALA D 907 -28.44 43.58 -26.96
N ARG D 908 -28.71 42.36 -27.41
CA ARG D 908 -27.76 41.65 -28.27
C ARG D 908 -27.57 42.37 -29.60
N ASN D 909 -28.67 42.84 -30.20
CA ASN D 909 -28.57 43.57 -31.44
C ASN D 909 -27.78 44.86 -31.28
N ALA D 910 -28.04 45.60 -30.19
CA ALA D 910 -27.27 46.81 -29.93
C ALA D 910 -25.79 46.50 -29.76
N VAL D 911 -25.47 45.45 -29.02
CA VAL D 911 -24.07 45.09 -28.79
C VAL D 911 -23.40 44.70 -30.11
N ALA D 912 -24.09 43.91 -30.94
CA ALA D 912 -23.51 43.51 -32.21
C ALA D 912 -23.30 44.71 -33.12
N THR D 913 -24.26 45.63 -33.16
CA THR D 913 -24.10 46.83 -33.99
C THR D 913 -22.94 47.68 -33.50
N VAL D 914 -22.81 47.87 -32.19
CA VAL D 914 -21.75 48.71 -31.66
C VAL D 914 -20.39 48.07 -31.86
N GLY D 915 -20.27 46.76 -31.60
CA GLY D 915 -18.99 46.10 -31.77
C GLY D 915 -18.49 46.12 -33.20
N ALA D 916 -19.39 45.91 -34.16
CA ALA D 916 -18.98 45.94 -35.56
C ALA D 916 -18.46 47.32 -35.94
N ALA D 917 -19.12 48.37 -35.48
CA ALA D 917 -18.69 49.73 -35.77
C ALA D 917 -17.30 49.99 -35.18
#